data_6Q84
#
_entry.id   6Q84
#
_cell.length_a   139.540
_cell.length_b   139.540
_cell.length_c   346.570
_cell.angle_alpha   90.000
_cell.angle_beta   90.000
_cell.angle_gamma   120.000
#
_symmetry.space_group_name_H-M   'P 63'
#
loop_
_entity.id
_entity.type
_entity.pdbx_description
1 polymer 'Importin beta-like protein KAP122'
2 polymer 'GTP-binding nuclear protein Ran'
3 polymer 'Eukaryotic translation initiation factor 5A-1'
4 non-polymer "GUANOSINE-5'-TRIPHOSPHATE"
5 non-polymer 'MAGNESIUM ION'
#
loop_
_entity_poly.entity_id
_entity_poly.type
_entity_poly.pdbx_seq_one_letter_code
_entity_poly.pdbx_strand_id
1 'polypeptide(L)'
;SSIHEVVALIEELYSPHPKHDVNQIQQSLQSIQKSEQGFHLANELLSDDKYSANVKYFGALTLTVQLNTRGENDYETLWN
VFRSNLLYLTKFSTLYVSNPNMYGQSLIIIKKLMSNLSLIFTKINDPQLNNAGNENMIKQWNNPINTFIQLMSVQNQNIN
ADQLLLDSINCSLTYEQLSQFVSLSQKHNELALTFTEVIVEDLTKFQTKRHSMSQIHEVVHEHLYISTMALINLNLTAQA
VFNPTVFDCITAWINYISLTRSVSSSGRMDLSEIFQNLIDLMYQSTEGSDGYENAEKILTIFGNVFANDPLLMSYDLRQQ
IECIFLGVVRPDSGITDISNKNSWMLQYMNYLVTNDFFSELKELAICIVDFLQINTLSVCNKLFTNIQAADNGQVQDEYI
QEYIKVLLQMTNFPLTPVLQEFFSVRMVDFWLDLSDAYTNLASETLRPNSIELSTQIFQQLINIYLPKISLSVKQRIIEE
EGESTSVNEFEDFRNAVSDLAQSLWSILGNDNLTNVLIDGMGQMPAASDETLIIKDTDVLFRIETMCFVLNTILVDMTLS
ESPWIKNIVDANKFFNQNVISVFQTGFQTSASTKVSQILKLDFVRTSTTLIGTLAGYFKQEPFQLNPYVEALFQGLHTCT
NFTSKNEQEKISNDKLEVMVIKTVSTLCETCREELTPYLMHFISFLNTVIMPDSNVSHFTRTKLVRSIGYVVQCQVSNGP
EEQAKYILQLTNLLSGSIEHCLASSVQLQEQQDYINCLLYCISELATSLIQPTEIIENDALLQRLSEFQSFWSSDPLQIR
SKIMCTIDKVLDNSIYCKNSAFVEIGCLIVGKGLNLPDGEPYFLKYNMSEVMNFVLRHVPNCELATCLPYFVYLLEKLIS
EFRKELTPQEFDFMFEKILLVYYDAYIINDPDLLQMTIGFVNNVLDVKPGLAIGSKHWTSFILPQFLKLIPSREKFTIVA
VAKFWTKLINNKKYNQEELTTVRQQVSSIGGDLVYQIMYGLFHTQRSDLNSYTDLLRALVAKFPIEAREWLVAVLPQICN
NPAGHEKFINKLLITRGSRAAGNVILQWWLDCTTLPNYQG
;
A,D
2 'polypeptide(L)'
;GEPQVQFKLVLVGDGGTGKTTFVKRHLTGEFEKKYVATLGVEVHPLVFHTNRGPIKFNVWDTAGLEKFGGLRDGYYIQAQ
CAIIMFDVTSRVTYKNVPNWHRDLVRVCENIPIVLCGNKVDIKDRKVKAKSIVFHRKKNLQYYDISAKSNYNFEKPFLWL
ARKLIGDPNLEFVAMP
;
B,E
3 'polypeptide(L)'
;SATYPMQCSALRKNGFVVIKSRPCKIVDMSTSKTGKHGHAKVHLVAIDIFTGKKLEDLSPSTHNMEVPVVKRNEYQLLDI
DDGFLSLMNMDGDTKDDVKAPEGELGDSLQTAFDEGKDLMVTIISAMGEEAAISFKEAARTD
;
C,F
#
# COMPACT_ATOMS: atom_id res chain seq x y z
N SER A 2 60.07 -62.03 -35.04
CA SER A 2 59.24 -61.58 -33.93
C SER A 2 57.89 -61.07 -34.42
N ILE A 3 57.76 -60.90 -35.74
CA ILE A 3 56.49 -60.42 -36.30
C ILE A 3 55.40 -61.47 -36.10
N HIS A 4 55.74 -62.76 -36.16
CA HIS A 4 54.76 -63.80 -35.91
C HIS A 4 54.24 -63.74 -34.49
N GLU A 5 55.07 -63.29 -33.55
CA GLU A 5 54.62 -63.10 -32.18
C GLU A 5 53.69 -61.89 -32.07
N VAL A 6 53.96 -60.84 -32.85
CA VAL A 6 53.11 -59.66 -32.82
C VAL A 6 51.72 -59.99 -33.38
N VAL A 7 51.67 -60.69 -34.51
CA VAL A 7 50.39 -61.08 -35.08
C VAL A 7 49.66 -62.05 -34.15
N ALA A 8 50.41 -62.82 -33.35
CA ALA A 8 49.79 -63.76 -32.43
C ALA A 8 48.98 -63.03 -31.37
N LEU A 9 49.58 -62.05 -30.70
CA LEU A 9 48.88 -61.31 -29.66
C LEU A 9 47.92 -60.28 -30.24
N ILE A 10 48.08 -59.90 -31.51
CA ILE A 10 47.08 -59.04 -32.15
C ILE A 10 45.79 -59.81 -32.38
N GLU A 11 45.89 -61.02 -32.94
CA GLU A 11 44.72 -61.87 -33.08
C GLU A 11 44.19 -62.30 -31.71
N GLU A 12 45.06 -62.41 -30.72
CA GLU A 12 44.61 -62.72 -29.37
C GLU A 12 43.81 -61.57 -28.76
N LEU A 13 44.15 -60.32 -29.12
CA LEU A 13 43.43 -59.17 -28.58
C LEU A 13 41.98 -59.13 -29.05
N TYR A 14 41.71 -59.58 -30.28
CA TYR A 14 40.37 -59.50 -30.86
C TYR A 14 39.59 -60.81 -30.74
N SER A 15 40.14 -61.81 -30.06
CA SER A 15 39.41 -63.05 -29.86
C SER A 15 38.32 -62.84 -28.81
N PRO A 16 37.25 -63.64 -28.87
CA PRO A 16 36.15 -63.45 -27.91
C PRO A 16 36.59 -63.64 -26.46
N HIS A 17 37.23 -64.77 -26.14
CA HIS A 17 37.72 -65.06 -24.80
C HIS A 17 39.21 -65.37 -24.90
N PRO A 18 40.07 -64.35 -24.84
CA PRO A 18 41.51 -64.57 -24.99
C PRO A 18 42.12 -65.16 -23.73
N LYS A 19 43.38 -65.57 -23.87
CA LYS A 19 44.14 -66.11 -22.74
C LYS A 19 44.74 -64.98 -21.91
N HIS A 20 45.83 -65.29 -21.20
CA HIS A 20 46.44 -64.50 -20.13
C HIS A 20 45.65 -63.25 -19.72
N ASP A 21 45.75 -62.17 -20.51
CA ASP A 21 45.09 -60.93 -20.14
C ASP A 21 44.97 -60.04 -21.37
N VAL A 22 43.90 -59.24 -21.38
CA VAL A 22 43.67 -58.29 -22.46
C VAL A 22 44.40 -56.98 -22.21
N ASN A 23 44.47 -56.56 -20.93
CA ASN A 23 45.11 -55.29 -20.61
C ASN A 23 46.62 -55.33 -20.81
N GLN A 24 47.24 -56.49 -20.54
CA GLN A 24 48.69 -56.58 -20.67
C GLN A 24 49.10 -56.62 -22.14
N ILE A 25 48.41 -57.41 -22.97
CA ILE A 25 48.74 -57.47 -24.38
C ILE A 25 48.42 -56.13 -25.05
N GLN A 26 47.48 -55.36 -24.50
CA GLN A 26 47.22 -54.02 -25.00
C GLN A 26 48.37 -53.08 -24.66
N GLN A 27 48.85 -53.16 -23.42
CA GLN A 27 50.00 -52.33 -23.03
C GLN A 27 51.25 -52.73 -23.81
N SER A 28 51.42 -54.02 -24.07
CA SER A 28 52.55 -54.47 -24.88
C SER A 28 52.41 -54.00 -26.32
N LEU A 29 51.18 -53.93 -26.83
CA LEU A 29 50.96 -53.39 -28.17
C LEU A 29 51.30 -51.92 -28.24
N GLN A 30 51.06 -51.17 -27.16
CA GLN A 30 51.49 -49.79 -27.09
C GLN A 30 53.00 -49.64 -26.94
N SER A 31 53.70 -50.74 -26.59
CA SER A 31 55.14 -50.70 -26.41
C SER A 31 55.90 -50.98 -27.70
N ILE A 32 55.30 -51.74 -28.64
CA ILE A 32 55.98 -52.05 -29.89
C ILE A 32 56.18 -50.79 -30.72
N GLN A 33 55.19 -49.91 -30.72
CA GLN A 33 55.26 -48.63 -31.41
C GLN A 33 55.70 -47.55 -30.42
N LYS A 34 56.44 -46.56 -30.92
CA LYS A 34 56.76 -46.35 -32.33
C LYS A 34 58.10 -46.95 -32.77
N SER A 35 58.86 -47.51 -31.83
CA SER A 35 60.31 -47.71 -31.95
C SER A 35 60.75 -48.24 -33.32
N GLU A 36 62.00 -47.94 -33.69
CA GLU A 36 62.51 -47.94 -35.06
C GLU A 36 62.00 -49.08 -35.95
N GLN A 37 61.49 -50.16 -35.37
CA GLN A 37 60.88 -51.23 -36.15
C GLN A 37 59.36 -51.17 -36.16
N GLY A 38 58.75 -50.30 -35.35
CA GLY A 38 57.30 -50.22 -35.32
C GLY A 38 56.73 -49.69 -36.62
N PHE A 39 57.39 -48.68 -37.20
CA PHE A 39 56.97 -48.17 -38.50
C PHE A 39 57.14 -49.24 -39.57
N HIS A 40 58.28 -49.93 -39.55
CA HIS A 40 58.55 -50.96 -40.56
C HIS A 40 57.68 -52.19 -40.34
N LEU A 41 57.33 -52.49 -39.09
CA LEU A 41 56.41 -53.59 -38.82
C LEU A 41 55.05 -53.33 -39.44
N ALA A 42 54.57 -52.08 -39.37
CA ALA A 42 53.26 -51.76 -39.91
C ALA A 42 53.25 -51.91 -41.43
N ASN A 43 54.32 -51.50 -42.10
CA ASN A 43 54.38 -51.64 -43.55
C ASN A 43 54.41 -53.10 -43.96
N GLU A 44 55.06 -53.95 -43.17
CA GLU A 44 55.09 -55.39 -43.47
C GLU A 44 53.73 -56.03 -43.18
N LEU A 45 52.99 -55.50 -42.21
CA LEU A 45 51.65 -56.03 -41.94
C LEU A 45 50.69 -55.68 -43.08
N LEU A 46 50.87 -54.54 -43.72
CA LEU A 46 50.01 -54.12 -44.82
C LEU A 46 50.42 -54.71 -46.16
N SER A 47 51.72 -54.89 -46.39
CA SER A 47 52.17 -55.41 -47.67
C SER A 47 51.88 -56.89 -47.82
N ASP A 48 51.79 -57.62 -46.71
CA ASP A 48 51.51 -59.04 -46.75
C ASP A 48 50.02 -59.26 -46.94
N ASP A 49 49.65 -59.97 -48.01
CA ASP A 49 48.24 -60.21 -48.32
C ASP A 49 47.65 -61.34 -47.49
N LYS A 50 48.48 -62.20 -46.90
CA LYS A 50 48.00 -63.35 -46.16
C LYS A 50 47.51 -63.00 -44.77
N TYR A 51 47.79 -61.80 -44.28
CA TYR A 51 47.35 -61.39 -42.95
C TYR A 51 45.85 -61.08 -42.97
N SER A 52 45.25 -61.16 -41.78
CA SER A 52 43.82 -60.90 -41.65
C SER A 52 43.54 -59.41 -41.77
N ALA A 53 42.25 -59.09 -41.91
CA ALA A 53 41.84 -57.69 -42.03
C ALA A 53 42.06 -56.93 -40.73
N ASN A 54 41.89 -57.58 -39.58
CA ASN A 54 42.12 -56.93 -38.31
C ASN A 54 43.60 -56.64 -38.09
N VAL A 55 44.46 -57.55 -38.52
CA VAL A 55 45.90 -57.32 -38.38
C VAL A 55 46.35 -56.18 -39.28
N LYS A 56 45.82 -56.11 -40.50
CA LYS A 56 46.16 -55.02 -41.40
C LYS A 56 45.64 -53.68 -40.89
N TYR A 57 44.48 -53.68 -40.23
CA TYR A 57 43.97 -52.43 -39.65
C TYR A 57 44.90 -51.92 -38.56
N PHE A 58 45.45 -52.83 -37.75
CA PHE A 58 46.41 -52.41 -36.73
C PHE A 58 47.70 -51.89 -37.36
N GLY A 59 48.03 -52.37 -38.55
CA GLY A 59 49.17 -51.81 -39.27
C GLY A 59 48.95 -50.35 -39.64
N ALA A 60 47.77 -50.04 -40.19
CA ALA A 60 47.43 -48.65 -40.45
C ALA A 60 47.36 -47.86 -39.15
N LEU A 61 46.98 -48.50 -38.06
CA LEU A 61 46.97 -47.82 -36.76
C LEU A 61 48.39 -47.57 -36.26
N THR A 62 49.27 -48.57 -36.42
CA THR A 62 50.67 -48.37 -36.02
C THR A 62 51.34 -47.30 -36.86
N LEU A 63 50.96 -47.17 -38.13
CA LEU A 63 51.46 -46.09 -38.97
C LEU A 63 51.00 -44.73 -38.45
N THR A 64 49.80 -44.67 -37.85
CA THR A 64 49.24 -43.39 -37.44
C THR A 64 50.11 -42.66 -36.41
N VAL A 65 50.95 -43.39 -35.67
CA VAL A 65 51.78 -42.79 -34.65
C VAL A 65 52.98 -42.12 -35.30
N GLN A 66 52.83 -40.84 -35.66
CA GLN A 66 53.92 -40.04 -36.19
C GLN A 66 54.30 -38.88 -35.27
N LEU A 67 53.62 -38.73 -34.13
CA LEU A 67 53.92 -37.64 -33.21
C LEU A 67 55.25 -37.82 -32.50
N ASN A 68 55.82 -39.02 -32.53
CA ASN A 68 57.11 -39.27 -31.88
C ASN A 68 58.25 -38.72 -32.74
N THR A 77 62.83 -36.40 -37.92
CA THR A 77 62.15 -35.13 -37.77
C THR A 77 61.32 -34.78 -39.00
N LEU A 78 61.96 -34.15 -39.98
CA LEU A 78 61.27 -33.79 -41.22
C LEU A 78 61.36 -34.89 -42.28
N TRP A 79 62.36 -35.77 -42.19
CA TRP A 79 62.54 -36.79 -43.22
C TRP A 79 61.62 -37.99 -43.00
N ASN A 80 61.36 -38.37 -41.73
CA ASN A 80 60.49 -39.50 -41.47
C ASN A 80 59.05 -39.24 -41.90
N VAL A 81 58.65 -37.98 -42.04
CA VAL A 81 57.31 -37.68 -42.53
C VAL A 81 57.21 -38.00 -44.02
N PHE A 82 58.25 -37.67 -44.79
CA PHE A 82 58.26 -37.96 -46.22
C PHE A 82 58.34 -39.47 -46.46
N ARG A 83 59.20 -40.16 -45.72
CA ARG A 83 59.32 -41.61 -45.87
C ARG A 83 58.02 -42.32 -45.48
N SER A 84 57.24 -41.72 -44.59
CA SER A 84 55.95 -42.29 -44.23
C SER A 84 54.90 -42.03 -45.30
N ASN A 85 54.73 -40.77 -45.70
CA ASN A 85 53.70 -40.41 -46.68
C ASN A 85 53.84 -41.21 -47.97
N LEU A 86 55.07 -41.54 -48.37
CA LEU A 86 55.28 -42.41 -49.53
C LEU A 86 54.65 -43.78 -49.31
N LEU A 87 54.89 -44.37 -48.14
CA LEU A 87 54.35 -45.68 -47.84
C LEU A 87 52.87 -45.64 -47.49
N TYR A 88 52.35 -44.50 -47.03
CA TYR A 88 50.91 -44.34 -46.90
C TYR A 88 50.24 -44.43 -48.26
N LEU A 89 50.69 -43.63 -49.22
CA LEU A 89 50.14 -43.67 -50.57
C LEU A 89 50.43 -45.00 -51.27
N THR A 90 51.48 -45.70 -50.86
CA THR A 90 51.79 -46.99 -51.47
C THR A 90 50.76 -48.04 -51.04
N LYS A 91 50.59 -48.24 -49.73
CA LYS A 91 49.55 -49.12 -49.24
C LYS A 91 48.16 -48.62 -49.60
N PHE A 92 48.01 -47.31 -49.82
CA PHE A 92 46.77 -46.75 -50.33
C PHE A 92 46.44 -47.37 -51.68
N SER A 93 47.27 -47.10 -52.69
CA SER A 93 47.02 -47.62 -54.03
C SER A 93 46.89 -49.14 -54.05
N THR A 94 47.57 -49.82 -53.13
CA THR A 94 47.50 -51.29 -53.08
C THR A 94 46.08 -51.76 -52.77
N LEU A 95 45.56 -51.41 -51.59
CA LEU A 95 44.24 -51.88 -51.20
C LEU A 95 43.13 -51.23 -52.02
N TYR A 96 43.35 -50.01 -52.51
CA TYR A 96 42.34 -49.32 -53.30
C TYR A 96 42.22 -49.86 -54.72
N VAL A 97 43.16 -50.68 -55.17
CA VAL A 97 43.00 -51.40 -56.42
C VAL A 97 42.32 -52.75 -56.19
N SER A 98 42.52 -53.36 -55.03
CA SER A 98 41.89 -54.63 -54.71
C SER A 98 40.39 -54.48 -54.43
N ASN A 99 39.93 -53.26 -54.18
CA ASN A 99 38.53 -53.00 -53.82
C ASN A 99 37.59 -53.01 -55.03
N PRO A 100 37.84 -52.21 -56.08
CA PRO A 100 36.78 -51.98 -57.08
C PRO A 100 36.41 -53.21 -57.90
N ASN A 101 37.27 -54.22 -57.99
CA ASN A 101 36.95 -55.39 -58.80
C ASN A 101 35.91 -56.24 -58.08
N MET A 102 36.34 -56.95 -57.04
CA MET A 102 35.42 -57.68 -56.18
C MET A 102 36.12 -58.10 -54.89
N TYR A 103 35.94 -57.31 -53.82
CA TYR A 103 36.50 -57.66 -52.53
C TYR A 103 35.42 -57.65 -51.45
N GLY A 104 34.76 -56.50 -51.25
CA GLY A 104 33.70 -56.40 -50.29
C GLY A 104 34.18 -56.36 -48.85
N GLN A 105 33.58 -55.50 -48.04
CA GLN A 105 33.86 -55.39 -46.60
C GLN A 105 35.34 -55.11 -46.32
N SER A 106 36.06 -54.53 -47.29
CA SER A 106 37.47 -54.22 -47.13
C SER A 106 37.73 -52.73 -47.01
N LEU A 107 36.68 -51.92 -46.85
CA LEU A 107 36.82 -50.47 -46.81
C LEU A 107 37.05 -49.93 -45.41
N ILE A 108 37.22 -50.79 -44.42
CA ILE A 108 37.48 -50.32 -43.06
C ILE A 108 38.90 -49.77 -42.96
N ILE A 109 39.88 -50.56 -43.40
CA ILE A 109 41.25 -50.05 -43.47
C ILE A 109 41.36 -48.95 -44.50
N ILE A 110 40.51 -48.98 -45.53
CA ILE A 110 40.47 -47.91 -46.53
C ILE A 110 40.16 -46.58 -45.86
N LYS A 111 39.19 -46.56 -44.94
CA LYS A 111 38.85 -45.32 -44.25
C LYS A 111 39.93 -44.90 -43.26
N LYS A 112 40.60 -45.87 -42.63
CA LYS A 112 41.66 -45.53 -41.68
C LYS A 112 42.85 -44.88 -42.38
N LEU A 113 43.23 -45.40 -43.55
CA LEU A 113 44.30 -44.78 -44.31
C LEU A 113 43.91 -43.39 -44.79
N MET A 114 42.62 -43.18 -45.07
CA MET A 114 42.15 -41.83 -45.37
C MET A 114 42.34 -40.90 -44.18
N SER A 115 42.04 -41.40 -42.98
CA SER A 115 42.21 -40.58 -41.78
C SER A 115 43.68 -40.24 -41.53
N ASN A 116 44.57 -41.19 -41.79
CA ASN A 116 46.00 -40.94 -41.61
C ASN A 116 46.50 -39.90 -42.60
N LEU A 117 46.07 -40.00 -43.86
CA LEU A 117 46.48 -39.02 -44.86
C LEU A 117 45.91 -37.63 -44.55
N SER A 118 44.71 -37.58 -43.97
CA SER A 118 44.13 -36.29 -43.60
C SER A 118 44.96 -35.62 -42.51
N LEU A 119 45.43 -36.39 -41.52
CA LEU A 119 46.31 -35.84 -40.50
C LEU A 119 47.62 -35.37 -41.10
N ILE A 120 48.14 -36.10 -42.08
CA ILE A 120 49.35 -35.66 -42.79
C ILE A 120 49.08 -34.36 -43.52
N PHE A 121 47.93 -34.25 -44.18
CA PHE A 121 47.58 -33.03 -44.90
C PHE A 121 47.49 -31.84 -43.95
N THR A 122 47.04 -32.07 -42.71
CA THR A 122 46.98 -30.99 -41.74
C THR A 122 48.36 -30.61 -41.21
N LYS A 123 49.22 -31.60 -41.00
CA LYS A 123 50.52 -31.34 -40.39
C LYS A 123 51.51 -30.73 -41.39
N ILE A 124 51.51 -31.23 -42.63
CA ILE A 124 52.47 -30.74 -43.61
C ILE A 124 52.12 -29.33 -44.06
N ASN A 125 50.83 -29.08 -44.33
CA ASN A 125 50.40 -27.76 -44.78
C ASN A 125 50.48 -26.70 -43.68
N ASP A 126 50.86 -27.07 -42.46
CA ASP A 126 51.13 -26.09 -41.43
C ASP A 126 52.34 -25.25 -41.81
N PRO A 127 52.51 -24.07 -41.18
CA PRO A 127 53.68 -23.23 -41.51
C PRO A 127 55.01 -23.97 -41.42
N GLN A 128 55.20 -24.80 -40.40
CA GLN A 128 56.44 -25.56 -40.26
C GLN A 128 56.23 -26.79 -39.40
N ASN A 136 66.87 -28.69 -47.98
CA ASN A 136 65.85 -29.63 -48.44
C ASN A 136 64.64 -29.63 -47.51
N MET A 137 63.46 -29.38 -48.07
CA MET A 137 62.22 -29.38 -47.33
C MET A 137 61.13 -29.96 -48.22
N ILE A 138 59.88 -29.78 -47.81
CA ILE A 138 58.73 -30.28 -48.57
C ILE A 138 57.81 -29.12 -48.88
N LYS A 139 57.30 -29.09 -50.12
CA LYS A 139 56.27 -28.14 -50.49
C LYS A 139 54.90 -28.78 -50.31
N GLN A 140 53.91 -27.93 -50.05
CA GLN A 140 52.62 -28.37 -49.56
C GLN A 140 51.95 -29.38 -50.50
N TRP A 141 51.04 -30.16 -49.92
CA TRP A 141 50.32 -31.18 -50.67
C TRP A 141 49.28 -30.54 -51.57
N ASN A 142 48.46 -29.65 -51.02
CA ASN A 142 47.48 -28.83 -51.72
C ASN A 142 46.27 -29.62 -52.22
N ASN A 143 46.44 -30.88 -52.60
CA ASN A 143 45.31 -31.61 -53.16
C ASN A 143 45.56 -33.11 -53.13
N PRO A 144 45.14 -33.80 -52.06
CA PRO A 144 45.32 -35.26 -52.01
C PRO A 144 44.39 -36.02 -52.94
N ILE A 145 43.27 -35.44 -53.35
CA ILE A 145 42.36 -36.13 -54.25
C ILE A 145 43.02 -36.36 -55.61
N ASN A 146 43.66 -35.32 -56.15
CA ASN A 146 44.34 -35.48 -57.44
C ASN A 146 45.48 -36.49 -57.35
N THR A 147 46.28 -36.42 -56.29
CA THR A 147 47.37 -37.37 -56.12
C THR A 147 46.86 -38.80 -56.11
N PHE A 148 45.73 -39.04 -55.45
CA PHE A 148 45.13 -40.38 -55.43
C PHE A 148 44.64 -40.80 -56.82
N ILE A 149 44.29 -39.83 -57.67
CA ILE A 149 43.71 -40.16 -58.97
C ILE A 149 44.77 -40.79 -59.87
N GLN A 150 45.92 -40.12 -60.01
CA GLN A 150 46.94 -40.61 -60.94
C GLN A 150 47.67 -41.84 -60.43
N LEU A 151 47.60 -42.12 -59.13
CA LEU A 151 48.20 -43.34 -58.60
C LEU A 151 47.53 -44.59 -59.15
N MET A 152 46.39 -44.47 -59.83
CA MET A 152 45.77 -45.59 -60.51
C MET A 152 46.15 -45.59 -61.99
N SER A 153 47.46 -45.62 -62.23
CA SER A 153 48.00 -45.63 -63.59
C SER A 153 49.38 -46.29 -63.54
N VAL A 154 49.41 -47.60 -63.72
CA VAL A 154 50.66 -48.35 -63.69
C VAL A 154 50.77 -49.24 -64.91
N ALA A 161 61.30 -44.65 -62.35
CA ALA A 161 60.39 -45.47 -63.15
C ALA A 161 59.13 -45.82 -62.34
N ASP A 162 59.34 -46.28 -61.10
CA ASP A 162 58.24 -46.65 -60.23
C ASP A 162 58.14 -45.72 -59.02
N GLN A 163 59.22 -45.59 -58.23
CA GLN A 163 59.20 -44.68 -57.10
C GLN A 163 59.29 -43.21 -57.54
N LEU A 164 59.72 -42.96 -58.78
CA LEU A 164 59.80 -41.59 -59.28
C LEU A 164 58.44 -41.00 -59.59
N LEU A 165 57.42 -41.85 -59.74
CA LEU A 165 56.09 -41.35 -60.10
C LEU A 165 55.47 -40.53 -58.97
N LEU A 166 55.63 -40.99 -57.72
CA LEU A 166 54.99 -40.33 -56.60
C LEU A 166 55.48 -38.91 -56.38
N ASP A 167 56.69 -38.58 -56.85
CA ASP A 167 57.22 -37.23 -56.64
C ASP A 167 56.47 -36.21 -57.48
N SER A 168 56.37 -36.43 -58.79
CA SER A 168 55.71 -35.47 -59.67
C SER A 168 54.19 -35.57 -59.61
N ILE A 169 53.65 -36.73 -59.22
CA ILE A 169 52.20 -36.89 -59.15
C ILE A 169 51.61 -36.13 -57.96
N ASN A 170 52.41 -35.91 -56.92
CA ASN A 170 51.92 -35.41 -55.64
C ASN A 170 51.30 -34.03 -55.76
N CYS A 171 52.11 -33.02 -56.10
CA CYS A 171 51.68 -31.62 -55.96
C CYS A 171 51.00 -31.07 -57.21
N SER A 172 51.17 -31.70 -58.37
CA SER A 172 50.56 -31.21 -59.59
C SER A 172 50.00 -32.40 -60.36
N LEU A 173 48.81 -32.22 -60.95
CA LEU A 173 48.08 -33.36 -61.51
C LEU A 173 47.21 -32.86 -62.65
N THR A 174 46.29 -33.72 -63.09
CA THR A 174 45.58 -33.57 -64.35
C THR A 174 44.35 -32.67 -64.19
N TYR A 175 43.47 -32.71 -65.18
CA TYR A 175 42.31 -31.85 -65.28
C TYR A 175 41.04 -32.59 -64.84
N GLU A 176 39.88 -32.00 -65.12
CA GLU A 176 38.61 -32.56 -64.69
C GLU A 176 38.10 -33.65 -65.63
N GLN A 177 38.45 -33.59 -66.92
CA GLN A 177 37.98 -34.61 -67.86
C GLN A 177 38.53 -35.98 -67.49
N LEU A 178 39.80 -36.05 -67.07
CA LEU A 178 40.35 -37.32 -66.60
C LEU A 178 39.75 -37.71 -65.26
N SER A 179 39.34 -36.72 -64.44
CA SER A 179 38.67 -37.03 -63.19
C SER A 179 37.34 -37.73 -63.44
N GLN A 180 36.62 -37.32 -64.49
CA GLN A 180 35.40 -38.03 -64.88
C GLN A 180 35.73 -39.41 -65.42
N PHE A 181 36.89 -39.56 -66.06
CA PHE A 181 37.30 -40.87 -66.56
C PHE A 181 37.56 -41.84 -65.42
N VAL A 182 37.94 -41.33 -64.24
CA VAL A 182 38.11 -42.19 -63.08
C VAL A 182 36.78 -42.83 -62.69
N SER A 183 35.66 -42.14 -62.96
CA SER A 183 34.34 -42.61 -62.61
C SER A 183 33.81 -43.67 -63.59
N LEU A 184 34.70 -44.36 -64.31
CA LEU A 184 34.25 -45.43 -65.20
C LEU A 184 33.55 -46.53 -64.41
N SER A 185 33.98 -46.79 -63.18
CA SER A 185 33.36 -47.75 -62.29
C SER A 185 32.64 -47.02 -61.17
N GLN A 186 31.86 -47.78 -60.41
CA GLN A 186 31.09 -47.21 -59.30
C GLN A 186 31.89 -47.09 -58.03
N LYS A 187 32.71 -48.10 -57.72
CA LYS A 187 33.52 -48.05 -56.50
C LYS A 187 34.60 -46.99 -56.58
N HIS A 188 35.03 -46.62 -57.79
CA HIS A 188 35.98 -45.52 -57.93
C HIS A 188 35.36 -44.21 -57.44
N ASN A 189 34.14 -43.92 -57.87
CA ASN A 189 33.44 -42.74 -57.37
C ASN A 189 33.16 -42.84 -55.88
N GLU A 190 32.94 -44.05 -55.37
CA GLU A 190 32.73 -44.23 -53.94
C GLU A 190 33.99 -43.93 -53.15
N LEU A 191 35.16 -44.35 -53.66
CA LEU A 191 36.40 -44.07 -52.96
C LEU A 191 36.73 -42.59 -52.96
N ALA A 192 36.46 -41.90 -54.08
CA ALA A 192 36.70 -40.46 -54.14
C ALA A 192 35.76 -39.72 -53.19
N LEU A 193 34.48 -40.09 -53.18
CA LEU A 193 33.53 -39.47 -52.27
C LEU A 193 33.91 -39.71 -50.82
N THR A 194 34.34 -40.94 -50.49
CA THR A 194 34.73 -41.24 -49.11
C THR A 194 35.98 -40.50 -48.71
N PHE A 195 36.92 -40.31 -49.64
CA PHE A 195 38.16 -39.60 -49.30
C PHE A 195 37.87 -38.15 -48.95
N THR A 196 37.09 -37.46 -49.78
CA THR A 196 36.72 -36.07 -49.46
C THR A 196 35.95 -35.98 -48.15
N GLU A 197 35.14 -37.00 -47.84
CA GLU A 197 34.36 -36.98 -46.62
C GLU A 197 35.26 -37.14 -45.39
N VAL A 198 36.19 -38.10 -45.45
CA VAL A 198 37.05 -38.38 -44.29
C VAL A 198 37.98 -37.21 -44.03
N ILE A 199 38.54 -36.62 -45.09
CA ILE A 199 39.41 -35.45 -44.92
C ILE A 199 38.65 -34.31 -44.26
N VAL A 200 37.41 -34.08 -44.71
CA VAL A 200 36.61 -33.00 -44.15
C VAL A 200 36.25 -33.30 -42.68
N GLU A 201 35.83 -34.53 -42.40
CA GLU A 201 35.47 -34.89 -41.04
C GLU A 201 36.66 -34.81 -40.10
N ASP A 202 37.85 -35.13 -40.58
CA ASP A 202 39.05 -35.01 -39.74
C ASP A 202 39.42 -33.55 -39.52
N LEU A 203 39.30 -32.73 -40.57
CA LEU A 203 39.52 -31.29 -40.40
C LEU A 203 38.51 -30.69 -39.44
N THR A 204 37.30 -31.25 -39.39
CA THR A 204 36.31 -30.80 -38.42
C THR A 204 36.73 -31.15 -37.00
N LYS A 205 37.20 -32.38 -36.79
CA LYS A 205 37.66 -32.79 -35.47
C LYS A 205 38.88 -32.00 -35.04
N PHE A 206 39.80 -31.72 -35.97
CA PHE A 206 40.99 -30.94 -35.65
C PHE A 206 40.63 -29.49 -35.35
N GLN A 207 39.64 -28.95 -36.06
CA GLN A 207 39.21 -27.59 -35.80
C GLN A 207 38.49 -27.48 -34.46
N THR A 208 37.66 -28.47 -34.14
CA THR A 208 36.94 -28.45 -32.86
C THR A 208 37.88 -28.66 -31.69
N LYS A 209 38.90 -29.50 -31.86
CA LYS A 209 39.85 -29.76 -30.79
C LYS A 209 40.62 -28.50 -30.43
N ARG A 210 41.37 -27.94 -31.39
CA ARG A 210 42.14 -26.73 -31.14
C ARG A 210 42.21 -25.92 -32.42
N HIS A 211 42.17 -24.60 -32.28
CA HIS A 211 42.12 -23.68 -33.43
C HIS A 211 43.52 -23.09 -33.65
N SER A 212 44.34 -23.82 -34.39
CA SER A 212 45.62 -23.31 -34.88
C SER A 212 45.67 -23.33 -36.41
N MET A 213 44.51 -23.47 -37.05
CA MET A 213 44.47 -23.72 -38.49
C MET A 213 44.67 -22.43 -39.27
N SER A 214 43.61 -21.64 -39.41
CA SER A 214 43.70 -20.26 -39.88
C SER A 214 44.22 -20.12 -41.32
N GLN A 215 44.95 -21.10 -41.83
CA GLN A 215 45.44 -21.00 -43.20
C GLN A 215 45.24 -22.27 -44.00
N ILE A 216 45.17 -23.43 -43.33
CA ILE A 216 44.90 -24.67 -44.04
C ILE A 216 43.54 -24.62 -44.73
N HIS A 217 42.58 -23.93 -44.12
CA HIS A 217 41.28 -23.76 -44.76
C HIS A 217 41.42 -23.04 -46.10
N GLU A 218 42.34 -22.07 -46.19
CA GLU A 218 42.61 -21.40 -47.45
C GLU A 218 43.18 -22.38 -48.47
N VAL A 219 44.04 -23.30 -48.02
CA VAL A 219 44.58 -24.32 -48.91
C VAL A 219 43.47 -25.22 -49.43
N VAL A 220 42.58 -25.65 -48.52
CA VAL A 220 41.42 -26.43 -48.95
C VAL A 220 40.50 -25.60 -49.83
N HIS A 221 40.43 -24.29 -49.60
CA HIS A 221 39.55 -23.44 -50.38
C HIS A 221 40.06 -23.23 -51.80
N GLU A 222 41.38 -23.29 -52.00
CA GLU A 222 41.96 -22.98 -53.31
C GLU A 222 42.08 -24.19 -54.21
N HIS A 223 42.22 -25.39 -53.66
CA HIS A 223 42.38 -26.60 -54.47
C HIS A 223 41.33 -27.65 -54.16
N LEU A 224 41.19 -28.06 -52.89
CA LEU A 224 40.30 -29.16 -52.57
C LEU A 224 38.83 -28.77 -52.74
N TYR A 225 38.49 -27.52 -52.44
CA TYR A 225 37.11 -27.07 -52.57
C TYR A 225 36.62 -27.18 -54.01
N ILE A 226 37.49 -26.86 -54.97
CA ILE A 226 37.10 -26.92 -56.37
C ILE A 226 36.85 -28.35 -56.81
N SER A 227 37.75 -29.27 -56.43
CA SER A 227 37.61 -30.66 -56.85
C SER A 227 36.38 -31.31 -56.23
N THR A 228 36.11 -31.02 -54.96
CA THR A 228 34.96 -31.63 -54.29
C THR A 228 33.65 -31.11 -54.85
N MET A 229 33.57 -29.80 -55.12
CA MET A 229 32.35 -29.23 -55.69
C MET A 229 32.10 -29.75 -57.10
N ALA A 230 33.15 -29.86 -57.91
CA ALA A 230 32.99 -30.40 -59.26
C ALA A 230 32.61 -31.87 -59.22
N LEU A 231 33.13 -32.62 -58.24
CA LEU A 231 32.81 -34.04 -58.13
C LEU A 231 31.40 -34.26 -57.58
N ILE A 232 31.02 -33.49 -56.55
CA ILE A 232 29.69 -33.64 -55.98
C ILE A 232 28.63 -33.21 -56.97
N ASN A 233 28.83 -32.05 -57.62
CA ASN A 233 27.87 -31.58 -58.62
C ASN A 233 27.79 -32.54 -59.80
N LEU A 234 28.89 -33.22 -60.13
CA LEU A 234 28.85 -34.23 -61.18
C LEU A 234 27.97 -35.41 -60.77
N ASN A 235 28.04 -35.80 -59.49
CA ASN A 235 27.17 -36.87 -59.01
C ASN A 235 25.70 -36.46 -59.04
N LEU A 236 25.42 -35.17 -58.84
CA LEU A 236 24.04 -34.71 -58.83
C LEU A 236 23.49 -34.53 -60.24
N THR A 237 24.31 -34.01 -61.15
CA THR A 237 23.83 -33.74 -62.51
C THR A 237 23.83 -35.00 -63.37
N ALA A 238 24.92 -35.75 -63.35
CA ALA A 238 25.03 -36.93 -64.18
C ALA A 238 24.29 -38.10 -63.55
N GLN A 239 23.54 -38.84 -64.37
CA GLN A 239 22.74 -39.95 -63.88
C GLN A 239 23.60 -41.19 -63.62
N ALA A 240 24.49 -41.53 -64.56
CA ALA A 240 25.31 -42.73 -64.40
C ALA A 240 26.31 -42.58 -63.26
N VAL A 241 26.87 -41.38 -63.09
CA VAL A 241 27.84 -41.14 -62.02
C VAL A 241 27.19 -40.98 -60.67
N PHE A 242 25.87 -40.80 -60.62
CA PHE A 242 25.18 -40.59 -59.35
C PHE A 242 25.32 -41.79 -58.44
N ASN A 243 25.68 -41.53 -57.18
CA ASN A 243 25.78 -42.54 -56.15
C ASN A 243 25.24 -41.96 -54.85
N PRO A 244 24.44 -42.73 -54.11
CA PRO A 244 23.85 -42.20 -52.87
C PRO A 244 24.86 -41.81 -51.80
N THR A 245 26.13 -42.23 -51.93
CA THR A 245 27.13 -41.88 -50.95
C THR A 245 27.41 -40.38 -50.91
N VAL A 246 27.15 -39.66 -51.99
CA VAL A 246 27.43 -38.22 -52.04
C VAL A 246 26.59 -37.47 -51.01
N PHE A 247 25.42 -38.01 -50.65
CA PHE A 247 24.58 -37.34 -49.66
C PHE A 247 25.27 -37.27 -48.31
N ASP A 248 25.85 -38.38 -47.86
CA ASP A 248 26.63 -38.35 -46.63
C ASP A 248 27.89 -37.50 -46.75
N CYS A 249 28.39 -37.32 -47.98
CA CYS A 249 29.56 -36.46 -48.18
C CYS A 249 29.18 -34.99 -48.19
N ILE A 250 28.02 -34.65 -48.75
CA ILE A 250 27.56 -33.26 -48.77
C ILE A 250 27.36 -32.77 -47.33
N THR A 251 26.70 -33.58 -46.51
CA THR A 251 26.48 -33.19 -45.12
C THR A 251 27.80 -32.94 -44.39
N ALA A 252 28.81 -33.76 -44.67
CA ALA A 252 30.11 -33.56 -44.05
C ALA A 252 30.70 -32.21 -44.45
N TRP A 253 30.68 -31.90 -45.75
CA TRP A 253 31.20 -30.61 -46.21
C TRP A 253 30.42 -29.46 -45.62
N ILE A 254 29.09 -29.58 -45.56
CA ILE A 254 28.26 -28.50 -45.01
C ILE A 254 28.62 -28.24 -43.55
N ASN A 255 28.90 -29.31 -42.79
CA ASN A 255 29.28 -29.15 -41.40
C ASN A 255 30.60 -28.39 -41.28
N TYR A 256 31.59 -28.75 -42.09
CA TYR A 256 32.87 -28.06 -42.07
C TYR A 256 32.74 -26.61 -42.51
N ILE A 257 31.85 -26.32 -43.46
CA ILE A 257 31.67 -24.95 -43.90
C ILE A 257 30.93 -24.15 -42.84
N SER A 258 29.97 -24.78 -42.16
CA SER A 258 29.21 -24.08 -41.13
C SER A 258 30.05 -23.73 -39.91
N LEU A 259 31.16 -24.42 -39.70
CA LEU A 259 32.02 -24.16 -38.54
C LEU A 259 33.10 -23.13 -38.83
N THR A 260 33.39 -22.86 -40.11
CA THR A 260 34.51 -22.01 -40.48
C THR A 260 34.05 -20.67 -41.03
N ARG A 261 33.36 -20.67 -42.17
CA ARG A 261 32.91 -19.43 -42.78
C ARG A 261 31.51 -19.59 -43.36
N ARG A 268 34.28 -17.07 -49.04
CA ARG A 268 32.90 -17.50 -49.27
C ARG A 268 32.83 -18.78 -50.10
N MET A 269 32.31 -19.85 -49.50
CA MET A 269 32.07 -21.09 -50.21
C MET A 269 30.59 -21.14 -50.61
N ASP A 270 30.35 -21.36 -51.90
CA ASP A 270 29.03 -21.12 -52.48
C ASP A 270 27.98 -22.12 -52.02
N LEU A 271 28.11 -23.39 -52.44
CA LEU A 271 27.13 -24.43 -52.16
C LEU A 271 25.75 -24.12 -52.74
N SER A 272 25.64 -23.02 -53.49
CA SER A 272 24.33 -22.60 -54.01
C SER A 272 23.84 -23.56 -55.10
N GLU A 273 24.71 -23.88 -56.05
CA GLU A 273 24.32 -24.81 -57.11
C GLU A 273 24.09 -26.21 -56.57
N ILE A 274 24.82 -26.60 -55.53
CA ILE A 274 24.61 -27.90 -54.89
C ILE A 274 23.20 -27.99 -54.34
N PHE A 275 22.76 -26.93 -53.66
CA PHE A 275 21.38 -26.89 -53.16
C PHE A 275 20.38 -26.89 -54.30
N GLN A 276 20.72 -26.22 -55.40
CA GLN A 276 19.82 -26.18 -56.56
C GLN A 276 19.64 -27.57 -57.16
N ASN A 277 20.74 -28.29 -57.37
CA ASN A 277 20.64 -29.63 -57.93
C ASN A 277 20.04 -30.61 -56.94
N LEU A 278 20.21 -30.36 -55.64
CA LEU A 278 19.55 -31.20 -54.64
C LEU A 278 18.04 -30.98 -54.64
N ILE A 279 17.60 -29.75 -54.91
CA ILE A 279 16.17 -29.49 -55.02
C ILE A 279 15.60 -30.17 -56.26
N ASP A 280 16.32 -30.11 -57.38
CA ASP A 280 15.85 -30.76 -58.60
C ASP A 280 15.81 -32.27 -58.43
N LEU A 281 16.79 -32.84 -57.73
CA LEU A 281 16.81 -34.28 -57.50
C LEU A 281 15.70 -34.69 -56.54
N MET A 282 15.50 -33.92 -55.46
CA MET A 282 14.46 -34.24 -54.50
C MET A 282 13.07 -34.16 -55.13
N TYR A 283 12.85 -33.16 -55.99
CA TYR A 283 11.54 -33.03 -56.63
C TYR A 283 11.29 -34.16 -57.62
N GLN A 284 12.35 -34.66 -58.27
CA GLN A 284 12.20 -35.77 -59.20
C GLN A 284 12.03 -37.11 -58.49
N SER A 285 12.45 -37.21 -57.23
CA SER A 285 12.37 -38.46 -56.48
C SER A 285 10.92 -38.69 -56.06
N THR A 286 10.31 -39.74 -56.60
CA THR A 286 8.93 -40.11 -56.29
C THR A 286 8.91 -41.55 -55.77
N GLU A 287 7.69 -42.06 -55.55
CA GLU A 287 7.54 -43.43 -55.06
C GLU A 287 7.91 -44.45 -56.14
N GLY A 288 7.48 -44.22 -57.38
CA GLY A 288 7.74 -45.15 -58.45
C GLY A 288 9.16 -45.10 -58.98
N SER A 289 9.75 -43.91 -59.01
CA SER A 289 11.09 -43.75 -59.57
C SER A 289 12.16 -44.17 -58.56
N ASP A 290 12.26 -43.45 -57.44
CA ASP A 290 13.28 -43.71 -56.44
C ASP A 290 12.73 -44.29 -55.15
N GLY A 291 11.41 -44.32 -54.96
CA GLY A 291 10.86 -44.74 -53.70
C GLY A 291 11.04 -43.75 -52.58
N TYR A 292 11.24 -42.48 -52.91
CA TYR A 292 11.45 -41.41 -51.93
C TYR A 292 12.65 -41.68 -51.03
N GLU A 293 13.66 -42.39 -51.55
CA GLU A 293 14.88 -42.61 -50.80
C GLU A 293 15.81 -41.40 -50.89
N ASN A 294 16.07 -40.92 -52.11
CA ASN A 294 16.88 -39.73 -52.28
C ASN A 294 16.20 -38.51 -51.68
N ALA A 295 14.87 -38.43 -51.80
CA ALA A 295 14.14 -37.32 -51.19
C ALA A 295 14.29 -37.34 -49.67
N GLU A 296 14.36 -38.52 -49.07
CA GLU A 296 14.56 -38.61 -47.63
C GLU A 296 15.95 -38.13 -47.24
N LYS A 297 16.98 -38.53 -48.00
CA LYS A 297 18.34 -38.12 -47.68
C LYS A 297 18.55 -36.61 -47.89
N ILE A 298 17.98 -36.07 -48.98
CA ILE A 298 18.12 -34.64 -49.24
C ILE A 298 17.37 -33.83 -48.18
N LEU A 299 16.22 -34.32 -47.72
CA LEU A 299 15.52 -33.66 -46.64
C LEU A 299 16.31 -33.71 -45.34
N THR A 300 17.10 -34.78 -45.14
CA THR A 300 17.98 -34.83 -43.98
C THR A 300 19.09 -33.80 -44.10
N ILE A 301 19.61 -33.60 -45.32
CA ILE A 301 20.62 -32.58 -45.55
C ILE A 301 20.03 -31.19 -45.32
N PHE A 302 18.87 -30.93 -45.91
CA PHE A 302 18.22 -29.63 -45.71
C PHE A 302 17.82 -29.44 -44.25
N GLY A 303 17.39 -30.52 -43.59
CA GLY A 303 17.06 -30.43 -42.18
C GLY A 303 18.25 -30.07 -41.32
N ASN A 304 19.44 -30.54 -41.69
CA ASN A 304 20.65 -30.18 -40.96
C ASN A 304 21.01 -28.72 -41.18
N VAL A 305 20.84 -28.21 -42.41
CA VAL A 305 21.17 -26.83 -42.71
C VAL A 305 20.22 -25.89 -41.98
N PHE A 306 18.92 -26.13 -42.09
CA PHE A 306 17.94 -25.22 -41.49
C PHE A 306 18.03 -25.21 -39.97
N ALA A 307 18.38 -26.35 -39.36
CA ALA A 307 18.42 -26.43 -37.91
C ALA A 307 19.72 -25.90 -37.31
N ASN A 308 20.80 -25.83 -38.10
CA ASN A 308 22.10 -25.42 -37.58
C ASN A 308 22.56 -24.09 -38.16
N ASP A 309 22.71 -23.98 -39.48
CA ASP A 309 23.16 -22.76 -40.13
C ASP A 309 22.25 -22.47 -41.31
N PRO A 310 21.08 -21.87 -41.08
CA PRO A 310 20.15 -21.61 -42.18
C PRO A 310 20.61 -20.51 -43.12
N LEU A 311 21.45 -19.59 -42.65
CA LEU A 311 21.95 -18.51 -43.51
C LEU A 311 22.87 -19.02 -44.62
N LEU A 312 23.29 -20.28 -44.57
CA LEU A 312 24.11 -20.84 -45.64
C LEU A 312 23.35 -20.95 -46.95
N MET A 313 22.03 -21.01 -46.91
CA MET A 313 21.20 -21.05 -48.09
C MET A 313 20.71 -19.64 -48.44
N SER A 314 20.77 -19.31 -49.73
CA SER A 314 20.38 -17.98 -50.17
C SER A 314 18.87 -17.82 -50.13
N TYR A 315 18.42 -16.57 -50.32
CA TYR A 315 17.00 -16.28 -50.27
C TYR A 315 16.24 -16.91 -51.42
N ASP A 316 16.86 -16.99 -52.61
CA ASP A 316 16.17 -17.55 -53.76
C ASP A 316 15.90 -19.03 -53.58
N LEU A 317 16.88 -19.80 -53.09
CA LEU A 317 16.67 -21.23 -52.87
C LEU A 317 15.68 -21.47 -51.74
N ARG A 318 15.67 -20.61 -50.72
CA ARG A 318 14.67 -20.74 -49.67
C ARG A 318 13.27 -20.45 -50.19
N GLN A 319 13.15 -19.59 -51.20
CA GLN A 319 11.85 -19.36 -51.82
C GLN A 319 11.39 -20.61 -52.57
N GLN A 320 12.32 -21.33 -53.21
CA GLN A 320 11.96 -22.58 -53.88
C GLN A 320 11.55 -23.64 -52.88
N ILE A 321 12.21 -23.67 -51.71
CA ILE A 321 11.81 -24.60 -50.66
C ILE A 321 10.41 -24.27 -50.16
N GLU A 322 10.08 -22.99 -50.09
CA GLU A 322 8.75 -22.58 -49.65
C GLU A 322 7.68 -23.04 -50.64
N CYS A 323 7.93 -22.88 -51.94
CA CYS A 323 6.96 -23.29 -52.94
C CYS A 323 6.82 -24.80 -53.05
N ILE A 324 7.85 -25.56 -52.63
CA ILE A 324 7.75 -27.01 -52.67
C ILE A 324 7.05 -27.54 -51.44
N PHE A 325 7.39 -27.00 -50.26
CA PHE A 325 6.78 -27.48 -49.02
C PHE A 325 5.30 -27.10 -48.94
N LEU A 326 4.98 -25.85 -49.25
CA LEU A 326 3.64 -25.32 -49.09
C LEU A 326 2.83 -25.31 -50.39
N GLY A 327 3.42 -25.72 -51.50
CA GLY A 327 2.72 -25.74 -52.78
C GLY A 327 2.42 -24.35 -53.31
N ASN A 342 -1.88 -33.39 -55.56
CA ASN A 342 -1.62 -32.17 -56.31
C ASN A 342 -0.16 -31.76 -56.19
N SER A 343 0.18 -31.12 -55.08
CA SER A 343 1.56 -30.71 -54.85
C SER A 343 2.44 -31.91 -54.52
N TRP A 344 3.74 -31.75 -54.75
CA TRP A 344 4.67 -32.83 -54.50
C TRP A 344 4.78 -33.14 -53.00
N MET A 345 4.73 -32.10 -52.17
CA MET A 345 4.83 -32.32 -50.72
C MET A 345 3.62 -33.08 -50.20
N LEU A 346 2.44 -32.80 -50.75
CA LEU A 346 1.24 -33.52 -50.34
C LEU A 346 1.30 -34.99 -50.75
N GLN A 347 1.92 -35.28 -51.89
CA GLN A 347 2.05 -36.66 -52.34
C GLN A 347 3.00 -37.44 -51.43
N TYR A 348 4.10 -36.81 -51.01
CA TYR A 348 5.04 -37.50 -50.14
C TYR A 348 4.45 -37.69 -48.74
N MET A 349 3.69 -36.71 -48.26
CA MET A 349 3.03 -36.87 -46.96
C MET A 349 2.00 -37.99 -46.99
N ASN A 350 1.22 -38.07 -48.08
CA ASN A 350 0.26 -39.17 -48.21
C ASN A 350 0.97 -40.51 -48.32
N TYR A 351 2.17 -40.53 -48.92
CA TYR A 351 2.93 -41.77 -49.00
C TYR A 351 3.38 -42.23 -47.63
N LEU A 352 3.75 -41.30 -46.76
CA LEU A 352 4.18 -41.66 -45.41
C LEU A 352 3.00 -42.04 -44.52
N VAL A 353 1.84 -41.40 -44.72
CA VAL A 353 0.69 -41.69 -43.87
C VAL A 353 0.03 -43.01 -44.27
N THR A 354 -0.19 -43.22 -45.56
CA THR A 354 -0.85 -44.45 -46.00
C THR A 354 0.01 -45.68 -45.72
N ASN A 355 1.33 -45.56 -45.81
CA ASN A 355 2.24 -46.66 -45.50
C ASN A 355 2.56 -46.76 -44.01
N ASP A 356 2.00 -45.87 -43.19
CA ASP A 356 2.18 -45.89 -41.74
C ASP A 356 3.67 -45.78 -41.37
N PHE A 357 4.34 -44.81 -42.00
CA PHE A 357 5.73 -44.48 -41.68
C PHE A 357 5.72 -43.21 -40.84
N PHE A 358 5.62 -43.39 -39.52
CA PHE A 358 5.48 -42.26 -38.61
C PHE A 358 6.82 -41.66 -38.21
N SER A 359 7.89 -42.46 -38.19
CA SER A 359 9.21 -41.93 -37.85
C SER A 359 9.71 -41.01 -38.95
N GLU A 360 9.61 -41.44 -40.21
CA GLU A 360 10.02 -40.59 -41.31
C GLU A 360 9.12 -39.36 -41.44
N LEU A 361 7.84 -39.49 -41.12
CA LEU A 361 6.96 -38.34 -41.10
C LEU A 361 7.33 -37.38 -39.98
N LYS A 362 7.81 -37.90 -38.85
CA LYS A 362 8.28 -37.04 -37.76
C LYS A 362 9.50 -36.23 -38.18
N GLU A 363 10.45 -36.89 -38.84
CA GLU A 363 11.63 -36.18 -39.32
C GLU A 363 11.25 -35.13 -40.36
N LEU A 364 10.24 -35.41 -41.18
CA LEU A 364 9.77 -34.43 -42.15
C LEU A 364 9.21 -33.19 -41.47
N ALA A 365 8.46 -33.39 -40.39
CA ALA A 365 7.92 -32.25 -39.64
C ALA A 365 9.03 -31.43 -39.00
N ILE A 366 10.10 -32.09 -38.54
CA ILE A 366 11.21 -31.37 -37.94
C ILE A 366 11.90 -30.48 -38.96
N CYS A 367 12.08 -31.00 -40.19
CA CYS A 367 12.76 -30.22 -41.22
C CYS A 367 11.93 -29.01 -41.64
N ILE A 368 10.62 -29.20 -41.84
CA ILE A 368 9.78 -28.10 -42.29
C ILE A 368 9.66 -27.03 -41.21
N VAL A 369 9.51 -27.44 -39.95
CA VAL A 369 9.40 -26.47 -38.86
C VAL A 369 10.69 -25.68 -38.70
N ASP A 370 11.83 -26.38 -38.73
CA ASP A 370 13.12 -25.68 -38.64
C ASP A 370 13.33 -24.74 -39.83
N PHE A 371 12.72 -25.05 -40.98
CA PHE A 371 12.80 -24.15 -42.12
C PHE A 371 11.93 -22.92 -41.92
N LEU A 372 10.71 -23.11 -41.39
CA LEU A 372 9.81 -21.99 -41.19
C LEU A 372 10.21 -21.12 -40.00
N GLN A 373 11.00 -21.66 -39.07
CA GLN A 373 11.39 -20.89 -37.90
C GLN A 373 12.39 -19.79 -38.22
N ILE A 374 13.10 -19.92 -39.34
CA ILE A 374 14.07 -18.88 -39.71
C ILE A 374 13.39 -17.70 -40.40
N ASN A 375 12.16 -17.87 -40.87
CA ASN A 375 11.39 -16.80 -41.49
C ASN A 375 10.39 -16.17 -40.52
N THR A 376 10.59 -16.38 -39.21
CA THR A 376 9.62 -15.91 -38.22
C THR A 376 9.51 -14.40 -38.23
N LEU A 377 10.65 -13.70 -38.19
CA LEU A 377 10.62 -12.24 -38.15
C LEU A 377 10.05 -11.65 -39.43
N SER A 378 10.27 -12.31 -40.58
CA SER A 378 9.73 -11.80 -41.83
C SER A 378 8.21 -11.99 -41.90
N VAL A 379 7.72 -13.15 -41.43
CA VAL A 379 6.28 -13.40 -41.45
C VAL A 379 5.57 -12.49 -40.45
N CYS A 380 6.16 -12.31 -39.26
CA CYS A 380 5.54 -11.45 -38.25
C CYS A 380 5.47 -10.01 -38.72
N ASN A 381 6.50 -9.55 -39.43
CA ASN A 381 6.49 -8.18 -39.94
C ASN A 381 5.45 -8.01 -41.04
N LYS A 382 5.50 -8.87 -42.06
CA LYS A 382 4.54 -8.78 -43.15
C LYS A 382 3.11 -9.05 -42.72
N LEU A 383 2.89 -9.48 -41.46
CA LEU A 383 1.55 -9.73 -40.95
C LEU A 383 1.00 -8.53 -40.16
N PHE A 384 1.68 -8.15 -39.08
CA PHE A 384 1.12 -7.24 -38.10
C PHE A 384 1.71 -5.83 -38.15
N THR A 385 2.76 -5.59 -38.92
CA THR A 385 3.31 -4.26 -39.07
C THR A 385 3.28 -3.85 -40.54
N ASN A 386 3.40 -2.55 -40.76
CA ASN A 386 3.33 -1.96 -42.09
C ASN A 386 4.68 -1.56 -42.65
N ILE A 387 5.76 -1.92 -41.97
CA ILE A 387 7.12 -1.57 -42.41
C ILE A 387 7.67 -2.80 -43.12
N GLN A 388 7.47 -2.85 -44.44
CA GLN A 388 8.00 -3.92 -45.27
C GLN A 388 8.28 -3.35 -46.66
N ALA A 389 8.38 -4.23 -47.65
CA ALA A 389 8.82 -3.83 -48.97
C ALA A 389 7.72 -3.15 -49.77
N ALA A 390 6.52 -3.72 -49.81
CA ALA A 390 5.46 -3.26 -50.69
C ALA A 390 4.46 -2.37 -49.97
N ASP A 391 3.80 -1.50 -50.73
CA ASP A 391 2.84 -0.55 -50.21
C ASP A 391 1.59 -0.53 -51.10
N ASN A 392 0.45 -0.23 -50.48
CA ASN A 392 -0.82 0.08 -51.16
C ASN A 392 -1.40 -1.07 -51.96
N GLY A 393 -0.92 -2.30 -51.77
CA GLY A 393 -1.40 -3.43 -52.54
C GLY A 393 -2.89 -3.69 -52.41
N GLN A 394 -3.28 -4.54 -51.47
CA GLN A 394 -2.31 -5.29 -50.68
C GLN A 394 -2.14 -6.67 -51.31
N VAL A 395 -1.05 -6.83 -52.07
CA VAL A 395 -0.85 -8.07 -52.79
C VAL A 395 -0.26 -9.17 -51.89
N GLN A 396 0.58 -8.78 -50.92
CA GLN A 396 1.20 -9.75 -50.02
C GLN A 396 0.23 -10.28 -48.97
N ASP A 397 -0.82 -9.54 -48.62
CA ASP A 397 -1.71 -9.97 -47.55
C ASP A 397 -2.47 -11.23 -47.95
N GLU A 398 -3.14 -11.22 -49.10
CA GLU A 398 -3.86 -12.42 -49.53
C GLU A 398 -2.91 -13.60 -49.70
N TYR A 399 -1.64 -13.32 -50.00
CA TYR A 399 -0.63 -14.37 -50.02
C TYR A 399 -0.28 -14.82 -48.61
N ILE A 400 -0.15 -13.87 -47.67
CA ILE A 400 0.21 -14.22 -46.31
C ILE A 400 -1.00 -14.62 -45.47
N GLN A 401 -2.21 -14.20 -45.84
CA GLN A 401 -3.40 -14.73 -45.20
C GLN A 401 -3.57 -16.21 -45.53
N GLU A 402 -3.35 -16.58 -46.78
CA GLU A 402 -3.33 -18.00 -47.14
C GLU A 402 -2.11 -18.70 -46.57
N TYR A 403 -1.00 -17.98 -46.42
CA TYR A 403 0.21 -18.55 -45.84
C TYR A 403 -0.05 -19.02 -44.40
N ILE A 404 -0.62 -18.14 -43.57
CA ILE A 404 -0.94 -18.52 -42.21
C ILE A 404 -2.06 -19.56 -42.19
N LYS A 405 -3.01 -19.46 -43.12
CA LYS A 405 -4.10 -20.43 -43.17
C LYS A 405 -3.57 -21.84 -43.43
N VAL A 406 -2.62 -21.98 -44.35
CA VAL A 406 -2.02 -23.29 -44.61
C VAL A 406 -1.21 -23.74 -43.40
N LEU A 407 -0.51 -22.81 -42.75
CA LEU A 407 0.26 -23.17 -41.56
C LEU A 407 -0.65 -23.63 -40.43
N LEU A 408 -1.86 -23.08 -40.35
CA LEU A 408 -2.82 -23.55 -39.35
C LEU A 408 -3.38 -24.91 -39.73
N GLN A 409 -3.57 -25.17 -41.03
CA GLN A 409 -3.99 -26.50 -41.47
C GLN A 409 -2.93 -27.55 -41.16
N MET A 410 -1.66 -27.18 -41.33
CA MET A 410 -0.58 -28.09 -40.96
C MET A 410 -0.44 -28.20 -39.45
N THR A 411 -0.77 -27.12 -38.72
CA THR A 411 -0.75 -27.19 -37.26
C THR A 411 -1.81 -28.15 -36.73
N ASN A 412 -3.00 -28.15 -37.34
CA ASN A 412 -4.06 -29.07 -36.93
C ASN A 412 -3.65 -30.49 -37.25
N PHE A 413 -3.53 -30.80 -38.55
CA PHE A 413 -2.93 -32.03 -39.06
C PHE A 413 -3.54 -33.31 -38.49
N PRO A 414 -4.53 -33.90 -39.17
CA PRO A 414 -5.08 -35.20 -38.73
C PRO A 414 -4.02 -36.26 -38.52
N LEU A 415 -4.39 -37.36 -37.87
CA LEU A 415 -3.51 -38.33 -37.21
C LEU A 415 -3.11 -37.76 -35.87
N THR A 416 -3.67 -38.30 -34.79
CA THR A 416 -3.41 -37.87 -33.41
C THR A 416 -1.92 -37.69 -33.11
N PRO A 417 -1.57 -36.75 -32.22
CA PRO A 417 -0.15 -36.46 -31.94
C PRO A 417 0.68 -37.60 -31.38
N VAL A 418 1.93 -37.27 -31.06
CA VAL A 418 3.01 -38.16 -30.65
C VAL A 418 2.91 -39.57 -31.25
N LEU A 419 1.80 -40.26 -30.97
CA LEU A 419 1.60 -41.61 -31.49
C LEU A 419 1.88 -41.70 -32.98
N GLN A 420 1.44 -40.69 -33.75
CA GLN A 420 1.61 -40.72 -35.19
C GLN A 420 2.44 -39.56 -35.72
N GLU A 421 2.03 -38.31 -35.47
CA GLU A 421 2.68 -37.16 -36.10
C GLU A 421 3.29 -36.24 -35.05
N PHE A 422 4.28 -35.48 -35.48
CA PHE A 422 4.97 -34.49 -34.65
C PHE A 422 4.90 -33.09 -35.21
N PHE A 423 4.04 -32.84 -36.21
CA PHE A 423 3.93 -31.50 -36.79
C PHE A 423 3.48 -30.48 -35.75
N SER A 424 2.42 -30.81 -35.00
CA SER A 424 1.95 -29.91 -33.96
C SER A 424 2.96 -29.77 -32.84
N VAL A 425 3.70 -30.82 -32.54
CA VAL A 425 4.69 -30.77 -31.45
C VAL A 425 5.79 -29.78 -31.78
N ARG A 426 6.29 -29.81 -33.02
CA ARG A 426 7.35 -28.89 -33.41
C ARG A 426 6.83 -27.51 -33.76
N MET A 427 5.58 -27.41 -34.23
CA MET A 427 5.00 -26.12 -34.54
C MET A 427 4.83 -25.26 -33.29
N VAL A 428 4.80 -25.87 -32.10
CA VAL A 428 4.69 -25.10 -30.87
C VAL A 428 5.82 -24.09 -30.75
N ASP A 429 7.05 -24.52 -31.07
CA ASP A 429 8.19 -23.61 -31.00
C ASP A 429 8.10 -22.51 -32.05
N PHE A 430 7.48 -22.79 -33.20
CA PHE A 430 7.32 -21.78 -34.23
C PHE A 430 6.32 -20.71 -33.80
N TRP A 431 5.14 -21.12 -33.35
CA TRP A 431 4.14 -20.17 -32.89
C TRP A 431 4.61 -19.41 -31.65
N LEU A 432 5.48 -20.04 -30.85
CA LEU A 432 6.06 -19.34 -29.71
C LEU A 432 6.95 -18.19 -30.15
N ASP A 433 7.75 -18.41 -31.20
CA ASP A 433 8.60 -17.34 -31.73
C ASP A 433 7.77 -16.23 -32.36
N LEU A 434 6.65 -16.57 -33.00
CA LEU A 434 5.79 -15.55 -33.59
C LEU A 434 5.12 -14.71 -32.51
N SER A 435 4.74 -15.33 -31.40
CA SER A 435 4.14 -14.59 -30.30
C SER A 435 5.14 -13.62 -29.68
N ASP A 436 6.38 -14.06 -29.47
CA ASP A 436 7.40 -13.17 -28.95
C ASP A 436 7.77 -12.09 -29.95
N ALA A 437 7.72 -12.41 -31.24
CA ALA A 437 8.01 -11.40 -32.27
C ALA A 437 6.91 -10.35 -32.32
N TYR A 438 5.64 -10.77 -32.21
CA TYR A 438 4.54 -9.82 -32.20
C TYR A 438 4.58 -8.96 -30.95
N THR A 439 4.96 -9.53 -29.81
CA THR A 439 5.07 -8.75 -28.58
C THR A 439 6.21 -7.74 -28.66
N ASN A 440 7.23 -8.03 -29.45
CA ASN A 440 8.39 -7.16 -29.59
C ASN A 440 8.21 -6.07 -30.64
N LEU A 441 7.07 -6.03 -31.32
CA LEU A 441 6.86 -5.02 -32.34
C LEU A 441 6.67 -3.64 -31.72
N ALA A 442 7.05 -2.62 -32.47
CA ALA A 442 6.90 -1.25 -31.99
C ALA A 442 5.43 -0.83 -32.03
N SER A 443 5.06 0.05 -31.08
CA SER A 443 3.67 0.44 -30.96
C SER A 443 3.20 1.27 -32.16
N GLU A 444 4.05 2.17 -32.64
CA GLU A 444 3.66 3.05 -33.74
C GLU A 444 3.72 2.36 -35.10
N THR A 445 4.31 1.18 -35.18
CA THR A 445 4.44 0.46 -36.45
C THR A 445 3.39 -0.62 -36.63
N LEU A 446 2.49 -0.80 -35.66
CA LEU A 446 1.49 -1.85 -35.75
C LEU A 446 0.45 -1.52 -36.82
N ARG A 447 -0.11 -2.57 -37.42
CA ARG A 447 -1.17 -2.41 -38.39
C ARG A 447 -2.46 -1.98 -37.71
N PRO A 448 -3.39 -1.36 -38.45
CA PRO A 448 -4.69 -1.04 -37.86
C PRO A 448 -5.47 -2.26 -37.41
N ASN A 449 -5.41 -3.35 -38.17
CA ASN A 449 -6.06 -4.60 -37.82
C ASN A 449 -5.10 -5.60 -37.19
N SER A 450 -4.00 -5.12 -36.60
CA SER A 450 -3.00 -6.01 -36.02
C SER A 450 -3.57 -6.76 -34.82
N ILE A 451 -4.20 -6.04 -33.89
CA ILE A 451 -4.75 -6.68 -32.70
C ILE A 451 -5.87 -7.65 -33.07
N GLU A 452 -6.67 -7.30 -34.08
CA GLU A 452 -7.75 -8.17 -34.51
C GLU A 452 -7.20 -9.42 -35.21
N LEU A 453 -6.23 -9.25 -36.10
CA LEU A 453 -5.66 -10.40 -36.79
C LEU A 453 -4.89 -11.30 -35.84
N SER A 454 -4.18 -10.71 -34.88
CA SER A 454 -3.47 -11.50 -33.88
C SER A 454 -4.45 -12.27 -33.00
N THR A 455 -5.53 -11.62 -32.58
CA THR A 455 -6.53 -12.31 -31.77
C THR A 455 -7.19 -13.45 -32.52
N GLN A 456 -7.52 -13.23 -33.80
CA GLN A 456 -8.17 -14.27 -34.58
C GLN A 456 -7.25 -15.47 -34.79
N ILE A 457 -6.01 -15.22 -35.21
CA ILE A 457 -5.09 -16.32 -35.50
C ILE A 457 -4.75 -17.09 -34.23
N PHE A 458 -4.39 -16.39 -33.16
CA PHE A 458 -3.95 -17.07 -31.96
C PHE A 458 -5.08 -17.76 -31.22
N GLN A 459 -6.32 -17.29 -31.38
CA GLN A 459 -7.45 -18.03 -30.81
C GLN A 459 -7.72 -19.31 -31.58
N GLN A 460 -7.53 -19.29 -32.90
CA GLN A 460 -7.61 -20.53 -33.67
C GLN A 460 -6.53 -21.52 -33.25
N LEU A 461 -5.36 -21.01 -32.86
CA LEU A 461 -4.31 -21.88 -32.31
C LEU A 461 -4.79 -22.55 -31.03
N ILE A 462 -5.49 -21.80 -30.17
CA ILE A 462 -6.01 -22.38 -28.94
C ILE A 462 -7.05 -23.46 -29.26
N ASN A 463 -7.94 -23.18 -30.22
CA ASN A 463 -8.94 -24.17 -30.61
C ASN A 463 -8.31 -25.39 -31.27
N ILE A 464 -7.08 -25.27 -31.77
CA ILE A 464 -6.40 -26.40 -32.40
C ILE A 464 -5.62 -27.22 -31.39
N TYR A 465 -4.87 -26.55 -30.50
CA TYR A 465 -4.00 -27.24 -29.57
C TYR A 465 -4.73 -27.79 -28.35
N LEU A 466 -5.95 -27.30 -28.06
CA LEU A 466 -6.69 -27.84 -26.92
C LEU A 466 -7.10 -29.28 -27.14
N PRO A 467 -7.67 -29.69 -28.28
CA PRO A 467 -7.86 -31.13 -28.52
C PRO A 467 -6.55 -31.86 -28.77
N LYS A 468 -5.45 -31.14 -29.03
CA LYS A 468 -4.17 -31.79 -29.27
C LYS A 468 -3.58 -32.32 -27.97
N ILE A 469 -3.67 -31.55 -26.89
CA ILE A 469 -3.10 -31.94 -25.61
C ILE A 469 -4.17 -32.63 -24.77
N SER A 470 -5.26 -33.03 -25.42
CA SER A 470 -6.32 -33.74 -24.72
C SER A 470 -5.80 -35.06 -24.16
N LEU A 471 -6.26 -35.41 -22.96
CA LEU A 471 -5.80 -36.64 -22.32
C LEU A 471 -6.24 -37.89 -23.07
N SER A 472 -7.15 -37.77 -24.04
CA SER A 472 -7.48 -38.92 -24.87
C SER A 472 -6.29 -39.36 -25.72
N VAL A 473 -5.42 -38.42 -26.09
CA VAL A 473 -4.22 -38.77 -26.84
C VAL A 473 -3.29 -39.62 -25.98
N LYS A 474 -3.02 -39.16 -24.75
CA LYS A 474 -2.19 -39.94 -23.83
C LYS A 474 -2.83 -41.28 -23.50
N GLN A 475 -4.16 -41.33 -23.46
CA GLN A 475 -4.84 -42.60 -23.21
C GLN A 475 -4.54 -43.60 -24.33
N ARG A 476 -4.59 -43.17 -25.58
CA ARG A 476 -4.27 -44.06 -26.68
C ARG A 476 -2.79 -44.41 -26.72
N ILE A 477 -1.93 -43.53 -26.21
CA ILE A 477 -0.50 -43.81 -26.18
C ILE A 477 -0.20 -44.92 -25.17
N ILE A 478 -0.80 -44.83 -23.97
CA ILE A 478 -0.57 -45.86 -22.96
C ILE A 478 -1.25 -47.16 -23.35
N GLU A 479 -2.33 -47.10 -24.13
CA GLU A 479 -3.01 -48.31 -24.57
C GLU A 479 -2.21 -49.01 -25.66
N GLU A 480 -1.73 -48.25 -26.66
CA GLU A 480 -1.06 -48.86 -27.80
C GLU A 480 0.41 -49.15 -27.50
N GLU A 481 1.16 -48.14 -27.06
CA GLU A 481 2.60 -48.28 -26.84
C GLU A 481 2.96 -48.56 -25.39
N GLY A 482 2.01 -48.51 -24.47
CA GLY A 482 2.32 -48.79 -23.08
C GLY A 482 3.10 -47.66 -22.42
N GLU A 483 3.97 -48.04 -21.50
CA GLU A 483 4.80 -47.08 -20.77
C GLU A 483 6.14 -46.91 -21.49
N SER A 484 6.06 -46.32 -22.68
CA SER A 484 7.21 -46.07 -23.51
C SER A 484 7.64 -44.60 -23.39
N THR A 485 8.66 -44.23 -24.17
CA THR A 485 9.14 -42.86 -24.18
C THR A 485 8.15 -41.89 -24.83
N SER A 486 7.12 -42.39 -25.53
CA SER A 486 6.12 -41.51 -26.10
C SER A 486 5.33 -40.78 -25.02
N VAL A 487 5.21 -41.38 -23.83
CA VAL A 487 4.55 -40.71 -22.72
C VAL A 487 5.38 -39.51 -22.27
N ASN A 488 6.71 -39.68 -22.21
CA ASN A 488 7.59 -38.58 -21.82
C ASN A 488 7.55 -37.46 -22.87
N GLU A 489 7.50 -37.83 -24.15
CA GLU A 489 7.42 -36.82 -25.19
C GLU A 489 6.06 -36.12 -25.20
N PHE A 490 5.01 -36.81 -24.78
CA PHE A 490 3.70 -36.17 -24.68
C PHE A 490 3.66 -35.18 -23.53
N GLU A 491 4.33 -35.51 -22.42
CA GLU A 491 4.43 -34.56 -21.31
C GLU A 491 5.24 -33.33 -21.71
N ASP A 492 6.32 -33.53 -22.48
CA ASP A 492 7.06 -32.40 -23.03
C ASP A 492 6.21 -31.60 -24.00
N PHE A 493 5.29 -32.26 -24.71
CA PHE A 493 4.39 -31.56 -25.61
C PHE A 493 3.39 -30.70 -24.83
N ARG A 494 2.89 -31.23 -23.71
CA ARG A 494 1.96 -30.45 -22.89
C ARG A 494 2.68 -29.27 -22.24
N ASN A 495 3.92 -29.48 -21.77
CA ASN A 495 4.69 -28.38 -21.19
C ASN A 495 5.01 -27.32 -22.24
N ALA A 496 5.25 -27.72 -23.48
CA ALA A 496 5.53 -26.75 -24.54
C ALA A 496 4.28 -25.94 -24.86
N VAL A 497 3.11 -26.58 -24.88
CA VAL A 497 1.87 -25.84 -25.12
C VAL A 497 1.53 -24.97 -23.91
N SER A 498 1.90 -25.41 -22.71
CA SER A 498 1.67 -24.59 -21.52
C SER A 498 2.44 -23.28 -21.61
N ASP A 499 3.70 -23.34 -22.03
CA ASP A 499 4.47 -22.12 -22.25
C ASP A 499 3.94 -21.33 -23.44
N LEU A 500 3.34 -22.02 -24.42
CA LEU A 500 2.72 -21.32 -25.54
C LEU A 500 1.56 -20.47 -25.07
N ALA A 501 0.74 -21.00 -24.15
CA ALA A 501 -0.38 -20.23 -23.62
C ALA A 501 0.10 -19.07 -22.76
N GLN A 502 1.20 -19.27 -22.03
CA GLN A 502 1.74 -18.19 -21.22
C GLN A 502 2.22 -17.02 -22.09
N SER A 503 2.70 -17.32 -23.29
CA SER A 503 3.10 -16.25 -24.21
C SER A 503 1.91 -15.68 -24.97
N LEU A 504 0.86 -16.48 -25.16
CA LEU A 504 -0.33 -16.01 -25.85
C LEU A 504 -1.21 -15.12 -24.99
N TRP A 505 -1.13 -15.25 -23.67
CA TRP A 505 -1.98 -14.43 -22.80
C TRP A 505 -1.64 -12.96 -22.91
N SER A 506 -0.38 -12.63 -23.20
CA SER A 506 0.01 -11.24 -23.41
C SER A 506 -0.56 -10.66 -24.70
N ILE A 507 -1.20 -11.48 -25.53
CA ILE A 507 -1.78 -11.04 -26.79
C ILE A 507 -3.29 -11.17 -26.77
N LEU A 508 -3.81 -12.36 -26.45
CA LEU A 508 -5.25 -12.57 -26.41
C LEU A 508 -5.89 -11.86 -25.22
N GLY A 509 -5.17 -11.76 -24.10
CA GLY A 509 -5.72 -11.15 -22.91
C GLY A 509 -6.54 -12.11 -22.08
N ASN A 510 -7.21 -11.54 -21.08
CA ASN A 510 -8.00 -12.36 -20.16
C ASN A 510 -9.34 -12.75 -20.77
N ASP A 511 -9.98 -11.83 -21.52
CA ASP A 511 -11.31 -12.10 -22.01
C ASP A 511 -11.32 -13.03 -23.22
N ASN A 512 -10.24 -13.05 -24.00
CA ASN A 512 -10.17 -13.88 -25.18
C ASN A 512 -9.43 -15.19 -24.95
N LEU A 513 -8.72 -15.33 -23.84
CA LEU A 513 -8.03 -16.58 -23.51
C LEU A 513 -8.46 -17.14 -22.18
N THR A 514 -8.39 -16.35 -21.10
CA THR A 514 -8.68 -16.87 -19.77
C THR A 514 -10.18 -17.03 -19.56
N ASN A 515 -10.97 -16.00 -19.86
CA ASN A 515 -12.41 -16.07 -19.67
C ASN A 515 -13.06 -17.09 -20.59
N VAL A 516 -12.41 -17.47 -21.68
CA VAL A 516 -12.95 -18.52 -22.54
C VAL A 516 -12.93 -19.86 -21.83
N LEU A 517 -11.84 -20.14 -21.11
CA LEU A 517 -11.75 -21.40 -20.36
C LEU A 517 -12.66 -21.39 -19.15
N ILE A 518 -12.67 -20.29 -18.40
CA ILE A 518 -13.48 -20.23 -17.18
C ILE A 518 -14.96 -20.31 -17.50
N ASP A 519 -15.43 -19.50 -18.45
CA ASP A 519 -16.84 -19.54 -18.82
C ASP A 519 -17.22 -20.84 -19.53
N GLY A 520 -16.24 -21.54 -20.12
CA GLY A 520 -16.55 -22.81 -20.76
C GLY A 520 -16.86 -23.90 -19.74
N MET A 521 -16.18 -23.90 -18.60
CA MET A 521 -16.37 -24.90 -17.56
C MET A 521 -17.09 -24.35 -16.34
N GLY A 522 -17.54 -23.10 -16.37
CA GLY A 522 -18.15 -22.50 -15.20
C GLY A 522 -19.64 -22.26 -15.36
N GLN A 523 -20.10 -22.24 -16.61
CA GLN A 523 -21.50 -21.99 -16.91
C GLN A 523 -22.32 -23.26 -17.06
N MET A 524 -21.69 -24.43 -17.04
CA MET A 524 -22.38 -25.69 -17.16
C MET A 524 -21.87 -26.67 -16.10
N PRO A 525 -22.78 -27.40 -15.45
CA PRO A 525 -22.34 -28.39 -14.45
C PRO A 525 -21.77 -29.63 -15.13
N ALA A 526 -20.59 -30.06 -14.66
CA ALA A 526 -20.01 -31.28 -15.20
C ALA A 526 -20.65 -32.53 -14.61
N ALA A 527 -21.20 -32.43 -13.41
CA ALA A 527 -21.83 -33.57 -12.74
C ALA A 527 -23.14 -33.11 -12.14
N SER A 528 -24.25 -33.61 -12.68
CA SER A 528 -25.57 -33.26 -12.14
C SER A 528 -25.89 -34.09 -10.90
N ASP A 529 -25.48 -35.34 -10.88
CA ASP A 529 -25.69 -36.20 -9.72
C ASP A 529 -24.76 -35.79 -8.58
N GLU A 530 -25.19 -36.05 -7.36
CA GLU A 530 -24.39 -35.71 -6.18
C GLU A 530 -23.07 -36.48 -6.17
N THR A 531 -22.22 -36.11 -5.21
CA THR A 531 -20.85 -36.60 -5.04
C THR A 531 -19.95 -36.22 -6.21
N LEU A 532 -20.46 -35.48 -7.20
CA LEU A 532 -19.67 -34.93 -8.30
C LEU A 532 -18.97 -36.05 -9.09
N ILE A 533 -19.79 -36.88 -9.73
CA ILE A 533 -19.30 -37.91 -10.65
C ILE A 533 -19.70 -37.49 -12.06
N ILE A 534 -18.70 -37.34 -12.94
CA ILE A 534 -18.95 -36.81 -14.27
C ILE A 534 -19.60 -37.86 -15.18
N LYS A 535 -19.21 -39.13 -15.03
CA LYS A 535 -19.74 -40.26 -15.78
C LYS A 535 -19.47 -40.17 -17.28
N ASP A 536 -18.91 -39.06 -17.76
CA ASP A 536 -18.70 -38.83 -19.17
C ASP A 536 -17.23 -38.58 -19.44
N THR A 537 -16.70 -39.24 -20.47
CA THR A 537 -15.27 -39.19 -20.75
C THR A 537 -14.90 -37.98 -21.59
N ASP A 538 -15.76 -37.59 -22.53
CA ASP A 538 -15.44 -36.48 -23.43
C ASP A 538 -15.33 -35.17 -22.67
N VAL A 539 -16.34 -34.83 -21.87
CA VAL A 539 -16.29 -33.58 -21.12
C VAL A 539 -15.22 -33.64 -20.03
N LEU A 540 -14.92 -34.84 -19.51
CA LEU A 540 -13.87 -34.97 -18.51
C LEU A 540 -12.51 -34.64 -19.10
N PHE A 541 -12.23 -35.14 -20.31
CA PHE A 541 -10.98 -34.78 -20.99
C PHE A 541 -10.98 -33.30 -21.36
N ARG A 542 -12.12 -32.77 -21.79
CA ARG A 542 -12.20 -31.35 -22.14
C ARG A 542 -11.98 -30.47 -20.93
N ILE A 543 -12.57 -30.82 -19.79
CA ILE A 543 -12.43 -29.97 -18.61
C ILE A 543 -11.06 -30.13 -17.98
N GLU A 544 -10.42 -31.30 -18.15
CA GLU A 544 -9.06 -31.46 -17.63
C GLU A 544 -8.06 -30.66 -18.45
N THR A 545 -8.25 -30.60 -19.77
CA THR A 545 -7.41 -29.76 -20.61
C THR A 545 -7.57 -28.29 -20.25
N MET A 546 -8.82 -27.84 -20.07
CA MET A 546 -9.06 -26.45 -19.70
C MET A 546 -8.51 -26.15 -18.31
N CYS A 547 -8.56 -27.11 -17.38
CA CYS A 547 -8.00 -26.89 -16.05
C CYS A 547 -6.48 -26.78 -16.09
N PHE A 548 -5.83 -27.56 -16.96
CA PHE A 548 -4.38 -27.50 -17.06
C PHE A 548 -3.92 -26.18 -17.66
N VAL A 549 -4.57 -25.73 -18.73
CA VAL A 549 -4.18 -24.47 -19.37
C VAL A 549 -4.52 -23.30 -18.45
N LEU A 550 -5.68 -23.34 -17.79
CA LEU A 550 -6.05 -22.27 -16.87
C LEU A 550 -5.06 -22.18 -15.70
N ASN A 551 -4.53 -23.32 -15.26
CA ASN A 551 -3.57 -23.30 -14.17
C ASN A 551 -2.27 -22.62 -14.59
N THR A 552 -1.72 -23.02 -15.73
CA THR A 552 -0.47 -22.42 -16.20
C THR A 552 -0.61 -20.94 -16.51
N ILE A 553 -1.81 -20.47 -16.81
CA ILE A 553 -2.03 -19.05 -17.05
C ILE A 553 -2.17 -18.29 -15.74
N LEU A 554 -2.85 -18.89 -14.76
CA LEU A 554 -3.07 -18.22 -13.49
C LEU A 554 -1.82 -18.19 -12.61
N VAL A 555 -0.86 -19.09 -12.86
CA VAL A 555 0.39 -19.04 -12.12
C VAL A 555 1.13 -17.74 -12.40
N ASP A 556 1.10 -17.28 -13.65
CA ASP A 556 1.75 -16.03 -14.04
C ASP A 556 1.04 -14.80 -13.49
N MET A 557 -0.01 -14.96 -12.70
CA MET A 557 -0.80 -13.85 -12.18
C MET A 557 -0.56 -13.69 -10.67
N THR A 558 -1.26 -12.72 -10.09
CA THR A 558 -1.29 -12.50 -8.64
C THR A 558 -2.76 -12.32 -8.27
N LEU A 559 -3.35 -13.35 -7.67
CA LEU A 559 -4.79 -13.37 -7.40
C LEU A 559 -5.19 -12.57 -6.18
N SER A 560 -4.24 -11.91 -5.50
CA SER A 560 -4.57 -11.08 -4.35
C SER A 560 -4.86 -9.64 -4.76
N GLU A 561 -3.97 -9.05 -5.56
CA GLU A 561 -4.13 -7.67 -6.04
C GLU A 561 -5.19 -7.54 -7.13
N SER A 562 -5.78 -8.64 -7.59
CA SER A 562 -6.65 -8.62 -8.75
C SER A 562 -8.10 -8.81 -8.34
N PRO A 563 -8.97 -7.83 -8.59
CA PRO A 563 -10.41 -8.08 -8.42
C PRO A 563 -11.06 -8.75 -9.62
N TRP A 564 -10.36 -8.84 -10.76
CA TRP A 564 -10.93 -9.46 -11.94
C TRP A 564 -11.24 -10.92 -11.71
N ILE A 565 -10.38 -11.63 -10.97
CA ILE A 565 -10.59 -13.05 -10.72
C ILE A 565 -11.88 -13.28 -9.95
N LYS A 566 -12.24 -12.35 -9.05
CA LYS A 566 -13.49 -12.47 -8.32
C LYS A 566 -14.69 -12.19 -9.22
N ASN A 567 -14.53 -11.29 -10.20
CA ASN A 567 -15.66 -10.95 -11.07
C ASN A 567 -15.97 -12.09 -12.04
N ILE A 568 -14.94 -12.74 -12.58
CA ILE A 568 -15.17 -13.79 -13.57
C ILE A 568 -15.66 -15.07 -12.91
N VAL A 569 -15.22 -15.36 -11.69
CA VAL A 569 -15.67 -16.58 -11.02
C VAL A 569 -17.08 -16.42 -10.48
N ASP A 570 -17.41 -15.24 -9.93
CA ASP A 570 -18.76 -15.00 -9.45
C ASP A 570 -19.79 -15.03 -10.58
N ALA A 571 -19.37 -14.78 -11.82
CA ALA A 571 -20.25 -14.90 -12.96
C ALA A 571 -20.39 -16.34 -13.45
N ASN A 572 -19.72 -17.29 -12.80
CA ASN A 572 -19.80 -18.70 -13.15
C ASN A 572 -20.26 -19.48 -11.93
N LYS A 573 -21.47 -20.04 -12.00
CA LYS A 573 -22.03 -20.74 -10.85
C LYS A 573 -21.34 -22.09 -10.63
N PHE A 574 -21.07 -22.83 -11.71
CA PHE A 574 -20.58 -24.19 -11.60
C PHE A 574 -19.07 -24.29 -11.74
N PHE A 575 -18.34 -23.17 -11.66
CA PHE A 575 -16.89 -23.22 -11.84
C PHE A 575 -16.24 -24.04 -10.73
N ASN A 576 -16.38 -23.60 -9.48
CA ASN A 576 -15.77 -24.33 -8.36
C ASN A 576 -16.35 -25.72 -8.22
N GLN A 577 -17.64 -25.90 -8.53
CA GLN A 577 -18.24 -27.22 -8.47
C GLN A 577 -17.62 -28.16 -9.49
N ASN A 578 -17.29 -27.63 -10.68
CA ASN A 578 -16.67 -28.47 -11.70
C ASN A 578 -15.21 -28.75 -11.38
N VAL A 579 -14.52 -27.81 -10.73
CA VAL A 579 -13.12 -28.06 -10.35
C VAL A 579 -13.05 -29.18 -9.33
N ILE A 580 -13.91 -29.14 -8.31
CA ILE A 580 -13.97 -30.23 -7.35
C ILE A 580 -14.51 -31.49 -8.00
N SER A 581 -15.34 -31.34 -9.04
CA SER A 581 -15.83 -32.51 -9.77
C SER A 581 -14.67 -33.24 -10.46
N VAL A 582 -13.69 -32.50 -10.97
CA VAL A 582 -12.53 -33.13 -11.57
C VAL A 582 -11.71 -33.86 -10.53
N PHE A 583 -11.51 -33.25 -9.36
CA PHE A 583 -10.74 -33.88 -8.30
C PHE A 583 -11.42 -35.14 -7.78
N GLN A 584 -12.73 -35.06 -7.51
CA GLN A 584 -13.42 -36.20 -6.93
C GLN A 584 -13.61 -37.33 -7.94
N THR A 585 -13.83 -36.98 -9.21
CA THR A 585 -13.99 -38.02 -10.23
C THR A 585 -12.70 -38.80 -10.43
N GLY A 586 -11.56 -38.11 -10.49
CA GLY A 586 -10.30 -38.80 -10.67
C GLY A 586 -9.86 -39.55 -9.43
N PHE A 587 -10.11 -38.98 -8.25
CA PHE A 587 -9.68 -39.64 -7.01
C PHE A 587 -10.51 -40.88 -6.71
N GLN A 588 -11.82 -40.81 -6.96
CA GLN A 588 -12.70 -41.94 -6.71
C GLN A 588 -12.77 -42.92 -7.87
N THR A 589 -12.01 -42.68 -8.94
CA THR A 589 -12.00 -43.59 -10.08
C THR A 589 -11.24 -44.86 -9.72
N SER A 590 -11.91 -46.01 -9.89
CA SER A 590 -11.26 -47.28 -9.60
C SER A 590 -10.25 -47.61 -10.69
N ALA A 591 -9.01 -47.92 -10.28
CA ALA A 591 -7.93 -48.22 -11.21
C ALA A 591 -7.96 -49.71 -11.51
N SER A 592 -8.44 -50.07 -12.70
CA SER A 592 -8.48 -51.47 -13.13
C SER A 592 -7.24 -51.85 -13.92
N THR A 593 -7.00 -51.16 -15.03
CA THR A 593 -5.82 -51.38 -15.85
C THR A 593 -4.74 -50.37 -15.49
N LYS A 594 -3.62 -50.44 -16.21
CA LYS A 594 -2.54 -49.47 -15.99
C LYS A 594 -2.87 -48.12 -16.63
N VAL A 595 -3.67 -48.11 -17.69
CA VAL A 595 -4.06 -46.86 -18.32
C VAL A 595 -4.93 -46.04 -17.37
N SER A 596 -5.95 -46.67 -16.78
CA SER A 596 -6.81 -45.97 -15.83
C SER A 596 -6.05 -45.54 -14.59
N GLN A 597 -4.98 -46.26 -14.23
CA GLN A 597 -4.19 -45.88 -13.07
C GLN A 597 -3.36 -44.63 -13.34
N ILE A 598 -2.71 -44.58 -14.51
CA ILE A 598 -1.88 -43.42 -14.84
C ILE A 598 -2.75 -42.19 -15.08
N LEU A 599 -3.88 -42.38 -15.77
CA LEU A 599 -4.81 -41.27 -15.97
C LEU A 599 -5.36 -40.77 -14.63
N LYS A 600 -5.58 -41.69 -13.68
CA LYS A 600 -6.01 -41.29 -12.35
C LYS A 600 -5.01 -40.35 -11.70
N LEU A 601 -3.71 -40.68 -11.82
CA LEU A 601 -2.69 -39.79 -11.29
C LEU A 601 -2.66 -38.46 -12.03
N ASP A 602 -3.00 -38.47 -13.32
CA ASP A 602 -2.97 -37.22 -14.10
C ASP A 602 -4.12 -36.29 -13.71
N PHE A 603 -5.32 -36.84 -13.53
CA PHE A 603 -6.46 -36.02 -13.14
C PHE A 603 -6.24 -35.40 -11.76
N VAL A 604 -5.73 -36.18 -10.81
CA VAL A 604 -5.46 -35.66 -9.48
C VAL A 604 -4.35 -34.62 -9.53
N ARG A 605 -3.34 -34.84 -10.39
CA ARG A 605 -2.24 -33.89 -10.49
C ARG A 605 -2.71 -32.54 -11.02
N THR A 606 -3.49 -32.56 -12.10
CA THR A 606 -3.98 -31.31 -12.68
C THR A 606 -4.94 -30.59 -11.73
N SER A 607 -5.83 -31.34 -11.09
CA SER A 607 -6.80 -30.73 -10.19
C SER A 607 -6.11 -30.15 -8.95
N THR A 608 -5.25 -30.94 -8.30
CA THR A 608 -4.57 -30.47 -7.10
C THR A 608 -3.67 -29.28 -7.39
N THR A 609 -3.12 -29.21 -8.60
CA THR A 609 -2.26 -28.07 -8.96
C THR A 609 -3.09 -26.81 -9.14
N LEU A 610 -4.25 -26.92 -9.81
CA LEU A 610 -5.08 -25.74 -10.02
C LEU A 610 -5.67 -25.22 -8.70
N ILE A 611 -6.03 -26.13 -7.79
CA ILE A 611 -6.54 -25.71 -6.50
C ILE A 611 -5.49 -24.93 -5.72
N GLY A 612 -4.23 -25.37 -5.80
CA GLY A 612 -3.15 -24.64 -5.16
C GLY A 612 -2.91 -23.28 -5.78
N THR A 613 -3.17 -23.14 -7.08
CA THR A 613 -2.99 -21.85 -7.73
C THR A 613 -4.12 -20.90 -7.36
N LEU A 614 -5.33 -21.41 -7.17
CA LEU A 614 -6.50 -20.61 -6.79
C LEU A 614 -6.46 -20.16 -5.33
N ALA A 615 -5.34 -20.35 -4.62
CA ALA A 615 -5.29 -19.95 -3.21
C ALA A 615 -5.44 -18.45 -3.04
N GLY A 616 -4.96 -17.67 -4.02
CA GLY A 616 -5.13 -16.22 -3.95
C GLY A 616 -6.59 -15.81 -4.07
N TYR A 617 -7.33 -16.47 -4.96
CA TYR A 617 -8.76 -16.20 -5.09
C TYR A 617 -9.52 -16.63 -3.83
N PHE A 618 -9.08 -17.73 -3.20
CA PHE A 618 -9.73 -18.17 -1.96
C PHE A 618 -9.56 -17.14 -0.85
N LYS A 619 -8.46 -16.38 -0.87
CA LYS A 619 -8.30 -15.30 0.09
C LYS A 619 -9.26 -14.15 -0.18
N GLN A 620 -9.61 -13.93 -1.45
CA GLN A 620 -10.60 -12.92 -1.80
C GLN A 620 -12.03 -13.42 -1.65
N GLU A 621 -12.23 -14.74 -1.62
CA GLU A 621 -13.56 -15.34 -1.53
C GLU A 621 -13.49 -16.48 -0.52
N PRO A 622 -13.57 -16.16 0.77
CA PRO A 622 -13.32 -17.20 1.78
C PRO A 622 -14.40 -18.27 1.86
N PHE A 623 -15.66 -17.94 1.56
CA PHE A 623 -16.72 -18.93 1.72
C PHE A 623 -16.64 -20.05 0.68
N GLN A 624 -15.90 -19.84 -0.41
CA GLN A 624 -15.68 -20.90 -1.39
C GLN A 624 -14.51 -21.81 -1.01
N LEU A 625 -13.82 -21.51 0.09
CA LEU A 625 -12.69 -22.34 0.50
C LEU A 625 -13.14 -23.61 1.22
N ASN A 626 -14.29 -23.55 1.89
CA ASN A 626 -14.76 -24.70 2.66
C ASN A 626 -14.99 -25.96 1.82
N PRO A 627 -15.64 -25.90 0.65
CA PRO A 627 -15.85 -27.15 -0.11
C PRO A 627 -14.55 -27.82 -0.55
N TYR A 628 -13.47 -27.07 -0.70
CA TYR A 628 -12.21 -27.66 -1.14
C TYR A 628 -11.51 -28.41 -0.02
N VAL A 629 -11.43 -27.81 1.17
CA VAL A 629 -10.74 -28.46 2.29
C VAL A 629 -11.40 -29.78 2.64
N GLU A 630 -12.74 -29.79 2.70
CA GLU A 630 -13.46 -31.02 2.99
C GLU A 630 -13.24 -32.07 1.90
N ALA A 631 -13.26 -31.65 0.64
CA ALA A 631 -13.03 -32.59 -0.45
C ALA A 631 -11.61 -33.14 -0.44
N LEU A 632 -10.63 -32.33 -0.02
CA LEU A 632 -9.26 -32.81 0.06
C LEU A 632 -9.09 -33.78 1.22
N PHE A 633 -9.59 -33.41 2.41
CA PHE A 633 -9.45 -34.26 3.57
C PHE A 633 -10.28 -35.53 3.46
N GLN A 634 -11.41 -35.47 2.74
CA GLN A 634 -12.17 -36.69 2.46
C GLN A 634 -11.33 -37.66 1.63
N GLY A 635 -10.70 -37.16 0.56
CA GLY A 635 -9.78 -37.99 -0.20
C GLY A 635 -8.56 -38.37 0.60
N LEU A 636 -8.08 -37.45 1.44
CA LEU A 636 -6.96 -37.76 2.33
C LEU A 636 -7.30 -38.92 3.26
N HIS A 637 -8.56 -38.97 3.73
CA HIS A 637 -9.02 -40.11 4.50
C HIS A 637 -9.31 -41.31 3.62
N THR A 638 -9.80 -41.09 2.40
CA THR A 638 -10.05 -42.19 1.49
C THR A 638 -8.78 -42.97 1.18
N CYS A 639 -7.65 -42.28 1.11
CA CYS A 639 -6.36 -42.91 0.85
C CYS A 639 -5.60 -43.24 2.13
N THR A 640 -6.25 -43.18 3.30
CA THR A 640 -5.59 -43.44 4.56
C THR A 640 -6.18 -44.66 5.27
N ASN A 641 -7.47 -44.68 5.55
CA ASN A 641 -8.08 -45.74 6.35
C ASN A 641 -8.23 -47.05 5.58
N PHE A 642 -7.94 -47.07 4.29
CA PHE A 642 -7.98 -48.29 3.49
C PHE A 642 -6.58 -48.88 3.42
N THR A 643 -6.48 -50.19 3.63
CA THR A 643 -5.17 -50.85 3.62
C THR A 643 -5.05 -51.92 2.54
N SER A 644 -6.02 -52.03 1.62
CA SER A 644 -5.90 -53.00 0.53
C SER A 644 -4.74 -52.59 -0.38
N LYS A 645 -3.68 -53.42 -0.43
CA LYS A 645 -2.46 -53.12 -1.20
C LYS A 645 -2.07 -54.35 -2.03
N ASN A 646 -2.71 -54.51 -3.19
CA ASN A 646 -2.30 -55.50 -4.19
C ASN A 646 -1.87 -54.82 -5.49
N GLU A 647 -0.59 -54.48 -5.63
CA GLU A 647 0.44 -54.57 -4.59
C GLU A 647 1.22 -53.27 -4.70
N GLN A 648 1.33 -52.79 -5.94
CA GLN A 648 1.88 -51.48 -6.29
C GLN A 648 0.81 -50.41 -6.29
N GLU A 649 -0.36 -50.69 -5.72
CA GLU A 649 -1.39 -49.69 -5.59
C GLU A 649 -1.06 -48.70 -4.47
N LYS A 650 -0.22 -49.12 -3.51
CA LYS A 650 0.20 -48.22 -2.45
C LYS A 650 1.13 -47.12 -2.95
N ILE A 651 1.92 -47.39 -3.99
CA ILE A 651 2.80 -46.33 -4.51
C ILE A 651 2.00 -45.30 -5.29
N SER A 652 0.92 -45.71 -5.98
CA SER A 652 0.00 -44.74 -6.54
C SER A 652 -0.83 -44.10 -5.44
N ASN A 653 -1.13 -44.84 -4.38
CA ASN A 653 -1.80 -44.27 -3.22
C ASN A 653 -0.93 -43.22 -2.54
N ASP A 654 0.38 -43.49 -2.43
CA ASP A 654 1.28 -42.52 -1.81
C ASP A 654 1.44 -41.28 -2.67
N LYS A 655 1.47 -41.45 -3.99
CA LYS A 655 1.55 -40.29 -4.89
C LYS A 655 0.31 -39.41 -4.76
N LEU A 656 -0.87 -40.03 -4.68
CA LEU A 656 -2.08 -39.27 -4.43
C LEU A 656 -2.04 -38.58 -3.07
N GLU A 657 -1.58 -39.29 -2.04
CA GLU A 657 -1.47 -38.69 -0.71
C GLU A 657 -0.46 -37.55 -0.70
N VAL A 658 0.60 -37.65 -1.51
CA VAL A 658 1.57 -36.56 -1.59
C VAL A 658 0.96 -35.34 -2.29
N MET A 659 0.25 -35.56 -3.40
CA MET A 659 -0.34 -34.45 -4.12
C MET A 659 -1.44 -33.77 -3.33
N VAL A 660 -2.17 -34.52 -2.50
CA VAL A 660 -3.22 -33.92 -1.69
C VAL A 660 -2.62 -33.04 -0.60
N ILE A 661 -1.64 -33.58 0.14
CA ILE A 661 -1.03 -32.82 1.23
C ILE A 661 -0.22 -31.65 0.71
N LYS A 662 0.25 -31.69 -0.53
CA LYS A 662 0.95 -30.55 -1.11
C LYS A 662 -0.01 -29.39 -1.36
N THR A 663 -1.21 -29.68 -1.86
CA THR A 663 -2.20 -28.63 -2.08
C THR A 663 -2.68 -28.05 -0.76
N VAL A 664 -2.88 -28.91 0.25
CA VAL A 664 -3.25 -28.41 1.58
C VAL A 664 -2.15 -27.50 2.12
N SER A 665 -0.89 -27.85 1.86
CA SER A 665 0.22 -26.99 2.28
C SER A 665 0.22 -25.68 1.50
N THR A 666 -0.16 -25.73 0.22
CA THR A 666 -0.21 -24.50 -0.57
C THR A 666 -1.37 -23.61 -0.14
N LEU A 667 -2.54 -24.21 0.11
CA LEU A 667 -3.70 -23.42 0.56
C LEU A 667 -3.43 -22.81 1.93
N CYS A 668 -2.88 -23.60 2.85
CA CYS A 668 -2.53 -23.08 4.17
C CYS A 668 -1.43 -22.01 4.10
N GLU A 669 -0.63 -22.02 3.03
CA GLU A 669 0.45 -21.04 2.91
C GLU A 669 -0.10 -19.66 2.58
N THR A 670 -1.14 -19.60 1.74
CA THR A 670 -1.74 -18.33 1.34
C THR A 670 -2.96 -17.97 2.17
N CYS A 671 -3.81 -18.95 2.48
CA CYS A 671 -5.04 -18.73 3.24
C CYS A 671 -4.84 -19.04 4.73
N ARG A 672 -3.71 -18.63 5.30
CA ARG A 672 -3.45 -18.86 6.71
C ARG A 672 -4.56 -18.26 7.58
N GLU A 673 -4.99 -17.05 7.26
CA GLU A 673 -6.00 -16.39 8.07
C GLU A 673 -7.38 -17.00 7.88
N GLU A 674 -7.72 -17.37 6.64
CA GLU A 674 -9.05 -17.89 6.37
C GLU A 674 -9.25 -19.29 6.95
N LEU A 675 -8.17 -20.05 7.11
CA LEU A 675 -8.24 -21.41 7.64
C LEU A 675 -8.07 -21.46 9.15
N THR A 676 -8.30 -20.34 9.83
CA THR A 676 -8.21 -20.33 11.29
C THR A 676 -9.23 -21.23 11.98
N PRO A 677 -10.51 -21.25 11.59
CA PRO A 677 -11.45 -22.15 12.28
C PRO A 677 -11.10 -23.62 12.17
N TYR A 678 -10.32 -24.01 11.15
CA TYR A 678 -9.91 -25.40 11.00
C TYR A 678 -8.69 -25.75 11.85
N LEU A 679 -8.13 -24.79 12.59
CA LEU A 679 -6.92 -25.04 13.37
C LEU A 679 -7.17 -26.06 14.47
N MET A 680 -8.26 -25.87 15.24
CA MET A 680 -8.58 -26.82 16.30
C MET A 680 -8.86 -28.21 15.75
N HIS A 681 -9.39 -28.31 14.54
CA HIS A 681 -9.64 -29.60 13.92
C HIS A 681 -8.36 -30.22 13.37
N PHE A 682 -7.48 -29.39 12.80
CA PHE A 682 -6.25 -29.92 12.19
C PHE A 682 -5.30 -30.46 13.25
N ILE A 683 -5.10 -29.71 14.34
CA ILE A 683 -4.20 -30.17 15.40
C ILE A 683 -4.71 -31.48 15.99
N SER A 684 -6.03 -31.61 16.15
CA SER A 684 -6.61 -32.87 16.61
C SER A 684 -6.33 -33.98 15.60
N PHE A 685 -6.49 -33.68 14.31
CA PHE A 685 -6.15 -34.64 13.27
C PHE A 685 -4.65 -34.94 13.25
N LEU A 686 -3.82 -33.96 13.60
CA LEU A 686 -2.38 -34.18 13.64
C LEU A 686 -2.01 -35.14 14.77
N ASN A 687 -2.69 -35.05 15.92
CA ASN A 687 -2.39 -35.92 17.04
C ASN A 687 -2.68 -37.38 16.70
N THR A 688 -3.61 -37.62 15.79
CA THR A 688 -3.90 -38.98 15.33
C THR A 688 -2.99 -39.44 14.21
N VAL A 689 -2.41 -38.50 13.46
CA VAL A 689 -1.52 -38.87 12.35
C VAL A 689 -0.10 -39.11 12.86
N ILE A 690 0.36 -38.31 13.82
CA ILE A 690 1.72 -38.41 14.31
C ILE A 690 1.98 -39.69 15.09
N MET A 691 0.95 -40.49 15.35
CA MET A 691 1.14 -41.75 16.05
C MET A 691 2.05 -42.66 15.22
N PRO A 692 2.92 -43.44 15.88
CA PRO A 692 3.81 -44.33 15.11
C PRO A 692 3.07 -45.41 14.34
N ASP A 693 1.87 -45.79 14.80
CA ASP A 693 1.05 -46.78 14.12
C ASP A 693 0.01 -46.04 13.29
N SER A 694 0.27 -45.91 11.99
CA SER A 694 -0.63 -45.20 11.10
C SER A 694 -0.35 -45.65 9.67
N ASN A 695 -1.29 -45.35 8.78
CA ASN A 695 -1.19 -45.72 7.38
C ASN A 695 -0.72 -44.56 6.50
N VAL A 696 -0.39 -43.42 7.09
CA VAL A 696 0.07 -42.27 6.32
C VAL A 696 1.57 -42.39 6.08
N SER A 697 2.05 -41.72 5.04
CA SER A 697 3.47 -41.69 4.72
C SER A 697 4.17 -40.59 5.52
N HIS A 698 5.50 -40.69 5.57
CA HIS A 698 6.29 -39.71 6.31
C HIS A 698 6.29 -38.34 5.64
N PHE A 699 6.18 -38.31 4.30
CA PHE A 699 6.16 -37.02 3.61
C PHE A 699 4.92 -36.22 3.95
N THR A 700 3.76 -36.89 4.04
CA THR A 700 2.53 -36.18 4.38
C THR A 700 2.55 -35.68 5.81
N ARG A 701 3.28 -36.36 6.70
CA ARG A 701 3.42 -35.87 8.07
C ARG A 701 4.16 -34.54 8.10
N THR A 702 5.22 -34.41 7.30
CA THR A 702 6.01 -33.18 7.29
C THR A 702 5.20 -32.02 6.74
N LYS A 703 4.52 -32.22 5.61
CA LYS A 703 3.75 -31.14 5.01
C LYS A 703 2.51 -30.80 5.82
N LEU A 704 1.99 -31.74 6.61
CA LEU A 704 0.88 -31.43 7.50
C LEU A 704 1.33 -30.52 8.63
N VAL A 705 2.47 -30.82 9.24
CA VAL A 705 3.02 -29.94 10.27
C VAL A 705 3.33 -28.57 9.69
N ARG A 706 3.78 -28.54 8.43
CA ARG A 706 3.97 -27.26 7.75
C ARG A 706 2.64 -26.53 7.55
N SER A 707 1.58 -27.28 7.27
CA SER A 707 0.26 -26.66 7.12
C SER A 707 -0.27 -26.15 8.44
N ILE A 708 -0.15 -26.94 9.50
CA ILE A 708 -0.59 -26.50 10.82
C ILE A 708 0.23 -25.29 11.27
N GLY A 709 1.55 -25.33 11.03
CA GLY A 709 2.39 -24.19 11.37
C GLY A 709 2.04 -22.95 10.58
N TYR A 710 1.53 -23.12 9.36
CA TYR A 710 1.08 -21.97 8.58
C TYR A 710 -0.12 -21.30 9.24
N VAL A 711 -1.03 -22.09 9.81
CA VAL A 711 -2.21 -21.53 10.46
C VAL A 711 -1.85 -20.94 11.82
N VAL A 712 -0.92 -21.58 12.53
CA VAL A 712 -0.50 -21.06 13.83
C VAL A 712 0.29 -19.75 13.65
N GLN A 713 0.96 -19.59 12.51
CA GLN A 713 1.78 -18.40 12.30
C GLN A 713 0.93 -17.14 12.27
N CYS A 714 -0.31 -17.23 11.78
CA CYS A 714 -1.18 -16.07 11.68
C CYS A 714 -1.98 -15.81 12.95
N GLN A 715 -1.65 -16.50 14.05
CA GLN A 715 -2.33 -16.31 15.33
C GLN A 715 -1.57 -15.33 16.22
N VAL A 716 -1.04 -14.26 15.64
CA VAL A 716 -0.27 -13.26 16.38
C VAL A 716 -1.18 -12.17 16.90
N SER A 717 -2.49 -12.31 16.71
CA SER A 717 -3.43 -11.28 17.13
C SER A 717 -3.50 -11.20 18.66
N ASN A 718 -3.97 -12.27 19.30
CA ASN A 718 -4.23 -12.30 20.74
C ASN A 718 -2.97 -12.24 21.59
N GLY A 719 -1.80 -12.02 21.00
CA GLY A 719 -0.58 -11.89 21.75
C GLY A 719 0.29 -13.13 21.65
N PRO A 720 1.51 -13.04 22.16
CA PRO A 720 2.42 -14.19 22.09
C PRO A 720 2.04 -15.34 23.00
N GLU A 721 1.22 -15.10 24.02
CA GLU A 721 0.87 -16.17 24.96
C GLU A 721 -0.09 -17.18 24.31
N GLU A 722 -1.11 -16.68 23.62
CA GLU A 722 -2.08 -17.60 23.01
C GLU A 722 -1.47 -18.36 21.85
N GLN A 723 -0.60 -17.71 21.07
CA GLN A 723 0.05 -18.40 19.96
C GLN A 723 1.07 -19.42 20.45
N ALA A 724 1.78 -19.10 21.53
CA ALA A 724 2.76 -20.03 22.09
C ALA A 724 2.10 -21.28 22.67
N LYS A 725 0.81 -21.21 23.01
CA LYS A 725 0.11 -22.41 23.46
C LYS A 725 0.07 -23.45 22.35
N TYR A 726 -0.16 -23.03 21.11
CA TYR A 726 -0.11 -23.96 19.99
C TYR A 726 1.32 -24.40 19.71
N ILE A 727 2.27 -23.46 19.80
CA ILE A 727 3.66 -23.79 19.50
C ILE A 727 4.23 -24.75 20.54
N LEU A 728 3.91 -24.52 21.82
CA LEU A 728 4.39 -25.43 22.86
C LEU A 728 3.73 -26.81 22.73
N GLN A 729 2.45 -26.83 22.34
CA GLN A 729 1.78 -28.11 22.15
C GLN A 729 2.41 -28.91 21.01
N LEU A 730 2.71 -28.24 19.89
CA LEU A 730 3.36 -28.92 18.78
C LEU A 730 4.79 -29.32 19.14
N THR A 731 5.48 -28.49 19.92
CA THR A 731 6.84 -28.82 20.33
C THR A 731 6.85 -30.04 21.26
N ASN A 732 5.93 -30.07 22.23
CA ASN A 732 5.86 -31.20 23.14
C ASN A 732 5.38 -32.46 22.44
N LEU A 733 4.57 -32.31 21.38
CA LEU A 733 4.11 -33.48 20.63
C LEU A 733 5.22 -34.05 19.77
N LEU A 734 5.98 -33.19 19.08
CA LEU A 734 7.08 -33.66 18.25
C LEU A 734 8.22 -34.20 19.12
N SER A 735 8.66 -33.41 20.11
CA SER A 735 9.74 -33.86 20.98
C SER A 735 9.32 -35.06 21.83
N GLY A 736 8.06 -35.11 22.25
CA GLY A 736 7.60 -36.25 23.02
C GLY A 736 7.60 -37.54 22.22
N SER A 737 7.19 -37.47 20.96
CA SER A 737 7.19 -38.66 20.11
C SER A 737 8.60 -39.08 19.73
N ILE A 738 9.53 -38.13 19.62
CA ILE A 738 10.91 -38.47 19.32
C ILE A 738 11.55 -39.22 20.50
N GLU A 739 11.42 -38.67 21.70
CA GLU A 739 11.97 -39.33 22.88
C GLU A 739 11.27 -40.65 23.16
N HIS A 740 9.99 -40.75 22.81
CA HIS A 740 9.27 -42.01 22.99
C HIS A 740 9.80 -43.09 22.05
N CYS A 741 10.16 -42.71 20.82
CA CYS A 741 10.65 -43.69 19.86
C CYS A 741 12.10 -44.08 20.11
N LEU A 742 12.90 -43.19 20.68
CA LEU A 742 14.32 -43.45 20.86
C LEU A 742 14.60 -44.37 22.04
N ALA A 743 13.74 -44.38 23.06
CA ALA A 743 14.03 -45.04 24.31
C ALA A 743 13.25 -46.33 24.53
N SER A 744 12.42 -46.75 23.58
CA SER A 744 11.59 -47.94 23.78
C SER A 744 11.94 -49.06 22.79
N SER A 745 11.76 -48.83 21.50
CA SER A 745 12.00 -49.84 20.47
C SER A 745 13.33 -49.51 19.81
N VAL A 746 14.41 -50.17 20.25
CA VAL A 746 15.78 -49.89 19.84
C VAL A 746 15.84 -49.66 18.33
N GLN A 747 16.44 -48.54 17.94
CA GLN A 747 16.20 -47.96 16.63
C GLN A 747 16.67 -48.86 15.50
N LEU A 748 15.73 -49.25 14.64
CA LEU A 748 16.01 -49.96 13.40
C LEU A 748 15.84 -49.00 12.23
N GLN A 749 15.84 -49.55 11.01
CA GLN A 749 15.66 -48.70 9.83
C GLN A 749 14.30 -48.02 9.83
N GLU A 750 13.27 -48.71 10.32
CA GLU A 750 11.95 -48.08 10.41
C GLU A 750 11.96 -46.92 11.40
N GLN A 751 12.56 -47.11 12.56
CA GLN A 751 12.63 -46.04 13.56
C GLN A 751 13.51 -44.90 13.08
N GLN A 752 14.51 -45.19 12.25
CA GLN A 752 15.34 -44.12 11.70
C GLN A 752 14.53 -43.23 10.75
N ASP A 753 13.68 -43.85 9.92
CA ASP A 753 12.81 -43.06 9.05
C ASP A 753 11.76 -42.29 9.83
N TYR A 754 11.30 -42.86 10.96
CA TYR A 754 10.31 -42.16 11.77
C TYR A 754 10.93 -40.99 12.53
N ILE A 755 12.14 -41.18 13.06
CA ILE A 755 12.84 -40.08 13.72
C ILE A 755 13.20 -39.00 12.70
N ASN A 756 13.67 -39.40 11.52
CA ASN A 756 13.97 -38.43 10.47
C ASN A 756 12.73 -37.69 10.03
N CYS A 757 11.57 -38.37 10.02
CA CYS A 757 10.33 -37.72 9.65
C CYS A 757 9.96 -36.65 10.68
N LEU A 758 10.06 -36.97 11.96
CA LEU A 758 9.72 -36.00 13.00
C LEU A 758 10.72 -34.85 13.05
N LEU A 759 11.99 -35.11 12.75
CA LEU A 759 12.96 -34.03 12.67
C LEU A 759 12.65 -33.09 11.53
N TYR A 760 12.28 -33.63 10.37
CA TYR A 760 11.83 -32.78 9.27
C TYR A 760 10.54 -32.05 9.61
N CYS A 761 9.69 -32.65 10.45
CA CYS A 761 8.49 -31.96 10.90
C CYS A 761 8.83 -30.74 11.73
N ILE A 762 9.84 -30.85 12.59
CA ILE A 762 10.30 -29.70 13.36
C ILE A 762 10.86 -28.64 12.43
N SER A 763 11.52 -29.06 11.34
CA SER A 763 12.03 -28.10 10.37
C SER A 763 10.91 -27.42 9.62
N GLU A 764 9.88 -28.17 9.22
CA GLU A 764 8.74 -27.56 8.55
C GLU A 764 7.98 -26.63 9.48
N LEU A 765 7.92 -26.96 10.77
CA LEU A 765 7.29 -26.07 11.74
C LEU A 765 8.11 -24.80 11.94
N ALA A 766 9.43 -24.91 11.87
CA ALA A 766 10.28 -23.72 12.01
C ALA A 766 10.19 -22.82 10.78
N THR A 767 10.07 -23.43 9.60
CA THR A 767 9.97 -22.64 8.37
C THR A 767 8.59 -22.01 8.24
N SER A 768 7.54 -22.75 8.61
CA SER A 768 6.18 -22.23 8.48
C SER A 768 5.93 -21.07 9.43
N LEU A 769 6.61 -21.05 10.57
CA LEU A 769 6.43 -19.99 11.55
C LEU A 769 7.23 -18.74 11.22
N ILE A 770 7.98 -18.73 10.12
CA ILE A 770 8.71 -17.54 9.71
C ILE A 770 7.72 -16.52 9.15
N GLN A 771 7.83 -15.28 9.63
CA GLN A 771 6.95 -14.22 9.16
C GLN A 771 7.22 -13.94 7.69
N PRO A 772 6.21 -13.99 6.82
CA PRO A 772 6.44 -13.74 5.40
C PRO A 772 6.90 -12.31 5.15
N THR A 773 7.76 -12.15 4.15
CA THR A 773 8.27 -10.83 3.79
C THR A 773 7.19 -9.94 3.19
N GLU A 774 6.10 -10.52 2.68
CA GLU A 774 5.00 -9.76 2.10
C GLU A 774 4.35 -8.85 3.13
N LEU A 785 4.66 -5.95 18.11
CA LEU A 785 5.95 -6.38 17.57
C LEU A 785 6.95 -6.64 18.69
N SER A 786 7.19 -5.62 19.51
CA SER A 786 8.12 -5.74 20.62
C SER A 786 7.61 -6.68 21.70
N GLU A 787 6.29 -6.86 21.81
CA GLU A 787 5.75 -7.83 22.75
C GLU A 787 6.16 -9.24 22.36
N PHE A 788 6.13 -9.54 21.05
CA PHE A 788 6.60 -10.83 20.57
C PHE A 788 8.12 -10.92 20.63
N GLN A 789 8.82 -9.80 20.43
CA GLN A 789 10.28 -9.81 20.51
C GLN A 789 10.75 -10.09 21.94
N SER A 790 10.17 -9.41 22.92
CA SER A 790 10.56 -9.63 24.30
C SER A 790 10.11 -10.98 24.81
N PHE A 791 8.98 -11.49 24.32
CA PHE A 791 8.50 -12.80 24.74
C PHE A 791 9.42 -13.90 24.24
N TRP A 792 9.66 -13.94 22.92
CA TRP A 792 10.50 -15.00 22.35
C TRP A 792 11.97 -14.84 22.71
N SER A 793 12.39 -13.64 23.13
CA SER A 793 13.75 -13.51 23.68
C SER A 793 13.85 -14.17 25.04
N SER A 794 12.78 -14.14 25.83
CA SER A 794 12.73 -14.81 27.12
C SER A 794 12.22 -16.24 27.00
N ASP A 795 11.26 -16.47 26.09
CA ASP A 795 10.58 -17.74 25.84
C ASP A 795 10.35 -18.52 27.14
N PRO A 796 9.40 -18.09 27.97
CA PRO A 796 9.16 -18.79 29.24
C PRO A 796 8.76 -20.24 29.06
N LEU A 797 8.18 -20.61 27.91
CA LEU A 797 7.82 -22.00 27.65
C LEU A 797 9.01 -22.84 27.21
N GLN A 798 10.17 -22.23 27.01
CA GLN A 798 11.41 -22.93 26.65
C GLN A 798 11.23 -23.72 25.34
N ILE A 799 10.84 -22.99 24.30
CA ILE A 799 10.66 -23.62 23.00
C ILE A 799 12.01 -23.99 22.40
N ARG A 800 12.97 -23.06 22.44
CA ARG A 800 14.29 -23.36 21.91
C ARG A 800 15.01 -24.41 22.76
N SER A 801 14.75 -24.43 24.07
CA SER A 801 15.39 -25.41 24.93
C SER A 801 14.90 -26.82 24.63
N LYS A 802 13.60 -26.97 24.36
CA LYS A 802 13.05 -28.29 24.07
C LYS A 802 13.49 -28.78 22.71
N ILE A 803 13.54 -27.90 21.71
CA ILE A 803 13.92 -28.31 20.37
C ILE A 803 15.42 -28.62 20.32
N MET A 804 16.24 -27.79 20.96
CA MET A 804 17.68 -28.03 20.94
C MET A 804 18.03 -29.31 21.69
N CYS A 805 17.42 -29.54 22.85
CA CYS A 805 17.67 -30.77 23.59
C CYS A 805 17.13 -31.99 22.84
N THR A 806 16.09 -31.80 22.03
CA THR A 806 15.58 -32.90 21.22
C THR A 806 16.54 -33.26 20.10
N ILE A 807 17.09 -32.25 19.42
CA ILE A 807 18.09 -32.50 18.39
C ILE A 807 19.34 -33.09 19.02
N ASP A 808 19.69 -32.65 20.24
CA ASP A 808 20.84 -33.20 20.93
C ASP A 808 20.63 -34.68 21.27
N LYS A 809 19.42 -35.05 21.71
CA LYS A 809 19.14 -36.43 22.04
C LYS A 809 19.24 -37.34 20.82
N VAL A 810 18.90 -36.82 19.64
CA VAL A 810 19.01 -37.61 18.42
C VAL A 810 20.47 -37.71 17.98
N LEU A 811 21.20 -36.59 18.03
CA LEU A 811 22.58 -36.57 17.57
C LEU A 811 23.56 -37.15 18.58
N ASP A 812 23.14 -37.40 19.82
CA ASP A 812 24.01 -38.07 20.78
C ASP A 812 24.05 -39.57 20.56
N ASN A 813 23.18 -40.12 19.72
CA ASN A 813 23.20 -41.54 19.41
C ASN A 813 24.19 -41.79 18.28
N SER A 814 25.00 -42.84 18.43
CA SER A 814 26.01 -43.16 17.43
C SER A 814 25.38 -43.58 16.10
N ILE A 815 24.18 -44.16 16.14
CA ILE A 815 23.51 -44.61 14.93
C ILE A 815 22.96 -43.44 14.11
N TYR A 816 22.91 -42.24 14.67
CA TYR A 816 22.34 -41.08 14.00
C TYR A 816 23.35 -39.99 13.68
N CYS A 817 24.32 -39.76 14.57
CA CYS A 817 25.27 -38.67 14.35
C CYS A 817 26.12 -38.89 13.11
N LYS A 818 26.44 -40.14 12.79
CA LYS A 818 27.24 -40.46 11.62
C LYS A 818 26.41 -40.60 10.35
N ASN A 819 25.11 -40.30 10.42
CA ASN A 819 24.24 -40.31 9.26
C ASN A 819 24.12 -38.89 8.71
N SER A 820 24.29 -38.74 7.39
CA SER A 820 24.30 -37.41 6.80
C SER A 820 22.93 -36.76 6.80
N ALA A 821 21.86 -37.56 6.69
CA ALA A 821 20.52 -36.99 6.63
C ALA A 821 20.14 -36.32 7.94
N PHE A 822 20.50 -36.93 9.08
CA PHE A 822 20.16 -36.35 10.37
C PHE A 822 21.02 -35.15 10.70
N VAL A 823 22.30 -35.16 10.27
CA VAL A 823 23.14 -33.99 10.43
C VAL A 823 22.66 -32.85 9.55
N GLU A 824 22.23 -33.17 8.33
CA GLU A 824 21.74 -32.14 7.41
C GLU A 824 20.50 -31.45 7.98
N ILE A 825 19.50 -32.24 8.39
CA ILE A 825 18.27 -31.67 8.92
C ILE A 825 18.53 -31.03 10.28
N GLY A 826 19.55 -31.49 11.01
CA GLY A 826 19.87 -30.89 12.28
C GLY A 826 20.43 -29.48 12.13
N CYS A 827 21.38 -29.32 11.20
CA CYS A 827 21.95 -27.99 10.95
C CYS A 827 20.93 -27.05 10.30
N LEU A 828 19.91 -27.59 9.63
CA LEU A 828 18.89 -26.73 9.04
C LEU A 828 18.02 -26.10 10.11
N ILE A 829 17.59 -26.88 11.10
CA ILE A 829 16.71 -26.36 12.15
C ILE A 829 17.46 -25.33 12.99
N VAL A 830 18.72 -25.61 13.34
CA VAL A 830 19.49 -24.68 14.14
C VAL A 830 19.74 -23.39 13.37
N GLY A 831 19.92 -23.47 12.06
CA GLY A 831 20.19 -22.30 11.25
C GLY A 831 18.96 -21.69 10.62
N LYS A 832 17.78 -21.98 11.17
CA LYS A 832 16.55 -21.39 10.64
C LYS A 832 16.46 -19.91 10.99
N GLY A 833 16.80 -19.55 12.24
CA GLY A 833 16.76 -18.18 12.67
C GLY A 833 17.90 -17.31 12.20
N LEU A 834 18.89 -17.89 11.53
CA LEU A 834 20.03 -17.13 11.04
C LEU A 834 19.72 -16.47 9.72
N ASN A 835 20.39 -15.35 9.47
CA ASN A 835 20.25 -14.55 8.25
C ASN A 835 18.83 -14.05 8.04
N LEU A 836 18.06 -13.94 9.11
CA LEU A 836 16.73 -13.35 9.01
C LEU A 836 16.80 -11.84 9.22
N PRO A 837 15.87 -11.09 8.65
CA PRO A 837 15.88 -9.64 8.86
C PRO A 837 15.73 -9.27 10.33
N ASP A 838 16.64 -8.42 10.80
CA ASP A 838 16.64 -8.03 12.21
C ASP A 838 15.34 -7.32 12.56
N GLY A 839 14.85 -7.58 13.78
CA GLY A 839 13.59 -7.06 14.25
C GLY A 839 12.44 -8.04 14.17
N GLU A 840 12.55 -9.08 13.35
CA GLU A 840 11.51 -10.09 13.25
C GLU A 840 11.50 -10.95 14.50
N PRO A 841 10.39 -11.01 15.25
CA PRO A 841 10.35 -11.80 16.50
C PRO A 841 10.24 -13.30 16.22
N TYR A 842 11.33 -13.88 15.73
CA TYR A 842 11.35 -15.30 15.45
C TYR A 842 11.57 -16.10 16.74
N PHE A 843 10.89 -17.24 16.84
CA PHE A 843 10.92 -18.02 18.07
C PHE A 843 12.19 -18.84 18.19
N LEU A 844 12.69 -19.37 17.08
CA LEU A 844 13.82 -20.28 17.07
C LEU A 844 15.14 -19.58 16.74
N LYS A 845 15.20 -18.26 16.90
CA LYS A 845 16.42 -17.51 16.64
C LYS A 845 17.46 -17.84 17.71
N TYR A 846 18.55 -18.49 17.31
CA TYR A 846 19.62 -18.86 18.22
C TYR A 846 20.76 -17.84 18.15
N ASN A 847 21.42 -17.64 19.28
CA ASN A 847 22.57 -16.74 19.34
C ASN A 847 23.81 -17.46 18.83
N MET A 848 24.98 -16.83 19.01
CA MET A 848 26.21 -17.39 18.48
C MET A 848 26.72 -18.54 19.36
N SER A 849 26.66 -18.38 20.68
CA SER A 849 27.19 -19.39 21.58
C SER A 849 26.40 -20.70 21.51
N GLU A 850 25.09 -20.61 21.24
CA GLU A 850 24.29 -21.83 21.17
C GLU A 850 24.63 -22.64 19.93
N VAL A 851 24.73 -21.98 18.78
CA VAL A 851 25.11 -22.68 17.55
C VAL A 851 26.56 -23.14 17.61
N MET A 852 27.43 -22.36 18.26
CA MET A 852 28.83 -22.77 18.40
C MET A 852 28.95 -24.03 19.25
N ASN A 853 28.30 -24.04 20.41
CA ASN A 853 28.32 -25.23 21.27
C ASN A 853 27.63 -26.42 20.62
N PHE A 854 26.70 -26.18 19.69
CA PHE A 854 26.04 -27.28 18.99
C PHE A 854 27.00 -27.98 18.04
N VAL A 855 27.70 -27.21 17.21
CA VAL A 855 28.63 -27.80 16.25
C VAL A 855 29.79 -28.46 16.97
N LEU A 856 30.35 -27.79 17.99
CA LEU A 856 31.45 -28.36 18.76
C LEU A 856 31.04 -29.65 19.48
N ARG A 857 29.75 -29.83 19.74
CA ARG A 857 29.29 -31.00 20.47
C ARG A 857 29.28 -32.25 19.59
N HIS A 858 28.76 -32.13 18.37
CA HIS A 858 28.48 -33.28 17.53
C HIS A 858 29.46 -33.48 16.38
N VAL A 859 30.45 -32.60 16.23
CA VAL A 859 31.42 -32.73 15.15
C VAL A 859 32.45 -33.84 15.39
N PRO A 860 32.89 -34.15 16.65
CA PRO A 860 33.91 -35.20 16.79
C PRO A 860 33.34 -36.60 16.64
N ASN A 861 32.10 -36.79 17.11
CA ASN A 861 31.48 -38.11 17.14
C ASN A 861 30.79 -38.48 15.84
N CYS A 862 30.70 -37.57 14.88
CA CYS A 862 30.01 -37.83 13.63
C CYS A 862 31.00 -38.34 12.58
N GLU A 863 30.49 -38.62 11.38
CA GLU A 863 31.32 -39.03 10.26
C GLU A 863 31.83 -37.77 9.56
N LEU A 864 33.14 -37.54 9.63
CA LEU A 864 33.71 -36.29 9.12
C LEU A 864 33.60 -36.19 7.60
N ALA A 865 33.52 -37.32 6.91
CA ALA A 865 33.49 -37.29 5.45
C ALA A 865 32.20 -36.69 4.93
N THR A 866 31.05 -37.22 5.35
CA THR A 866 29.78 -36.86 4.76
C THR A 866 29.02 -35.80 5.53
N CYS A 867 29.34 -35.57 6.80
CA CYS A 867 28.56 -34.66 7.65
C CYS A 867 29.22 -33.30 7.85
N LEU A 868 30.47 -33.13 7.44
CA LEU A 868 31.19 -31.87 7.66
C LEU A 868 30.65 -30.72 6.81
N PRO A 869 30.32 -30.90 5.53
CA PRO A 869 29.77 -29.78 4.75
C PRO A 869 28.51 -29.17 5.35
N TYR A 870 27.76 -29.92 6.15
CA TYR A 870 26.56 -29.35 6.77
C TYR A 870 26.91 -28.48 7.96
N PHE A 871 27.89 -28.91 8.77
CA PHE A 871 28.33 -28.07 9.89
C PHE A 871 29.02 -26.81 9.39
N VAL A 872 29.80 -26.92 8.32
CA VAL A 872 30.51 -25.76 7.79
C VAL A 872 29.53 -24.76 7.17
N TYR A 873 28.53 -25.27 6.43
CA TYR A 873 27.51 -24.40 5.88
C TYR A 873 26.70 -23.73 6.98
N LEU A 874 26.50 -24.42 8.11
CA LEU A 874 25.87 -23.80 9.27
C LEU A 874 26.76 -22.71 9.85
N LEU A 875 28.08 -22.94 9.86
CA LEU A 875 29.01 -21.92 10.31
C LEU A 875 29.00 -20.69 9.39
N GLU A 876 28.80 -20.90 8.09
CA GLU A 876 28.73 -19.78 7.16
C GLU A 876 27.50 -18.92 7.43
N LYS A 877 26.39 -19.55 7.83
CA LYS A 877 25.21 -18.79 8.20
C LYS A 877 25.45 -17.97 9.46
N LEU A 878 26.13 -18.56 10.46
CA LEU A 878 26.42 -17.85 11.69
C LEU A 878 27.38 -16.69 11.45
N ILE A 879 28.35 -16.88 10.55
CA ILE A 879 29.30 -15.81 10.25
C ILE A 879 28.59 -14.64 9.56
N SER A 880 27.70 -14.93 8.62
CA SER A 880 26.99 -13.87 7.92
C SER A 880 26.00 -13.15 8.84
N GLU A 881 25.44 -13.85 9.82
CA GLU A 881 24.49 -13.23 10.74
C GLU A 881 25.18 -12.33 11.75
N PHE A 882 26.23 -12.85 12.41
CA PHE A 882 26.94 -12.12 13.44
C PHE A 882 28.19 -11.42 12.91
N ARG A 883 28.15 -10.98 11.64
CA ARG A 883 29.32 -10.35 11.03
C ARG A 883 29.74 -9.10 11.79
N LYS A 884 28.81 -8.42 12.44
CA LYS A 884 29.15 -7.19 13.15
C LYS A 884 29.91 -7.48 14.44
N GLU A 885 29.52 -8.54 15.16
CA GLU A 885 30.09 -8.87 16.45
C GLU A 885 31.20 -9.91 16.37
N LEU A 886 31.60 -10.33 15.17
CA LEU A 886 32.62 -11.36 15.04
C LEU A 886 34.01 -10.77 15.30
N THR A 887 34.90 -11.63 15.78
CA THR A 887 36.27 -11.29 16.12
C THR A 887 37.22 -12.23 15.40
N PRO A 888 38.32 -11.72 14.83
CA PRO A 888 39.29 -12.60 14.18
C PRO A 888 39.81 -13.72 15.07
N GLN A 889 39.86 -13.51 16.38
CA GLN A 889 40.23 -14.59 17.29
C GLN A 889 39.14 -15.67 17.34
N GLU A 890 37.87 -15.25 17.29
CA GLU A 890 36.78 -16.21 17.23
C GLU A 890 36.77 -16.98 15.91
N PHE A 891 37.15 -16.31 14.82
CA PHE A 891 37.23 -17.01 13.53
C PHE A 891 38.34 -18.05 13.54
N ASP A 892 39.46 -17.75 14.21
CA ASP A 892 40.52 -18.74 14.35
C ASP A 892 40.06 -19.93 15.20
N PHE A 893 39.20 -19.68 16.19
CA PHE A 893 38.69 -20.77 17.01
C PHE A 893 37.83 -21.72 16.19
N MET A 894 36.95 -21.17 15.34
CA MET A 894 36.12 -22.02 14.49
C MET A 894 36.97 -22.73 13.43
N PHE A 895 37.97 -22.05 12.89
CA PHE A 895 38.80 -22.66 11.85
C PHE A 895 39.65 -23.80 12.40
N GLU A 896 40.12 -23.67 13.64
CA GLU A 896 40.97 -24.71 14.22
C GLU A 896 40.16 -25.94 14.60
N LYS A 897 39.06 -25.76 15.33
CA LYS A 897 38.33 -26.89 15.88
C LYS A 897 37.60 -27.67 14.78
N ILE A 898 36.92 -26.96 13.88
CA ILE A 898 36.04 -27.62 12.93
C ILE A 898 36.78 -28.07 11.66
N LEU A 899 37.84 -27.36 11.26
CA LEU A 899 38.48 -27.62 9.98
C LEU A 899 39.94 -28.02 10.12
N LEU A 900 40.75 -27.26 10.86
CA LEU A 900 42.19 -27.48 10.83
C LEU A 900 42.58 -28.81 11.46
N VAL A 901 41.94 -29.20 12.57
CA VAL A 901 42.28 -30.44 13.23
C VAL A 901 41.98 -31.63 12.32
N TYR A 902 40.89 -31.55 11.56
CA TYR A 902 40.45 -32.63 10.69
C TYR A 902 41.00 -32.50 9.27
N TYR A 903 41.94 -31.58 9.04
CA TYR A 903 42.37 -31.28 7.68
C TYR A 903 43.33 -32.32 7.14
N ASP A 904 44.49 -32.49 7.79
CA ASP A 904 45.56 -33.31 7.23
C ASP A 904 45.16 -34.77 7.06
N ALA A 905 44.11 -35.22 7.75
CA ALA A 905 43.68 -36.61 7.67
C ALA A 905 42.47 -36.81 6.77
N TYR A 906 41.44 -35.96 6.92
CA TYR A 906 40.17 -36.20 6.26
C TYR A 906 39.84 -35.23 5.13
N ILE A 907 40.53 -34.09 5.04
CA ILE A 907 40.15 -33.01 4.13
C ILE A 907 41.08 -32.93 2.93
N ILE A 908 42.40 -32.98 3.16
CA ILE A 908 43.37 -32.69 2.11
C ILE A 908 43.25 -33.70 0.96
N ASN A 909 42.91 -34.94 1.26
CA ASN A 909 42.77 -35.98 0.24
C ASN A 909 41.33 -36.19 -0.20
N ASP A 910 40.40 -35.37 0.29
CA ASP A 910 39.00 -35.50 -0.08
C ASP A 910 38.59 -34.29 -0.92
N PRO A 911 38.15 -34.47 -2.17
CA PRO A 911 37.78 -33.31 -2.99
C PRO A 911 36.59 -32.56 -2.45
N ASP A 912 35.57 -33.26 -1.94
CA ASP A 912 34.39 -32.58 -1.43
C ASP A 912 34.73 -31.74 -0.20
N LEU A 913 35.48 -32.30 0.74
CA LEU A 913 35.88 -31.54 1.92
C LEU A 913 36.88 -30.44 1.56
N LEU A 914 37.66 -30.64 0.49
CA LEU A 914 38.58 -29.59 0.05
C LEU A 914 37.82 -28.39 -0.48
N GLN A 915 36.88 -28.62 -1.41
CA GLN A 915 36.05 -27.53 -1.91
C GLN A 915 35.19 -26.93 -0.82
N MET A 916 34.85 -27.72 0.20
CA MET A 916 34.10 -27.21 1.34
C MET A 916 34.90 -26.17 2.11
N THR A 917 36.18 -26.47 2.38
CA THR A 917 37.02 -25.52 3.10
C THR A 917 37.30 -24.28 2.27
N ILE A 918 37.53 -24.45 0.97
CA ILE A 918 37.78 -23.30 0.11
C ILE A 918 36.55 -22.41 0.04
N GLY A 919 35.36 -23.01 -0.10
CA GLY A 919 34.14 -22.23 -0.09
C GLY A 919 33.90 -21.53 1.23
N PHE A 920 34.39 -22.10 2.33
CA PHE A 920 34.27 -21.45 3.63
C PHE A 920 35.14 -20.19 3.69
N VAL A 921 36.39 -20.30 3.24
CA VAL A 921 37.27 -19.14 3.25
C VAL A 921 36.78 -18.07 2.28
N ASN A 922 36.23 -18.49 1.13
CA ASN A 922 35.67 -17.52 0.19
C ASN A 922 34.48 -16.79 0.79
N ASN A 923 33.68 -17.48 1.61
CA ASN A 923 32.57 -16.81 2.28
C ASN A 923 33.06 -15.76 3.27
N VAL A 924 34.16 -16.06 3.97
CA VAL A 924 34.72 -15.09 4.92
C VAL A 924 35.27 -13.88 4.16
N LEU A 925 35.89 -14.11 3.00
CA LEU A 925 36.38 -13.00 2.20
C LEU A 925 35.24 -12.16 1.63
N ASP A 926 34.08 -12.79 1.37
CA ASP A 926 32.94 -12.06 0.85
C ASP A 926 32.26 -11.22 1.94
N VAL A 927 32.26 -11.70 3.18
CA VAL A 927 31.55 -11.04 4.27
C VAL A 927 32.46 -10.04 4.96
N LYS A 928 33.52 -10.53 5.60
CA LYS A 928 34.43 -9.69 6.36
C LYS A 928 35.86 -10.16 6.12
N PRO A 929 36.59 -9.52 5.21
CA PRO A 929 37.98 -9.95 4.94
C PRO A 929 38.90 -9.79 6.13
N GLY A 930 38.61 -8.85 7.03
CA GLY A 930 39.47 -8.61 8.18
C GLY A 930 39.63 -9.80 9.09
N LEU A 931 38.66 -10.72 9.09
CA LEU A 931 38.78 -11.92 9.92
C LEU A 931 39.82 -12.88 9.37
N ALA A 932 39.82 -13.08 8.05
CA ALA A 932 40.76 -14.00 7.43
C ALA A 932 42.16 -13.41 7.35
N ILE A 933 42.26 -12.10 7.12
CA ILE A 933 43.58 -11.47 6.99
C ILE A 933 44.29 -11.42 8.34
N GLY A 934 43.55 -11.11 9.41
CA GLY A 934 44.14 -11.04 10.73
C GLY A 934 44.19 -12.37 11.44
N SER A 935 44.22 -13.46 10.68
CA SER A 935 44.26 -14.80 11.24
C SER A 935 45.70 -15.25 11.48
N LYS A 936 45.88 -16.05 12.53
CA LYS A 936 47.21 -16.61 12.81
C LYS A 936 47.60 -17.64 11.76
N HIS A 937 46.64 -18.29 11.13
CA HIS A 937 46.90 -19.31 10.11
C HIS A 937 46.80 -18.75 8.70
N TRP A 938 46.71 -17.43 8.55
CA TRP A 938 46.60 -16.83 7.23
C TRP A 938 47.87 -17.03 6.43
N THR A 939 49.00 -16.57 6.96
CA THR A 939 50.28 -16.70 6.27
C THR A 939 50.91 -18.08 6.46
N SER A 940 50.58 -18.78 7.54
CA SER A 940 51.21 -20.06 7.83
C SER A 940 50.49 -21.24 7.19
N PHE A 941 49.15 -21.19 7.12
CA PHE A 941 48.38 -22.32 6.63
C PHE A 941 47.55 -21.99 5.39
N ILE A 942 46.75 -20.92 5.44
CA ILE A 942 45.79 -20.67 4.37
C ILE A 942 46.50 -20.39 3.05
N LEU A 943 47.49 -19.50 3.08
CA LEU A 943 48.19 -19.16 1.84
C LEU A 943 49.02 -20.32 1.30
N PRO A 944 49.83 -21.04 2.10
CA PRO A 944 50.59 -22.16 1.51
C PRO A 944 49.72 -23.29 1.02
N GLN A 945 48.67 -23.65 1.76
CA GLN A 945 47.82 -24.77 1.35
C GLN A 945 47.08 -24.45 0.05
N PHE A 946 46.36 -23.32 0.02
CA PHE A 946 45.65 -22.94 -1.19
C PHE A 946 46.59 -22.67 -2.36
N LEU A 947 47.87 -22.43 -2.09
CA LEU A 947 48.84 -22.29 -3.17
C LEU A 947 49.08 -23.63 -3.86
N LYS A 948 49.15 -24.72 -3.08
CA LYS A 948 49.37 -26.04 -3.65
C LYS A 948 48.13 -26.58 -4.33
N LEU A 949 46.95 -26.09 -3.96
CA LEU A 949 45.68 -26.60 -4.51
C LEU A 949 45.32 -25.95 -5.84
N ILE A 950 46.16 -25.07 -6.38
CA ILE A 950 45.87 -24.38 -7.64
C ILE A 950 45.85 -25.36 -8.80
N PRO A 951 46.89 -26.22 -9.01
CA PRO A 951 46.87 -27.17 -10.13
C PRO A 951 46.17 -28.48 -9.78
N SER A 952 44.96 -28.38 -9.22
CA SER A 952 44.20 -29.58 -8.87
C SER A 952 43.67 -30.26 -10.12
N ARG A 953 43.33 -31.54 -9.96
CA ARG A 953 42.82 -32.34 -11.06
C ARG A 953 41.30 -32.36 -11.14
N GLU A 954 40.61 -31.84 -10.14
CA GLU A 954 39.16 -31.78 -10.12
C GLU A 954 38.70 -30.40 -10.63
N LYS A 955 37.68 -30.41 -11.49
CA LYS A 955 37.20 -29.17 -12.09
C LYS A 955 36.62 -28.24 -11.03
N PHE A 956 35.74 -28.76 -10.17
CA PHE A 956 35.12 -27.93 -9.15
C PHE A 956 36.15 -27.43 -8.13
N THR A 957 37.22 -28.18 -7.91
CA THR A 957 38.29 -27.70 -7.04
C THR A 957 39.07 -26.57 -7.72
N ILE A 958 39.24 -26.67 -9.04
CA ILE A 958 39.92 -25.60 -9.77
C ILE A 958 39.11 -24.31 -9.69
N VAL A 959 37.80 -24.40 -9.92
CA VAL A 959 36.93 -23.23 -9.83
C VAL A 959 36.92 -22.67 -8.42
N ALA A 960 37.04 -23.54 -7.41
CA ALA A 960 37.04 -23.07 -6.03
C ALA A 960 38.32 -22.29 -5.72
N VAL A 961 39.47 -22.85 -6.08
CA VAL A 961 40.74 -22.16 -5.81
C VAL A 961 40.85 -20.91 -6.66
N ALA A 962 40.43 -20.97 -7.91
CA ALA A 962 40.50 -19.80 -8.79
C ALA A 962 39.62 -18.66 -8.27
N LYS A 963 38.43 -19.00 -7.77
CA LYS A 963 37.56 -17.99 -7.20
C LYS A 963 38.14 -17.41 -5.92
N PHE A 964 38.89 -18.21 -5.16
CA PHE A 964 39.52 -17.72 -3.93
C PHE A 964 40.53 -16.61 -4.24
N TRP A 965 41.50 -16.90 -5.09
CA TRP A 965 42.52 -15.91 -5.41
C TRP A 965 41.93 -14.74 -6.20
N THR A 966 40.91 -14.99 -7.02
CA THR A 966 40.25 -13.90 -7.74
C THR A 966 39.57 -12.95 -6.77
N LYS A 967 38.84 -13.49 -5.78
CA LYS A 967 38.21 -12.65 -4.78
C LYS A 967 39.24 -11.98 -3.89
N LEU A 968 40.34 -12.69 -3.58
CA LEU A 968 41.38 -12.11 -2.75
C LEU A 968 42.04 -10.91 -3.43
N ILE A 969 42.12 -10.92 -4.75
CA ILE A 969 42.76 -9.84 -5.49
C ILE A 969 41.77 -8.73 -5.83
N ASN A 970 40.57 -9.08 -6.27
CA ASN A 970 39.59 -8.12 -6.75
C ASN A 970 38.61 -7.66 -5.68
N ASN A 971 38.92 -7.90 -4.41
CA ASN A 971 38.03 -7.48 -3.34
C ASN A 971 38.04 -5.96 -3.21
N LYS A 972 36.85 -5.36 -3.21
CA LYS A 972 36.70 -3.92 -3.06
C LYS A 972 36.37 -3.50 -1.64
N LYS A 973 36.12 -4.45 -0.74
CA LYS A 973 35.80 -4.17 0.65
C LYS A 973 37.03 -4.05 1.53
N TYR A 974 38.23 -4.05 0.94
CA TYR A 974 39.45 -3.97 1.72
C TYR A 974 39.63 -2.59 2.33
N ASN A 975 40.09 -2.56 3.58
CA ASN A 975 40.56 -1.33 4.18
C ASN A 975 41.89 -0.92 3.56
N GLN A 976 42.24 0.36 3.73
CA GLN A 976 43.49 0.86 3.15
C GLN A 976 44.70 0.15 3.74
N GLU A 977 44.66 -0.17 5.04
CA GLU A 977 45.71 -0.98 5.63
C GLU A 977 45.63 -2.42 5.16
N GLU A 978 44.40 -2.95 5.02
CA GLU A 978 44.23 -4.31 4.55
C GLU A 978 44.66 -4.45 3.09
N LEU A 979 44.41 -3.43 2.28
CA LEU A 979 44.82 -3.49 0.88
C LEU A 979 46.34 -3.49 0.74
N THR A 980 47.04 -2.71 1.58
CA THR A 980 48.49 -2.71 1.53
C THR A 980 49.07 -4.04 1.98
N THR A 981 48.49 -4.64 3.02
CA THR A 981 48.96 -5.94 3.49
C THR A 981 48.68 -7.03 2.46
N VAL A 982 47.54 -6.97 1.78
CA VAL A 982 47.22 -7.97 0.76
C VAL A 982 48.19 -7.85 -0.42
N ARG A 983 48.41 -6.63 -0.91
CA ARG A 983 49.34 -6.44 -2.01
C ARG A 983 50.76 -6.86 -1.62
N GLN A 984 51.13 -6.69 -0.35
CA GLN A 984 52.44 -7.14 0.11
C GLN A 984 52.54 -8.66 0.10
N GLN A 985 51.49 -9.34 0.56
CA GLN A 985 51.53 -10.80 0.63
C GLN A 985 51.44 -11.43 -0.76
N VAL A 986 50.62 -10.86 -1.64
CA VAL A 986 50.53 -11.39 -3.00
C VAL A 986 51.85 -11.24 -3.73
N SER A 987 52.58 -10.14 -3.46
CA SER A 987 53.90 -9.95 -4.05
C SER A 987 54.92 -10.91 -3.46
N SER A 988 54.70 -11.42 -2.24
CA SER A 988 55.64 -12.33 -1.63
C SER A 988 55.57 -13.71 -2.27
N ILE A 989 54.35 -14.22 -2.47
CA ILE A 989 54.15 -15.56 -3.02
C ILE A 989 53.75 -15.50 -4.50
N GLY A 990 54.02 -14.37 -5.17
CA GLY A 990 53.59 -14.23 -6.55
C GLY A 990 54.30 -15.17 -7.50
N GLY A 991 55.61 -15.36 -7.30
CA GLY A 991 56.35 -16.26 -8.17
C GLY A 991 55.88 -17.69 -8.07
N ASP A 992 55.74 -18.21 -6.84
CA ASP A 992 55.20 -19.54 -6.65
C ASP A 992 53.78 -19.66 -7.21
N LEU A 993 53.00 -18.58 -7.10
CA LEU A 993 51.61 -18.63 -7.53
C LEU A 993 51.49 -18.75 -9.04
N VAL A 994 52.18 -17.88 -9.79
CA VAL A 994 52.11 -17.93 -11.24
C VAL A 994 52.64 -19.26 -11.77
N TYR A 995 53.59 -19.86 -11.06
CA TYR A 995 54.07 -21.19 -11.45
C TYR A 995 52.96 -22.23 -11.35
N GLN A 996 52.16 -22.16 -10.28
CA GLN A 996 51.05 -23.10 -10.12
C GLN A 996 49.98 -22.88 -11.19
N ILE A 997 49.79 -21.64 -11.63
CA ILE A 997 48.81 -21.38 -12.67
C ILE A 997 49.24 -22.02 -13.98
N MET A 998 50.45 -21.74 -14.43
CA MET A 998 50.93 -22.29 -15.69
C MET A 998 51.16 -23.79 -15.59
N TYR A 999 51.43 -24.30 -14.39
CA TYR A 999 51.55 -25.74 -14.21
C TYR A 999 50.21 -26.43 -14.42
N GLY A 1000 49.15 -25.88 -13.83
CA GLY A 1000 47.82 -26.42 -14.05
C GLY A 1000 47.33 -26.18 -15.47
N LEU A 1001 47.59 -24.99 -16.01
CA LEU A 1001 47.17 -24.68 -17.37
C LEU A 1001 47.86 -25.59 -18.39
N PHE A 1002 49.11 -25.97 -18.12
CA PHE A 1002 49.81 -26.86 -19.04
C PHE A 1002 49.25 -28.28 -18.97
N HIS A 1003 49.10 -28.82 -17.75
CA HIS A 1003 48.68 -30.20 -17.58
C HIS A 1003 47.18 -30.40 -17.78
N THR A 1004 46.39 -29.33 -17.79
CA THR A 1004 44.96 -29.48 -18.00
C THR A 1004 44.65 -29.60 -19.50
N GLN A 1005 43.39 -29.89 -19.80
CA GLN A 1005 42.90 -29.91 -21.16
C GLN A 1005 41.63 -29.08 -21.26
N ARG A 1006 40.97 -29.11 -22.41
CA ARG A 1006 39.88 -28.20 -22.73
C ARG A 1006 38.77 -28.18 -21.67
N SER A 1007 38.01 -27.09 -21.66
CA SER A 1007 36.83 -26.82 -20.83
C SER A 1007 37.20 -26.31 -19.43
N ASP A 1008 38.47 -26.27 -19.06
CA ASP A 1008 38.89 -25.65 -17.81
C ASP A 1008 39.84 -24.48 -18.04
N LEU A 1009 40.00 -24.03 -19.29
CA LEU A 1009 40.89 -22.91 -19.57
C LEU A 1009 40.31 -21.60 -19.04
N ASN A 1010 39.00 -21.43 -19.16
CA ASN A 1010 38.36 -20.17 -18.75
C ASN A 1010 38.53 -19.92 -17.26
N SER A 1011 38.46 -20.98 -16.44
CA SER A 1011 38.58 -20.81 -15.00
C SER A 1011 39.94 -20.23 -14.62
N TYR A 1012 40.96 -20.44 -15.44
CA TYR A 1012 42.26 -19.83 -15.21
C TYR A 1012 42.33 -18.40 -15.75
N THR A 1013 41.60 -18.12 -16.83
CA THR A 1013 41.65 -16.79 -17.45
C THR A 1013 41.24 -15.70 -16.45
N ASP A 1014 40.07 -15.83 -15.84
CA ASP A 1014 39.62 -14.88 -14.83
C ASP A 1014 40.69 -14.64 -13.76
N LEU A 1015 41.44 -15.68 -13.41
CA LEU A 1015 42.54 -15.53 -12.46
C LEU A 1015 43.68 -14.73 -13.06
N LEU A 1016 44.18 -15.16 -14.22
CA LEU A 1016 45.29 -14.47 -14.87
C LEU A 1016 44.94 -13.02 -15.18
N ARG A 1017 43.67 -12.75 -15.55
CA ARG A 1017 43.27 -11.39 -15.84
C ARG A 1017 43.40 -10.49 -14.61
N ALA A 1018 43.00 -10.99 -13.44
CA ALA A 1018 43.06 -10.18 -12.22
C ALA A 1018 44.50 -9.97 -11.78
N LEU A 1019 45.34 -11.00 -11.92
CA LEU A 1019 46.73 -10.88 -11.49
C LEU A 1019 47.49 -9.90 -12.37
N VAL A 1020 47.19 -9.86 -13.66
CA VAL A 1020 47.86 -8.93 -14.56
C VAL A 1020 47.34 -7.52 -14.34
N ALA A 1021 46.04 -7.37 -14.11
CA ALA A 1021 45.46 -6.04 -13.93
C ALA A 1021 45.92 -5.41 -12.63
N LYS A 1022 46.00 -6.20 -11.55
CA LYS A 1022 46.38 -5.64 -10.25
C LYS A 1022 47.88 -5.49 -10.11
N PHE A 1023 48.65 -6.44 -10.64
CA PHE A 1023 50.12 -6.42 -10.55
C PHE A 1023 50.70 -6.59 -11.94
N PRO A 1024 50.64 -5.54 -12.76
CA PRO A 1024 51.18 -5.67 -14.13
C PRO A 1024 52.70 -5.68 -14.18
N ILE A 1025 53.37 -5.00 -13.25
CA ILE A 1025 54.84 -4.93 -13.30
C ILE A 1025 55.44 -6.28 -12.93
N GLU A 1026 55.05 -6.82 -11.77
CA GLU A 1026 55.58 -8.10 -11.34
C GLU A 1026 55.03 -9.27 -12.16
N ALA A 1027 54.02 -9.04 -12.99
CA ALA A 1027 53.50 -10.12 -13.83
C ALA A 1027 54.56 -10.61 -14.81
N ARG A 1028 55.28 -9.67 -15.45
CA ARG A 1028 56.35 -10.08 -16.36
C ARG A 1028 57.50 -10.72 -15.59
N GLU A 1029 57.82 -10.19 -14.41
CA GLU A 1029 58.90 -10.78 -13.61
C GLU A 1029 58.56 -12.21 -13.18
N TRP A 1030 57.29 -12.48 -12.91
CA TRP A 1030 56.87 -13.81 -12.51
C TRP A 1030 56.66 -14.74 -13.70
N LEU A 1031 56.40 -14.19 -14.88
CA LEU A 1031 56.20 -15.03 -16.06
C LEU A 1031 57.52 -15.48 -16.66
N VAL A 1032 58.53 -14.62 -16.67
CA VAL A 1032 59.84 -14.99 -17.22
C VAL A 1032 60.55 -16.03 -16.38
N ALA A 1033 60.08 -16.28 -15.16
CA ALA A 1033 60.63 -17.30 -14.29
C ALA A 1033 59.81 -18.59 -14.27
N VAL A 1034 58.49 -18.47 -14.37
CA VAL A 1034 57.62 -19.64 -14.33
C VAL A 1034 57.47 -20.29 -15.70
N LEU A 1035 57.57 -19.51 -16.78
CA LEU A 1035 57.40 -20.07 -18.11
C LEU A 1035 58.51 -21.05 -18.48
N PRO A 1036 59.80 -20.73 -18.33
CA PRO A 1036 60.83 -21.70 -18.74
C PRO A 1036 60.83 -22.96 -17.89
N GLN A 1037 60.38 -22.87 -16.63
CA GLN A 1037 60.34 -24.07 -15.80
C GLN A 1037 59.26 -25.04 -16.28
N ILE A 1038 58.09 -24.52 -16.63
CA ILE A 1038 57.00 -25.36 -17.13
C ILE A 1038 57.13 -25.51 -18.64
N ALA A 1043 58.79 -23.76 -26.32
CA ALA A 1043 59.46 -23.30 -25.11
C ALA A 1043 59.72 -21.80 -25.17
N GLY A 1044 60.69 -21.41 -26.00
CA GLY A 1044 60.98 -20.00 -26.18
C GLY A 1044 59.82 -19.19 -26.72
N HIS A 1045 58.95 -19.84 -27.50
CA HIS A 1045 57.78 -19.18 -28.07
C HIS A 1045 56.80 -18.71 -27.00
N GLU A 1046 56.87 -19.25 -25.78
CA GLU A 1046 56.00 -18.80 -24.71
C GLU A 1046 56.13 -17.30 -24.47
N LYS A 1047 57.32 -16.74 -24.68
CA LYS A 1047 57.52 -15.30 -24.50
C LYS A 1047 56.51 -14.48 -25.30
N PHE A 1048 56.00 -15.03 -26.41
CA PHE A 1048 55.06 -14.29 -27.24
C PHE A 1048 53.80 -13.88 -26.48
N ILE A 1049 53.33 -14.72 -25.55
CA ILE A 1049 52.12 -14.38 -24.82
C ILE A 1049 52.36 -13.20 -23.88
N ASN A 1050 53.60 -13.04 -23.39
CA ASN A 1050 53.90 -11.97 -22.44
C ASN A 1050 53.55 -10.60 -23.03
N LYS A 1051 54.08 -10.31 -24.21
CA LYS A 1051 53.79 -9.02 -24.85
C LYS A 1051 52.31 -8.90 -25.19
N LEU A 1052 51.70 -9.98 -25.69
CA LEU A 1052 50.33 -9.92 -26.18
C LEU A 1052 49.29 -9.96 -25.07
N LEU A 1053 49.63 -10.49 -23.88
CA LEU A 1053 48.67 -10.56 -22.80
C LEU A 1053 48.64 -9.28 -21.97
N ILE A 1054 49.81 -8.77 -21.58
CA ILE A 1054 49.86 -7.54 -20.78
C ILE A 1054 49.32 -6.37 -21.59
N THR A 1055 49.50 -6.38 -22.91
CA THR A 1055 48.96 -5.32 -23.75
C THR A 1055 47.43 -5.26 -23.66
N ARG A 1056 46.78 -6.40 -23.46
CA ARG A 1056 45.33 -6.42 -23.43
C ARG A 1056 44.79 -5.81 -22.13
N GLY A 1057 45.43 -6.12 -21.01
CA GLY A 1057 44.94 -5.69 -19.72
C GLY A 1057 43.88 -6.61 -19.15
N SER A 1058 42.76 -6.78 -19.86
CA SER A 1058 41.67 -7.64 -19.44
C SER A 1058 40.63 -7.70 -20.55
N ARG A 1059 39.57 -8.49 -20.31
CA ARG A 1059 38.32 -8.56 -21.06
C ARG A 1059 38.44 -9.34 -22.37
N ALA A 1060 39.64 -9.65 -22.85
CA ALA A 1060 39.77 -10.47 -24.04
C ALA A 1060 40.96 -11.42 -23.95
N ALA A 1061 41.34 -11.80 -22.75
CA ALA A 1061 42.34 -12.85 -22.55
C ALA A 1061 41.69 -14.19 -22.87
N GLY A 1062 42.42 -15.28 -22.61
CA GLY A 1062 41.95 -16.58 -23.02
C GLY A 1062 42.14 -16.80 -24.51
N ASN A 1063 41.60 -15.89 -25.33
CA ASN A 1063 41.91 -15.89 -26.75
C ASN A 1063 43.41 -15.80 -26.99
N VAL A 1064 44.11 -15.03 -26.16
CA VAL A 1064 45.56 -15.01 -26.20
C VAL A 1064 46.13 -16.26 -25.51
N ILE A 1065 45.38 -16.82 -24.56
CA ILE A 1065 45.91 -17.91 -23.74
C ILE A 1065 45.86 -19.23 -24.49
N LEU A 1066 44.75 -19.54 -25.18
CA LEU A 1066 44.68 -20.83 -25.86
C LEU A 1066 45.60 -20.86 -27.08
N GLN A 1067 45.85 -19.71 -27.71
CA GLN A 1067 46.87 -19.65 -28.74
C GLN A 1067 48.26 -19.89 -28.17
N TRP A 1068 48.42 -19.79 -26.85
CA TRP A 1068 49.63 -20.18 -26.16
C TRP A 1068 49.60 -21.65 -25.75
N TRP A 1069 48.44 -22.12 -25.27
CA TRP A 1069 48.29 -23.54 -24.94
C TRP A 1069 48.43 -24.40 -26.20
N LEU A 1070 47.84 -23.96 -27.31
CA LEU A 1070 47.96 -24.69 -28.56
C LEU A 1070 49.41 -24.82 -28.99
N ASP A 1071 50.19 -23.75 -28.84
CA ASP A 1071 51.62 -23.80 -29.17
C ASP A 1071 52.36 -24.71 -28.21
N CYS A 1072 52.25 -24.46 -26.90
CA CYS A 1072 52.98 -25.20 -25.89
C CYS A 1072 52.49 -26.63 -25.71
N THR A 1073 51.53 -27.10 -26.50
CA THR A 1073 51.04 -28.47 -26.36
C THR A 1073 51.75 -29.43 -27.30
N THR A 1074 51.93 -29.05 -28.56
CA THR A 1074 52.52 -29.93 -29.54
C THR A 1074 54.00 -30.18 -29.25
N LEU A 1075 54.79 -29.11 -29.12
CA LEU A 1075 56.23 -29.20 -28.90
C LEU A 1075 56.91 -30.09 -29.95
N GLN B 4 25.78 -68.72 -21.21
CA GLN B 4 26.73 -67.63 -21.05
C GLN B 4 26.99 -66.93 -22.38
N VAL B 5 26.37 -65.76 -22.56
CA VAL B 5 26.52 -64.95 -23.76
C VAL B 5 27.20 -63.65 -23.37
N GLN B 6 28.22 -63.26 -24.14
CA GLN B 6 29.00 -62.07 -23.85
C GLN B 6 29.02 -61.13 -25.04
N PHE B 7 29.16 -59.84 -24.75
CA PHE B 7 29.23 -58.79 -25.76
C PHE B 7 30.36 -57.84 -25.40
N LYS B 8 30.93 -57.21 -26.43
CA LYS B 8 32.02 -56.26 -26.24
C LYS B 8 31.43 -54.85 -26.20
N LEU B 9 31.73 -54.12 -25.12
CA LEU B 9 31.25 -52.76 -24.94
C LEU B 9 32.44 -51.81 -24.93
N VAL B 10 32.35 -50.74 -25.70
CA VAL B 10 33.39 -49.72 -25.79
C VAL B 10 32.82 -48.42 -25.24
N LEU B 11 33.42 -47.91 -24.16
CA LEU B 11 33.00 -46.67 -23.52
C LEU B 11 33.95 -45.56 -23.94
N VAL B 12 33.41 -44.55 -24.63
CA VAL B 12 34.21 -43.44 -25.12
C VAL B 12 33.59 -42.14 -24.61
N GLY B 13 34.36 -41.07 -24.74
CA GLY B 13 33.95 -39.75 -24.28
C GLY B 13 35.14 -38.91 -23.90
N ASP B 14 34.89 -37.63 -23.74
CA ASP B 14 35.96 -36.71 -23.37
C ASP B 14 36.47 -36.99 -21.96
N GLY B 15 37.67 -36.50 -21.67
CA GLY B 15 38.26 -36.72 -20.37
C GLY B 15 37.51 -35.94 -19.29
N GLY B 16 37.23 -36.61 -18.18
CA GLY B 16 36.52 -35.98 -17.07
C GLY B 16 35.02 -36.09 -17.11
N THR B 17 34.47 -36.89 -18.03
CA THR B 17 33.02 -37.04 -18.13
C THR B 17 32.48 -38.10 -17.17
N GLY B 18 33.33 -38.74 -16.39
CA GLY B 18 32.88 -39.74 -15.45
C GLY B 18 32.80 -41.14 -15.99
N LYS B 19 33.59 -41.47 -17.02
CA LYS B 19 33.56 -42.82 -17.58
C LYS B 19 34.10 -43.83 -16.58
N THR B 20 35.27 -43.57 -16.01
CA THR B 20 35.83 -44.48 -15.01
C THR B 20 34.97 -44.52 -13.76
N THR B 21 34.36 -43.39 -13.39
CA THR B 21 33.47 -43.38 -12.24
C THR B 21 32.18 -44.13 -12.52
N PHE B 22 31.73 -44.15 -13.78
CA PHE B 22 30.50 -44.84 -14.13
C PHE B 22 30.69 -46.36 -14.06
N VAL B 23 31.79 -46.87 -14.60
CA VAL B 23 32.03 -48.31 -14.58
C VAL B 23 32.38 -48.78 -13.17
N LYS B 24 33.03 -47.93 -12.37
CA LYS B 24 33.34 -48.31 -11.00
C LYS B 24 32.11 -48.28 -10.12
N ARG B 25 31.14 -47.41 -10.43
CA ARG B 25 29.89 -47.40 -9.68
C ARG B 25 29.07 -48.65 -9.95
N HIS B 26 29.15 -49.20 -11.17
CA HIS B 26 28.43 -50.42 -11.50
C HIS B 26 29.17 -51.68 -11.08
N LEU B 27 30.48 -51.59 -10.83
CA LEU B 27 31.28 -52.76 -10.49
C LEU B 27 31.37 -52.94 -8.97
N THR B 28 31.94 -51.97 -8.28
CA THR B 28 32.14 -52.04 -6.84
C THR B 28 31.11 -51.22 -6.06
N GLY B 29 30.23 -50.50 -6.73
CA GLY B 29 29.26 -49.68 -6.04
C GLY B 29 29.81 -48.46 -5.36
N GLU B 30 31.07 -48.12 -5.60
CA GLU B 30 31.72 -46.97 -4.98
C GLU B 30 31.77 -45.80 -5.96
N PHE B 31 31.67 -44.60 -5.40
CA PHE B 31 31.78 -43.36 -6.18
C PHE B 31 33.16 -42.76 -5.95
N GLU B 32 33.95 -42.67 -7.01
CA GLU B 32 35.30 -42.12 -6.93
C GLU B 32 35.23 -40.60 -7.00
N LYS B 33 35.67 -39.93 -5.94
CA LYS B 33 35.63 -38.47 -5.91
C LYS B 33 36.81 -37.87 -6.66
N LYS B 34 38.00 -38.42 -6.48
CA LYS B 34 39.17 -37.91 -7.17
C LYS B 34 39.14 -38.27 -8.64
N TYR B 35 39.76 -37.43 -9.47
CA TYR B 35 39.82 -37.64 -10.91
C TYR B 35 41.17 -38.21 -11.29
N VAL B 36 41.19 -39.48 -11.70
CA VAL B 36 42.39 -40.14 -12.18
C VAL B 36 42.20 -40.41 -13.66
N ALA B 37 42.97 -39.71 -14.50
CA ALA B 37 42.85 -39.89 -15.94
C ALA B 37 43.22 -41.30 -16.34
N THR B 38 42.31 -41.96 -17.07
CA THR B 38 42.52 -43.33 -17.48
C THR B 38 43.66 -43.40 -18.50
N LEU B 39 44.61 -44.30 -18.26
CA LEU B 39 45.73 -44.51 -19.17
C LEU B 39 45.38 -45.64 -20.14
N GLY B 40 45.32 -45.32 -21.42
CA GLY B 40 44.97 -46.30 -22.42
C GLY B 40 43.54 -46.78 -22.32
N VAL B 41 43.35 -48.08 -22.12
CA VAL B 41 42.03 -48.66 -21.97
C VAL B 41 42.01 -49.55 -20.73
N GLU B 42 40.82 -49.69 -20.14
CA GLU B 42 40.59 -50.59 -19.02
C GLU B 42 39.35 -51.42 -19.34
N VAL B 43 39.53 -52.72 -19.55
CA VAL B 43 38.43 -53.63 -19.87
C VAL B 43 38.04 -54.38 -18.61
N HIS B 44 36.75 -54.37 -18.31
CA HIS B 44 36.23 -55.01 -17.11
C HIS B 44 34.92 -55.72 -17.42
N PRO B 45 34.65 -56.84 -16.77
CA PRO B 45 33.39 -57.55 -16.97
C PRO B 45 32.29 -57.06 -16.05
N LEU B 46 31.07 -57.06 -16.59
CA LEU B 46 29.87 -56.71 -15.84
C LEU B 46 28.79 -57.75 -16.12
N VAL B 47 28.31 -58.41 -15.06
CA VAL B 47 27.33 -59.49 -15.20
C VAL B 47 25.95 -58.95 -14.86
N PHE B 48 24.98 -59.23 -15.72
CA PHE B 48 23.59 -58.85 -15.50
C PHE B 48 22.72 -60.09 -15.63
N HIS B 49 22.00 -60.43 -14.57
CA HIS B 49 21.10 -61.58 -14.56
C HIS B 49 19.71 -61.12 -14.96
N THR B 50 19.29 -61.47 -16.18
CA THR B 50 17.99 -61.13 -16.70
C THR B 50 17.13 -62.40 -16.75
N ASN B 51 15.85 -62.20 -17.12
CA ASN B 51 14.92 -63.31 -17.18
C ASN B 51 15.34 -64.39 -18.16
N ARG B 52 16.21 -64.07 -19.12
CA ARG B 52 16.71 -65.04 -20.09
C ARG B 52 18.11 -65.54 -19.76
N GLY B 53 18.59 -65.29 -18.55
CA GLY B 53 19.89 -65.80 -18.15
C GLY B 53 20.90 -64.71 -17.88
N PRO B 54 22.18 -65.07 -17.83
CA PRO B 54 23.23 -64.09 -17.57
C PRO B 54 23.78 -63.47 -18.84
N ILE B 55 24.15 -62.19 -18.73
CA ILE B 55 24.74 -61.43 -19.81
C ILE B 55 26.04 -60.81 -19.30
N LYS B 56 27.13 -61.02 -20.04
CA LYS B 56 28.46 -60.54 -19.65
C LYS B 56 28.87 -59.44 -20.61
N PHE B 57 28.92 -58.21 -20.12
CA PHE B 57 29.37 -57.06 -20.90
C PHE B 57 30.83 -56.80 -20.60
N ASN B 58 31.68 -56.87 -21.63
CA ASN B 58 33.10 -56.52 -21.51
C ASN B 58 33.22 -55.04 -21.82
N VAL B 59 33.18 -54.22 -20.78
CA VAL B 59 33.18 -52.77 -20.93
C VAL B 59 34.62 -52.29 -21.07
N TRP B 60 34.92 -51.60 -22.17
CA TRP B 60 36.23 -51.03 -22.43
C TRP B 60 36.15 -49.53 -22.16
N ASP B 61 36.61 -49.11 -20.98
CA ASP B 61 36.72 -47.69 -20.66
C ASP B 61 37.97 -47.15 -21.35
N THR B 62 37.77 -46.31 -22.36
CA THR B 62 38.86 -45.73 -23.12
C THR B 62 39.33 -44.43 -22.46
N ALA B 63 40.41 -43.88 -23.01
CA ALA B 63 40.97 -42.62 -22.54
C ALA B 63 40.51 -41.49 -23.44
N GLY B 64 39.86 -40.48 -22.83
CA GLY B 64 39.39 -39.35 -23.60
C GLY B 64 40.45 -38.36 -24.00
N LEU B 65 41.59 -38.36 -23.31
CA LEU B 65 42.66 -37.41 -23.60
C LEU B 65 43.42 -37.83 -24.85
N GLU B 66 43.84 -36.85 -25.64
CA GLU B 66 44.64 -37.14 -26.83
C GLU B 66 46.02 -37.68 -26.44
N LYS B 67 46.53 -37.28 -25.29
CA LYS B 67 47.86 -37.73 -24.87
C LYS B 67 47.84 -39.19 -24.45
N PHE B 68 46.87 -39.59 -23.63
CA PHE B 68 46.80 -40.94 -23.08
C PHE B 68 45.91 -41.86 -23.90
N GLY B 69 45.58 -41.49 -25.13
CA GLY B 69 44.62 -42.26 -25.91
C GLY B 69 45.07 -43.68 -26.17
N GLY B 70 46.36 -43.88 -26.39
CA GLY B 70 46.88 -45.20 -26.70
C GLY B 70 46.55 -45.60 -28.12
N LEU B 71 45.85 -46.73 -28.28
CA LEU B 71 45.46 -47.17 -29.61
C LEU B 71 44.40 -46.27 -30.21
N ARG B 72 43.50 -45.74 -29.38
CA ARG B 72 42.54 -44.69 -29.74
C ARG B 72 41.42 -45.17 -30.67
N ASP B 73 41.68 -46.19 -31.48
CA ASP B 73 40.63 -46.73 -32.34
C ASP B 73 40.81 -48.23 -32.53
N GLY B 74 41.98 -48.75 -32.19
CA GLY B 74 42.15 -50.19 -32.14
C GLY B 74 41.26 -50.85 -31.10
N TYR B 75 40.83 -50.10 -30.10
CA TYR B 75 39.87 -50.61 -29.13
C TYR B 75 38.48 -50.80 -29.76
N TYR B 76 38.21 -50.12 -30.87
CA TYR B 76 36.90 -50.20 -31.50
C TYR B 76 36.74 -51.42 -32.39
N ILE B 77 37.83 -52.16 -32.65
CA ILE B 77 37.75 -53.35 -33.49
C ILE B 77 37.00 -54.45 -32.75
N GLN B 78 36.12 -55.15 -33.47
CA GLN B 78 35.30 -56.23 -32.93
C GLN B 78 34.37 -55.76 -31.83
N ALA B 79 34.08 -54.47 -31.79
CA ALA B 79 33.18 -53.91 -30.78
C ALA B 79 31.75 -54.22 -31.14
N GLN B 80 30.99 -54.74 -30.19
CA GLN B 80 29.60 -55.10 -30.42
C GLN B 80 28.61 -54.03 -29.96
N CYS B 81 29.04 -53.11 -29.09
CA CYS B 81 28.19 -52.02 -28.65
C CYS B 81 29.08 -50.91 -28.08
N ALA B 82 28.55 -49.70 -28.07
CA ALA B 82 29.33 -48.53 -27.67
C ALA B 82 28.48 -47.59 -26.83
N ILE B 83 29.15 -46.87 -25.93
CA ILE B 83 28.51 -45.87 -25.09
C ILE B 83 29.35 -44.61 -25.13
N ILE B 84 28.78 -43.53 -25.65
CA ILE B 84 29.43 -42.22 -25.69
C ILE B 84 28.91 -41.41 -24.51
N MET B 85 29.83 -40.96 -23.66
CA MET B 85 29.48 -40.23 -22.44
C MET B 85 30.03 -38.82 -22.51
N PHE B 86 29.17 -37.84 -22.25
CA PHE B 86 29.57 -36.44 -22.18
C PHE B 86 29.13 -35.87 -20.84
N ASP B 87 29.60 -34.65 -20.55
CA ASP B 87 29.29 -33.96 -19.32
C ASP B 87 28.26 -32.86 -19.60
N VAL B 88 27.18 -32.84 -18.83
CA VAL B 88 26.16 -31.81 -19.01
C VAL B 88 26.59 -30.47 -18.42
N THR B 89 27.59 -30.46 -17.53
CA THR B 89 28.10 -29.23 -16.96
C THR B 89 29.17 -28.57 -17.82
N SER B 90 29.66 -29.27 -18.84
CA SER B 90 30.69 -28.75 -19.74
C SER B 90 30.17 -28.84 -21.17
N ARG B 91 29.98 -27.69 -21.81
CA ARG B 91 29.49 -27.68 -23.18
C ARG B 91 30.51 -28.29 -24.14
N VAL B 92 31.81 -28.15 -23.85
CA VAL B 92 32.83 -28.70 -24.74
C VAL B 92 32.71 -30.22 -24.82
N THR B 93 32.35 -30.87 -23.70
CA THR B 93 32.20 -32.32 -23.71
C THR B 93 31.03 -32.77 -24.59
N TYR B 94 29.98 -31.96 -24.68
CA TYR B 94 28.83 -32.32 -25.51
C TYR B 94 29.07 -32.04 -26.99
N LYS B 95 29.84 -30.99 -27.31
CA LYS B 95 30.11 -30.68 -28.71
C LYS B 95 31.06 -31.67 -29.36
N ASN B 96 31.79 -32.46 -28.58
CA ASN B 96 32.69 -33.47 -29.11
C ASN B 96 32.01 -34.82 -29.29
N VAL B 97 30.71 -34.92 -29.05
CA VAL B 97 30.00 -36.18 -29.25
C VAL B 97 30.02 -36.62 -30.72
N PRO B 98 29.75 -35.74 -31.70
CA PRO B 98 29.88 -36.18 -33.11
C PRO B 98 31.28 -36.64 -33.47
N ASN B 99 32.31 -36.19 -32.76
CA ASN B 99 33.67 -36.66 -33.05
C ASN B 99 33.85 -38.12 -32.63
N TRP B 100 33.45 -38.45 -31.40
CA TRP B 100 33.54 -39.83 -30.95
C TRP B 100 32.60 -40.74 -31.73
N HIS B 101 31.41 -40.24 -32.07
CA HIS B 101 30.48 -41.03 -32.87
C HIS B 101 31.05 -41.33 -34.24
N ARG B 102 31.78 -40.36 -34.82
CA ARG B 102 32.34 -40.54 -36.15
C ARG B 102 33.46 -41.58 -36.14
N ASP B 103 34.29 -41.59 -35.08
CA ASP B 103 35.36 -42.56 -34.99
C ASP B 103 34.81 -43.97 -34.81
N LEU B 104 33.62 -44.10 -34.23
CA LEU B 104 33.01 -45.42 -34.06
C LEU B 104 32.35 -45.89 -35.36
N VAL B 105 31.65 -45.00 -36.06
CA VAL B 105 31.03 -45.35 -37.33
C VAL B 105 32.09 -45.58 -38.41
N ARG B 106 33.32 -45.10 -38.20
CA ARG B 106 34.40 -45.42 -39.13
C ARG B 106 34.89 -46.85 -38.95
N VAL B 107 35.00 -47.31 -37.71
CA VAL B 107 35.48 -48.67 -37.43
C VAL B 107 34.35 -49.66 -37.66
N CYS B 108 33.31 -49.61 -36.83
CA CYS B 108 32.13 -50.44 -37.01
C CYS B 108 31.16 -49.72 -37.94
N GLU B 109 29.96 -50.26 -38.10
CA GLU B 109 28.94 -49.63 -38.95
C GLU B 109 27.65 -49.36 -38.20
N ASN B 110 26.99 -50.38 -37.65
CA ASN B 110 25.65 -50.22 -37.09
C ASN B 110 25.55 -50.78 -35.67
N ILE B 111 26.66 -50.79 -34.93
CA ILE B 111 26.63 -51.27 -33.56
C ILE B 111 25.78 -50.33 -32.73
N PRO B 112 25.03 -50.83 -31.74
CA PRO B 112 24.19 -49.94 -30.92
C PRO B 112 25.05 -49.04 -30.05
N ILE B 113 24.75 -47.74 -30.10
CA ILE B 113 25.50 -46.72 -29.36
C ILE B 113 24.53 -45.96 -28.47
N VAL B 114 24.90 -45.81 -27.20
CA VAL B 114 24.07 -45.14 -26.20
C VAL B 114 24.75 -43.84 -25.81
N LEU B 115 24.03 -42.73 -25.91
CA LEU B 115 24.52 -41.44 -25.46
C LEU B 115 24.14 -41.21 -24.00
N CYS B 116 25.09 -40.72 -23.22
CA CYS B 116 24.90 -40.57 -21.78
C CYS B 116 25.42 -39.21 -21.32
N GLY B 117 24.51 -38.34 -20.88
CA GLY B 117 24.90 -37.11 -20.24
C GLY B 117 25.05 -37.28 -18.74
N ASN B 118 26.29 -37.24 -18.26
CA ASN B 118 26.58 -37.52 -16.86
C ASN B 118 26.43 -36.26 -16.02
N LYS B 119 26.36 -36.47 -14.70
CA LYS B 119 26.30 -35.39 -13.72
C LYS B 119 25.03 -34.56 -13.87
N VAL B 120 23.90 -35.23 -14.06
CA VAL B 120 22.61 -34.52 -14.11
C VAL B 120 22.25 -33.99 -12.73
N ASP B 121 22.77 -34.60 -11.66
CA ASP B 121 22.48 -34.15 -10.30
C ASP B 121 23.03 -32.76 -10.00
N ILE B 122 23.90 -32.22 -10.86
CA ILE B 122 24.42 -30.88 -10.66
C ILE B 122 23.30 -29.87 -10.83
N LYS B 123 23.21 -28.91 -9.89
CA LYS B 123 22.15 -27.92 -9.94
C LYS B 123 22.28 -27.03 -11.17
N ASP B 124 23.49 -26.55 -11.45
CA ASP B 124 23.75 -25.70 -12.60
C ASP B 124 24.10 -26.59 -13.79
N ARG B 125 23.18 -26.73 -14.74
CA ARG B 125 23.35 -27.58 -15.89
C ARG B 125 23.53 -26.73 -17.14
N LYS B 126 24.61 -26.97 -17.87
CA LYS B 126 24.94 -26.18 -19.06
C LYS B 126 24.48 -26.85 -20.35
N VAL B 127 23.93 -28.05 -20.29
CA VAL B 127 23.45 -28.77 -21.46
C VAL B 127 22.00 -29.14 -21.22
N LYS B 128 21.09 -28.50 -21.92
CA LYS B 128 19.67 -28.78 -21.76
C LYS B 128 19.30 -30.11 -22.41
N ALA B 129 18.29 -30.77 -21.85
CA ALA B 129 17.86 -32.06 -22.38
C ALA B 129 17.13 -31.94 -23.71
N LYS B 130 16.60 -30.75 -24.03
CA LYS B 130 15.88 -30.56 -25.29
C LYS B 130 16.82 -30.40 -26.47
N SER B 131 18.08 -30.03 -26.24
CA SER B 131 19.01 -29.79 -27.35
C SER B 131 19.48 -31.07 -28.00
N ILE B 132 19.29 -32.23 -27.36
CA ILE B 132 19.77 -33.49 -27.91
C ILE B 132 18.83 -33.96 -29.00
N VAL B 133 19.35 -34.07 -30.23
CA VAL B 133 18.61 -34.58 -31.37
C VAL B 133 19.22 -35.88 -31.89
N PHE B 134 20.20 -36.44 -31.18
CA PHE B 134 20.89 -37.65 -31.63
C PHE B 134 20.07 -38.92 -31.43
N HIS B 135 18.95 -38.85 -30.70
CA HIS B 135 18.13 -40.02 -30.44
C HIS B 135 17.15 -40.32 -31.57
N ARG B 136 17.32 -39.69 -32.73
CA ARG B 136 16.43 -39.90 -33.87
C ARG B 136 16.82 -41.12 -34.69
N LYS B 137 17.89 -41.82 -34.32
CA LYS B 137 18.35 -43.00 -35.05
C LYS B 137 17.91 -44.26 -34.32
N LYS B 138 17.74 -45.34 -35.09
CA LYS B 138 17.29 -46.60 -34.50
C LYS B 138 18.35 -47.19 -33.57
N ASN B 139 19.62 -47.03 -33.90
CA ASN B 139 20.71 -47.55 -33.08
C ASN B 139 21.33 -46.49 -32.16
N LEU B 140 20.69 -45.32 -32.05
CA LEU B 140 21.15 -44.25 -31.18
C LEU B 140 20.06 -43.90 -30.18
N GLN B 141 20.39 -43.89 -28.90
CA GLN B 141 19.45 -43.56 -27.84
C GLN B 141 20.19 -42.81 -26.73
N TYR B 142 19.52 -41.80 -26.18
CA TYR B 142 20.10 -40.95 -25.16
C TYR B 142 19.42 -41.19 -23.81
N TYR B 143 20.22 -41.09 -22.74
CA TYR B 143 19.73 -41.24 -21.38
C TYR B 143 20.47 -40.29 -20.46
N ASP B 144 19.73 -39.54 -19.65
CA ASP B 144 20.34 -38.70 -18.62
C ASP B 144 20.69 -39.58 -17.41
N ILE B 145 21.98 -39.69 -17.12
CA ILE B 145 22.46 -40.53 -16.04
C ILE B 145 23.26 -39.70 -15.06
N SER B 146 23.30 -40.17 -13.81
CA SER B 146 24.07 -39.52 -12.75
C SER B 146 24.77 -40.60 -11.95
N ALA B 147 26.10 -40.64 -12.02
CA ALA B 147 26.86 -41.67 -11.31
C ALA B 147 26.85 -41.45 -9.80
N LYS B 148 26.58 -40.23 -9.34
CA LYS B 148 26.58 -39.97 -7.89
C LYS B 148 25.25 -40.36 -7.25
N SER B 149 24.13 -40.05 -7.90
CA SER B 149 22.81 -40.34 -7.35
C SER B 149 22.19 -41.58 -7.97
N ASN B 150 22.90 -42.30 -8.83
CA ASN B 150 22.40 -43.52 -9.48
C ASN B 150 21.12 -43.26 -10.26
N TYR B 151 20.96 -42.05 -10.79
CA TYR B 151 19.79 -41.72 -11.59
C TYR B 151 19.91 -42.39 -12.96
N ASN B 152 18.91 -43.19 -13.33
CA ASN B 152 18.94 -44.01 -14.53
C ASN B 152 20.19 -44.89 -14.55
N PHE B 153 20.33 -45.68 -13.48
CA PHE B 153 21.54 -46.46 -13.26
C PHE B 153 21.72 -47.51 -14.35
N GLU B 154 20.77 -48.45 -14.45
CA GLU B 154 20.87 -49.56 -15.37
C GLU B 154 20.15 -49.31 -16.69
N LYS B 155 19.82 -48.06 -17.00
CA LYS B 155 19.10 -47.77 -18.24
C LYS B 155 19.96 -47.98 -19.47
N PRO B 156 21.20 -47.49 -19.55
CA PRO B 156 21.98 -47.72 -20.78
C PRO B 156 22.26 -49.19 -21.06
N PHE B 157 22.59 -49.97 -20.03
CA PHE B 157 22.85 -51.39 -20.22
C PHE B 157 21.58 -52.13 -20.62
N LEU B 158 20.42 -51.66 -20.19
CA LEU B 158 19.16 -52.32 -20.54
C LEU B 158 18.84 -52.11 -22.01
N TRP B 159 19.04 -50.89 -22.52
CA TRP B 159 18.77 -50.62 -23.93
C TRP B 159 19.74 -51.39 -24.82
N LEU B 160 21.01 -51.49 -24.40
CA LEU B 160 21.98 -52.26 -25.17
C LEU B 160 21.62 -53.74 -25.17
N ALA B 161 21.11 -54.25 -24.05
CA ALA B 161 20.71 -55.65 -23.99
C ALA B 161 19.51 -55.92 -24.91
N ARG B 162 18.58 -54.98 -24.99
CA ARG B 162 17.41 -55.17 -25.84
C ARG B 162 17.78 -55.11 -27.32
N LYS B 163 18.80 -54.32 -27.67
CA LYS B 163 19.20 -54.22 -29.08
C LYS B 163 20.08 -55.38 -29.50
N LEU B 164 20.99 -55.81 -28.62
CA LEU B 164 21.90 -56.90 -28.96
C LEU B 164 21.22 -58.26 -28.92
N ILE B 165 20.11 -58.40 -28.23
CA ILE B 165 19.37 -59.65 -28.16
C ILE B 165 18.15 -59.66 -29.07
N GLY B 166 17.30 -58.63 -28.93
CA GLY B 166 16.05 -58.57 -29.67
C GLY B 166 14.80 -58.79 -28.85
N ASP B 167 14.92 -58.81 -27.51
CA ASP B 167 13.79 -59.01 -26.61
C ASP B 167 13.57 -57.74 -25.82
N PRO B 168 12.74 -56.81 -26.29
CA PRO B 168 12.55 -55.54 -25.57
C PRO B 168 11.83 -55.69 -24.24
N ASN B 169 11.19 -56.84 -23.98
CA ASN B 169 10.50 -57.06 -22.72
C ASN B 169 11.44 -57.51 -21.61
N LEU B 170 12.70 -57.81 -21.94
CA LEU B 170 13.66 -58.28 -20.96
C LEU B 170 14.15 -57.12 -20.10
N GLU B 171 14.20 -57.34 -18.79
CA GLU B 171 14.70 -56.33 -17.86
C GLU B 171 15.48 -57.00 -16.74
N PHE B 172 16.40 -56.24 -16.16
CA PHE B 172 17.47 -56.61 -15.21
C PHE B 172 16.96 -57.10 -13.86
N VAL B 173 15.68 -57.40 -13.63
CA VAL B 173 15.12 -57.47 -12.28
C VAL B 173 15.83 -58.48 -11.37
N ALA B 174 16.75 -59.26 -11.93
CA ALA B 174 17.56 -60.28 -11.22
C ALA B 174 17.07 -60.70 -9.84
N ALA C 2 10.62 10.85 -18.81
CA ALA C 2 10.57 9.42 -18.51
C ALA C 2 9.14 8.90 -18.56
N THR C 3 8.23 9.63 -17.94
CA THR C 3 6.82 9.27 -17.91
C THR C 3 5.97 10.51 -18.13
N TYR C 4 4.84 10.33 -18.81
CA TYR C 4 3.92 11.42 -19.11
C TYR C 4 2.51 11.07 -18.67
N PRO C 5 1.74 12.05 -18.18
CA PRO C 5 0.36 11.77 -17.78
C PRO C 5 -0.58 11.70 -18.97
N MET C 6 -1.54 10.78 -18.90
CA MET C 6 -2.56 10.68 -19.93
C MET C 6 -3.85 10.19 -19.28
N GLN C 7 -4.98 10.68 -19.80
CA GLN C 7 -6.27 10.31 -19.24
C GLN C 7 -6.52 8.82 -19.36
N CYS C 8 -7.11 8.24 -18.31
CA CYS C 8 -7.32 6.80 -18.27
C CYS C 8 -8.29 6.33 -19.35
N SER C 9 -9.25 7.19 -19.74
CA SER C 9 -10.20 6.79 -20.78
C SER C 9 -9.54 6.73 -22.15
N ALA C 10 -8.47 7.48 -22.36
CA ALA C 10 -7.74 7.49 -23.62
C ALA C 10 -6.64 6.45 -23.68
N LEU C 11 -6.54 5.58 -22.68
CA LEU C 11 -5.49 4.57 -22.67
C LEU C 11 -5.81 3.47 -23.69
N ARG C 12 -4.80 3.11 -24.48
CA ARG C 12 -4.94 2.10 -25.51
C ARG C 12 -4.89 0.69 -24.91
N LYS C 13 -5.35 -0.28 -25.70
CA LYS C 13 -5.26 -1.69 -25.31
C LYS C 13 -3.92 -2.30 -25.61
N ASN C 14 -2.96 -1.53 -26.11
CA ASN C 14 -1.67 -2.07 -26.51
C ASN C 14 -0.52 -1.28 -25.91
N GLY C 15 -0.74 0.00 -25.61
CA GLY C 15 0.31 0.86 -25.11
C GLY C 15 0.78 0.45 -23.71
N PHE C 16 1.67 1.29 -23.18
CA PHE C 16 2.29 1.07 -21.89
C PHE C 16 1.67 1.99 -20.84
N VAL C 17 1.75 1.57 -19.57
CA VAL C 17 1.24 2.35 -18.46
C VAL C 17 2.01 1.96 -17.21
N VAL C 18 2.04 2.86 -16.23
CA VAL C 18 2.73 2.64 -14.97
C VAL C 18 1.72 2.12 -13.96
N ILE C 19 1.94 0.91 -13.46
CA ILE C 19 1.10 0.30 -12.44
C ILE C 19 2.02 -0.16 -11.31
N LYS C 20 1.71 0.28 -10.09
CA LYS C 20 2.48 -0.06 -8.90
C LYS C 20 3.96 0.28 -9.10
N SER C 21 4.20 1.48 -9.64
CA SER C 21 5.54 1.99 -9.90
C SER C 21 6.32 1.14 -10.88
N ARG C 22 5.63 0.33 -11.69
CA ARG C 22 6.29 -0.53 -12.66
C ARG C 22 5.73 -0.29 -14.06
N PRO C 23 6.59 -0.21 -15.07
CA PRO C 23 6.09 -0.12 -16.45
C PRO C 23 5.49 -1.45 -16.89
N CYS C 24 4.34 -1.37 -17.55
CA CYS C 24 3.63 -2.58 -17.95
C CYS C 24 2.94 -2.34 -19.28
N LYS C 25 3.02 -3.33 -20.16
CA LYS C 25 2.33 -3.30 -21.44
C LYS C 25 0.91 -3.79 -21.25
N ILE C 26 -0.06 -2.94 -21.59
CA ILE C 26 -1.47 -3.27 -21.39
C ILE C 26 -1.88 -4.38 -22.34
N VAL C 27 -2.45 -5.45 -21.80
CA VAL C 27 -2.89 -6.57 -22.62
C VAL C 27 -4.41 -6.57 -22.84
N ASP C 28 -5.17 -5.86 -22.02
CA ASP C 28 -6.61 -5.76 -22.20
C ASP C 28 -7.14 -4.57 -21.41
N MET C 29 -8.10 -3.86 -21.98
CA MET C 29 -8.68 -2.66 -21.38
C MET C 29 -10.19 -2.82 -21.33
N SER C 30 -10.75 -2.78 -20.13
CA SER C 30 -12.19 -2.89 -19.92
C SER C 30 -12.70 -1.67 -19.17
N THR C 31 -13.94 -1.28 -19.48
CA THR C 31 -14.58 -0.13 -18.86
C THR C 31 -15.96 -0.54 -18.33
N SER C 32 -16.30 -0.04 -17.15
CA SER C 32 -17.54 -0.41 -16.50
C SER C 32 -18.19 0.82 -15.89
N LYS C 33 -19.49 0.72 -15.62
CA LYS C 33 -20.28 1.82 -15.08
C LYS C 33 -21.18 1.30 -13.96
N THR C 34 -21.21 2.02 -12.84
CA THR C 34 -22.10 1.65 -11.75
C THR C 34 -23.55 1.97 -12.09
N GLY C 35 -23.86 3.26 -12.27
CA GLY C 35 -25.17 3.68 -12.69
C GLY C 35 -25.09 4.57 -13.91
N LYS C 36 -26.25 4.77 -14.55
CA LYS C 36 -26.30 5.62 -15.73
C LYS C 36 -25.90 7.06 -15.40
N HIS C 37 -26.35 7.57 -14.25
CA HIS C 37 -25.91 8.89 -13.81
C HIS C 37 -24.54 8.84 -13.16
N GLY C 38 -24.17 7.69 -12.59
CA GLY C 38 -22.87 7.57 -11.98
C GLY C 38 -21.75 7.52 -13.01
N HIS C 39 -20.56 7.90 -12.57
CA HIS C 39 -19.41 7.96 -13.45
C HIS C 39 -18.84 6.56 -13.68
N ALA C 40 -18.16 6.40 -14.82
CA ALA C 40 -17.63 5.12 -15.24
C ALA C 40 -16.27 4.86 -14.61
N LYS C 41 -15.66 3.72 -14.96
CA LYS C 41 -14.34 3.36 -14.48
C LYS C 41 -13.73 2.34 -15.42
N VAL C 42 -12.42 2.46 -15.63
CA VAL C 42 -11.67 1.62 -16.55
C VAL C 42 -10.84 0.63 -15.74
N HIS C 43 -10.86 -0.64 -16.14
CA HIS C 43 -10.11 -1.71 -15.49
C HIS C 43 -9.06 -2.20 -16.49
N LEU C 44 -7.79 -1.95 -16.17
CA LEU C 44 -6.67 -2.28 -17.05
C LEU C 44 -5.90 -3.46 -16.48
N VAL C 45 -5.53 -4.40 -17.35
CA VAL C 45 -4.65 -5.51 -17.02
C VAL C 45 -3.44 -5.44 -17.94
N ALA C 46 -2.28 -5.80 -17.40
CA ALA C 46 -1.05 -5.59 -18.16
C ALA C 46 0.02 -6.57 -17.69
N ILE C 47 1.01 -6.77 -18.55
CA ILE C 47 2.17 -7.61 -18.26
C ILE C 47 3.35 -6.71 -17.95
N ASP C 48 4.05 -6.99 -16.85
CA ASP C 48 5.25 -6.23 -16.52
C ASP C 48 6.28 -6.36 -17.63
N ILE C 49 6.74 -5.21 -18.14
CA ILE C 49 7.60 -5.19 -19.32
C ILE C 49 8.98 -5.77 -19.03
N PHE C 50 9.36 -5.95 -17.77
CA PHE C 50 10.65 -6.53 -17.42
C PHE C 50 10.50 -7.86 -16.71
N THR C 51 9.78 -7.91 -15.59
CA THR C 51 9.65 -9.15 -14.84
C THR C 51 8.63 -10.11 -15.43
N GLY C 52 7.72 -9.62 -16.28
CA GLY C 52 6.71 -10.46 -16.87
C GLY C 52 5.52 -10.76 -15.99
N LYS C 53 5.48 -10.22 -14.77
CA LYS C 53 4.36 -10.46 -13.88
C LYS C 53 3.12 -9.69 -14.34
N LYS C 54 1.95 -10.20 -13.96
CA LYS C 54 0.69 -9.58 -14.32
C LYS C 54 0.29 -8.57 -13.25
N LEU C 55 0.06 -7.33 -13.68
CA LEU C 55 -0.40 -6.27 -12.80
C LEU C 55 -1.63 -5.61 -13.40
N GLU C 56 -2.61 -5.32 -12.54
CA GLU C 56 -3.85 -4.71 -13.02
C GLU C 56 -4.33 -3.66 -12.03
N ASP C 57 -5.08 -2.70 -12.55
CA ASP C 57 -5.58 -1.58 -11.76
C ASP C 57 -6.95 -1.16 -12.27
N LEU C 58 -7.85 -0.87 -11.34
CA LEU C 58 -9.18 -0.37 -11.65
C LEU C 58 -9.28 1.07 -11.16
N SER C 59 -9.44 2.01 -12.10
CA SER C 59 -9.47 3.42 -11.76
C SER C 59 -10.57 4.13 -12.52
N PRO C 60 -11.24 5.10 -11.91
CA PRO C 60 -12.34 5.78 -12.59
C PRO C 60 -11.86 6.55 -13.81
N SER C 61 -12.83 6.98 -14.62
CA SER C 61 -12.55 7.75 -15.82
C SER C 61 -11.97 9.13 -15.44
N THR C 62 -11.61 9.89 -16.47
CA THR C 62 -11.05 11.24 -16.38
C THR C 62 -9.87 11.32 -15.42
N HIS C 63 -9.40 10.18 -14.95
CA HIS C 63 -8.24 10.09 -14.07
C HIS C 63 -6.97 9.92 -14.89
N ASN C 64 -5.90 10.56 -14.43
CA ASN C 64 -4.63 10.55 -15.15
C ASN C 64 -3.76 9.38 -14.69
N MET C 65 -3.21 8.66 -15.64
CA MET C 65 -2.28 7.56 -15.40
C MET C 65 -0.93 7.90 -16.03
N GLU C 66 0.13 7.35 -15.46
CA GLU C 66 1.48 7.56 -15.98
C GLU C 66 1.75 6.57 -17.11
N VAL C 67 2.25 7.09 -18.23
CA VAL C 67 2.64 6.29 -19.37
C VAL C 67 4.15 6.43 -19.53
N PRO C 68 4.91 5.34 -19.52
CA PRO C 68 6.36 5.45 -19.64
C PRO C 68 6.80 5.59 -21.10
N VAL C 69 8.05 6.02 -21.27
CA VAL C 69 8.66 6.18 -22.58
C VAL C 69 9.56 4.96 -22.79
N VAL C 70 9.07 4.00 -23.57
CA VAL C 70 9.80 2.76 -23.84
C VAL C 70 10.66 2.97 -25.07
N LYS C 71 11.96 2.71 -24.93
CA LYS C 71 12.92 2.88 -26.00
C LYS C 71 13.58 1.54 -26.32
N ARG C 72 13.67 1.22 -27.61
CA ARG C 72 14.31 0.00 -28.08
C ARG C 72 15.56 0.40 -28.85
N ASN C 73 16.73 0.06 -28.32
CA ASN C 73 18.00 0.46 -28.91
C ASN C 73 18.84 -0.77 -29.26
N GLU C 74 19.73 -0.60 -30.24
CA GLU C 74 20.58 -1.68 -30.73
C GLU C 74 22.02 -1.43 -30.33
N TYR C 75 22.64 -2.43 -29.71
CA TYR C 75 24.05 -2.36 -29.31
C TYR C 75 24.73 -3.66 -29.67
N GLN C 76 25.93 -3.57 -30.27
CA GLN C 76 26.67 -4.78 -30.58
C GLN C 76 27.34 -5.31 -29.31
N LEU C 77 27.09 -6.59 -29.01
CA LEU C 77 27.63 -7.20 -27.79
C LEU C 77 29.11 -7.47 -27.98
N LEU C 78 29.94 -6.80 -27.17
CA LEU C 78 31.39 -6.99 -27.25
C LEU C 78 31.98 -7.79 -26.10
N ASP C 79 31.30 -7.88 -24.95
CA ASP C 79 31.86 -8.65 -23.85
C ASP C 79 30.76 -9.08 -22.91
N ILE C 80 31.03 -10.16 -22.17
CA ILE C 80 30.18 -10.63 -21.08
C ILE C 80 31.10 -10.78 -19.87
N ASP C 81 31.08 -9.81 -18.97
CA ASP C 81 31.99 -9.76 -17.84
C ASP C 81 31.20 -10.01 -16.55
N ASP C 82 31.38 -11.22 -15.99
CA ASP C 82 30.79 -11.58 -14.70
C ASP C 82 29.28 -11.38 -14.68
N GLY C 83 28.62 -11.74 -15.78
CA GLY C 83 27.19 -11.59 -15.88
C GLY C 83 26.71 -10.22 -16.31
N PHE C 84 27.61 -9.32 -16.69
CA PHE C 84 27.26 -7.99 -17.14
C PHE C 84 27.59 -7.85 -18.62
N LEU C 85 26.61 -7.42 -19.41
CA LEU C 85 26.79 -7.26 -20.84
C LEU C 85 27.51 -5.94 -21.12
N SER C 86 28.71 -6.02 -21.68
CA SER C 86 29.47 -4.85 -22.10
C SER C 86 29.21 -4.68 -23.59
N LEU C 87 28.39 -3.70 -23.93
CA LEU C 87 27.94 -3.44 -25.29
C LEU C 87 28.69 -2.26 -25.89
N MET C 88 28.57 -2.12 -27.20
CA MET C 88 29.21 -1.04 -27.94
C MET C 88 28.16 -0.29 -28.75
N ASN C 89 28.08 1.02 -28.55
CA ASN C 89 27.19 1.85 -29.34
C ASN C 89 27.85 2.23 -30.66
N MET C 90 27.02 2.60 -31.63
CA MET C 90 27.54 3.03 -32.93
C MET C 90 28.38 4.30 -32.84
N ASP C 91 28.24 5.05 -31.74
CA ASP C 91 29.02 6.27 -31.55
C ASP C 91 30.37 6.01 -30.86
N GLY C 92 30.59 4.80 -30.36
CA GLY C 92 31.85 4.47 -29.72
C GLY C 92 31.84 4.40 -28.22
N ASP C 93 30.67 4.43 -27.58
CA ASP C 93 30.56 4.37 -26.13
C ASP C 93 30.24 2.95 -25.69
N THR C 94 30.78 2.57 -24.53
CA THR C 94 30.63 1.23 -23.99
C THR C 94 29.84 1.29 -22.68
N LYS C 95 28.79 0.48 -22.61
CA LYS C 95 27.94 0.37 -21.42
C LYS C 95 28.07 -1.04 -20.87
N ASP C 96 28.69 -1.16 -19.70
CA ASP C 96 28.84 -2.43 -19.00
C ASP C 96 27.89 -2.57 -17.82
N ASP C 97 26.99 -1.61 -17.63
CA ASP C 97 26.07 -1.64 -16.49
C ASP C 97 24.90 -2.58 -16.70
N VAL C 98 24.59 -2.95 -17.94
CA VAL C 98 23.46 -3.82 -18.24
C VAL C 98 23.83 -5.26 -17.90
N LYS C 99 23.02 -5.90 -17.06
CA LYS C 99 23.25 -7.28 -16.69
C LYS C 99 22.82 -8.22 -17.82
N ALA C 100 23.32 -9.44 -17.76
CA ALA C 100 22.95 -10.46 -18.73
C ALA C 100 21.56 -10.99 -18.41
N PRO C 101 20.69 -11.14 -19.41
CA PRO C 101 19.34 -11.66 -19.13
C PRO C 101 19.37 -13.13 -18.73
N GLU C 102 18.24 -13.58 -18.20
CA GLU C 102 18.08 -14.94 -17.74
C GLU C 102 17.28 -15.76 -18.75
N GLY C 103 17.05 -17.03 -18.43
CA GLY C 103 16.28 -17.88 -19.30
C GLY C 103 17.04 -18.28 -20.56
N GLU C 104 16.28 -18.72 -21.56
CA GLU C 104 16.86 -19.11 -22.84
C GLU C 104 17.51 -17.93 -23.55
N LEU C 105 17.11 -16.70 -23.24
CA LEU C 105 17.73 -15.53 -23.85
C LEU C 105 19.20 -15.42 -23.44
N GLY C 106 19.48 -15.45 -22.14
CA GLY C 106 20.85 -15.40 -21.68
C GLY C 106 21.65 -16.62 -22.05
N ASP C 107 21.00 -17.79 -22.12
CA ASP C 107 21.70 -19.00 -22.53
C ASP C 107 22.12 -18.90 -24.00
N SER C 108 21.25 -18.39 -24.86
CA SER C 108 21.60 -18.22 -26.26
C SER C 108 22.64 -17.10 -26.44
N LEU C 109 22.64 -16.11 -25.55
CA LEU C 109 23.65 -15.05 -25.63
C LEU C 109 25.03 -15.60 -25.28
N GLN C 110 25.14 -16.32 -24.16
CA GLN C 110 26.41 -16.90 -23.78
C GLN C 110 26.87 -17.97 -24.76
N THR C 111 25.93 -18.63 -25.43
CA THR C 111 26.28 -19.64 -26.42
C THR C 111 26.86 -18.99 -27.67
N ALA C 112 26.15 -18.02 -28.24
CA ALA C 112 26.62 -17.37 -29.46
C ALA C 112 27.87 -16.52 -29.20
N PHE C 113 27.97 -15.91 -28.02
CA PHE C 113 29.17 -15.14 -27.69
C PHE C 113 30.39 -16.03 -27.53
N ASP C 114 30.20 -17.25 -27.01
CA ASP C 114 31.32 -18.19 -26.89
C ASP C 114 31.72 -18.74 -28.25
N GLU C 115 30.77 -18.83 -29.18
CA GLU C 115 31.10 -19.31 -30.53
C GLU C 115 31.89 -18.28 -31.31
N GLY C 116 31.71 -16.99 -31.01
CA GLY C 116 32.43 -15.93 -31.67
C GLY C 116 31.67 -15.22 -32.77
N LYS C 117 30.37 -15.47 -32.91
CA LYS C 117 29.59 -14.81 -33.96
C LYS C 117 29.36 -13.35 -33.62
N ASP C 118 29.03 -12.57 -34.65
CA ASP C 118 28.66 -11.17 -34.46
C ASP C 118 27.25 -11.10 -33.91
N LEU C 119 27.09 -10.46 -32.76
CA LEU C 119 25.83 -10.44 -32.02
C LEU C 119 25.39 -9.00 -31.79
N MET C 120 24.17 -8.69 -32.21
CA MET C 120 23.52 -7.43 -31.91
C MET C 120 22.41 -7.67 -30.89
N VAL C 121 22.28 -6.78 -29.93
CA VAL C 121 21.31 -6.92 -28.85
C VAL C 121 20.36 -5.72 -28.89
N THR C 122 19.07 -6.00 -28.95
CA THR C 122 18.03 -4.99 -28.86
C THR C 122 17.56 -4.93 -27.41
N ILE C 123 17.87 -3.82 -26.75
CA ILE C 123 17.61 -3.62 -25.34
C ILE C 123 16.48 -2.61 -25.19
N ILE C 124 15.62 -2.85 -24.20
CA ILE C 124 14.45 -2.02 -23.94
C ILE C 124 14.68 -1.27 -22.64
N SER C 125 14.61 0.06 -22.70
CA SER C 125 14.74 0.92 -21.53
C SER C 125 13.42 1.67 -21.35
N ALA C 126 12.77 1.45 -20.21
CA ALA C 126 11.48 2.07 -19.96
C ALA C 126 11.60 3.31 -19.09
N MET C 127 11.91 3.12 -17.80
CA MET C 127 12.00 4.24 -16.86
C MET C 127 13.37 4.29 -16.18
N GLY C 128 13.74 3.26 -15.44
CA GLY C 128 15.01 3.25 -14.73
C GLY C 128 15.69 1.89 -14.82
N GLU C 129 15.08 0.98 -15.57
CA GLU C 129 15.60 -0.37 -15.75
C GLU C 129 15.91 -0.59 -17.23
N GLU C 130 17.02 -1.28 -17.50
CA GLU C 130 17.43 -1.62 -18.85
C GLU C 130 17.83 -3.09 -18.88
N ALA C 131 17.30 -3.84 -19.83
CA ALA C 131 17.56 -5.26 -19.92
C ALA C 131 17.55 -5.71 -21.37
N ALA C 132 18.44 -6.64 -21.70
CA ALA C 132 18.49 -7.19 -23.05
C ALA C 132 17.20 -7.94 -23.36
N ILE C 133 16.71 -7.78 -24.59
CA ILE C 133 15.44 -8.37 -24.97
C ILE C 133 15.60 -9.24 -26.21
N SER C 134 16.05 -8.66 -27.32
CA SER C 134 16.12 -9.37 -28.58
C SER C 134 17.57 -9.53 -29.04
N PHE C 135 17.79 -10.49 -29.93
CA PHE C 135 19.11 -10.77 -30.48
C PHE C 135 19.03 -10.83 -32.00
N LYS C 136 20.13 -10.45 -32.64
CA LYS C 136 20.21 -10.42 -34.10
C LYS C 136 21.61 -10.83 -34.54
N GLU C 137 21.69 -11.70 -35.54
CA GLU C 137 22.96 -12.16 -36.08
C GLU C 137 22.89 -12.19 -37.59
N ALA C 138 24.02 -11.90 -38.22
CA ALA C 138 24.12 -11.90 -39.68
C ALA C 138 24.97 -13.07 -40.16
N SER D 2 -68.22 54.62 17.28
CA SER D 2 -66.77 54.73 17.14
C SER D 2 -66.15 53.41 16.73
N ILE D 3 -66.96 52.34 16.76
CA ILE D 3 -66.47 51.03 16.37
C ILE D 3 -66.12 50.99 14.89
N HIS D 4 -66.88 51.71 14.06
CA HIS D 4 -66.57 51.77 12.63
C HIS D 4 -65.23 52.46 12.39
N GLU D 5 -64.85 53.39 13.26
CA GLU D 5 -63.54 54.02 13.14
C GLU D 5 -62.43 53.07 13.55
N VAL D 6 -62.68 52.22 14.55
CA VAL D 6 -61.68 51.25 14.98
C VAL D 6 -61.43 50.22 13.88
N VAL D 7 -62.51 49.70 13.29
CA VAL D 7 -62.35 48.75 12.19
C VAL D 7 -61.70 49.42 10.99
N ALA D 8 -61.90 50.73 10.82
CA ALA D 8 -61.31 51.44 9.69
C ALA D 8 -59.79 51.44 9.77
N LEU D 9 -59.24 51.84 10.92
CA LEU D 9 -57.79 51.87 11.08
C LEU D 9 -57.19 50.48 11.29
N ILE D 10 -57.99 49.50 11.69
CA ILE D 10 -57.51 48.12 11.77
C ILE D 10 -57.27 47.57 10.37
N GLU D 11 -58.24 47.74 9.46
CA GLU D 11 -58.05 47.33 8.08
C GLU D 11 -56.97 48.16 7.40
N GLU D 12 -56.80 49.42 7.81
CA GLU D 12 -55.72 50.23 7.28
C GLU D 12 -54.36 49.72 7.73
N LEU D 13 -54.29 49.15 8.93
CA LEU D 13 -53.02 48.62 9.43
C LEU D 13 -52.55 47.43 8.62
N TYR D 14 -53.49 46.61 8.13
CA TYR D 14 -53.16 45.38 7.42
C TYR D 14 -53.20 45.53 5.90
N SER D 15 -53.43 46.74 5.40
CA SER D 15 -53.40 46.97 3.97
C SER D 15 -51.96 46.93 3.45
N PRO D 16 -51.76 46.57 2.18
CA PRO D 16 -50.38 46.48 1.65
C PRO D 16 -49.62 47.79 1.74
N HIS D 17 -50.18 48.88 1.20
CA HIS D 17 -49.56 50.21 1.24
C HIS D 17 -50.55 51.17 1.88
N PRO D 18 -50.55 51.30 3.21
CA PRO D 18 -51.52 52.15 3.88
C PRO D 18 -51.16 53.62 3.73
N LYS D 19 -52.09 54.47 4.14
CA LYS D 19 -51.87 55.92 4.11
C LYS D 19 -51.13 56.38 5.36
N HIS D 20 -51.32 57.65 5.72
CA HIS D 20 -50.53 58.42 6.68
C HIS D 20 -49.34 57.70 7.27
N ASP D 21 -49.56 56.80 8.23
CA ASP D 21 -48.45 56.12 8.87
C ASP D 21 -48.92 54.86 9.56
N VAL D 22 -48.03 53.87 9.61
CA VAL D 22 -48.33 52.62 10.29
C VAL D 22 -48.03 52.69 11.78
N ASN D 23 -46.98 53.44 12.17
CA ASN D 23 -46.61 53.50 13.58
C ASN D 23 -47.63 54.26 14.42
N GLN D 24 -48.26 55.29 13.84
CA GLN D 24 -49.22 56.08 14.60
C GLN D 24 -50.51 55.31 14.84
N ILE D 25 -51.02 54.66 13.79
CA ILE D 25 -52.24 53.86 13.96
C ILE D 25 -51.98 52.65 14.84
N GLN D 26 -50.74 52.19 14.90
CA GLN D 26 -50.40 51.10 15.82
C GLN D 26 -50.39 51.59 17.26
N GLN D 27 -49.81 52.77 17.50
CA GLN D 27 -49.80 53.32 18.86
C GLN D 27 -51.21 53.63 19.34
N SER D 28 -52.07 54.11 18.44
CA SER D 28 -53.46 54.36 18.81
C SER D 28 -54.19 53.04 19.10
N LEU D 29 -53.84 51.98 18.37
CA LEU D 29 -54.43 50.67 18.65
C LEU D 29 -54.00 50.14 20.02
N GLN D 30 -52.78 50.46 20.44
CA GLN D 30 -52.35 50.10 21.79
C GLN D 30 -53.03 50.95 22.85
N SER D 31 -53.65 52.06 22.46
CA SER D 31 -54.33 52.93 23.41
C SER D 31 -55.79 52.55 23.62
N ILE D 32 -56.44 51.94 22.62
CA ILE D 32 -57.83 51.55 22.77
C ILE D 32 -57.99 50.46 23.81
N GLN D 33 -57.08 49.49 23.82
CA GLN D 33 -57.05 48.44 24.81
C GLN D 33 -56.06 48.81 25.91
N LYS D 34 -56.38 48.43 27.16
CA LYS D 34 -57.50 47.55 27.51
C LYS D 34 -58.77 48.34 27.88
N SER D 35 -58.66 49.67 27.87
CA SER D 35 -59.55 50.58 28.60
C SER D 35 -61.04 50.22 28.51
N GLU D 36 -61.79 50.65 29.51
CA GLU D 36 -63.11 50.13 29.90
C GLU D 36 -64.04 49.72 28.76
N GLN D 37 -63.77 50.18 27.53
CA GLN D 37 -64.54 49.77 26.37
C GLN D 37 -63.85 48.71 25.53
N GLY D 38 -62.59 48.38 25.84
CA GLY D 38 -61.86 47.42 25.03
C GLY D 38 -62.40 46.00 25.11
N PHE D 39 -62.81 45.57 26.31
CA PHE D 39 -63.31 44.21 26.47
C PHE D 39 -64.58 43.97 25.65
N HIS D 40 -65.54 44.89 25.75
CA HIS D 40 -66.79 44.72 25.01
C HIS D 40 -66.60 45.00 23.52
N LEU D 41 -65.67 45.88 23.16
CA LEU D 41 -65.37 46.09 21.74
C LEU D 41 -64.86 44.80 21.10
N ALA D 42 -64.02 44.06 21.83
CA ALA D 42 -63.47 42.82 21.29
C ALA D 42 -64.55 41.77 21.07
N ASN D 43 -65.50 41.66 22.00
CA ASN D 43 -66.56 40.67 21.86
C ASN D 43 -67.45 40.98 20.67
N GLU D 44 -67.69 42.25 20.38
CA GLU D 44 -68.49 42.62 19.22
C GLU D 44 -67.75 42.36 17.92
N LEU D 45 -66.42 42.45 17.93
CA LEU D 45 -65.65 42.13 16.73
C LEU D 45 -65.73 40.65 16.40
N LEU D 46 -65.86 39.79 17.41
CA LEU D 46 -65.95 38.35 17.18
C LEU D 46 -67.37 37.91 16.88
N SER D 47 -68.37 38.57 17.48
CA SER D 47 -69.75 38.16 17.28
C SER D 47 -70.27 38.55 15.91
N ASP D 48 -69.70 39.60 15.30
CA ASP D 48 -70.14 40.07 14.00
C ASP D 48 -69.54 39.17 12.92
N ASP D 49 -70.40 38.55 12.10
CA ASP D 49 -69.94 37.65 11.06
C ASP D 49 -69.46 38.38 9.81
N LYS D 50 -69.87 39.64 9.62
CA LYS D 50 -69.51 40.37 8.41
C LYS D 50 -68.08 40.90 8.44
N TYR D 51 -67.42 40.90 9.59
CA TYR D 51 -66.05 41.39 9.67
C TYR D 51 -65.08 40.38 9.07
N SER D 52 -63.92 40.90 8.66
CA SER D 52 -62.88 40.07 8.07
C SER D 52 -62.22 39.21 9.14
N ALA D 53 -61.41 38.24 8.67
CA ALA D 53 -60.71 37.36 9.61
C ALA D 53 -59.66 38.12 10.41
N ASN D 54 -59.03 39.12 9.81
CA ASN D 54 -58.03 39.90 10.54
C ASN D 54 -58.68 40.75 11.62
N VAL D 55 -59.87 41.30 11.35
CA VAL D 55 -60.57 42.10 12.35
C VAL D 55 -61.01 41.22 13.52
N LYS D 56 -61.49 40.01 13.23
CA LYS D 56 -61.89 39.10 14.29
C LYS D 56 -60.68 38.63 15.10
N TYR D 57 -59.53 38.47 14.46
CA TYR D 57 -58.33 38.09 15.19
C TYR D 57 -57.92 39.16 16.19
N PHE D 58 -58.07 40.43 15.81
CA PHE D 58 -57.76 41.50 16.74
C PHE D 58 -58.74 41.52 17.93
N GLY D 59 -59.96 41.05 17.71
CA GLY D 59 -60.88 40.89 18.83
C GLY D 59 -60.39 39.87 19.83
N ALA D 60 -59.95 38.70 19.35
CA ALA D 60 -59.34 37.72 20.23
C ALA D 60 -58.05 38.25 20.83
N LEU D 61 -57.32 39.09 20.10
CA LEU D 61 -56.12 39.70 20.65
C LEU D 61 -56.45 40.72 21.73
N THR D 62 -57.48 41.54 21.51
CA THR D 62 -57.89 42.50 22.54
C THR D 62 -58.41 41.78 23.78
N LEU D 63 -59.08 40.64 23.60
CA LEU D 63 -59.49 39.84 24.74
C LEU D 63 -58.29 39.27 25.49
N THR D 64 -57.20 38.98 24.77
CA THR D 64 -56.04 38.33 25.38
C THR D 64 -55.41 39.20 26.47
N VAL D 65 -55.61 40.51 26.42
CA VAL D 65 -55.00 41.41 27.39
C VAL D 65 -55.77 41.35 28.70
N GLN D 66 -55.37 40.44 29.58
CA GLN D 66 -55.92 40.35 30.92
C GLN D 66 -54.88 40.64 31.99
N LEU D 67 -53.63 40.90 31.61
CA LEU D 67 -52.57 41.19 32.57
C LEU D 67 -52.75 42.57 33.20
N ASN D 68 -53.57 43.43 32.61
CA ASN D 68 -53.80 44.76 33.15
C ASN D 68 -54.74 44.71 34.35
N THR D 77 -60.92 42.61 38.83
CA THR D 77 -59.88 41.80 39.47
C THR D 77 -60.16 40.31 39.28
N LEU D 78 -60.96 39.73 40.17
CA LEU D 78 -61.32 38.33 40.09
C LEU D 78 -62.58 38.09 39.26
N TRP D 79 -63.44 39.10 39.12
CA TRP D 79 -64.71 38.92 38.43
C TRP D 79 -64.53 38.98 36.92
N ASN D 80 -63.66 39.87 36.43
CA ASN D 80 -63.45 39.99 34.99
C ASN D 80 -62.84 38.74 34.38
N VAL D 81 -62.18 37.91 35.18
CA VAL D 81 -61.64 36.66 34.65
C VAL D 81 -62.75 35.68 34.34
N PHE D 82 -63.75 35.57 35.23
CA PHE D 82 -64.86 34.65 35.00
C PHE D 82 -65.73 35.14 33.85
N ARG D 83 -66.08 36.42 33.84
CA ARG D 83 -66.90 36.96 32.75
C ARG D 83 -66.17 36.95 31.42
N SER D 84 -64.84 36.96 31.42
CA SER D 84 -64.10 36.81 30.17
C SER D 84 -64.12 35.37 29.71
N ASN D 85 -63.75 34.44 30.60
CA ASN D 85 -63.71 33.02 30.25
C ASN D 85 -65.04 32.54 29.71
N LEU D 86 -66.15 33.10 30.21
CA LEU D 86 -67.46 32.79 29.65
C LEU D 86 -67.54 33.23 28.19
N LEU D 87 -67.08 34.45 27.90
CA LEU D 87 -67.10 34.95 26.54
C LEU D 87 -66.00 34.37 25.67
N TYR D 88 -64.90 33.90 26.28
CA TYR D 88 -63.94 33.10 25.54
C TYR D 88 -64.59 31.83 25.01
N LEU D 89 -65.20 31.05 25.91
CA LEU D 89 -65.89 29.84 25.52
C LEU D 89 -67.10 30.11 24.65
N THR D 90 -67.69 31.31 24.74
CA THR D 90 -68.83 31.65 23.89
C THR D 90 -68.39 31.84 22.44
N LYS D 91 -67.44 32.73 22.21
CA LYS D 91 -66.87 32.89 20.86
C LYS D 91 -66.15 31.63 20.42
N PHE D 92 -65.67 30.81 21.36
CA PHE D 92 -65.12 29.50 21.06
C PHE D 92 -66.16 28.66 20.33
N SER D 93 -67.25 28.32 21.02
CA SER D 93 -68.29 27.49 20.44
C SER D 93 -68.83 28.07 19.14
N THR D 94 -68.83 29.40 19.01
CA THR D 94 -69.33 30.03 17.80
C THR D 94 -68.49 29.64 16.58
N LEU D 95 -67.21 30.02 16.60
CA LEU D 95 -66.35 29.75 15.44
C LEU D 95 -66.04 28.26 15.30
N TYR D 96 -66.02 27.52 16.40
CA TYR D 96 -65.71 26.10 16.34
C TYR D 96 -66.86 25.25 15.82
N VAL D 97 -68.07 25.80 15.74
CA VAL D 97 -69.15 25.13 15.05
C VAL D 97 -69.19 25.51 13.57
N SER D 98 -68.76 26.73 13.24
CA SER D 98 -68.72 27.16 11.84
C SER D 98 -67.60 26.49 11.07
N ASN D 99 -66.62 25.89 11.75
CA ASN D 99 -65.46 25.30 11.11
C ASN D 99 -65.72 23.92 10.49
N PRO D 100 -66.26 22.95 11.24
CA PRO D 100 -66.21 21.55 10.76
C PRO D 100 -67.03 21.27 9.51
N ASN D 101 -68.01 22.09 9.16
CA ASN D 101 -68.83 21.77 8.00
C ASN D 101 -68.06 22.01 6.70
N MET D 102 -67.89 23.27 6.32
CA MET D 102 -67.03 23.63 5.20
C MET D 102 -66.77 25.13 5.16
N TYR D 103 -65.63 25.55 5.73
CA TYR D 103 -65.23 26.95 5.65
C TYR D 103 -63.80 27.08 5.15
N GLY D 104 -62.85 26.46 5.84
CA GLY D 104 -61.46 26.51 5.42
C GLY D 104 -60.78 27.83 5.74
N GLN D 105 -59.52 27.76 6.17
CA GLN D 105 -58.69 28.92 6.47
C GLN D 105 -59.29 29.82 7.54
N SER D 106 -60.17 29.28 8.38
CA SER D 106 -60.78 30.03 9.46
C SER D 106 -60.26 29.60 10.83
N LEU D 107 -59.22 28.79 10.87
CA LEU D 107 -58.69 28.24 12.12
C LEU D 107 -57.59 29.11 12.74
N ILE D 108 -57.35 30.29 12.19
CA ILE D 108 -56.34 31.18 12.76
C ILE D 108 -56.83 31.76 14.08
N ILE D 109 -58.04 32.32 14.08
CA ILE D 109 -58.64 32.78 15.34
C ILE D 109 -58.93 31.58 16.23
N ILE D 110 -59.19 30.41 15.65
CA ILE D 110 -59.39 29.19 16.43
C ILE D 110 -58.16 28.89 17.28
N LYS D 111 -56.97 29.02 16.70
CA LYS D 111 -55.75 28.76 17.44
C LYS D 111 -55.46 29.86 18.46
N LYS D 112 -55.81 31.11 18.15
CA LYS D 112 -55.58 32.20 19.08
C LYS D 112 -56.45 32.06 20.33
N LEU D 113 -57.71 31.68 20.15
CA LEU D 113 -58.58 31.45 21.30
C LEU D 113 -58.08 30.30 22.16
N MET D 114 -57.47 29.29 21.53
CA MET D 114 -56.85 28.21 22.30
C MET D 114 -55.71 28.75 23.16
N SER D 115 -54.89 29.64 22.60
CA SER D 115 -53.78 30.21 23.36
C SER D 115 -54.28 31.05 24.53
N ASN D 116 -55.38 31.78 24.33
CA ASN D 116 -55.92 32.59 25.41
C ASN D 116 -56.46 31.71 26.53
N LEU D 117 -57.16 30.63 26.18
CA LEU D 117 -57.69 29.73 27.20
C LEU D 117 -56.57 29.01 27.93
N SER D 118 -55.46 28.72 27.25
CA SER D 118 -54.32 28.09 27.91
C SER D 118 -53.72 29.01 28.96
N LEU D 119 -53.62 30.31 28.65
CA LEU D 119 -53.15 31.27 29.64
C LEU D 119 -54.11 31.35 30.82
N ILE D 120 -55.41 31.26 30.55
CA ILE D 120 -56.40 31.22 31.62
C ILE D 120 -56.21 29.98 32.48
N PHE D 121 -55.97 28.83 31.84
CA PHE D 121 -55.75 27.59 32.58
C PHE D 121 -54.54 27.68 33.49
N THR D 122 -53.51 28.43 33.08
CA THR D 122 -52.34 28.60 33.93
C THR D 122 -52.63 29.55 35.08
N LYS D 123 -53.40 30.60 34.83
CA LYS D 123 -53.65 31.62 35.86
C LYS D 123 -54.65 31.14 36.90
N ILE D 124 -55.71 30.44 36.47
CA ILE D 124 -56.74 30.01 37.42
C ILE D 124 -56.21 28.89 38.30
N ASN D 125 -55.52 27.90 37.71
CA ASN D 125 -55.00 26.80 38.50
C ASN D 125 -53.83 27.20 39.38
N ASP D 126 -53.37 28.45 39.31
CA ASP D 126 -52.38 28.95 40.25
C ASP D 126 -52.97 28.99 41.65
N PRO D 127 -52.13 29.08 42.69
CA PRO D 127 -52.66 29.15 44.06
C PRO D 127 -53.69 30.25 44.26
N GLN D 128 -53.48 31.43 43.69
CA GLN D 128 -54.43 32.52 43.81
C GLN D 128 -54.26 33.52 42.67
N GLN D 140 -61.81 25.81 40.13
CA GLN D 140 -60.91 24.87 39.49
C GLN D 140 -61.41 24.51 38.09
N TRP D 141 -60.48 24.11 37.22
CA TRP D 141 -60.80 23.73 35.86
C TRP D 141 -60.50 22.27 35.57
N ASN D 142 -59.28 21.82 35.84
CA ASN D 142 -58.84 20.43 35.76
C ASN D 142 -58.73 19.89 34.33
N ASN D 143 -59.62 20.31 33.43
CA ASN D 143 -59.61 19.70 32.11
C ASN D 143 -60.33 20.56 31.08
N PRO D 144 -59.63 21.44 30.38
CA PRO D 144 -60.30 22.25 29.34
C PRO D 144 -60.72 21.46 28.12
N ILE D 145 -60.12 20.29 27.88
CA ILE D 145 -60.54 19.47 26.73
C ILE D 145 -61.97 18.99 26.93
N ASN D 146 -62.29 18.52 28.14
CA ASN D 146 -63.65 18.09 28.43
C ASN D 146 -64.63 19.24 28.31
N THR D 147 -64.27 20.42 28.85
CA THR D 147 -65.14 21.58 28.76
C THR D 147 -65.47 21.92 27.32
N PHE D 148 -64.50 21.81 26.42
CA PHE D 148 -64.74 22.06 25.00
C PHE D 148 -65.67 21.01 24.40
N ILE D 149 -65.69 19.80 24.96
CA ILE D 149 -66.47 18.71 24.38
C ILE D 149 -67.96 18.98 24.52
N GLN D 150 -68.41 19.30 25.73
CA GLN D 150 -69.84 19.45 25.97
C GLN D 150 -70.42 20.72 25.38
N LEU D 151 -69.58 21.70 25.06
CA LEU D 151 -70.06 22.91 24.38
C LEU D 151 -70.60 22.60 23.00
N MET D 152 -70.36 21.42 22.47
CA MET D 152 -70.93 20.96 21.20
C MET D 152 -72.16 20.09 21.45
N SER D 153 -73.17 20.68 22.09
CA SER D 153 -74.38 19.96 22.41
C SER D 153 -75.55 20.93 22.46
N VAL D 154 -76.76 20.38 22.50
CA VAL D 154 -77.98 21.17 22.53
C VAL D 154 -78.89 20.70 23.67
N ALA D 161 -80.39 28.77 31.34
CA ALA D 161 -80.86 27.99 30.20
C ALA D 161 -79.77 27.86 29.14
N ASP D 162 -79.14 28.98 28.80
CA ASP D 162 -78.07 29.01 27.80
C ASP D 162 -76.73 29.37 28.43
N GLN D 163 -76.64 30.52 29.11
CA GLN D 163 -75.41 30.89 29.79
C GLN D 163 -75.19 30.08 31.06
N LEU D 164 -76.23 29.42 31.58
CA LEU D 164 -76.08 28.59 32.77
C LEU D 164 -75.34 27.29 32.48
N LEU D 165 -75.25 26.90 31.21
CA LEU D 165 -74.59 25.65 30.87
C LEU D 165 -73.09 25.72 31.15
N LEU D 166 -72.46 26.85 30.85
CA LEU D 166 -71.01 26.97 30.99
C LEU D 166 -70.56 26.83 32.43
N ASP D 167 -71.44 27.10 33.40
CA ASP D 167 -71.03 27.01 34.81
C ASP D 167 -70.83 25.56 35.23
N SER D 168 -71.82 24.70 34.99
CA SER D 168 -71.73 23.30 35.41
C SER D 168 -70.85 22.46 34.49
N ILE D 169 -70.68 22.88 33.24
CA ILE D 169 -69.89 22.11 32.28
C ILE D 169 -68.39 22.21 32.58
N ASN D 170 -67.97 23.26 33.27
CA ASN D 170 -66.55 23.59 33.38
C ASN D 170 -65.75 22.48 34.06
N CYS D 171 -66.04 22.23 35.35
CA CYS D 171 -65.13 21.45 36.17
C CYS D 171 -65.40 19.94 36.15
N SER D 172 -66.58 19.52 35.71
CA SER D 172 -66.90 18.09 35.67
C SER D 172 -67.59 17.78 34.36
N LEU D 173 -67.25 16.64 33.76
CA LEU D 173 -67.67 16.35 32.40
C LEU D 173 -67.75 14.83 32.22
N THR D 174 -67.85 14.39 30.98
CA THR D 174 -68.27 13.04 30.63
C THR D 174 -67.09 12.07 30.64
N TYR D 175 -67.32 10.89 30.05
CA TYR D 175 -66.41 9.76 30.05
C TYR D 175 -65.66 9.67 28.73
N GLU D 176 -65.01 8.52 28.50
CA GLU D 176 -64.20 8.34 27.29
C GLU D 176 -65.05 7.95 26.08
N GLN D 177 -66.17 7.26 26.29
CA GLN D 177 -67.00 6.85 25.15
C GLN D 177 -67.55 8.06 24.40
N LEU D 178 -67.97 9.09 25.13
CA LEU D 178 -68.43 10.31 24.46
C LEU D 178 -67.26 11.06 23.83
N SER D 179 -66.05 10.91 24.39
CA SER D 179 -64.88 11.52 23.77
C SER D 179 -64.61 10.92 22.40
N GLN D 180 -64.83 9.62 22.25
CA GLN D 180 -64.73 9.00 20.92
C GLN D 180 -65.86 9.46 20.02
N PHE D 181 -67.03 9.76 20.59
CA PHE D 181 -68.15 10.26 19.79
C PHE D 181 -67.85 11.63 19.22
N VAL D 182 -66.98 12.42 19.88
CA VAL D 182 -66.60 13.72 19.33
C VAL D 182 -65.88 13.55 18.00
N SER D 183 -65.18 12.44 17.82
CA SER D 183 -64.42 12.19 16.60
C SER D 183 -65.30 11.69 15.46
N LEU D 184 -66.60 11.96 15.48
CA LEU D 184 -67.47 11.57 14.37
C LEU D 184 -67.02 12.22 13.06
N SER D 185 -66.51 13.44 13.12
CA SER D 185 -66.00 14.15 11.96
C SER D 185 -64.48 14.26 12.04
N GLN D 186 -63.87 14.72 10.95
CA GLN D 186 -62.42 14.83 10.90
C GLN D 186 -61.94 16.14 11.51
N LYS D 187 -62.64 17.25 11.23
CA LYS D 187 -62.25 18.53 11.79
C LYS D 187 -62.46 18.58 13.30
N HIS D 188 -63.39 17.78 13.83
CA HIS D 188 -63.54 17.68 15.27
C HIS D 188 -62.29 17.10 15.92
N ASN D 189 -61.78 16.00 15.36
CA ASN D 189 -60.53 15.45 15.85
C ASN D 189 -59.36 16.41 15.66
N GLU D 190 -59.41 17.20 14.59
CA GLU D 190 -58.36 18.20 14.38
C GLU D 190 -58.41 19.29 15.43
N LEU D 191 -59.62 19.72 15.82
CA LEU D 191 -59.73 20.75 16.84
C LEU D 191 -59.30 20.23 18.21
N ALA D 192 -59.63 18.98 18.51
CA ALA D 192 -59.21 18.40 19.78
C ALA D 192 -57.70 18.22 19.83
N LEU D 193 -57.11 17.72 18.74
CA LEU D 193 -55.66 17.58 18.69
C LEU D 193 -54.97 18.94 18.79
N THR D 194 -55.50 19.95 18.12
CA THR D 194 -54.88 21.27 18.16
C THR D 194 -55.00 21.89 19.54
N PHE D 195 -56.11 21.65 20.25
CA PHE D 195 -56.28 22.22 21.58
C PHE D 195 -55.24 21.67 22.55
N THR D 196 -55.06 20.35 22.55
CA THR D 196 -54.04 19.75 23.41
C THR D 196 -52.66 20.24 23.04
N GLU D 197 -52.41 20.49 21.75
CA GLU D 197 -51.10 20.98 21.32
C GLU D 197 -50.84 22.40 21.81
N VAL D 198 -51.83 23.29 21.64
CA VAL D 198 -51.63 24.69 21.99
C VAL D 198 -51.48 24.85 23.50
N ILE D 199 -52.27 24.14 24.29
CA ILE D 199 -52.16 24.20 25.74
C ILE D 199 -50.77 23.75 26.18
N VAL D 200 -50.27 22.66 25.59
CA VAL D 200 -48.96 22.15 25.96
C VAL D 200 -47.86 23.12 25.54
N GLU D 201 -47.95 23.66 24.31
CA GLU D 201 -46.93 24.59 23.84
C GLU D 201 -46.89 25.86 24.67
N ASP D 202 -48.06 26.31 25.15
CA ASP D 202 -48.07 27.50 26.00
C ASP D 202 -47.51 27.19 27.38
N LEU D 203 -47.83 26.02 27.94
CA LEU D 203 -47.22 25.62 29.20
C LEU D 203 -45.71 25.48 29.08
N THR D 204 -45.23 25.09 27.90
CA THR D 204 -43.79 25.04 27.67
C THR D 204 -43.19 26.44 27.64
N LYS D 205 -43.84 27.37 26.94
CA LYS D 205 -43.36 28.74 26.88
C LYS D 205 -43.40 29.41 28.24
N PHE D 206 -44.45 29.14 29.02
CA PHE D 206 -44.56 29.73 30.35
C PHE D 206 -43.51 29.15 31.30
N GLN D 207 -43.21 27.86 31.15
CA GLN D 207 -42.18 27.23 31.97
C GLN D 207 -40.78 27.72 31.59
N THR D 208 -40.53 27.90 30.29
CA THR D 208 -39.22 28.35 29.84
C THR D 208 -38.96 29.80 30.24
N LYS D 209 -40.00 30.64 30.19
CA LYS D 209 -39.83 32.05 30.54
C LYS D 209 -39.44 32.20 32.01
N ARG D 210 -40.30 31.74 32.92
CA ARG D 210 -40.04 31.83 34.34
C ARG D 210 -40.67 30.62 35.03
N HIS D 211 -40.01 30.11 36.06
CA HIS D 211 -40.41 28.87 36.73
C HIS D 211 -41.16 29.22 38.02
N SER D 212 -42.46 29.44 37.89
CA SER D 212 -43.35 29.55 39.04
C SER D 212 -44.43 28.48 39.02
N MET D 213 -44.28 27.44 38.21
CA MET D 213 -45.33 26.48 37.97
C MET D 213 -45.40 25.45 39.10
N SER D 214 -44.53 24.44 39.05
CA SER D 214 -44.28 23.55 40.17
C SER D 214 -45.49 22.71 40.60
N GLN D 215 -46.71 23.15 40.30
CA GLN D 215 -47.87 22.36 40.67
C GLN D 215 -48.89 22.22 39.55
N ILE D 216 -48.92 23.18 38.63
CA ILE D 216 -49.84 23.07 37.49
C ILE D 216 -49.53 21.82 36.67
N HIS D 217 -48.24 21.45 36.60
CA HIS D 217 -47.89 20.21 35.90
C HIS D 217 -48.56 19.01 36.53
N GLU D 218 -48.69 19.00 37.86
CA GLU D 218 -49.41 17.93 38.54
C GLU D 218 -50.90 17.95 38.16
N VAL D 219 -51.48 19.14 38.02
CA VAL D 219 -52.87 19.25 37.60
C VAL D 219 -53.06 18.70 36.19
N VAL D 220 -52.16 19.05 35.28
CA VAL D 220 -52.19 18.48 33.94
C VAL D 220 -51.93 16.98 33.98
N HIS D 221 -51.12 16.52 34.93
CA HIS D 221 -50.79 15.11 35.03
C HIS D 221 -51.98 14.28 35.51
N GLU D 222 -52.87 14.88 36.30
CA GLU D 222 -53.95 14.12 36.91
C GLU D 222 -55.20 14.04 36.05
N HIS D 223 -55.45 15.03 35.20
CA HIS D 223 -56.64 15.04 34.37
C HIS D 223 -56.33 15.17 32.88
N LEU D 224 -55.56 16.19 32.48
CA LEU D 224 -55.36 16.44 31.06
C LEU D 224 -54.47 15.38 30.42
N TYR D 225 -53.47 14.88 31.17
CA TYR D 225 -52.58 13.88 30.61
C TYR D 225 -53.31 12.60 30.24
N ILE D 226 -54.29 12.20 31.05
CA ILE D 226 -55.03 10.97 30.75
C ILE D 226 -55.85 11.12 29.48
N SER D 227 -56.53 12.26 29.33
CA SER D 227 -57.37 12.47 28.15
C SER D 227 -56.53 12.58 26.88
N THR D 228 -55.38 13.25 26.95
CA THR D 228 -54.55 13.42 25.76
C THR D 228 -53.94 12.10 25.31
N MET D 229 -53.49 11.27 26.26
CA MET D 229 -52.92 9.98 25.89
C MET D 229 -53.97 9.06 25.30
N ALA D 230 -55.17 9.06 25.87
CA ALA D 230 -56.25 8.25 25.30
C ALA D 230 -56.66 8.77 23.93
N LEU D 231 -56.59 10.08 23.71
CA LEU D 231 -56.94 10.64 22.41
C LEU D 231 -55.84 10.40 21.39
N ILE D 232 -54.57 10.54 21.79
CA ILE D 232 -53.47 10.29 20.88
C ILE D 232 -53.41 8.82 20.50
N ASN D 233 -53.51 7.94 21.50
CA ASN D 233 -53.50 6.51 21.22
C ASN D 233 -54.69 6.09 20.37
N LEU D 234 -55.83 6.79 20.52
CA LEU D 234 -56.97 6.50 19.66
C LEU D 234 -56.68 6.86 18.21
N ASN D 235 -55.97 7.98 17.99
CA ASN D 235 -55.57 8.33 16.64
C ASN D 235 -54.59 7.33 16.05
N LEU D 236 -53.75 6.72 16.89
CA LEU D 236 -52.76 5.77 16.40
C LEU D 236 -53.38 4.40 16.14
N THR D 237 -54.26 3.94 17.02
CA THR D 237 -54.82 2.60 16.90
C THR D 237 -55.95 2.56 15.87
N ALA D 238 -56.89 3.50 15.95
CA ALA D 238 -58.04 3.51 15.06
C ALA D 238 -57.67 4.11 13.71
N GLN D 239 -58.13 3.46 12.64
CA GLN D 239 -57.81 3.91 11.29
C GLN D 239 -58.66 5.12 10.89
N ALA D 240 -59.97 5.06 11.16
CA ALA D 240 -60.84 6.15 10.76
C ALA D 240 -60.56 7.42 11.58
N VAL D 241 -60.23 7.26 12.86
CA VAL D 241 -59.93 8.41 13.71
C VAL D 241 -58.54 8.95 13.48
N PHE D 242 -57.68 8.21 12.77
CA PHE D 242 -56.32 8.64 12.53
C PHE D 242 -56.28 9.94 11.74
N ASN D 243 -55.50 10.90 12.23
CA ASN D 243 -55.30 12.18 11.58
C ASN D 243 -53.83 12.57 11.72
N PRO D 244 -53.20 13.07 10.65
CA PRO D 244 -51.77 13.42 10.74
C PRO D 244 -51.46 14.51 11.75
N THR D 245 -52.47 15.23 12.26
CA THR D 245 -52.23 16.28 13.24
C THR D 245 -51.68 15.72 14.56
N VAL D 246 -51.93 14.45 14.85
CA VAL D 246 -51.46 13.87 16.11
C VAL D 246 -49.94 13.86 16.17
N PHE D 247 -49.28 13.81 15.01
CA PHE D 247 -47.82 13.83 15.00
C PHE D 247 -47.29 15.15 15.56
N ASP D 248 -47.83 16.27 15.09
CA ASP D 248 -47.47 17.57 15.65
C ASP D 248 -47.91 17.71 17.11
N CYS D 249 -48.92 16.95 17.53
CA CYS D 249 -49.35 17.01 18.92
C CYS D 249 -48.44 16.18 19.82
N ILE D 250 -47.98 15.02 19.32
CA ILE D 250 -47.03 14.21 20.09
C ILE D 250 -45.73 14.97 20.30
N THR D 251 -45.20 15.56 19.23
CA THR D 251 -43.97 16.33 19.33
C THR D 251 -44.13 17.49 20.32
N ALA D 252 -45.28 18.15 20.30
CA ALA D 252 -45.54 19.22 21.27
C ALA D 252 -45.53 18.67 22.69
N TRP D 253 -46.26 17.57 22.92
CA TRP D 253 -46.29 16.96 24.25
C TRP D 253 -44.91 16.53 24.70
N ILE D 254 -44.13 15.94 23.79
CA ILE D 254 -42.80 15.45 24.17
C ILE D 254 -41.93 16.60 24.67
N ASN D 255 -42.05 17.78 24.07
CA ASN D 255 -41.26 18.92 24.51
C ASN D 255 -41.61 19.31 25.94
N TYR D 256 -42.91 19.39 26.26
CA TYR D 256 -43.32 19.67 27.62
C TYR D 256 -42.97 18.53 28.55
N ILE D 257 -43.06 17.29 28.06
CA ILE D 257 -42.68 16.12 28.85
C ILE D 257 -41.17 16.02 29.00
N SER D 258 -40.42 16.55 28.02
CA SER D 258 -38.97 16.47 28.02
C SER D 258 -38.33 17.15 29.23
N LEU D 259 -39.07 17.98 29.96
CA LEU D 259 -38.49 18.66 31.11
C LEU D 259 -38.51 17.74 32.33
N THR D 260 -38.93 18.27 33.48
CA THR D 260 -38.83 17.49 34.71
C THR D 260 -39.87 16.38 34.75
N ARG D 261 -40.43 16.14 35.94
CA ARG D 261 -41.41 15.10 36.21
C ARG D 261 -41.11 13.78 35.48
N SER D 262 -40.47 12.84 36.16
CA SER D 262 -40.17 11.54 35.57
C SER D 262 -40.02 10.53 36.71
N VAL D 263 -39.36 9.41 36.41
CA VAL D 263 -39.01 8.49 37.48
C VAL D 263 -38.04 9.15 38.44
N SER D 264 -37.40 10.25 38.03
CA SER D 264 -36.59 11.05 38.94
C SER D 264 -37.48 11.86 39.88
N SER D 265 -38.45 12.58 39.32
CA SER D 265 -39.30 13.48 40.09
C SER D 265 -40.53 12.72 40.58
N SER D 266 -41.59 13.44 40.94
CA SER D 266 -42.76 12.83 41.57
C SER D 266 -43.65 12.12 40.56
N GLY D 267 -44.30 12.88 39.67
CA GLY D 267 -45.20 12.29 38.71
C GLY D 267 -44.47 11.61 37.57
N ARG D 268 -45.08 10.55 37.05
CA ARG D 268 -44.51 9.76 35.97
C ARG D 268 -45.56 9.54 34.88
N MET D 269 -45.29 10.10 33.71
CA MET D 269 -46.08 9.93 32.49
C MET D 269 -45.39 8.89 31.62
N ASP D 270 -46.12 7.88 31.20
CA ASP D 270 -45.52 6.70 30.59
C ASP D 270 -44.93 6.99 29.21
N LEU D 271 -45.79 7.31 28.25
CA LEU D 271 -45.41 7.50 26.85
C LEU D 271 -44.84 6.25 26.22
N SER D 272 -44.82 5.14 26.97
CA SER D 272 -44.24 3.91 26.44
C SER D 272 -45.12 3.32 25.36
N GLU D 273 -46.43 3.24 25.61
CA GLU D 273 -47.35 2.72 24.61
C GLU D 273 -47.45 3.66 23.41
N ILE D 274 -47.33 4.97 23.63
CA ILE D 274 -47.32 5.92 22.52
C ILE D 274 -46.14 5.65 21.59
N PHE D 275 -44.96 5.44 22.17
CA PHE D 275 -43.80 5.08 21.37
C PHE D 275 -43.99 3.74 20.69
N GLN D 276 -44.65 2.80 21.37
CA GLN D 276 -44.89 1.48 20.79
C GLN D 276 -45.79 1.57 19.57
N ASN D 277 -46.89 2.31 19.67
CA ASN D 277 -47.79 2.45 18.53
C ASN D 277 -47.17 3.28 17.42
N LEU D 278 -46.25 4.19 17.76
CA LEU D 278 -45.53 4.93 16.73
C LEU D 278 -44.57 4.02 15.97
N ILE D 279 -43.97 3.04 16.66
CA ILE D 279 -43.10 2.08 15.98
C ILE D 279 -43.93 1.19 15.06
N ASP D 280 -45.09 0.73 15.53
CA ASP D 280 -45.94 -0.11 14.70
C ASP D 280 -46.49 0.66 13.51
N LEU D 281 -46.83 1.93 13.71
CA LEU D 281 -47.34 2.74 12.60
C LEU D 281 -46.24 3.02 11.58
N MET D 282 -45.04 3.32 12.05
CA MET D 282 -43.92 3.57 11.14
C MET D 282 -43.60 2.34 10.31
N TYR D 283 -43.66 1.15 10.92
CA TYR D 283 -43.38 -0.08 10.19
C TYR D 283 -44.45 -0.37 9.16
N GLN D 284 -45.71 0.01 9.42
CA GLN D 284 -46.78 -0.20 8.45
C GLN D 284 -46.72 0.78 7.29
N SER D 285 -46.05 1.92 7.46
CA SER D 285 -45.94 2.91 6.39
C SER D 285 -44.91 2.43 5.37
N THR D 286 -45.37 2.12 4.18
CA THR D 286 -44.52 1.67 3.08
C THR D 286 -44.70 2.59 1.88
N GLU D 287 -44.06 2.23 0.77
CA GLU D 287 -44.16 3.04 -0.44
C GLU D 287 -45.54 2.91 -1.07
N GLY D 288 -46.07 1.69 -1.13
CA GLY D 288 -47.36 1.45 -1.76
C GLY D 288 -48.53 1.84 -0.89
N SER D 289 -48.41 1.63 0.42
CA SER D 289 -49.52 1.89 1.33
C SER D 289 -49.62 3.38 1.67
N ASP D 290 -48.60 3.93 2.32
CA ASP D 290 -48.61 5.31 2.76
C ASP D 290 -47.66 6.20 1.99
N GLY D 291 -46.77 5.64 1.17
CA GLY D 291 -45.76 6.43 0.52
C GLY D 291 -44.67 6.91 1.44
N TYR D 292 -44.47 6.22 2.57
CA TYR D 292 -43.46 6.57 3.57
C TYR D 292 -43.66 7.98 4.11
N GLU D 293 -44.91 8.44 4.16
CA GLU D 293 -45.22 9.73 4.75
C GLU D 293 -45.27 9.63 6.28
N ASN D 294 -46.03 8.66 6.79
CA ASN D 294 -46.08 8.46 8.23
C ASN D 294 -44.74 8.00 8.77
N ALA D 295 -44.02 7.16 8.01
CA ALA D 295 -42.69 6.74 8.43
C ALA D 295 -41.74 7.93 8.51
N GLU D 296 -41.90 8.90 7.62
CA GLU D 296 -41.06 10.10 7.66
C GLU D 296 -41.35 10.94 8.89
N LYS D 297 -42.64 11.13 9.22
CA LYS D 297 -43.00 11.95 10.37
C LYS D 297 -42.61 11.27 11.68
N ILE D 298 -42.81 9.96 11.78
CA ILE D 298 -42.48 9.24 13.00
C ILE D 298 -40.96 9.21 13.20
N LEU D 299 -40.20 9.09 12.10
CA LEU D 299 -38.75 9.17 12.21
C LEU D 299 -38.30 10.55 12.68
N THR D 300 -39.03 11.60 12.32
CA THR D 300 -38.72 12.93 12.83
C THR D 300 -39.02 13.01 14.32
N ILE D 301 -40.09 12.37 14.77
CA ILE D 301 -40.42 12.34 16.19
C ILE D 301 -39.36 11.55 16.96
N PHE D 302 -39.01 10.36 16.47
CA PHE D 302 -37.98 9.56 17.12
C PHE D 302 -36.64 10.27 17.06
N GLY D 303 -36.35 10.95 15.96
CA GLY D 303 -35.12 11.73 15.88
C GLY D 303 -35.05 12.84 16.91
N ASN D 304 -36.20 13.45 17.22
CA ASN D 304 -36.22 14.48 18.25
C ASN D 304 -35.99 13.88 19.63
N VAL D 305 -36.57 12.72 19.90
CA VAL D 305 -36.40 12.09 21.22
C VAL D 305 -34.95 11.65 21.41
N PHE D 306 -34.40 10.92 20.43
CA PHE D 306 -33.05 10.38 20.59
C PHE D 306 -32.00 11.48 20.67
N ALA D 307 -32.20 12.58 19.97
CA ALA D 307 -31.19 13.64 19.94
C ALA D 307 -31.25 14.56 21.14
N ASN D 308 -32.38 14.63 21.83
CA ASN D 308 -32.55 15.56 22.94
C ASN D 308 -32.68 14.87 24.28
N ASP D 309 -33.67 14.01 24.45
CA ASP D 309 -33.91 13.29 25.71
C ASP D 309 -34.14 11.82 25.39
N PRO D 310 -33.06 11.05 25.18
CA PRO D 310 -33.23 9.64 24.82
C PRO D 310 -33.73 8.77 25.97
N LEU D 311 -33.50 9.18 27.22
CA LEU D 311 -33.97 8.41 28.36
C LEU D 311 -35.48 8.37 28.47
N LEU D 312 -36.20 9.19 27.70
CA LEU D 312 -37.65 9.17 27.71
C LEU D 312 -38.21 7.86 27.15
N MET D 313 -37.46 7.16 26.32
CA MET D 313 -37.86 5.89 25.75
C MET D 313 -37.27 4.75 26.58
N SER D 314 -38.10 3.75 26.86
CA SER D 314 -37.67 2.63 27.68
C SER D 314 -36.70 1.73 26.92
N TYR D 315 -36.10 0.79 27.65
CA TYR D 315 -35.12 -0.11 27.04
C TYR D 315 -35.76 -1.06 26.04
N ASP D 316 -37.00 -1.49 26.29
CA ASP D 316 -37.65 -2.43 25.38
C ASP D 316 -37.95 -1.78 24.04
N LEU D 317 -38.48 -0.55 24.06
CA LEU D 317 -38.78 0.15 22.81
C LEU D 317 -37.50 0.54 22.07
N ARG D 318 -36.44 0.88 22.80
CA ARG D 318 -35.17 1.17 22.15
C ARG D 318 -34.57 -0.07 21.51
N GLN D 319 -34.84 -1.25 22.08
CA GLN D 319 -34.40 -2.49 21.45
C GLN D 319 -35.15 -2.74 20.15
N GLN D 320 -36.44 -2.39 20.10
CA GLN D 320 -37.19 -2.54 18.86
C GLN D 320 -36.68 -1.58 17.79
N ILE D 321 -36.28 -0.37 18.19
CA ILE D 321 -35.69 0.57 17.25
C ILE D 321 -34.36 0.03 16.73
N GLU D 322 -33.59 -0.62 17.61
CA GLU D 322 -32.30 -1.18 17.21
C GLU D 322 -32.48 -2.31 16.18
N CYS D 323 -33.44 -3.21 16.41
CA CYS D 323 -33.66 -4.31 15.50
C CYS D 323 -34.28 -3.88 14.18
N ILE D 324 -34.94 -2.73 14.14
CA ILE D 324 -35.54 -2.26 12.90
C ILE D 324 -34.51 -1.51 12.06
N PHE D 325 -33.69 -0.67 12.69
CA PHE D 325 -32.71 0.12 11.96
C PHE D 325 -31.59 -0.77 11.40
N LEU D 326 -31.08 -1.68 12.22
CA LEU D 326 -29.93 -2.50 11.85
C LEU D 326 -30.30 -3.88 11.36
N GLY D 327 -31.59 -4.23 11.33
CA GLY D 327 -32.02 -5.53 10.86
C GLY D 327 -31.62 -6.67 11.78
N ASN D 342 -35.41 -7.20 1.61
CA ASN D 342 -35.60 -8.09 2.75
C ASN D 342 -36.12 -7.33 3.96
N SER D 343 -35.21 -6.65 4.67
CA SER D 343 -35.59 -5.87 5.84
C SER D 343 -36.31 -4.60 5.41
N TRP D 344 -37.11 -4.06 6.34
CA TRP D 344 -37.87 -2.85 6.05
C TRP D 344 -36.94 -1.64 5.91
N MET D 345 -35.88 -1.58 6.71
CA MET D 345 -34.96 -0.45 6.64
C MET D 345 -34.23 -0.42 5.30
N LEU D 346 -33.87 -1.59 4.77
CA LEU D 346 -33.21 -1.64 3.47
C LEU D 346 -34.16 -1.20 2.35
N GLN D 347 -35.45 -1.53 2.47
CA GLN D 347 -36.41 -1.11 1.46
C GLN D 347 -36.64 0.41 1.50
N TYR D 348 -36.70 0.99 2.70
CA TYR D 348 -36.90 2.42 2.81
C TYR D 348 -35.67 3.19 2.36
N MET D 349 -34.47 2.68 2.68
CA MET D 349 -33.26 3.33 2.21
C MET D 349 -33.13 3.27 0.70
N ASN D 350 -33.46 2.12 0.10
CA ASN D 350 -33.44 2.03 -1.36
C ASN D 350 -34.47 2.94 -2.00
N TYR D 351 -35.61 3.16 -1.33
CA TYR D 351 -36.62 4.07 -1.86
C TYR D 351 -36.11 5.51 -1.89
N LEU D 352 -35.35 5.90 -0.87
CA LEU D 352 -34.81 7.27 -0.83
C LEU D 352 -33.64 7.45 -1.78
N VAL D 353 -32.82 6.41 -1.97
CA VAL D 353 -31.64 6.53 -2.82
C VAL D 353 -32.03 6.49 -4.29
N THR D 354 -32.88 5.54 -4.68
CA THR D 354 -33.26 5.41 -6.08
C THR D 354 -34.04 6.63 -6.56
N ASN D 355 -34.84 7.24 -5.69
CA ASN D 355 -35.56 8.45 -6.03
C ASN D 355 -34.72 9.71 -5.85
N ASP D 356 -33.47 9.57 -5.44
CA ASP D 356 -32.55 10.70 -5.26
C ASP D 356 -33.10 11.71 -4.26
N PHE D 357 -33.57 11.20 -3.12
CA PHE D 357 -34.03 12.05 -2.01
C PHE D 357 -32.93 12.06 -0.97
N PHE D 358 -32.00 13.00 -1.11
CA PHE D 358 -30.82 13.07 -0.25
C PHE D 358 -31.08 13.85 1.03
N SER D 359 -32.01 14.80 1.01
CA SER D 359 -32.32 15.54 2.23
C SER D 359 -33.02 14.65 3.26
N GLU D 360 -34.03 13.90 2.82
CA GLU D 360 -34.69 12.97 3.72
C GLU D 360 -33.77 11.83 4.15
N LEU D 361 -32.88 11.40 3.25
CA LEU D 361 -31.88 10.40 3.64
C LEU D 361 -30.88 10.96 4.64
N LYS D 362 -30.55 12.25 4.54
CA LYS D 362 -29.67 12.87 5.51
C LYS D 362 -30.32 12.91 6.90
N GLU D 363 -31.60 13.27 6.97
CA GLU D 363 -32.32 13.27 8.24
C GLU D 363 -32.40 11.86 8.82
N LEU D 364 -32.54 10.85 7.96
CA LEU D 364 -32.56 9.47 8.43
C LEU D 364 -31.23 9.09 9.07
N ALA D 365 -30.11 9.50 8.45
CA ALA D 365 -28.80 9.21 9.02
C ALA D 365 -28.60 9.93 10.35
N ILE D 366 -29.14 11.14 10.48
CA ILE D 366 -29.02 11.87 11.73
C ILE D 366 -29.78 11.15 12.84
N CYS D 367 -30.97 10.63 12.54
CA CYS D 367 -31.76 9.95 13.55
C CYS D 367 -31.12 8.65 14.00
N ILE D 368 -30.60 7.86 13.04
CA ILE D 368 -29.99 6.58 13.40
C ILE D 368 -28.72 6.80 14.21
N VAL D 369 -27.90 7.77 13.81
CA VAL D 369 -26.67 8.04 14.54
C VAL D 369 -26.97 8.54 15.94
N ASP D 370 -27.91 9.47 16.06
CA ASP D 370 -28.31 9.95 17.39
C ASP D 370 -28.90 8.83 18.23
N PHE D 371 -29.51 7.84 17.60
CA PHE D 371 -30.03 6.69 18.35
C PHE D 371 -28.89 5.79 18.82
N LEU D 372 -27.92 5.53 17.94
CA LEU D 372 -26.81 4.65 18.32
C LEU D 372 -25.83 5.32 19.26
N GLN D 373 -25.80 6.66 19.30
CA GLN D 373 -24.87 7.36 20.17
C GLN D 373 -25.24 7.24 21.64
N ILE D 374 -26.51 6.94 21.94
CA ILE D 374 -26.92 6.78 23.34
C ILE D 374 -26.57 5.41 23.87
N ASN D 375 -26.26 4.45 23.01
CA ASN D 375 -25.84 3.12 23.40
C ASN D 375 -24.33 2.96 23.36
N THR D 376 -23.59 4.06 23.32
CA THR D 376 -22.14 3.99 23.17
C THR D 376 -21.50 3.31 24.36
N LEU D 377 -21.85 3.73 25.58
CA LEU D 377 -21.25 3.15 26.77
C LEU D 377 -21.65 1.69 26.95
N SER D 378 -22.88 1.33 26.54
CA SER D 378 -23.31 -0.06 26.66
C SER D 378 -22.59 -0.95 25.65
N VAL D 379 -22.43 -0.48 24.42
CA VAL D 379 -21.72 -1.26 23.41
C VAL D 379 -20.23 -1.38 23.76
N CYS D 380 -19.63 -0.29 24.24
CA CYS D 380 -18.23 -0.33 24.60
C CYS D 380 -17.96 -1.28 25.76
N ASN D 381 -18.88 -1.35 26.72
CA ASN D 381 -18.72 -2.27 27.84
C ASN D 381 -18.87 -3.72 27.38
N LYS D 382 -19.97 -4.04 26.69
CA LYS D 382 -20.18 -5.39 26.21
C LYS D 382 -19.15 -5.82 25.18
N LEU D 383 -18.29 -4.91 24.71
CA LEU D 383 -17.25 -5.22 23.75
C LEU D 383 -15.91 -5.49 24.43
N PHE D 384 -15.39 -4.51 25.16
CA PHE D 384 -14.01 -4.53 25.61
C PHE D 384 -13.83 -4.84 27.09
N THR D 385 -14.91 -4.89 27.86
CA THR D 385 -14.79 -5.25 29.27
C THR D 385 -15.68 -6.45 29.60
N GLN D 394 -21.22 -17.17 24.35
CA GLN D 394 -21.08 -17.35 22.90
C GLN D 394 -22.15 -16.59 22.13
N VAL D 395 -23.33 -16.46 22.73
CA VAL D 395 -24.45 -15.82 22.03
C VAL D 395 -24.33 -14.29 22.10
N GLN D 396 -23.83 -13.77 23.22
CA GLN D 396 -23.71 -12.33 23.35
C GLN D 396 -22.51 -11.79 22.57
N ASP D 397 -21.47 -12.61 22.40
CA ASP D 397 -20.30 -12.16 21.66
C ASP D 397 -20.59 -12.05 20.16
N GLU D 398 -21.10 -13.13 19.56
CA GLU D 398 -21.43 -13.13 18.14
C GLU D 398 -22.51 -12.12 17.81
N TYR D 399 -23.36 -11.77 18.78
CA TYR D 399 -24.37 -10.75 18.54
C TYR D 399 -23.75 -9.37 18.44
N ILE D 400 -22.76 -9.07 19.30
CA ILE D 400 -22.13 -7.77 19.25
C ILE D 400 -21.03 -7.72 18.21
N GLN D 401 -20.46 -8.86 17.81
CA GLN D 401 -19.56 -8.88 16.66
C GLN D 401 -20.31 -8.57 15.38
N GLU D 402 -21.51 -9.13 15.21
CA GLU D 402 -22.36 -8.76 14.08
C GLU D 402 -22.90 -7.34 14.24
N TYR D 403 -23.11 -6.90 15.48
CA TYR D 403 -23.58 -5.53 15.71
C TYR D 403 -22.57 -4.52 15.18
N ILE D 404 -21.30 -4.66 15.56
CA ILE D 404 -20.28 -3.76 15.07
C ILE D 404 -20.05 -3.96 13.58
N LYS D 405 -20.17 -5.20 13.09
CA LYS D 405 -19.99 -5.46 11.67
C LYS D 405 -21.02 -4.70 10.84
N VAL D 406 -22.28 -4.70 11.27
CA VAL D 406 -23.30 -3.94 10.56
C VAL D 406 -23.04 -2.44 10.68
N LEU D 407 -22.60 -2.00 11.85
CA LEU D 407 -22.28 -0.58 12.04
C LEU D 407 -21.12 -0.15 11.16
N LEU D 408 -20.16 -1.04 10.92
CA LEU D 408 -19.08 -0.71 9.99
C LEU D 408 -19.57 -0.71 8.55
N GLN D 409 -20.50 -1.59 8.21
CA GLN D 409 -21.09 -1.56 6.87
C GLN D 409 -21.88 -0.28 6.66
N MET D 410 -22.60 0.19 7.69
CA MET D 410 -23.29 1.47 7.59
C MET D 410 -22.31 2.63 7.64
N THR D 411 -21.19 2.47 8.35
CA THR D 411 -20.16 3.50 8.33
C THR D 411 -19.55 3.60 6.94
N ASN D 412 -19.38 2.46 6.26
CA ASN D 412 -18.88 2.48 4.89
C ASN D 412 -19.89 3.13 3.96
N PHE D 413 -21.06 2.49 3.79
CA PHE D 413 -22.21 3.05 3.08
C PHE D 413 -21.82 3.51 1.68
N PRO D 414 -21.89 2.62 0.69
CA PRO D 414 -21.59 3.07 -0.68
C PRO D 414 -22.48 4.26 -1.03
N LEU D 415 -22.03 5.02 -2.06
CA LEU D 415 -22.40 6.39 -2.39
C LEU D 415 -21.46 7.41 -1.77
N THR D 416 -21.02 8.38 -2.58
CA THR D 416 -20.16 9.50 -2.20
C THR D 416 -20.72 10.19 -0.96
N PRO D 417 -19.86 10.73 -0.10
CA PRO D 417 -20.36 11.42 1.10
C PRO D 417 -20.94 12.78 0.79
N VAL D 418 -21.07 13.62 1.83
CA VAL D 418 -21.77 14.91 1.86
C VAL D 418 -22.66 15.18 0.64
N LEU D 419 -22.08 15.11 -0.57
CA LEU D 419 -22.84 15.36 -1.79
C LEU D 419 -24.12 14.52 -1.83
N GLN D 420 -24.03 13.27 -1.38
CA GLN D 420 -25.19 12.37 -1.41
C GLN D 420 -25.60 11.90 -0.02
N GLU D 421 -24.69 11.30 0.75
CA GLU D 421 -25.05 10.67 2.01
C GLU D 421 -24.34 11.35 3.17
N PHE D 422 -24.95 11.26 4.35
CA PHE D 422 -24.40 11.82 5.58
C PHE D 422 -24.20 10.75 6.66
N PHE D 423 -24.33 9.47 6.32
CA PHE D 423 -24.15 8.41 7.31
C PHE D 423 -22.74 8.43 7.88
N SER D 424 -21.74 8.45 6.99
CA SER D 424 -20.35 8.49 7.46
C SER D 424 -20.04 9.80 8.17
N VAL D 425 -20.65 10.91 7.73
CA VAL D 425 -20.37 12.21 8.35
C VAL D 425 -20.85 12.23 9.80
N ARG D 426 -22.05 11.71 10.06
CA ARG D 426 -22.58 11.71 11.42
C ARG D 426 -22.01 10.58 12.25
N MET D 427 -21.63 9.46 11.63
CA MET D 427 -21.04 8.35 12.36
C MET D 427 -19.70 8.73 12.99
N VAL D 428 -19.05 9.79 12.49
CA VAL D 428 -17.77 10.22 13.06
C VAL D 428 -17.94 10.54 14.55
N ASP D 429 -19.03 11.23 14.90
CA ASP D 429 -19.25 11.56 16.31
C ASP D 429 -19.54 10.32 17.13
N PHE D 430 -20.16 9.30 16.52
CA PHE D 430 -20.43 8.06 17.25
C PHE D 430 -19.15 7.31 17.55
N TRP D 431 -18.30 7.10 16.53
CA TRP D 431 -17.03 6.42 16.75
C TRP D 431 -16.12 7.25 17.65
N LEU D 432 -16.27 8.58 17.62
CA LEU D 432 -15.51 9.42 18.54
C LEU D 432 -15.92 9.16 19.99
N ASP D 433 -17.22 9.00 20.24
CA ASP D 433 -17.69 8.69 21.58
C ASP D 433 -17.25 7.29 22.01
N LEU D 434 -17.20 6.34 21.06
CA LEU D 434 -16.74 5.00 21.39
C LEU D 434 -15.26 5.00 21.73
N SER D 435 -14.48 5.82 21.02
CA SER D 435 -13.05 5.92 21.33
C SER D 435 -12.82 6.51 22.71
N ASP D 436 -13.59 7.55 23.06
CA ASP D 436 -13.48 8.12 24.40
C ASP D 436 -13.99 7.14 25.47
N ALA D 437 -14.98 6.33 25.12
CA ALA D 437 -15.48 5.34 26.08
C ALA D 437 -14.46 4.23 26.32
N TYR D 438 -13.79 3.77 25.25
CA TYR D 438 -12.76 2.75 25.42
C TYR D 438 -11.56 3.30 26.18
N THR D 439 -11.21 4.56 25.94
CA THR D 439 -10.10 5.17 26.67
C THR D 439 -10.43 5.36 28.14
N ASN D 440 -11.72 5.50 28.47
CA ASN D 440 -12.15 5.71 29.85
C ASN D 440 -12.34 4.41 30.62
N LEU D 441 -12.13 3.26 29.98
CA LEU D 441 -12.32 2.00 30.67
C LEU D 441 -11.22 1.76 31.70
N ALA D 442 -11.56 1.02 32.75
CA ALA D 442 -10.60 0.71 33.79
C ALA D 442 -9.59 -0.33 33.30
N SER D 443 -8.37 -0.24 33.81
CA SER D 443 -7.30 -1.11 33.35
C SER D 443 -7.55 -2.57 33.75
N GLU D 444 -8.03 -2.80 34.97
CA GLU D 444 -8.23 -4.15 35.46
C GLU D 444 -9.50 -4.81 34.93
N THR D 445 -10.38 -4.05 34.28
CA THR D 445 -11.64 -4.58 33.78
C THR D 445 -11.61 -4.91 32.29
N LEU D 446 -10.47 -4.70 31.62
CA LEU D 446 -10.39 -4.95 30.20
C LEU D 446 -10.44 -6.45 29.89
N ARG D 447 -10.97 -6.77 28.73
CA ARG D 447 -11.00 -8.16 28.27
C ARG D 447 -9.60 -8.62 27.88
N PRO D 448 -9.35 -9.93 27.88
CA PRO D 448 -8.07 -10.42 27.36
C PRO D 448 -7.85 -10.07 25.90
N ASN D 449 -8.90 -10.15 25.09
CA ASN D 449 -8.84 -9.79 23.67
C ASN D 449 -9.38 -8.38 23.42
N SER D 450 -9.38 -7.53 24.44
CA SER D 450 -9.93 -6.18 24.28
C SER D 450 -9.08 -5.34 23.33
N ILE D 451 -7.77 -5.33 23.53
CA ILE D 451 -6.89 -4.55 22.68
C ILE D 451 -6.92 -5.07 21.25
N GLU D 452 -7.07 -6.39 21.08
CA GLU D 452 -7.12 -6.98 19.75
C GLU D 452 -8.40 -6.60 19.03
N LEU D 453 -9.54 -6.68 19.71
CA LEU D 453 -10.81 -6.32 19.10
C LEU D 453 -10.86 -4.82 18.80
N SER D 454 -10.31 -4.00 19.71
CA SER D 454 -10.27 -2.56 19.46
C SER D 454 -9.38 -2.23 18.27
N THR D 455 -8.22 -2.89 18.17
CA THR D 455 -7.33 -2.64 17.05
C THR D 455 -7.98 -3.06 15.73
N GLN D 456 -8.65 -4.21 15.73
CA GLN D 456 -9.28 -4.69 14.50
C GLN D 456 -10.41 -3.76 14.06
N ILE D 457 -11.29 -3.39 14.99
CA ILE D 457 -12.43 -2.54 14.64
C ILE D 457 -11.97 -1.16 14.19
N PHE D 458 -11.07 -0.55 14.95
CA PHE D 458 -10.64 0.81 14.65
C PHE D 458 -9.75 0.88 13.41
N GLN D 459 -9.07 -0.21 13.06
CA GLN D 459 -8.33 -0.23 11.81
C GLN D 459 -9.26 -0.32 10.61
N GLN D 460 -10.37 -1.07 10.76
CA GLN D 460 -11.39 -1.07 9.72
C GLN D 460 -12.02 0.31 9.57
N LEU D 461 -12.13 1.07 10.66
CA LEU D 461 -12.60 2.45 10.57
C LEU D 461 -11.63 3.30 9.76
N ILE D 462 -10.33 3.10 9.96
CA ILE D 462 -9.34 3.84 9.19
C ILE D 462 -9.43 3.50 7.72
N ASN D 463 -9.59 2.21 7.40
CA ASN D 463 -9.72 1.80 6.01
C ASN D 463 -11.01 2.30 5.36
N ILE D 464 -11.99 2.68 6.17
CA ILE D 464 -13.26 3.18 5.64
C ILE D 464 -13.22 4.69 5.43
N TYR D 465 -12.74 5.43 6.42
CA TYR D 465 -12.80 6.90 6.35
C TYR D 465 -11.69 7.51 5.51
N LEU D 466 -10.63 6.76 5.22
CA LEU D 466 -9.57 7.32 4.36
C LEU D 466 -10.05 7.55 2.94
N PRO D 467 -10.74 6.61 2.28
CA PRO D 467 -11.36 6.94 0.98
C PRO D 467 -12.54 7.88 1.11
N LYS D 468 -13.09 8.05 2.32
CA LYS D 468 -14.22 8.95 2.51
C LYS D 468 -13.80 10.41 2.42
N ILE D 469 -12.65 10.75 3.02
CA ILE D 469 -12.16 12.13 3.04
C ILE D 469 -11.23 12.36 1.86
N SER D 470 -11.25 11.46 0.88
CA SER D 470 -10.44 11.61 -0.30
C SER D 470 -10.83 12.89 -1.05
N LEU D 471 -9.83 13.58 -1.59
CA LEU D 471 -10.09 14.83 -2.30
C LEU D 471 -10.89 14.63 -3.58
N SER D 472 -11.07 13.39 -4.03
CA SER D 472 -11.95 13.12 -5.17
C SER D 472 -13.40 13.46 -4.84
N VAL D 473 -13.80 13.35 -3.58
CA VAL D 473 -15.15 13.70 -3.17
C VAL D 473 -15.38 15.20 -3.35
N LYS D 474 -14.46 16.02 -2.83
CA LYS D 474 -14.58 17.45 -3.01
C LYS D 474 -14.54 17.83 -4.49
N GLN D 475 -13.82 17.05 -5.30
CA GLN D 475 -13.83 17.28 -6.74
C GLN D 475 -15.22 17.11 -7.32
N ARG D 476 -15.94 16.05 -6.92
CA ARG D 476 -17.30 15.85 -7.40
C ARG D 476 -18.25 16.89 -6.82
N ILE D 477 -17.96 17.40 -5.63
CA ILE D 477 -18.83 18.43 -5.04
C ILE D 477 -18.74 19.72 -5.83
N ILE D 478 -17.51 20.14 -6.16
CA ILE D 478 -17.34 21.36 -6.93
C ILE D 478 -17.80 21.17 -8.37
N GLU D 479 -17.72 19.94 -8.88
CA GLU D 479 -18.18 19.67 -10.24
C GLU D 479 -19.71 19.64 -10.31
N GLU D 480 -20.34 18.95 -9.38
CA GLU D 480 -21.80 18.78 -9.43
C GLU D 480 -22.52 19.98 -8.83
N GLU D 481 -22.19 20.33 -7.58
CA GLU D 481 -22.88 21.41 -6.88
C GLU D 481 -22.14 22.72 -6.91
N GLY D 482 -20.90 22.76 -7.42
CA GLY D 482 -20.18 24.01 -7.46
C GLY D 482 -19.70 24.44 -6.08
N GLU D 483 -19.68 25.75 -5.87
CA GLU D 483 -19.27 26.32 -4.59
C GLU D 483 -20.49 26.53 -3.70
N SER D 484 -21.07 25.41 -3.28
CA SER D 484 -22.24 25.40 -2.44
C SER D 484 -21.83 25.12 -0.99
N THR D 485 -22.83 25.00 -0.11
CA THR D 485 -22.57 24.71 1.29
C THR D 485 -22.03 23.31 1.51
N SER D 486 -22.11 22.43 0.50
CA SER D 486 -21.55 21.09 0.65
C SER D 486 -20.03 21.14 0.80
N VAL D 487 -19.38 22.17 0.26
CA VAL D 487 -17.94 22.31 0.44
C VAL D 487 -17.61 22.61 1.90
N ASN D 488 -18.40 23.46 2.55
CA ASN D 488 -18.18 23.75 3.95
C ASN D 488 -18.45 22.54 4.83
N GLU D 489 -19.48 21.76 4.49
CA GLU D 489 -19.78 20.55 5.25
C GLU D 489 -18.72 19.48 5.00
N PHE D 490 -18.11 19.48 3.82
CA PHE D 490 -17.03 18.53 3.55
C PHE D 490 -15.77 18.90 4.34
N GLU D 491 -15.51 20.21 4.48
CA GLU D 491 -14.39 20.64 5.31
C GLU D 491 -14.64 20.30 6.77
N ASP D 492 -15.88 20.47 7.24
CA ASP D 492 -16.22 20.04 8.58
C ASP D 492 -16.14 18.53 8.72
N PHE D 493 -16.40 17.79 7.64
CA PHE D 493 -16.25 16.34 7.67
C PHE D 493 -14.79 15.94 7.80
N ARG D 494 -13.89 16.63 7.09
CA ARG D 494 -12.47 16.34 7.20
C ARG D 494 -11.95 16.72 8.59
N ASN D 495 -12.41 17.85 9.13
CA ASN D 495 -11.99 18.24 10.48
C ASN D 495 -12.51 17.26 11.52
N ALA D 496 -13.71 16.72 11.31
CA ALA D 496 -14.25 15.74 12.26
C ALA D 496 -13.46 14.43 12.21
N VAL D 497 -13.05 14.00 11.02
CA VAL D 497 -12.23 12.80 10.91
C VAL D 497 -10.83 13.06 11.45
N SER D 498 -10.33 14.28 11.32
CA SER D 498 -9.02 14.62 11.87
C SER D 498 -9.01 14.45 13.38
N ASP D 499 -10.04 14.92 14.07
CA ASP D 499 -10.15 14.69 15.50
C ASP D 499 -10.41 13.22 15.82
N LEU D 500 -11.05 12.49 14.90
CA LEU D 500 -11.24 11.06 15.09
C LEU D 500 -9.91 10.33 15.12
N ALA D 501 -8.99 10.71 14.23
CA ALA D 501 -7.67 10.06 14.21
C ALA D 501 -6.87 10.43 15.45
N GLN D 502 -7.02 11.66 15.95
CA GLN D 502 -6.32 12.06 17.16
C GLN D 502 -6.79 11.25 18.36
N SER D 503 -8.07 10.87 18.39
CA SER D 503 -8.56 10.02 19.47
C SER D 503 -8.24 8.56 19.25
N LEU D 504 -8.11 8.13 17.98
CA LEU D 504 -7.77 6.75 17.69
C LEU D 504 -6.29 6.45 17.90
N TRP D 505 -5.43 7.47 17.83
CA TRP D 505 -4.00 7.25 17.99
C TRP D 505 -3.67 6.77 19.40
N SER D 506 -4.45 7.20 20.39
CA SER D 506 -4.26 6.71 21.76
C SER D 506 -4.63 5.24 21.92
N ILE D 507 -5.21 4.62 20.89
CA ILE D 507 -5.63 3.23 20.93
C ILE D 507 -4.81 2.39 19.95
N LEU D 508 -4.78 2.80 18.68
CA LEU D 508 -4.03 2.05 17.68
C LEU D 508 -2.52 2.20 17.86
N GLY D 509 -2.07 3.35 18.33
CA GLY D 509 -0.64 3.57 18.50
C GLY D 509 0.02 4.07 17.22
N ASN D 510 1.35 4.13 17.29
CA ASN D 510 2.13 4.63 16.16
C ASN D 510 2.26 3.59 15.04
N ASP D 511 2.44 2.32 15.40
CA ASP D 511 2.71 1.31 14.38
C ASP D 511 1.46 0.90 13.62
N ASN D 512 0.29 1.01 14.24
CA ASN D 512 -0.95 0.62 13.59
C ASN D 512 -1.70 1.79 12.96
N LEU D 513 -1.33 3.02 13.28
CA LEU D 513 -1.95 4.20 12.67
C LEU D 513 -0.95 5.10 11.97
N THR D 514 0.09 5.54 12.68
CA THR D 514 1.03 6.48 12.09
C THR D 514 1.99 5.78 11.12
N ASN D 515 2.61 4.69 11.57
CA ASN D 515 3.56 3.98 10.71
C ASN D 515 2.89 3.35 9.50
N VAL D 516 1.57 3.11 9.56
CA VAL D 516 0.87 2.60 8.38
C VAL D 516 0.81 3.67 7.31
N LEU D 517 0.59 4.92 7.70
CA LEU D 517 0.55 6.01 6.72
C LEU D 517 1.93 6.31 6.18
N ILE D 518 2.94 6.36 7.07
CA ILE D 518 4.30 6.70 6.63
C ILE D 518 4.84 5.61 5.71
N ASP D 519 4.74 4.35 6.12
CA ASP D 519 5.21 3.25 5.28
C ASP D 519 4.41 3.10 4.01
N GLY D 520 3.15 3.57 3.99
CA GLY D 520 2.37 3.49 2.78
C GLY D 520 2.86 4.44 1.70
N MET D 521 3.35 5.62 2.10
CA MET D 521 3.82 6.63 1.18
C MET D 521 5.35 6.77 1.18
N GLY D 522 6.06 5.89 1.89
CA GLY D 522 7.49 6.05 2.02
C GLY D 522 8.35 5.02 1.30
N GLN D 523 7.78 3.87 0.96
CA GLN D 523 8.54 2.82 0.28
C GLN D 523 8.40 2.87 -1.23
N MET D 524 7.55 3.74 -1.79
CA MET D 524 7.40 3.84 -3.22
C MET D 524 7.42 5.31 -3.65
N PRO D 525 8.11 5.64 -4.73
CA PRO D 525 8.14 7.03 -5.20
C PRO D 525 6.83 7.40 -5.89
N ALA D 526 6.28 8.55 -5.52
CA ALA D 526 5.07 9.04 -6.17
C ALA D 526 5.37 9.67 -7.52
N ALA D 527 6.59 10.19 -7.70
CA ALA D 527 6.99 10.84 -8.94
C ALA D 527 8.37 10.35 -9.32
N SER D 528 8.46 9.57 -10.40
CA SER D 528 9.76 9.10 -10.87
C SER D 528 10.48 10.15 -11.69
N ASP D 529 9.74 10.91 -12.48
CA ASP D 529 10.33 11.98 -13.28
C ASP D 529 10.74 13.15 -12.39
N GLU D 530 11.74 13.89 -12.85
CA GLU D 530 12.26 15.03 -12.10
C GLU D 530 11.17 16.10 -11.93
N THR D 531 11.49 17.12 -11.14
CA THR D 531 10.61 18.20 -10.72
C THR D 531 9.45 17.71 -9.85
N LEU D 532 9.38 16.40 -9.58
CA LEU D 532 8.39 15.82 -8.66
C LEU D 532 6.97 16.14 -9.09
N ILE D 533 6.61 15.61 -10.25
CA ILE D 533 5.24 15.67 -10.78
C ILE D 533 4.66 14.27 -10.71
N ILE D 534 3.54 14.12 -10.02
CA ILE D 534 2.99 12.79 -9.78
C ILE D 534 2.33 12.25 -11.05
N LYS D 535 1.73 13.12 -11.86
CA LYS D 535 1.08 12.78 -13.13
C LYS D 535 -0.13 11.86 -12.95
N ASP D 536 -0.36 11.39 -11.73
CA ASP D 536 -1.43 10.45 -11.45
C ASP D 536 -2.33 11.05 -10.37
N THR D 537 -3.65 11.03 -10.62
CA THR D 537 -4.60 11.70 -9.74
C THR D 537 -5.03 10.81 -8.58
N ASP D 538 -5.18 9.51 -8.79
CA ASP D 538 -5.66 8.63 -7.73
C ASP D 538 -4.65 8.54 -6.59
N VAL D 539 -3.38 8.27 -6.91
CA VAL D 539 -2.38 8.19 -5.86
C VAL D 539 -2.14 9.58 -5.26
N LEU D 540 -2.34 10.63 -6.05
CA LEU D 540 -2.23 11.98 -5.51
C LEU D 540 -3.32 12.26 -4.48
N PHE D 541 -4.55 11.83 -4.76
CA PHE D 541 -5.62 11.96 -3.79
C PHE D 541 -5.36 11.08 -2.57
N ARG D 542 -4.85 9.86 -2.79
CA ARG D 542 -4.57 8.95 -1.70
C ARG D 542 -3.45 9.49 -0.80
N ILE D 543 -2.39 10.02 -1.42
CA ILE D 543 -1.26 10.51 -0.63
C ILE D 543 -1.59 11.84 0.03
N GLU D 544 -2.49 12.63 -0.56
CA GLU D 544 -2.91 13.87 0.08
C GLU D 544 -3.77 13.58 1.30
N THR D 545 -4.61 12.55 1.22
CA THR D 545 -5.38 12.13 2.38
C THR D 545 -4.47 11.65 3.50
N MET D 546 -3.47 10.83 3.16
CA MET D 546 -2.53 10.36 4.16
C MET D 546 -1.69 11.50 4.73
N CYS D 547 -1.36 12.50 3.92
CA CYS D 547 -0.59 13.63 4.41
C CYS D 547 -1.43 14.50 5.37
N PHE D 548 -2.73 14.61 5.11
CA PHE D 548 -3.58 15.39 6.00
C PHE D 548 -3.76 14.70 7.34
N VAL D 549 -3.99 13.38 7.33
CA VAL D 549 -4.16 12.66 8.58
C VAL D 549 -2.84 12.61 9.35
N LEU D 550 -1.73 12.39 8.64
CA LEU D 550 -0.42 12.35 9.31
C LEU D 550 -0.10 13.69 9.95
N ASN D 551 -0.52 14.79 9.32
CA ASN D 551 -0.26 16.11 9.89
C ASN D 551 -1.04 16.31 11.20
N THR D 552 -2.35 16.03 11.19
CA THR D 552 -3.17 16.23 12.37
C THR D 552 -2.76 15.31 13.52
N ILE D 553 -2.13 14.17 13.21
CA ILE D 553 -1.66 13.29 14.27
C ILE D 553 -0.33 13.78 14.81
N LEU D 554 0.55 14.29 13.94
CA LEU D 554 1.86 14.75 14.36
C LEU D 554 1.80 16.11 15.08
N VAL D 555 0.74 16.88 14.88
CA VAL D 555 0.60 18.14 15.61
C VAL D 555 0.48 17.87 17.10
N ASP D 556 -0.24 16.82 17.48
CA ASP D 556 -0.39 16.44 18.87
C ASP D 556 0.88 15.86 19.47
N MET D 557 1.98 15.80 18.71
CA MET D 557 3.24 15.23 19.15
C MET D 557 4.28 16.33 19.32
N THR D 558 5.48 15.90 19.70
CA THR D 558 6.66 16.77 19.78
C THR D 558 7.80 16.03 19.10
N LEU D 559 8.14 16.44 17.88
CA LEU D 559 9.11 15.71 17.07
C LEU D 559 10.55 15.99 17.46
N SER D 560 10.78 16.80 18.48
CA SER D 560 12.14 17.07 18.96
C SER D 560 12.55 16.07 20.04
N GLU D 561 11.67 15.85 21.03
CA GLU D 561 11.92 14.91 22.10
C GLU D 561 11.79 13.45 21.66
N SER D 562 11.38 13.21 20.40
CA SER D 562 11.03 11.88 19.94
C SER D 562 12.09 11.36 18.99
N PRO D 563 12.77 10.26 19.30
CA PRO D 563 13.62 9.59 18.31
C PRO D 563 12.84 8.66 17.39
N TRP D 564 11.58 8.37 17.69
CA TRP D 564 10.79 7.49 16.84
C TRP D 564 10.57 8.09 15.46
N ILE D 565 10.37 9.40 15.39
CA ILE D 565 10.13 10.04 14.10
C ILE D 565 11.33 9.89 13.19
N LYS D 566 12.54 9.88 13.75
CA LYS D 566 13.73 9.67 12.94
C LYS D 566 13.84 8.22 12.48
N ASN D 567 13.37 7.28 13.30
CA ASN D 567 13.47 5.87 12.95
C ASN D 567 12.50 5.50 11.83
N ILE D 568 11.28 6.03 11.88
CA ILE D 568 10.29 5.66 10.90
C ILE D 568 10.54 6.35 9.56
N VAL D 569 11.06 7.58 9.58
CA VAL D 569 11.32 8.28 8.33
C VAL D 569 12.57 7.74 7.65
N ASP D 570 13.62 7.42 8.42
CA ASP D 570 14.82 6.84 7.84
C ASP D 570 14.56 5.47 7.24
N ALA D 571 13.52 4.77 7.68
CA ALA D 571 13.12 3.52 7.08
C ALA D 571 12.30 3.70 5.81
N ASN D 572 12.04 4.95 5.41
CA ASN D 572 11.28 5.27 4.21
C ASN D 572 12.14 6.15 3.32
N LYS D 573 12.55 5.62 2.17
CA LYS D 573 13.45 6.37 1.29
C LYS D 573 12.71 7.51 0.59
N PHE D 574 11.49 7.27 0.12
CA PHE D 574 10.77 8.22 -0.70
C PHE D 574 9.77 9.07 0.10
N PHE D 575 9.87 9.05 1.43
CA PHE D 575 8.92 9.81 2.25
C PHE D 575 9.01 11.30 1.96
N ASN D 576 10.18 11.90 2.22
CA ASN D 576 10.35 13.32 1.99
C ASN D 576 10.22 13.68 0.51
N GLN D 577 10.64 12.78 -0.38
CA GLN D 577 10.48 13.03 -1.81
C GLN D 577 9.02 13.09 -2.20
N ASN D 578 8.17 12.25 -1.58
CA ASN D 578 6.75 12.25 -1.91
C ASN D 578 6.05 13.46 -1.32
N VAL D 579 6.50 13.95 -0.15
CA VAL D 579 5.90 15.14 0.44
C VAL D 579 6.14 16.35 -0.46
N ILE D 580 7.37 16.53 -0.91
CA ILE D 580 7.66 17.60 -1.85
C ILE D 580 6.99 17.34 -3.19
N SER D 581 6.76 16.07 -3.54
CA SER D 581 6.06 15.75 -4.77
C SER D 581 4.62 16.25 -4.73
N VAL D 582 3.98 16.17 -3.55
CA VAL D 582 2.63 16.70 -3.42
C VAL D 582 2.62 18.21 -3.54
N PHE D 583 3.60 18.88 -2.92
CA PHE D 583 3.66 20.34 -2.96
C PHE D 583 3.92 20.83 -4.38
N GLN D 584 4.89 20.22 -5.08
CA GLN D 584 5.26 20.70 -6.40
C GLN D 584 4.19 20.37 -7.44
N THR D 585 3.54 19.21 -7.30
CA THR D 585 2.48 18.85 -8.24
C THR D 585 1.29 19.79 -8.10
N GLY D 586 0.89 20.11 -6.88
CA GLY D 586 -0.23 21.02 -6.69
C GLY D 586 0.11 22.45 -7.03
N PHE D 587 1.33 22.89 -6.71
CA PHE D 587 1.71 24.27 -6.95
C PHE D 587 1.86 24.56 -8.44
N GLN D 588 2.42 23.61 -9.19
CA GLN D 588 2.62 23.78 -10.63
C GLN D 588 1.40 23.39 -11.45
N THR D 589 0.31 23.00 -10.81
CA THR D 589 -0.90 22.61 -11.53
C THR D 589 -1.59 23.85 -12.10
N SER D 590 -1.81 23.87 -13.41
CA SER D 590 -2.48 24.98 -14.04
C SER D 590 -3.97 24.95 -13.73
N ALA D 591 -4.49 26.06 -13.23
CA ALA D 591 -5.90 26.16 -12.86
C ALA D 591 -6.71 26.58 -14.07
N SER D 592 -7.43 25.63 -14.66
CA SER D 592 -8.28 25.91 -15.81
C SER D 592 -9.71 26.20 -15.38
N THR D 593 -10.35 25.25 -14.70
CA THR D 593 -11.68 25.42 -14.18
C THR D 593 -11.60 25.83 -12.71
N LYS D 594 -12.77 25.98 -12.08
CA LYS D 594 -12.81 26.30 -10.67
C LYS D 594 -12.48 25.09 -9.80
N VAL D 595 -12.75 23.89 -10.31
CA VAL D 595 -12.42 22.68 -9.57
C VAL D 595 -10.90 22.53 -9.44
N SER D 596 -10.18 22.68 -10.56
CA SER D 596 -8.73 22.58 -10.52
C SER D 596 -8.10 23.70 -9.71
N GLN D 597 -8.78 24.86 -9.62
CA GLN D 597 -8.25 25.96 -8.83
C GLN D 597 -8.37 25.68 -7.34
N ILE D 598 -9.53 25.21 -6.90
CA ILE D 598 -9.74 24.96 -5.47
C ILE D 598 -8.90 23.76 -5.03
N LEU D 599 -8.86 22.71 -5.85
CA LEU D 599 -8.02 21.55 -5.51
C LEU D 599 -6.55 21.95 -5.46
N LYS D 600 -6.13 22.88 -6.32
CA LYS D 600 -4.76 23.38 -6.27
C LYS D 600 -4.46 24.00 -4.91
N LEU D 601 -5.39 24.80 -4.39
CA LEU D 601 -5.20 25.38 -3.07
C LEU D 601 -5.18 24.32 -1.98
N ASP D 602 -5.92 23.22 -2.18
CA ASP D 602 -5.99 22.17 -1.16
C ASP D 602 -4.70 21.38 -1.09
N PHE D 603 -4.12 21.04 -2.23
CA PHE D 603 -2.86 20.28 -2.24
C PHE D 603 -1.73 21.08 -1.61
N VAL D 604 -1.64 22.38 -1.94
CA VAL D 604 -0.62 23.22 -1.34
C VAL D 604 -0.87 23.39 0.16
N ARG D 605 -2.14 23.47 0.55
CA ARG D 605 -2.46 23.64 1.97
C ARG D 605 -2.04 22.42 2.78
N THR D 606 -2.40 21.22 2.31
CA THR D 606 -2.04 20.01 3.04
C THR D 606 -0.53 19.82 3.09
N SER D 607 0.16 20.07 1.97
CA SER D 607 1.61 19.90 1.94
C SER D 607 2.31 20.93 2.83
N THR D 608 1.97 22.20 2.67
CA THR D 608 2.63 23.24 3.46
C THR D 608 2.35 23.09 4.95
N THR D 609 1.20 22.54 5.31
CA THR D 609 0.90 22.32 6.73
C THR D 609 1.73 21.18 7.29
N LEU D 610 1.86 20.08 6.55
CA LEU D 610 2.64 18.95 7.03
C LEU D 610 4.12 19.30 7.12
N ILE D 611 4.63 20.10 6.17
CA ILE D 611 6.02 20.51 6.21
C ILE D 611 6.30 21.34 7.47
N GLY D 612 5.36 22.21 7.83
CA GLY D 612 5.51 22.98 9.05
C GLY D 612 5.47 22.13 10.30
N THR D 613 4.72 21.02 10.27
CA THR D 613 4.66 20.12 11.42
C THR D 613 5.93 19.28 11.55
N LEU D 614 6.56 18.92 10.44
CA LEU D 614 7.80 18.15 10.43
C LEU D 614 9.02 18.96 10.84
N ALA D 615 8.84 20.18 11.35
CA ALA D 615 10.00 21.00 11.73
C ALA D 615 10.78 20.37 12.87
N GLY D 616 10.10 19.65 13.77
CA GLY D 616 10.81 18.98 14.84
C GLY D 616 11.72 17.87 14.35
N TYR D 617 11.23 17.09 13.36
CA TYR D 617 12.07 16.07 12.75
C TYR D 617 13.22 16.68 11.98
N PHE D 618 13.00 17.84 11.34
CA PHE D 618 14.07 18.51 10.62
C PHE D 618 15.19 18.94 11.56
N LYS D 619 14.86 19.25 12.81
CA LYS D 619 15.90 19.57 13.79
C LYS D 619 16.71 18.33 14.16
N GLN D 620 16.08 17.15 14.13
CA GLN D 620 16.79 15.91 14.38
C GLN D 620 17.51 15.39 13.14
N GLU D 621 17.12 15.84 11.96
CA GLU D 621 17.70 15.38 10.69
C GLU D 621 17.92 16.60 9.81
N PRO D 622 19.03 17.31 10.01
CA PRO D 622 19.20 18.60 9.32
C PRO D 622 19.42 18.47 7.82
N PHE D 623 20.04 17.39 7.35
CA PHE D 623 20.35 17.31 5.92
C PHE D 623 19.11 17.11 5.07
N GLN D 624 17.98 16.72 5.67
CA GLN D 624 16.72 16.61 4.96
C GLN D 624 15.96 17.94 4.90
N LEU D 625 16.47 18.99 5.56
CA LEU D 625 15.81 20.29 5.56
C LEU D 625 16.07 21.05 4.27
N ASN D 626 17.23 20.84 3.65
CA ASN D 626 17.60 21.60 2.46
C ASN D 626 16.64 21.40 1.30
N PRO D 627 16.21 20.18 0.94
CA PRO D 627 15.29 20.05 -0.21
C PRO D 627 13.97 20.78 -0.03
N TYR D 628 13.53 20.99 1.21
CA TYR D 628 12.26 21.68 1.44
C TYR D 628 12.39 23.18 1.22
N VAL D 629 13.45 23.79 1.76
CA VAL D 629 13.64 25.23 1.63
C VAL D 629 13.73 25.63 0.16
N GLU D 630 14.48 24.87 -0.64
CA GLU D 630 14.60 25.18 -2.06
C GLU D 630 13.25 25.04 -2.76
N ALA D 631 12.48 24.00 -2.43
CA ALA D 631 11.18 23.82 -3.04
C ALA D 631 10.21 24.92 -2.62
N LEU D 632 10.31 25.42 -1.40
CA LEU D 632 9.42 26.48 -0.94
C LEU D 632 9.77 27.81 -1.61
N PHE D 633 11.06 28.17 -1.62
CA PHE D 633 11.46 29.44 -2.21
C PHE D 633 11.29 29.43 -3.73
N GLN D 634 11.40 28.27 -4.37
CA GLN D 634 11.08 28.19 -5.79
C GLN D 634 9.62 28.53 -6.03
N GLY D 635 8.72 27.91 -5.24
CA GLY D 635 7.32 28.28 -5.32
C GLY D 635 7.05 29.69 -4.83
N LEU D 636 7.77 30.12 -3.79
CA LEU D 636 7.60 31.48 -3.30
C LEU D 636 7.92 32.50 -4.38
N HIS D 637 8.93 32.23 -5.20
CA HIS D 637 9.19 33.09 -6.35
C HIS D 637 8.22 32.82 -7.50
N THR D 638 7.81 31.55 -7.68
CA THR D 638 6.86 31.22 -8.73
C THR D 638 5.54 31.97 -8.55
N CYS D 639 5.14 32.20 -7.31
CA CYS D 639 3.92 32.94 -7.00
C CYS D 639 4.17 34.42 -6.78
N THR D 640 5.36 34.92 -7.13
CA THR D 640 5.72 36.31 -6.91
C THR D 640 5.95 37.06 -8.21
N ASN D 641 6.90 36.61 -9.04
CA ASN D 641 7.30 37.38 -10.21
C ASN D 641 6.30 37.30 -11.36
N PHE D 642 5.26 36.48 -11.27
CA PHE D 642 4.24 36.43 -12.30
C PHE D 642 3.06 37.29 -11.89
N THR D 643 2.60 38.12 -12.83
CA THR D 643 1.51 39.06 -12.61
C THR D 643 0.33 38.76 -13.53
N SER D 644 0.25 37.53 -14.03
CA SER D 644 -0.82 37.11 -14.92
C SER D 644 -2.16 37.47 -14.31
N LYS D 645 -3.00 38.14 -15.10
CA LYS D 645 -4.22 38.78 -14.61
C LYS D 645 -5.45 38.04 -15.12
N ASN D 646 -5.87 37.06 -14.33
CA ASN D 646 -7.18 36.44 -14.44
C ASN D 646 -8.09 37.04 -13.39
N GLU D 647 -7.54 37.95 -12.57
CA GLU D 647 -8.24 38.72 -11.55
C GLU D 647 -8.77 37.82 -10.45
N GLN D 648 -9.23 36.63 -10.80
CA GLN D 648 -9.60 35.67 -9.77
C GLN D 648 -8.48 34.71 -9.41
N GLU D 649 -7.33 34.76 -10.11
CA GLU D 649 -6.21 33.91 -9.77
C GLU D 649 -5.19 34.57 -8.85
N LYS D 650 -5.10 35.91 -8.85
CA LYS D 650 -4.14 36.57 -7.97
C LYS D 650 -4.52 36.44 -6.51
N ILE D 651 -5.82 36.35 -6.23
CA ILE D 651 -6.21 36.12 -4.85
C ILE D 651 -5.96 34.67 -4.47
N SER D 652 -6.08 33.75 -5.43
CA SER D 652 -5.61 32.39 -5.21
C SER D 652 -4.09 32.32 -5.22
N ASN D 653 -3.44 33.17 -6.01
CA ASN D 653 -1.99 33.28 -5.96
C ASN D 653 -1.54 33.82 -4.61
N ASP D 654 -2.25 34.80 -4.06
CA ASP D 654 -1.89 35.34 -2.76
C ASP D 654 -2.09 34.32 -1.65
N LYS D 655 -3.13 33.48 -1.78
CA LYS D 655 -3.33 32.43 -0.80
C LYS D 655 -2.18 31.42 -0.83
N LEU D 656 -1.69 31.09 -2.03
CA LEU D 656 -0.51 30.24 -2.13
C LEU D 656 0.70 30.92 -1.50
N GLU D 657 0.89 32.21 -1.78
CA GLU D 657 2.00 32.95 -1.17
C GLU D 657 1.86 33.02 0.34
N VAL D 658 0.63 33.09 0.84
CA VAL D 658 0.42 33.11 2.29
C VAL D 658 0.75 31.75 2.90
N MET D 659 0.30 30.67 2.26
CA MET D 659 0.55 29.33 2.80
C MET D 659 2.04 28.99 2.76
N VAL D 660 2.76 29.48 1.76
CA VAL D 660 4.20 29.22 1.69
C VAL D 660 4.94 29.96 2.79
N ILE D 661 4.67 31.26 2.95
CA ILE D 661 5.36 32.05 3.96
C ILE D 661 4.97 31.64 5.37
N LYS D 662 3.79 31.04 5.54
CA LYS D 662 3.41 30.55 6.86
C LYS D 662 4.25 29.35 7.27
N THR D 663 4.49 28.43 6.32
CA THR D 663 5.34 27.28 6.62
C THR D 663 6.78 27.70 6.87
N VAL D 664 7.28 28.67 6.08
CA VAL D 664 8.62 29.20 6.31
C VAL D 664 8.72 29.81 7.69
N SER D 665 7.66 30.49 8.14
CA SER D 665 7.65 31.04 9.48
C SER D 665 7.62 29.94 10.53
N THR D 666 6.92 28.84 10.25
CA THR D 666 6.88 27.72 11.18
C THR D 666 8.22 27.00 11.24
N LEU D 667 8.84 26.77 10.08
CA LEU D 667 10.15 26.13 10.06
C LEU D 667 11.21 26.98 10.75
N CYS D 668 11.22 28.29 10.46
CA CYS D 668 12.15 29.18 11.15
C CYS D 668 11.88 29.27 12.64
N GLU D 669 10.66 28.96 13.08
CA GLU D 669 10.34 29.04 14.49
C GLU D 669 10.96 27.88 15.26
N THR D 670 10.98 26.69 14.66
CA THR D 670 11.54 25.50 15.29
C THR D 670 12.97 25.22 14.87
N CYS D 671 13.29 25.38 13.58
CA CYS D 671 14.63 25.12 13.05
C CYS D 671 15.45 26.40 12.98
N ARG D 672 15.36 27.24 14.01
CA ARG D 672 16.12 28.49 14.03
C ARG D 672 17.61 28.23 13.88
N GLU D 673 18.13 27.21 14.58
CA GLU D 673 19.56 26.94 14.55
C GLU D 673 19.99 26.33 13.23
N GLU D 674 19.17 25.41 12.68
CA GLU D 674 19.56 24.71 11.47
C GLU D 674 19.52 25.61 10.23
N LEU D 675 18.68 26.64 10.25
CA LEU D 675 18.54 27.55 9.12
C LEU D 675 19.49 28.74 9.21
N THR D 676 20.56 28.64 10.00
CA THR D 676 21.53 29.72 10.11
C THR D 676 22.24 30.02 8.80
N PRO D 677 22.73 29.03 8.03
CA PRO D 677 23.40 29.37 6.76
C PRO D 677 22.50 30.10 5.77
N TYR D 678 21.19 29.97 5.88
CA TYR D 678 20.26 30.65 4.99
C TYR D 678 19.98 32.09 5.40
N LEU D 679 20.57 32.57 6.51
CA LEU D 679 20.26 33.92 6.98
C LEU D 679 20.74 34.97 5.99
N MET D 680 21.99 34.86 5.54
CA MET D 680 22.48 35.80 4.53
C MET D 680 21.70 35.70 3.23
N HIS D 681 21.16 34.53 2.94
CA HIS D 681 20.36 34.35 1.73
C HIS D 681 18.97 34.96 1.90
N PHE D 682 18.39 34.84 3.09
CA PHE D 682 17.03 35.34 3.31
C PHE D 682 17.00 36.87 3.31
N ILE D 683 17.97 37.50 3.98
CA ILE D 683 17.99 38.97 4.04
C ILE D 683 18.15 39.56 2.65
N SER D 684 18.93 38.91 1.78
CA SER D 684 19.06 39.36 0.41
C SER D 684 17.73 39.34 -0.31
N PHE D 685 16.96 38.25 -0.14
CA PHE D 685 15.62 38.19 -0.71
C PHE D 685 14.69 39.21 -0.09
N LEU D 686 14.89 39.53 1.20
CA LEU D 686 14.04 40.51 1.87
C LEU D 686 14.26 41.91 1.33
N ASN D 687 15.50 42.26 1.00
CA ASN D 687 15.79 43.60 0.49
C ASN D 687 15.09 43.85 -0.84
N THR D 688 14.82 42.80 -1.61
CA THR D 688 14.08 42.94 -2.86
C THR D 688 12.57 42.87 -2.65
N VAL D 689 12.12 42.24 -1.58
CA VAL D 689 10.69 42.12 -1.31
C VAL D 689 10.17 43.36 -0.58
N ILE D 690 10.96 43.90 0.35
CA ILE D 690 10.53 45.02 1.16
C ILE D 690 10.37 46.32 0.36
N MET D 691 10.76 46.32 -0.91
CA MET D 691 10.58 47.52 -1.73
C MET D 691 9.10 47.84 -1.85
N PRO D 692 8.73 49.12 -1.85
CA PRO D 692 7.30 49.47 -1.98
C PRO D 692 6.71 49.06 -3.31
N ASP D 693 7.53 48.96 -4.36
CA ASP D 693 7.09 48.51 -5.67
C ASP D 693 7.48 47.04 -5.80
N SER D 694 6.49 46.16 -5.58
CA SER D 694 6.73 44.72 -5.63
C SER D 694 5.39 44.02 -5.85
N ASN D 695 5.47 42.75 -6.21
CA ASN D 695 4.30 41.93 -6.47
C ASN D 695 3.91 41.08 -5.26
N VAL D 696 4.61 41.22 -4.14
CA VAL D 696 4.30 40.43 -2.96
C VAL D 696 3.17 41.10 -2.17
N SER D 697 2.49 40.30 -1.36
CA SER D 697 1.45 40.82 -0.50
C SER D 697 2.05 41.35 0.80
N HIS D 698 1.25 42.15 1.52
CA HIS D 698 1.73 42.71 2.78
C HIS D 698 1.88 41.65 3.86
N PHE D 699 1.07 40.59 3.80
CA PHE D 699 1.18 39.53 4.80
C PHE D 699 2.51 38.80 4.70
N THR D 700 2.98 38.54 3.47
CA THR D 700 4.25 37.84 3.30
C THR D 700 5.43 38.69 3.76
N ARG D 701 5.31 40.02 3.68
CA ARG D 701 6.37 40.89 4.19
C ARG D 701 6.50 40.75 5.70
N THR D 702 5.36 40.70 6.41
CA THR D 702 5.40 40.63 7.87
C THR D 702 5.95 39.28 8.33
N LYS D 703 5.47 38.19 7.75
CA LYS D 703 5.91 36.86 8.17
C LYS D 703 7.33 36.57 7.74
N LEU D 704 7.82 37.22 6.68
CA LEU D 704 9.22 37.06 6.30
C LEU D 704 10.14 37.71 7.32
N VAL D 705 9.80 38.93 7.75
CA VAL D 705 10.58 39.59 8.79
C VAL D 705 10.51 38.79 10.09
N ARG D 706 9.37 38.16 10.35
CA ARG D 706 9.27 37.27 11.50
C ARG D 706 10.16 36.04 11.32
N SER D 707 10.26 35.55 10.08
CA SER D 707 11.13 34.40 9.82
C SER D 707 12.60 34.78 9.92
N ILE D 708 12.98 35.93 9.34
CA ILE D 708 14.36 36.41 9.45
C ILE D 708 14.70 36.69 10.91
N GLY D 709 13.78 37.29 11.65
CA GLY D 709 14.02 37.54 13.06
C GLY D 709 14.17 36.27 13.87
N TYR D 710 13.54 35.19 13.44
CA TYR D 710 13.70 33.90 14.12
C TYR D 710 15.14 33.40 14.00
N VAL D 711 15.76 33.59 12.84
CA VAL D 711 17.12 33.11 12.63
C VAL D 711 18.13 34.00 13.34
N VAL D 712 17.90 35.30 13.37
CA VAL D 712 18.83 36.23 14.03
C VAL D 712 18.83 36.02 15.54
N GLN D 713 17.69 35.58 16.10
CA GLN D 713 17.59 35.45 17.55
C GLN D 713 18.53 34.40 18.10
N CYS D 714 18.82 33.34 17.34
CA CYS D 714 19.69 32.26 17.79
C CYS D 714 21.16 32.50 17.48
N GLN D 715 21.54 33.73 17.11
CA GLN D 715 22.91 34.08 16.77
C GLN D 715 23.67 34.63 17.98
N VAL D 716 23.56 33.96 19.12
CA VAL D 716 24.18 34.40 20.36
C VAL D 716 25.63 33.94 20.43
N SER D 717 26.14 33.34 19.36
CA SER D 717 27.50 32.82 19.36
C SER D 717 28.52 33.96 19.41
N ASN D 718 28.57 34.78 18.35
CA ASN D 718 29.58 35.82 18.24
C ASN D 718 29.38 36.98 19.22
N GLY D 719 28.40 36.91 20.11
CA GLY D 719 28.19 37.96 21.08
C GLY D 719 27.02 38.87 20.71
N PRO D 720 26.66 39.78 21.62
CA PRO D 720 25.55 40.69 21.34
C PRO D 720 25.86 41.74 20.29
N GLU D 721 27.14 42.02 20.04
CA GLU D 721 27.48 43.06 19.07
C GLU D 721 27.22 42.58 17.65
N GLU D 722 27.62 41.35 17.33
CA GLU D 722 27.42 40.84 15.98
C GLU D 722 25.94 40.61 15.69
N GLN D 723 25.16 40.21 16.69
CA GLN D 723 23.73 40.03 16.49
C GLN D 723 23.03 41.37 16.30
N ALA D 724 23.49 42.40 17.02
CA ALA D 724 22.91 43.73 16.88
C ALA D 724 23.19 44.34 15.50
N LYS D 725 24.22 43.85 14.80
CA LYS D 725 24.45 44.31 13.44
C LYS D 725 23.29 43.92 12.52
N TYR D 726 22.76 42.71 12.68
CA TYR D 726 21.58 42.33 11.93
C TYR D 726 20.35 43.09 12.39
N ILE D 727 20.22 43.29 13.70
CA ILE D 727 19.06 44.01 14.24
C ILE D 727 19.06 45.46 13.78
N LEU D 728 20.23 46.10 13.79
CA LEU D 728 20.32 47.48 13.32
C LEU D 728 20.06 47.57 11.82
N GLN D 729 20.50 46.55 11.06
CA GLN D 729 20.25 46.55 9.62
C GLN D 729 18.76 46.44 9.32
N LEU D 730 18.06 45.55 10.02
CA LEU D 730 16.62 45.43 9.82
C LEU D 730 15.88 46.66 10.34
N THR D 731 16.35 47.23 11.45
CA THR D 731 15.71 48.43 11.99
C THR D 731 15.87 49.62 11.04
N ASN D 732 17.08 49.83 10.52
CA ASN D 732 17.28 50.93 9.59
C ASN D 732 16.58 50.69 8.27
N LEU D 733 16.39 49.43 7.87
CA LEU D 733 15.65 49.14 6.64
C LEU D 733 14.16 49.39 6.82
N LEU D 734 13.60 48.95 7.94
CA LEU D 734 12.18 49.18 8.20
C LEU D 734 11.90 50.65 8.47
N SER D 735 12.66 51.26 9.38
CA SER D 735 12.47 52.67 9.69
C SER D 735 12.83 53.56 8.51
N GLY D 736 13.85 53.18 7.73
CA GLY D 736 14.21 53.97 6.56
C GLY D 736 13.14 53.95 5.50
N SER D 737 12.51 52.79 5.28
CA SER D 737 11.43 52.71 4.30
C SER D 737 10.18 53.41 4.77
N ILE D 738 9.94 53.45 6.08
CA ILE D 738 8.79 54.17 6.62
C ILE D 738 8.95 55.67 6.41
N GLU D 739 10.10 56.21 6.81
CA GLU D 739 10.35 57.64 6.65
C GLU D 739 10.43 58.02 5.17
N HIS D 740 10.86 57.11 4.31
CA HIS D 740 10.90 57.39 2.88
C HIS D 740 9.49 57.51 2.31
N CYS D 741 8.56 56.70 2.80
CA CYS D 741 7.19 56.72 2.29
C CYS D 741 6.38 57.88 2.85
N LEU D 742 6.69 58.32 4.07
CA LEU D 742 5.88 59.33 4.73
C LEU D 742 6.15 60.74 4.20
N ALA D 743 7.36 61.02 3.72
CA ALA D 743 7.78 62.37 3.39
C ALA D 743 7.86 62.64 1.89
N SER D 744 7.52 61.66 1.04
CA SER D 744 7.63 61.83 -0.41
C SER D 744 6.27 61.78 -1.09
N SER D 745 5.56 60.66 -1.00
CA SER D 745 4.28 60.47 -1.67
C SER D 745 3.18 60.64 -0.63
N VAL D 746 2.61 61.85 -0.58
CA VAL D 746 1.62 62.24 0.43
C VAL D 746 0.61 61.13 0.61
N GLN D 747 0.37 60.75 1.87
CA GLN D 747 -0.17 59.44 2.18
C GLN D 747 -1.57 59.26 1.62
N LEU D 748 -1.71 58.28 0.73
CA LEU D 748 -2.99 57.84 0.18
C LEU D 748 -3.34 56.49 0.80
N GLN D 749 -4.37 55.84 0.26
CA GLN D 749 -4.76 54.53 0.77
C GLN D 749 -3.66 53.51 0.53
N GLU D 750 -2.95 53.61 -0.59
CA GLU D 750 -1.83 52.70 -0.85
C GLU D 750 -0.71 52.91 0.14
N GLN D 751 -0.34 54.16 0.41
CA GLN D 751 0.73 54.45 1.35
C GLN D 751 0.35 54.08 2.78
N GLN D 752 -0.94 54.17 3.11
CA GLN D 752 -1.38 53.75 4.45
C GLN D 752 -1.23 52.25 4.64
N ASP D 753 -1.56 51.46 3.62
CA ASP D 753 -1.38 50.02 3.73
C ASP D 753 0.09 49.63 3.75
N TYR D 754 0.94 50.41 3.06
CA TYR D 754 2.37 50.11 3.07
C TYR D 754 3.00 50.48 4.41
N ILE D 755 2.60 51.63 4.97
CA ILE D 755 3.10 52.01 6.30
C ILE D 755 2.58 51.04 7.35
N ASN D 756 1.32 50.65 7.26
CA ASN D 756 0.77 49.67 8.19
C ASN D 756 1.48 48.33 8.07
N CYS D 757 1.86 47.96 6.85
CA CYS D 757 2.60 46.70 6.66
C CYS D 757 3.96 46.75 7.33
N LEU D 758 4.69 47.86 7.17
CA LEU D 758 6.01 47.97 7.77
C LEU D 758 5.93 48.09 9.29
N LEU D 759 4.87 48.71 9.81
CA LEU D 759 4.70 48.76 11.27
C LEU D 759 4.46 47.37 11.83
N TYR D 760 3.64 46.56 11.16
CA TYR D 760 3.46 45.17 11.58
C TYR D 760 4.75 44.38 11.41
N CYS D 761 5.58 44.74 10.42
CA CYS D 761 6.87 44.08 10.27
C CYS D 761 7.77 44.34 11.48
N ILE D 762 7.76 45.58 11.99
CA ILE D 762 8.51 45.88 13.20
C ILE D 762 7.95 45.10 14.38
N SER D 763 6.63 44.90 14.41
CA SER D 763 6.02 44.10 15.47
C SER D 763 6.41 42.63 15.36
N GLU D 764 6.40 42.10 14.12
CA GLU D 764 6.83 40.72 13.94
C GLU D 764 8.31 40.54 14.27
N LEU D 765 9.13 41.55 13.97
CA LEU D 765 10.54 41.48 14.34
C LEU D 765 10.74 41.56 15.85
N ALA D 766 9.88 42.31 16.54
CA ALA D 766 9.99 42.41 17.99
C ALA D 766 9.53 41.12 18.66
N THR D 767 8.50 40.47 18.10
CA THR D 767 8.01 39.22 18.67
C THR D 767 8.97 38.07 18.40
N SER D 768 9.54 38.02 17.20
CA SER D 768 10.44 36.92 16.85
C SER D 768 11.72 36.96 17.66
N LEU D 769 12.16 38.14 18.08
CA LEU D 769 13.39 38.27 18.87
C LEU D 769 13.17 38.02 20.35
N ILE D 770 11.95 37.69 20.77
CA ILE D 770 11.70 37.36 22.17
C ILE D 770 12.27 35.98 22.46
N GLN D 771 13.04 35.88 23.54
CA GLN D 771 13.63 34.59 23.92
C GLN D 771 12.52 33.62 24.30
N PRO D 772 12.45 32.44 23.68
CA PRO D 772 11.40 31.49 24.02
C PRO D 772 11.55 30.99 25.45
N THR D 773 10.40 30.73 26.09
CA THR D 773 10.40 30.22 27.46
C THR D 773 10.97 28.81 27.54
N GLU D 774 10.99 28.08 26.44
CA GLU D 774 11.51 26.72 26.41
C GLU D 774 12.99 26.68 26.79
N LEU D 781 24.25 31.36 25.48
CA LEU D 781 23.69 32.63 25.92
C LEU D 781 23.76 32.76 27.44
N LEU D 782 23.65 31.62 28.13
CA LEU D 782 23.74 31.63 29.59
C LEU D 782 25.09 32.12 30.06
N GLN D 783 26.16 31.72 29.38
CA GLN D 783 27.50 32.18 29.73
C GLN D 783 27.66 33.66 29.43
N ARG D 784 27.09 34.13 28.32
CA ARG D 784 27.12 35.53 27.95
C ARG D 784 25.91 36.31 28.46
N LEU D 785 25.26 35.81 29.51
CA LEU D 785 24.03 36.43 30.00
C LEU D 785 24.29 37.87 30.44
N SER D 786 25.30 38.08 31.29
CA SER D 786 25.59 39.43 31.75
C SER D 786 26.14 40.30 30.62
N GLU D 787 26.77 39.70 29.62
CA GLU D 787 27.22 40.47 28.47
C GLU D 787 26.05 40.97 27.64
N PHE D 788 25.02 40.13 27.45
CA PHE D 788 23.84 40.57 26.72
C PHE D 788 22.97 41.52 27.55
N GLN D 789 22.93 41.33 28.87
CA GLN D 789 22.15 42.22 29.72
C GLN D 789 22.76 43.62 29.75
N SER D 790 24.08 43.71 29.92
CA SER D 790 24.74 45.01 29.95
C SER D 790 24.75 45.67 28.58
N PHE D 791 24.81 44.88 27.52
CA PHE D 791 24.80 45.46 26.17
C PHE D 791 23.45 46.11 25.85
N TRP D 792 22.36 45.36 26.00
CA TRP D 792 21.05 45.90 25.68
C TRP D 792 20.59 46.93 26.69
N SER D 793 21.18 46.96 27.89
CA SER D 793 20.91 48.05 28.81
C SER D 793 21.53 49.35 28.34
N SER D 794 22.68 49.28 27.69
CA SER D 794 23.34 50.46 27.12
C SER D 794 22.90 50.73 25.69
N ASP D 795 22.69 49.65 24.90
CA ASP D 795 22.33 49.67 23.48
C ASP D 795 23.02 50.81 22.75
N PRO D 796 24.33 50.71 22.49
CA PRO D 796 25.04 51.81 21.82
C PRO D 796 24.52 52.11 20.43
N LEU D 797 23.88 51.16 19.75
CA LEU D 797 23.34 51.40 18.41
C LEU D 797 22.01 52.15 18.44
N GLN D 798 21.43 52.37 19.61
CA GLN D 798 20.19 53.14 19.76
C GLN D 798 19.06 52.51 18.95
N ILE D 799 18.81 51.23 19.23
CA ILE D 799 17.74 50.51 18.54
C ILE D 799 16.38 51.01 19.01
N ARG D 800 16.21 51.15 20.33
CA ARG D 800 14.94 51.64 20.87
C ARG D 800 14.69 53.09 20.48
N SER D 801 15.75 53.90 20.36
CA SER D 801 15.57 55.30 19.99
C SER D 801 15.07 55.44 18.56
N LYS D 802 15.57 54.61 17.64
CA LYS D 802 15.14 54.69 16.25
C LYS D 802 13.72 54.18 16.08
N ILE D 803 13.37 53.11 16.78
CA ILE D 803 12.02 52.55 16.64
C ILE D 803 10.99 53.47 17.28
N MET D 804 11.29 54.02 18.45
CA MET D 804 10.35 54.92 19.10
C MET D 804 10.14 56.19 18.30
N CYS D 805 11.22 56.77 17.76
CA CYS D 805 11.08 57.97 16.93
C CYS D 805 10.36 57.66 15.63
N THR D 806 10.47 56.42 15.14
CA THR D 806 9.73 56.04 13.94
C THR D 806 8.24 55.93 14.22
N ILE D 807 7.87 55.30 15.33
CA ILE D 807 6.46 55.22 15.71
C ILE D 807 5.92 56.62 16.00
N ASP D 808 6.74 57.48 16.59
CA ASP D 808 6.32 58.85 16.85
C ASP D 808 6.07 59.61 15.56
N LYS D 809 6.95 59.44 14.57
CA LYS D 809 6.76 60.12 13.29
C LYS D 809 5.49 59.67 12.59
N VAL D 810 5.10 58.40 12.77
CA VAL D 810 3.87 57.92 12.15
C VAL D 810 2.66 58.43 12.93
N LEU D 811 2.71 58.40 14.25
CA LEU D 811 1.58 58.82 15.06
C LEU D 811 1.47 60.33 15.21
N ASP D 812 2.50 61.09 14.82
CA ASP D 812 2.39 62.54 14.80
C ASP D 812 1.63 63.06 13.59
N ASN D 813 1.37 62.21 12.59
CA ASN D 813 0.61 62.62 11.43
C ASN D 813 -0.89 62.50 11.71
N SER D 814 -1.64 63.53 11.30
CA SER D 814 -3.08 63.53 11.55
C SER D 814 -3.79 62.43 10.78
N ILE D 815 -3.26 62.03 9.63
CA ILE D 815 -3.89 60.98 8.82
C ILE D 815 -3.72 59.60 9.44
N TYR D 816 -2.84 59.45 10.43
CA TYR D 816 -2.56 58.15 11.04
C TYR D 816 -2.98 58.07 12.50
N CYS D 817 -2.82 59.15 13.27
CA CYS D 817 -3.12 59.10 14.69
C CYS D 817 -4.60 58.83 14.95
N LYS D 818 -5.48 59.31 14.08
CA LYS D 818 -6.91 59.09 14.24
C LYS D 818 -7.38 57.76 13.66
N ASN D 819 -6.45 56.93 13.17
CA ASN D 819 -6.77 55.60 12.68
C ASN D 819 -6.49 54.59 13.77
N SER D 820 -7.46 53.70 14.02
CA SER D 820 -7.33 52.75 15.12
C SER D 820 -6.27 51.69 14.85
N ALA D 821 -6.08 51.32 13.57
CA ALA D 821 -5.14 50.25 13.25
C ALA D 821 -3.70 50.67 13.56
N PHE D 822 -3.35 51.92 13.25
CA PHE D 822 -1.97 52.37 13.50
C PHE D 822 -1.73 52.61 14.98
N VAL D 823 -2.75 53.04 15.72
CA VAL D 823 -2.60 53.17 17.17
C VAL D 823 -2.49 51.79 17.81
N GLU D 824 -3.25 50.82 17.30
CA GLU D 824 -3.18 49.46 17.84
C GLU D 824 -1.80 48.86 17.65
N ILE D 825 -1.27 48.90 16.43
CA ILE D 825 0.04 48.32 16.16
C ILE D 825 1.13 49.15 16.83
N GLY D 826 0.89 50.44 17.06
CA GLY D 826 1.87 51.26 17.75
C GLY D 826 2.01 50.87 19.21
N CYS D 827 0.89 50.72 19.90
CA CYS D 827 0.91 50.31 21.30
C CYS D 827 1.38 48.87 21.47
N LEU D 828 1.26 48.04 20.43
CA LEU D 828 1.75 46.67 20.52
C LEU D 828 3.28 46.63 20.53
N ILE D 829 3.91 47.40 19.66
CA ILE D 829 5.37 47.41 19.58
C ILE D 829 5.96 47.99 20.86
N VAL D 830 5.39 49.08 21.36
CA VAL D 830 5.90 49.69 22.58
C VAL D 830 5.72 48.77 23.77
N GLY D 831 4.62 48.00 23.79
CA GLY D 831 4.35 47.11 24.90
C GLY D 831 4.83 45.70 24.70
N LYS D 832 5.76 45.49 23.77
CA LYS D 832 6.30 44.15 23.55
C LYS D 832 7.23 43.74 24.70
N GLY D 833 8.08 44.65 25.14
CA GLY D 833 9.01 44.38 26.22
C GLY D 833 8.40 44.38 27.61
N LEU D 834 7.12 44.71 27.72
CA LEU D 834 6.46 44.75 29.02
C LEU D 834 5.99 43.35 29.43
N ASN D 835 5.91 43.13 30.74
CA ASN D 835 5.46 41.88 31.33
C ASN D 835 6.34 40.69 30.95
N LEU D 836 7.59 40.96 30.56
CA LEU D 836 8.50 39.86 30.28
C LEU D 836 9.25 39.46 31.54
N PRO D 837 9.68 38.20 31.63
CA PRO D 837 10.43 37.76 32.81
C PRO D 837 11.73 38.55 32.97
N ASP D 838 11.95 39.07 34.18
CA ASP D 838 13.13 39.87 34.44
C ASP D 838 14.40 39.05 34.26
N GLY D 839 15.44 39.68 33.73
CA GLY D 839 16.69 39.02 33.42
C GLY D 839 16.86 38.67 31.96
N GLU D 840 15.77 38.58 31.21
CA GLU D 840 15.85 38.29 29.78
C GLU D 840 16.42 39.49 29.04
N PRO D 841 17.55 39.36 28.34
CA PRO D 841 18.15 40.52 27.64
C PRO D 841 17.40 40.89 26.36
N TYR D 842 16.19 41.43 26.53
CA TYR D 842 15.38 41.84 25.40
C TYR D 842 15.86 43.20 24.90
N PHE D 843 15.84 43.37 23.58
CA PHE D 843 16.39 44.59 22.98
C PHE D 843 15.41 45.75 23.07
N LEU D 844 14.11 45.47 22.93
CA LEU D 844 13.09 46.51 22.87
C LEU D 844 12.39 46.73 24.20
N LYS D 845 13.01 46.33 25.31
CA LYS D 845 12.43 46.52 26.63
C LYS D 845 12.46 48.01 26.98
N TYR D 846 11.28 48.62 27.09
CA TYR D 846 11.15 50.03 27.42
C TYR D 846 10.87 50.21 28.91
N ASN D 847 11.37 51.31 29.46
CA ASN D 847 11.14 51.64 30.86
C ASN D 847 9.78 52.30 31.01
N MET D 848 9.49 52.80 32.21
CA MET D 848 8.17 53.38 32.48
C MET D 848 8.02 54.77 31.87
N SER D 849 9.06 55.60 31.97
CA SER D 849 8.97 56.97 31.49
C SER D 849 8.85 57.03 29.97
N GLU D 850 9.44 56.07 29.26
CA GLU D 850 9.36 56.07 27.79
C GLU D 850 7.94 55.73 27.33
N VAL D 851 7.34 54.69 27.92
CA VAL D 851 5.97 54.35 27.55
C VAL D 851 5.01 55.41 28.05
N MET D 852 5.29 56.01 29.21
CA MET D 852 4.43 57.08 29.72
C MET D 852 4.45 58.28 28.79
N ASN D 853 5.66 58.75 28.42
CA ASN D 853 5.77 59.87 27.49
C ASN D 853 5.23 59.53 26.12
N PHE D 854 5.21 58.24 25.74
CA PHE D 854 4.64 57.86 24.46
C PHE D 854 3.13 58.03 24.45
N VAL D 855 2.45 57.50 25.48
CA VAL D 855 1.00 57.59 25.54
C VAL D 855 0.56 59.04 25.73
N LEU D 856 1.24 59.78 26.61
CA LEU D 856 0.92 61.18 26.80
C LEU D 856 1.11 62.01 25.54
N ARG D 857 1.96 61.55 24.62
CA ARG D 857 2.24 62.30 23.40
C ARG D 857 1.11 62.19 22.39
N HIS D 858 0.59 60.98 22.17
CA HIS D 858 -0.31 60.71 21.07
C HIS D 858 -1.77 60.50 21.49
N VAL D 859 -2.07 60.56 22.78
CA VAL D 859 -3.45 60.38 23.23
C VAL D 859 -4.33 61.61 22.97
N PRO D 860 -3.83 62.88 23.01
CA PRO D 860 -4.77 64.00 22.79
C PRO D 860 -5.12 64.18 21.33
N ASN D 861 -4.18 63.88 20.43
CA ASN D 861 -4.34 64.14 19.01
C ASN D 861 -5.07 63.02 18.28
N CYS D 862 -5.36 61.91 18.95
CA CYS D 862 -6.03 60.79 18.29
C CYS D 862 -7.54 60.90 18.46
N GLU D 863 -8.26 59.93 17.90
CA GLU D 863 -9.71 59.84 18.07
C GLU D 863 -9.99 59.08 19.36
N LEU D 864 -10.57 59.78 20.34
CA LEU D 864 -10.76 59.20 21.66
C LEU D 864 -11.75 58.04 21.66
N ALA D 865 -12.66 58.00 20.70
CA ALA D 865 -13.67 56.94 20.68
C ALA D 865 -13.06 55.58 20.39
N THR D 866 -12.32 55.46 19.29
CA THR D 866 -11.84 54.17 18.82
C THR D 866 -10.41 53.85 19.24
N CYS D 867 -9.61 54.84 19.62
CA CYS D 867 -8.19 54.62 19.88
C CYS D 867 -7.85 54.59 21.37
N LEU D 868 -8.79 54.92 22.25
CA LEU D 868 -8.50 54.97 23.68
C LEU D 868 -8.29 53.58 24.29
N PRO D 869 -9.08 52.55 23.95
CA PRO D 869 -8.83 51.22 24.53
C PRO D 869 -7.43 50.69 24.28
N TYR D 870 -6.75 51.15 23.24
CA TYR D 870 -5.38 50.68 22.99
C TYR D 870 -4.38 51.39 23.91
N PHE D 871 -4.56 52.69 24.14
CA PHE D 871 -3.68 53.39 25.07
C PHE D 871 -3.91 52.93 26.49
N VAL D 872 -5.17 52.66 26.86
CA VAL D 872 -5.47 52.23 28.22
C VAL D 872 -4.96 50.82 28.46
N TYR D 873 -5.14 49.93 27.49
CA TYR D 873 -4.61 48.57 27.64
C TYR D 873 -3.08 48.57 27.71
N LEU D 874 -2.43 49.50 27.00
CA LEU D 874 -0.98 49.64 27.13
C LEU D 874 -0.61 50.12 28.53
N LEU D 875 -1.42 50.99 29.12
CA LEU D 875 -1.19 51.42 30.49
C LEU D 875 -1.37 50.25 31.46
N GLU D 876 -2.28 49.33 31.16
CA GLU D 876 -2.47 48.18 32.02
C GLU D 876 -1.24 47.26 32.00
N LYS D 877 -0.59 47.16 30.83
CA LYS D 877 0.66 46.41 30.76
C LYS D 877 1.77 47.10 31.55
N LEU D 878 1.84 48.43 31.45
CA LEU D 878 2.86 49.17 32.19
C LEU D 878 2.64 49.07 33.69
N ILE D 879 1.37 49.10 34.12
CA ILE D 879 1.07 48.98 35.55
C ILE D 879 1.47 47.61 36.07
N SER D 880 1.16 46.56 35.31
CA SER D 880 1.51 45.20 35.75
C SER D 880 3.02 44.98 35.73
N GLU D 881 3.73 45.64 34.83
CA GLU D 881 5.18 45.47 34.74
C GLU D 881 5.90 46.21 35.86
N PHE D 882 5.58 47.49 36.04
CA PHE D 882 6.24 48.34 37.04
C PHE D 882 5.45 48.41 38.34
N ARG D 883 4.71 47.35 38.67
CA ARG D 883 3.88 47.36 39.88
C ARG D 883 4.70 47.57 41.15
N LYS D 884 5.98 47.16 41.14
CA LYS D 884 6.79 47.29 42.32
C LYS D 884 7.21 48.74 42.57
N GLU D 885 7.52 49.47 41.49
CA GLU D 885 8.02 50.83 41.60
C GLU D 885 6.92 51.88 41.43
N LEU D 886 5.67 51.46 41.29
CA LEU D 886 4.58 52.42 41.08
C LEU D 886 4.18 53.09 42.38
N THR D 887 3.66 54.31 42.26
CA THR D 887 3.24 55.14 43.38
C THR D 887 1.80 55.57 43.16
N PRO D 888 0.97 55.54 44.22
CA PRO D 888 -0.42 56.01 44.06
C PRO D 888 -0.54 57.41 43.49
N GLN D 889 0.44 58.28 43.74
CA GLN D 889 0.43 59.60 43.11
C GLN D 889 0.66 59.50 41.61
N GLU D 890 1.53 58.56 41.19
CA GLU D 890 1.76 58.35 39.76
C GLU D 890 0.53 57.75 39.09
N PHE D 891 -0.21 56.89 39.80
CA PHE D 891 -1.44 56.33 39.25
C PHE D 891 -2.50 57.41 39.06
N ASP D 892 -2.56 58.38 39.98
CA ASP D 892 -3.48 59.50 39.81
C ASP D 892 -3.10 60.34 38.59
N PHE D 893 -1.81 60.46 38.31
CA PHE D 893 -1.37 61.21 37.13
C PHE D 893 -1.85 60.54 35.85
N MET D 894 -1.72 59.21 35.77
CA MET D 894 -2.21 58.49 34.60
C MET D 894 -3.73 58.53 34.50
N PHE D 895 -4.41 58.45 35.65
CA PHE D 895 -5.87 58.47 35.64
C PHE D 895 -6.41 59.83 35.23
N GLU D 896 -5.72 60.90 35.61
CA GLU D 896 -6.17 62.25 35.27
C GLU D 896 -5.95 62.55 33.80
N LYS D 897 -4.73 62.32 33.31
CA LYS D 897 -4.38 62.73 31.95
C LYS D 897 -5.10 61.89 30.91
N ILE D 898 -5.09 60.57 31.08
CA ILE D 898 -5.59 59.68 30.04
C ILE D 898 -7.11 59.44 30.13
N LEU D 899 -7.68 59.48 31.34
CA LEU D 899 -9.06 59.10 31.54
C LEU D 899 -9.94 60.22 32.07
N LEU D 900 -9.51 60.89 33.15
CA LEU D 900 -10.40 61.82 33.84
C LEU D 900 -10.74 63.03 32.97
N VAL D 901 -9.74 63.57 32.25
CA VAL D 901 -9.99 64.75 31.42
C VAL D 901 -10.98 64.42 30.32
N TYR D 902 -10.89 63.21 29.76
CA TYR D 902 -11.74 62.80 28.65
C TYR D 902 -13.02 62.10 29.11
N TYR D 903 -13.32 62.11 30.40
CA TYR D 903 -14.43 61.31 30.91
C TYR D 903 -15.79 61.96 30.64
N ASP D 904 -16.01 63.14 31.20
CA ASP D 904 -17.34 63.76 31.19
C ASP D 904 -17.86 64.02 29.78
N ALA D 905 -16.98 64.07 28.78
CA ALA D 905 -17.39 64.36 27.42
C ALA D 905 -17.47 63.12 26.54
N TYR D 906 -16.47 62.24 26.61
CA TYR D 906 -16.36 61.14 25.66
C TYR D 906 -16.62 59.76 26.24
N ILE D 907 -16.61 59.61 27.57
CA ILE D 907 -16.64 58.30 28.20
C ILE D 907 -17.99 58.00 28.83
N ILE D 908 -18.55 58.95 29.57
CA ILE D 908 -19.73 58.68 30.39
C ILE D 908 -20.91 58.24 29.54
N ASN D 909 -21.04 58.76 28.32
CA ASN D 909 -22.13 58.40 27.43
C ASN D 909 -21.76 57.31 26.43
N ASP D 910 -20.57 56.74 26.53
CA ASP D 910 -20.14 55.68 25.62
C ASP D 910 -20.01 54.38 26.40
N PRO D 911 -20.77 53.34 26.05
CA PRO D 911 -20.67 52.09 26.81
C PRO D 911 -19.33 51.40 26.67
N ASP D 912 -18.74 51.40 25.48
CA ASP D 912 -17.46 50.74 25.27
C ASP D 912 -16.35 51.42 26.07
N LEU D 913 -16.29 52.75 26.00
CA LEU D 913 -15.29 53.47 26.78
C LEU D 913 -15.58 53.39 28.27
N LEU D 914 -16.86 53.23 28.65
CA LEU D 914 -17.19 53.05 30.06
C LEU D 914 -16.67 51.72 30.57
N GLN D 915 -16.96 50.63 29.85
CA GLN D 915 -16.43 49.32 30.22
C GLN D 915 -14.92 49.29 30.15
N MET D 916 -14.32 50.12 29.29
CA MET D 916 -12.86 50.22 29.25
C MET D 916 -12.31 50.80 30.54
N THR D 917 -12.93 51.86 31.05
CA THR D 917 -12.47 52.46 32.30
C THR D 917 -12.70 51.53 33.47
N ILE D 918 -13.84 50.84 33.49
CA ILE D 918 -14.12 49.89 34.57
C ILE D 918 -13.11 48.75 34.54
N GLY D 919 -12.80 48.24 33.35
CA GLY D 919 -11.79 47.21 33.23
C GLY D 919 -10.41 47.70 33.63
N PHE D 920 -10.16 49.00 33.45
CA PHE D 920 -8.88 49.56 33.89
C PHE D 920 -8.77 49.57 35.41
N VAL D 921 -9.83 50.02 36.09
CA VAL D 921 -9.82 50.05 37.54
C VAL D 921 -9.79 48.62 38.10
N ASN D 922 -10.50 47.70 37.45
CA ASN D 922 -10.45 46.31 37.88
C ASN D 922 -9.05 45.71 37.71
N ASN D 923 -8.33 46.13 36.68
CA ASN D 923 -6.96 45.67 36.49
C ASN D 923 -6.05 46.19 37.60
N VAL D 924 -6.28 47.44 38.03
CA VAL D 924 -5.48 47.99 39.12
C VAL D 924 -5.77 47.26 40.43
N LEU D 925 -7.03 46.88 40.65
CA LEU D 925 -7.37 46.10 41.84
C LEU D 925 -6.76 44.71 41.78
N ASP D 926 -6.59 44.15 40.59
CA ASP D 926 -5.98 42.83 40.45
C ASP D 926 -4.47 42.88 40.64
N VAL D 927 -3.83 43.97 40.25
CA VAL D 927 -2.37 44.08 40.30
C VAL D 927 -1.94 44.66 41.64
N LYS D 928 -2.30 45.92 41.89
CA LYS D 928 -1.90 46.61 43.11
C LYS D 928 -3.08 47.44 43.61
N PRO D 929 -3.85 46.92 44.57
CA PRO D 929 -4.99 47.68 45.08
C PRO D 929 -4.61 48.98 45.78
N GLY D 930 -3.40 49.05 46.34
CA GLY D 930 -2.97 50.25 47.04
C GLY D 930 -2.94 51.49 46.19
N LEU D 931 -2.79 51.33 44.86
CA LEU D 931 -2.79 52.49 43.99
C LEU D 931 -4.20 53.06 43.83
N ALA D 932 -5.20 52.19 43.66
CA ALA D 932 -6.56 52.66 43.51
C ALA D 932 -7.15 53.12 44.84
N ILE D 933 -6.81 52.42 45.92
CA ILE D 933 -7.35 52.78 47.23
C ILE D 933 -6.73 54.09 47.72
N GLY D 934 -5.43 54.26 47.51
CA GLY D 934 -4.75 55.47 47.94
C GLY D 934 -4.83 56.59 46.92
N SER D 935 -5.86 56.56 46.09
CA SER D 935 -6.05 57.57 45.06
C SER D 935 -6.82 58.77 45.60
N LYS D 936 -6.49 59.95 45.07
CA LYS D 936 -7.22 61.15 45.46
C LYS D 936 -8.64 61.15 44.91
N HIS D 937 -8.87 60.46 43.78
CA HIS D 937 -10.18 60.37 43.16
C HIS D 937 -10.92 59.09 43.52
N TRP D 938 -10.40 58.32 44.47
CA TRP D 938 -11.04 57.06 44.84
C TRP D 938 -12.40 57.30 45.50
N THR D 939 -12.42 58.07 46.57
CA THR D 939 -13.66 58.33 47.30
C THR D 939 -14.50 59.42 46.65
N SER D 940 -13.89 60.33 45.89
CA SER D 940 -14.60 61.46 45.32
C SER D 940 -15.21 61.13 43.96
N PHE D 941 -14.53 60.33 43.15
CA PHE D 941 -14.97 60.07 41.78
C PHE D 941 -15.26 58.61 41.51
N ILE D 942 -14.32 57.71 41.82
CA ILE D 942 -14.45 56.32 41.40
C ILE D 942 -15.65 55.66 42.08
N LEU D 943 -15.76 55.84 43.40
CA LEU D 943 -16.86 55.20 44.12
C LEU D 943 -18.22 55.78 43.73
N PRO D 944 -18.42 57.11 43.68
CA PRO D 944 -19.76 57.60 43.28
C PRO D 944 -20.12 57.26 41.86
N GLN D 945 -19.19 57.35 40.91
CA GLN D 945 -19.50 57.07 39.52
C GLN D 945 -19.88 55.62 39.31
N PHE D 946 -19.03 54.69 39.75
CA PHE D 946 -19.33 53.27 39.62
C PHE D 946 -20.55 52.87 40.43
N LEU D 947 -20.94 53.68 41.42
CA LEU D 947 -22.17 53.43 42.16
C LEU D 947 -23.39 53.67 41.27
N LYS D 948 -23.36 54.74 40.47
CA LYS D 948 -24.48 55.04 39.58
C LYS D 948 -24.54 54.11 38.38
N LEU D 949 -23.41 53.51 38.00
CA LEU D 949 -23.35 52.64 36.83
C LEU D 949 -23.80 51.22 37.10
N ILE D 950 -24.25 50.92 38.31
CA ILE D 950 -24.67 49.56 38.67
C ILE D 950 -25.92 49.17 37.89
N PRO D 951 -27.02 49.98 37.87
CA PRO D 951 -28.21 49.61 37.09
C PRO D 951 -28.14 50.07 35.64
N SER D 952 -27.03 49.75 34.97
CA SER D 952 -26.86 50.13 33.57
C SER D 952 -27.73 49.26 32.68
N ARG D 953 -27.97 49.74 31.46
CA ARG D 953 -28.80 49.04 30.50
C ARG D 953 -28.00 48.15 29.55
N GLU D 954 -26.67 48.24 29.57
CA GLU D 954 -25.82 47.42 28.72
C GLU D 954 -25.36 46.19 29.49
N LYS D 955 -25.41 45.03 28.82
CA LYS D 955 -25.05 43.78 29.49
C LYS D 955 -23.59 43.76 29.91
N PHE D 956 -22.68 44.10 28.98
CA PHE D 956 -21.27 44.12 29.29
C PHE D 956 -20.92 45.17 30.33
N THR D 957 -21.68 46.27 30.38
CA THR D 957 -21.46 47.26 31.42
C THR D 957 -21.93 46.74 32.78
N ILE D 958 -23.01 45.97 32.80
CA ILE D 958 -23.47 45.36 34.05
C ILE D 958 -22.42 44.40 34.59
N VAL D 959 -21.90 43.54 33.72
CA VAL D 959 -20.86 42.59 34.14
C VAL D 959 -19.61 43.33 34.57
N ALA D 960 -19.30 44.47 33.93
CA ALA D 960 -18.12 45.23 34.29
C ALA D 960 -18.26 45.84 35.68
N VAL D 961 -19.38 46.50 35.95
CA VAL D 961 -19.59 47.12 37.25
C VAL D 961 -19.72 46.05 38.33
N ALA D 962 -20.43 44.96 38.03
CA ALA D 962 -20.58 43.90 39.01
C ALA D 962 -19.24 43.27 39.35
N LYS D 963 -18.37 43.09 38.36
CA LYS D 963 -17.04 42.55 38.62
C LYS D 963 -16.20 43.52 39.44
N PHE D 964 -16.42 44.82 39.27
CA PHE D 964 -15.67 45.81 40.05
C PHE D 964 -15.98 45.68 41.54
N TRP D 965 -17.26 45.76 41.91
CA TRP D 965 -17.63 45.67 43.31
C TRP D 965 -17.37 44.28 43.87
N THR D 966 -17.50 43.24 43.04
CA THR D 966 -17.18 41.89 43.49
C THR D 966 -15.70 41.77 43.82
N LYS D 967 -14.84 42.30 42.95
CA LYS D 967 -13.41 42.29 43.23
C LYS D 967 -13.06 43.19 44.41
N LEU D 968 -13.78 44.31 44.54
CA LEU D 968 -13.54 45.21 45.67
C LEU D 968 -13.85 44.54 47.00
N ILE D 969 -14.82 43.63 47.02
CA ILE D 969 -15.21 42.96 48.25
C ILE D 969 -14.40 41.70 48.50
N ASN D 970 -14.16 40.89 47.47
CA ASN D 970 -13.52 39.60 47.61
C ASN D 970 -12.01 39.65 47.36
N ASN D 971 -11.41 40.84 47.36
CA ASN D 971 -9.98 40.95 47.13
C ASN D 971 -9.21 40.40 48.32
N LYS D 972 -8.27 39.49 48.06
CA LYS D 972 -7.43 38.92 49.09
C LYS D 972 -6.05 39.56 49.15
N LYS D 973 -5.72 40.46 48.23
CA LYS D 973 -4.43 41.14 48.22
C LYS D 973 -4.44 42.41 49.05
N TYR D 974 -5.52 42.67 49.79
CA TYR D 974 -5.61 43.87 50.59
C TYR D 974 -4.67 43.80 51.79
N ASN D 975 -4.03 44.93 52.11
CA ASN D 975 -3.35 45.02 53.38
C ASN D 975 -4.40 45.12 54.51
N GLN D 976 -3.97 44.80 55.72
CA GLN D 976 -4.90 44.82 56.84
C GLN D 976 -5.44 46.23 57.09
N GLU D 977 -4.57 47.24 56.94
CA GLU D 977 -5.04 48.62 57.02
C GLU D 977 -5.89 48.97 55.81
N GLU D 978 -5.51 48.49 54.62
CA GLU D 978 -6.30 48.74 53.43
C GLU D 978 -7.64 48.04 53.49
N LEU D 979 -7.67 46.84 54.09
CA LEU D 979 -8.94 46.11 54.23
C LEU D 979 -9.88 46.84 55.19
N THR D 980 -9.34 47.44 56.25
CA THR D 980 -10.17 48.20 57.18
C THR D 980 -10.75 49.44 56.50
N THR D 981 -9.94 50.12 55.67
CA THR D 981 -10.44 51.29 54.96
C THR D 981 -11.49 50.91 53.94
N VAL D 982 -11.32 49.75 53.28
CA VAL D 982 -12.31 49.30 52.30
C VAL D 982 -13.63 48.99 52.99
N ARG D 983 -13.58 48.25 54.09
CA ARG D 983 -14.82 47.95 54.82
C ARG D 983 -15.48 49.21 55.35
N GLN D 984 -14.69 50.23 55.70
CA GLN D 984 -15.27 51.50 56.12
C GLN D 984 -15.99 52.19 54.97
N GLN D 985 -15.37 52.19 53.79
CA GLN D 985 -15.97 52.86 52.64
C GLN D 985 -17.20 52.12 52.13
N VAL D 986 -17.15 50.79 52.12
CA VAL D 986 -18.31 50.01 51.68
C VAL D 986 -19.47 50.21 52.64
N SER D 987 -19.18 50.34 53.94
CA SER D 987 -20.23 50.60 54.92
C SER D 987 -20.79 52.02 54.78
N SER D 988 -20.01 52.95 54.22
CA SER D 988 -20.50 54.31 54.05
C SER D 988 -21.51 54.40 52.91
N ILE D 989 -21.21 53.77 51.78
CA ILE D 989 -22.07 53.83 50.61
C ILE D 989 -22.88 52.53 50.44
N GLY D 990 -23.00 51.74 51.50
CA GLY D 990 -23.69 50.46 51.38
C GLY D 990 -25.16 50.61 51.09
N GLY D 991 -25.82 51.59 51.73
CA GLY D 991 -27.23 51.80 51.48
C GLY D 991 -27.51 52.21 50.05
N ASP D 992 -26.78 53.20 49.56
CA ASP D 992 -26.90 53.60 48.16
C ASP D 992 -26.57 52.44 47.22
N LEU D 993 -25.60 51.61 47.60
CA LEU D 993 -25.16 50.52 46.73
C LEU D 993 -26.24 49.45 46.59
N VAL D 994 -26.75 48.94 47.72
CA VAL D 994 -27.81 47.94 47.67
C VAL D 994 -29.05 48.49 46.99
N TYR D 995 -29.27 49.81 47.08
CA TYR D 995 -30.36 50.43 46.35
C TYR D 995 -30.15 50.30 44.85
N GLN D 996 -28.91 50.52 44.39
CA GLN D 996 -28.61 50.37 42.97
C GLN D 996 -28.72 48.92 42.51
N ILE D 997 -28.44 47.97 43.41
CA ILE D 997 -28.57 46.55 43.06
C ILE D 997 -30.02 46.20 42.80
N MET D 998 -30.90 46.51 43.77
CA MET D 998 -32.30 46.19 43.61
C MET D 998 -32.96 47.04 42.53
N TYR D 999 -32.43 48.24 42.29
CA TYR D 999 -32.94 49.06 41.20
C TYR D 999 -32.66 48.41 39.85
N GLY D 1000 -31.42 47.93 39.66
CA GLY D 1000 -31.11 47.22 38.44
C GLY D 1000 -31.80 45.87 38.36
N LEU D 1001 -31.85 45.14 39.48
CA LEU D 1001 -32.52 43.84 39.51
C LEU D 1001 -34.00 43.96 39.19
N PHE D 1002 -34.63 45.05 39.61
CA PHE D 1002 -36.05 45.24 39.31
C PHE D 1002 -36.26 45.57 37.83
N HIS D 1003 -35.48 46.52 37.30
CA HIS D 1003 -35.67 46.97 35.92
C HIS D 1003 -35.08 46.01 34.90
N THR D 1004 -34.24 45.08 35.30
CA THR D 1004 -33.66 44.14 34.34
C THR D 1004 -34.63 42.99 34.09
N GLN D 1005 -34.27 42.16 33.11
CA GLN D 1005 -34.97 40.93 32.81
C GLN D 1005 -33.96 39.80 32.69
N ARG D 1006 -34.42 38.62 32.27
CA ARG D 1006 -33.63 37.39 32.31
C ARG D 1006 -32.29 37.54 31.60
N SER D 1007 -31.35 36.67 31.96
CA SER D 1007 -30.00 36.50 31.42
C SER D 1007 -28.99 37.48 32.02
N ASP D 1008 -29.42 38.42 32.86
CA ASP D 1008 -28.50 39.28 33.61
C ASP D 1008 -28.66 39.11 35.11
N LEU D 1009 -29.42 38.11 35.55
CA LEU D 1009 -29.61 37.91 36.99
C LEU D 1009 -28.34 37.42 37.66
N ASN D 1010 -27.57 36.55 36.98
CA ASN D 1010 -26.38 35.97 37.58
C ASN D 1010 -25.34 37.03 37.91
N SER D 1011 -25.20 38.04 37.04
CA SER D 1011 -24.23 39.10 37.28
C SER D 1011 -24.52 39.85 38.57
N TYR D 1012 -25.79 39.88 39.00
CA TYR D 1012 -26.13 40.49 40.27
C TYR D 1012 -25.96 39.52 41.44
N THR D 1013 -26.16 38.22 41.21
CA THR D 1013 -26.06 37.23 42.28
C THR D 1013 -24.68 37.25 42.92
N ASP D 1014 -23.63 37.09 42.10
CA ASP D 1014 -22.26 37.15 42.59
C ASP D 1014 -22.02 38.40 43.43
N LEU D 1015 -22.65 39.52 43.07
CA LEU D 1015 -22.52 40.73 43.86
C LEU D 1015 -23.26 40.61 45.19
N LEU D 1016 -24.55 40.25 45.15
CA LEU D 1016 -25.31 40.11 46.38
C LEU D 1016 -24.72 39.02 47.28
N ARG D 1017 -24.18 37.96 46.69
CA ARG D 1017 -23.57 36.90 47.49
C ARG D 1017 -22.37 37.42 48.27
N ALA D 1018 -21.52 38.22 47.63
CA ALA D 1018 -20.34 38.74 48.30
C ALA D 1018 -20.70 39.79 49.34
N LEU D 1019 -21.69 40.63 49.04
CA LEU D 1019 -22.08 41.68 49.98
C LEU D 1019 -22.71 41.10 51.24
N VAL D 1020 -23.49 40.02 51.09
CA VAL D 1020 -24.12 39.40 52.25
C VAL D 1020 -23.09 38.60 53.04
N ALA D 1021 -22.18 37.91 52.34
CA ALA D 1021 -21.18 37.11 53.04
C ALA D 1021 -20.18 37.99 53.79
N LYS D 1022 -19.78 39.10 53.18
CA LYS D 1022 -18.78 39.96 53.81
C LYS D 1022 -19.39 40.88 54.87
N PHE D 1023 -20.60 41.37 54.62
CA PHE D 1023 -21.30 42.28 55.53
C PHE D 1023 -22.68 41.72 55.84
N PRO D 1024 -22.76 40.66 56.66
CA PRO D 1024 -24.09 40.10 56.97
C PRO D 1024 -24.89 40.94 57.93
N ILE D 1025 -24.24 41.66 58.85
CA ILE D 1025 -24.97 42.45 59.84
C ILE D 1025 -25.61 43.67 59.20
N GLU D 1026 -24.82 44.46 58.47
CA GLU D 1026 -25.36 45.64 57.79
C GLU D 1026 -26.23 45.29 56.60
N ALA D 1027 -26.24 44.02 56.17
CA ALA D 1027 -27.11 43.62 55.06
C ALA D 1027 -28.58 43.79 55.43
N ARG D 1028 -28.95 43.41 56.65
CA ARG D 1028 -30.34 43.57 57.08
C ARG D 1028 -30.70 45.05 57.21
N GLU D 1029 -29.78 45.87 57.72
CA GLU D 1029 -30.06 47.29 57.85
C GLU D 1029 -30.23 47.94 56.48
N TRP D 1030 -29.48 47.48 55.49
CA TRP D 1030 -29.57 48.04 54.14
C TRP D 1030 -30.72 47.45 53.33
N LEU D 1031 -31.18 46.25 53.67
CA LEU D 1031 -32.28 45.65 52.92
C LEU D 1031 -33.63 46.19 53.36
N VAL D 1032 -33.81 46.42 54.67
CA VAL D 1032 -35.07 46.95 55.17
C VAL D 1032 -35.34 48.38 54.73
N ALA D 1033 -34.34 49.08 54.19
CA ALA D 1033 -34.51 50.43 53.69
C ALA D 1033 -34.63 50.50 52.18
N VAL D 1034 -33.91 49.64 51.46
CA VAL D 1034 -33.94 49.68 50.00
C VAL D 1034 -35.10 48.88 49.42
N LEU D 1035 -35.54 47.82 50.11
CA LEU D 1035 -36.62 46.99 49.57
C LEU D 1035 -37.95 47.74 49.50
N PRO D 1036 -38.44 48.39 50.56
CA PRO D 1036 -39.73 49.07 50.44
C PRO D 1036 -39.72 50.24 49.48
N GLN D 1037 -38.57 50.89 49.29
CA GLN D 1037 -38.51 52.00 48.35
C GLN D 1037 -38.64 51.53 46.91
N ILE D 1038 -37.97 50.43 46.57
CA ILE D 1038 -38.05 49.88 45.23
C ILE D 1038 -39.21 48.91 45.13
N ALA D 1043 -43.82 44.56 50.28
CA ALA D 1043 -43.06 44.95 51.47
C ALA D 1043 -42.88 43.76 52.41
N GLY D 1044 -43.97 43.37 53.07
CA GLY D 1044 -43.89 42.21 53.97
C GLY D 1044 -43.53 40.93 53.23
N HIS D 1045 -43.99 40.77 51.99
CA HIS D 1045 -43.59 39.61 51.22
C HIS D 1045 -42.12 39.69 50.83
N GLU D 1046 -41.60 40.91 50.66
CA GLU D 1046 -40.17 41.08 50.40
C GLU D 1046 -39.33 40.63 51.59
N LYS D 1047 -39.85 40.81 52.80
CA LYS D 1047 -39.13 40.39 54.01
C LYS D 1047 -38.73 38.92 53.96
N PHE D 1048 -39.48 38.10 53.21
CA PHE D 1048 -39.19 36.67 53.14
C PHE D 1048 -37.77 36.40 52.64
N ILE D 1049 -37.28 37.23 51.71
CA ILE D 1049 -35.94 36.99 51.17
C ILE D 1049 -34.88 37.25 52.23
N ASN D 1050 -35.14 38.17 53.17
CA ASN D 1050 -34.14 38.52 54.18
C ASN D 1050 -33.71 37.30 54.98
N LYS D 1051 -34.67 36.60 55.58
CA LYS D 1051 -34.34 35.40 56.35
C LYS D 1051 -33.76 34.30 55.46
N LEU D 1052 -34.31 34.13 54.25
CA LEU D 1052 -33.90 33.03 53.40
C LEU D 1052 -32.58 33.27 52.69
N LEU D 1053 -32.17 34.53 52.51
CA LEU D 1053 -30.91 34.84 51.84
C LEU D 1053 -29.73 34.80 52.80
N ILE D 1054 -29.86 35.47 53.96
CA ILE D 1054 -28.78 35.49 54.94
C ILE D 1054 -28.51 34.08 55.47
N THR D 1055 -29.56 33.25 55.56
CA THR D 1055 -29.37 31.87 55.99
C THR D 1055 -28.46 31.10 55.05
N ARG D 1056 -28.49 31.42 53.75
CA ARG D 1056 -27.68 30.69 52.79
C ARG D 1056 -26.20 31.05 52.91
N GLY D 1057 -25.89 32.32 53.10
CA GLY D 1057 -24.52 32.77 53.11
C GLY D 1057 -23.97 33.03 51.72
N SER D 1058 -23.95 32.00 50.88
CA SER D 1058 -23.47 32.11 49.51
C SER D 1058 -23.73 30.79 48.79
N ARG D 1059 -23.35 30.75 47.50
CA ARG D 1059 -23.25 29.59 46.63
C ARG D 1059 -24.61 29.10 46.11
N ALA D 1060 -25.74 29.55 46.66
CA ALA D 1060 -27.03 29.16 46.12
C ALA D 1060 -28.04 30.30 46.19
N ALA D 1061 -27.56 31.55 46.17
CA ALA D 1061 -28.43 32.70 46.06
C ALA D 1061 -28.92 32.80 44.62
N GLY D 1062 -29.62 33.87 44.30
CA GLY D 1062 -30.25 33.94 42.98
C GLY D 1062 -31.49 33.08 42.90
N ASN D 1063 -31.37 31.79 43.24
CA ASN D 1063 -32.55 30.95 43.40
C ASN D 1063 -33.50 31.53 44.44
N VAL D 1064 -32.95 32.12 45.49
CA VAL D 1064 -33.78 32.87 46.44
C VAL D 1064 -34.16 34.23 45.86
N ILE D 1065 -33.33 34.78 44.96
CA ILE D 1065 -33.55 36.15 44.49
C ILE D 1065 -34.65 36.21 43.44
N LEU D 1066 -34.65 35.27 42.48
CA LEU D 1066 -35.67 35.34 41.43
C LEU D 1066 -37.04 34.96 41.98
N GLN D 1067 -37.09 34.11 43.01
CA GLN D 1067 -38.35 33.88 43.71
C GLN D 1067 -38.84 35.13 44.42
N TRP D 1068 -37.97 36.10 44.62
CA TRP D 1068 -38.36 37.43 45.10
C TRP D 1068 -38.68 38.36 43.94
N TRP D 1069 -37.90 38.29 42.86
CA TRP D 1069 -38.19 39.10 41.67
C TRP D 1069 -39.53 38.69 41.06
N LEU D 1070 -39.80 37.39 41.01
CA LEU D 1070 -41.09 36.92 40.50
C LEU D 1070 -42.24 37.48 41.33
N ASP D 1071 -42.06 37.55 42.65
CA ASP D 1071 -43.06 38.13 43.53
C ASP D 1071 -43.18 39.63 43.32
N CYS D 1072 -42.07 40.36 43.43
CA CYS D 1072 -42.07 41.81 43.36
C CYS D 1072 -42.35 42.35 41.96
N THR D 1073 -42.64 41.49 40.98
CA THR D 1073 -42.96 41.95 39.64
C THR D 1073 -44.46 42.09 39.42
N THR D 1074 -45.23 41.09 39.86
CA THR D 1074 -46.68 41.10 39.63
C THR D 1074 -47.36 42.19 40.43
N LEU D 1075 -47.16 42.20 41.74
CA LEU D 1075 -47.81 43.15 42.65
C LEU D 1075 -49.34 43.13 42.49
N GLN E 4 -43.00 48.47 -8.40
CA GLN E 4 -42.88 48.62 -6.96
C GLN E 4 -43.59 47.48 -6.24
N VAL E 5 -42.80 46.51 -5.74
CA VAL E 5 -43.33 45.36 -5.02
C VAL E 5 -42.79 45.43 -3.59
N GLN E 6 -43.69 45.27 -2.62
CA GLN E 6 -43.32 45.36 -1.22
C GLN E 6 -43.74 44.09 -0.48
N PHE E 7 -43.01 43.79 0.60
CA PHE E 7 -43.28 42.64 1.44
C PHE E 7 -43.21 43.06 2.89
N LYS E 8 -43.96 42.36 3.74
CA LYS E 8 -44.00 42.64 5.17
C LYS E 8 -43.03 41.73 5.90
N LEU E 9 -42.11 42.33 6.65
CA LEU E 9 -41.11 41.60 7.42
C LEU E 9 -41.36 41.85 8.91
N VAL E 10 -41.38 40.78 9.70
CA VAL E 10 -41.57 40.87 11.14
C VAL E 10 -40.31 40.39 11.82
N LEU E 11 -39.68 41.28 12.59
CA LEU E 11 -38.45 40.96 13.31
C LEU E 11 -38.78 40.71 14.78
N VAL E 12 -38.54 39.49 15.25
CA VAL E 12 -38.83 39.10 16.62
C VAL E 12 -37.56 38.57 17.27
N GLY E 13 -37.62 38.45 18.58
CA GLY E 13 -36.48 37.98 19.36
C GLY E 13 -36.52 38.55 20.76
N ASP E 14 -35.70 37.98 21.62
CA ASP E 14 -35.64 38.42 23.00
C ASP E 14 -35.08 39.83 23.10
N GLY E 15 -35.34 40.48 24.23
CA GLY E 15 -34.86 41.83 24.43
C GLY E 15 -33.35 41.88 24.58
N GLY E 16 -32.72 42.82 23.90
CA GLY E 16 -31.28 42.98 23.96
C GLY E 16 -30.50 42.18 22.94
N THR E 17 -31.17 41.55 21.97
CA THR E 17 -30.48 40.78 20.95
C THR E 17 -30.00 41.64 19.79
N GLY E 18 -30.24 42.96 19.82
CA GLY E 18 -29.80 43.83 18.76
C GLY E 18 -30.76 43.99 17.61
N LYS E 19 -32.06 43.80 17.84
CA LYS E 19 -33.04 43.94 16.77
C LYS E 19 -33.13 45.39 16.29
N THR E 20 -33.28 46.32 17.23
CA THR E 20 -33.32 47.73 16.85
C THR E 20 -31.99 48.19 16.29
N THR E 21 -30.88 47.66 16.81
CA THR E 21 -29.57 48.00 16.26
C THR E 21 -29.37 47.41 14.87
N PHE E 22 -29.99 46.26 14.60
CA PHE E 22 -29.84 45.64 13.28
C PHE E 22 -30.56 46.44 12.21
N VAL E 23 -31.80 46.88 12.50
CA VAL E 23 -32.55 47.64 11.50
C VAL E 23 -31.96 49.03 11.34
N LYS E 24 -31.38 49.59 12.40
CA LYS E 24 -30.73 50.89 12.28
C LYS E 24 -29.42 50.80 11.51
N ARG E 25 -28.74 49.67 11.61
CA ARG E 25 -27.52 49.46 10.83
C ARG E 25 -27.82 49.33 9.34
N HIS E 26 -28.97 48.76 8.99
CA HIS E 26 -29.37 48.63 7.59
C HIS E 26 -30.05 49.88 7.06
N LEU E 27 -30.56 50.75 7.94
CA LEU E 27 -31.28 51.95 7.50
C LEU E 27 -30.36 53.16 7.42
N THR E 28 -29.76 53.54 8.55
CA THR E 28 -28.90 54.71 8.61
C THR E 28 -27.42 54.36 8.62
N GLY E 29 -27.08 53.07 8.63
CA GLY E 29 -25.68 52.67 8.67
C GLY E 29 -24.98 52.92 9.97
N GLU E 30 -25.70 53.29 11.02
CA GLU E 30 -25.10 53.57 12.32
C GLU E 30 -25.31 52.39 13.26
N PHE E 31 -24.33 52.16 14.12
CA PHE E 31 -24.39 51.12 15.14
C PHE E 31 -24.68 51.77 16.49
N GLU E 32 -25.84 51.44 17.07
CA GLU E 32 -26.23 51.99 18.35
C GLU E 32 -25.58 51.18 19.48
N LYS E 33 -24.74 51.84 20.28
CA LYS E 33 -24.06 51.14 21.37
C LYS E 33 -24.95 51.02 22.60
N LYS E 34 -25.68 52.08 22.94
CA LYS E 34 -26.55 52.04 24.09
C LYS E 34 -27.78 51.19 23.80
N TYR E 35 -28.34 50.61 24.86
CA TYR E 35 -29.52 49.74 24.75
C TYR E 35 -30.75 50.52 25.15
N VAL E 36 -31.61 50.82 24.19
CA VAL E 36 -32.90 51.47 24.42
C VAL E 36 -33.98 50.44 24.09
N ALA E 37 -34.70 50.00 25.11
CA ALA E 37 -35.74 49.00 24.91
C ALA E 37 -36.84 49.54 24.01
N THR E 38 -37.13 48.80 22.94
CA THR E 38 -38.14 49.22 21.98
C THR E 38 -39.52 49.16 22.61
N LEU E 39 -40.28 50.25 22.47
CA LEU E 39 -41.65 50.30 22.97
C LEU E 39 -42.60 49.87 21.87
N GLY E 40 -43.32 48.77 22.11
CA GLY E 40 -44.25 48.24 21.13
C GLY E 40 -43.55 47.73 19.89
N VAL E 41 -43.88 48.30 18.73
CA VAL E 41 -43.27 47.90 17.47
C VAL E 41 -42.82 49.16 16.74
N GLU E 42 -41.80 49.01 15.90
CA GLU E 42 -41.32 50.08 15.03
C GLU E 42 -41.20 49.52 13.63
N VAL E 43 -42.04 49.99 12.71
CA VAL E 43 -42.04 49.53 11.34
C VAL E 43 -41.30 50.56 10.48
N HIS E 44 -40.34 50.08 9.69
CA HIS E 44 -39.52 50.94 8.85
C HIS E 44 -39.33 50.30 7.49
N PRO E 45 -39.24 51.12 6.43
CA PRO E 45 -39.00 50.58 5.09
C PRO E 45 -37.51 50.42 4.78
N LEU E 46 -37.21 49.38 4.03
CA LEU E 46 -35.85 49.11 3.54
C LEU E 46 -35.93 48.79 2.06
N VAL E 47 -35.23 49.56 1.25
CA VAL E 47 -35.27 49.43 -0.20
C VAL E 47 -34.02 48.69 -0.66
N PHE E 48 -34.22 47.67 -1.49
CA PHE E 48 -33.13 46.90 -2.07
C PHE E 48 -33.30 46.87 -3.58
N HIS E 49 -32.31 47.38 -4.31
CA HIS E 49 -32.33 47.40 -5.77
C HIS E 49 -31.63 46.15 -6.27
N THR E 50 -32.40 45.19 -6.79
CA THR E 50 -31.88 43.96 -7.36
C THR E 50 -32.01 44.01 -8.88
N ASN E 51 -31.49 42.97 -9.53
CA ASN E 51 -31.50 42.91 -10.99
C ASN E 51 -32.91 42.92 -11.56
N ARG E 52 -33.92 42.56 -10.76
CA ARG E 52 -35.31 42.56 -11.20
C ARG E 52 -36.08 43.78 -10.72
N GLY E 53 -35.40 44.81 -10.21
CA GLY E 53 -36.07 46.02 -9.79
C GLY E 53 -35.95 46.28 -8.30
N PRO E 54 -36.80 47.17 -7.79
CA PRO E 54 -36.75 47.50 -6.36
C PRO E 54 -37.66 46.62 -5.53
N ILE E 55 -37.20 46.35 -4.30
CA ILE E 55 -37.93 45.55 -3.33
C ILE E 55 -38.02 46.35 -2.03
N LYS E 56 -39.23 46.50 -1.51
CA LYS E 56 -39.48 47.29 -0.30
C LYS E 56 -39.88 46.34 0.82
N PHE E 57 -38.99 46.19 1.80
CA PHE E 57 -39.26 45.37 2.98
C PHE E 57 -39.76 46.27 4.10
N ASN E 58 -40.98 46.02 4.57
CA ASN E 58 -41.53 46.72 5.72
C ASN E 58 -41.15 45.92 6.96
N VAL E 59 -40.03 46.29 7.58
CA VAL E 59 -39.49 45.55 8.71
C VAL E 59 -40.16 46.04 9.98
N TRP E 60 -40.78 45.12 10.72
CA TRP E 60 -41.43 45.41 11.99
C TRP E 60 -40.52 44.93 13.11
N ASP E 61 -39.76 45.85 13.70
CA ASP E 61 -38.94 45.56 14.86
C ASP E 61 -39.85 45.51 16.08
N THR E 62 -40.05 44.32 16.63
CA THR E 62 -40.91 44.13 17.80
C THR E 62 -40.11 44.32 19.08
N ALA E 63 -40.83 44.29 20.20
CA ALA E 63 -40.22 44.43 21.52
C ALA E 63 -40.05 43.04 22.13
N GLY E 64 -38.82 42.71 22.51
CA GLY E 64 -38.56 41.41 23.13
C GLY E 64 -38.99 41.31 24.57
N LEU E 65 -39.14 42.44 25.26
CA LEU E 65 -39.52 42.43 26.66
C LEU E 65 -41.01 42.16 26.80
N GLU E 66 -41.36 41.42 27.86
CA GLU E 66 -42.77 41.15 28.15
C GLU E 66 -43.52 42.42 28.52
N LYS E 67 -42.82 43.40 29.10
CA LYS E 67 -43.47 44.63 29.53
C LYS E 67 -43.87 45.49 28.33
N PHE E 68 -42.96 45.67 27.38
CA PHE E 68 -43.17 46.58 26.26
C PHE E 68 -43.69 45.86 25.02
N GLY E 69 -44.19 44.63 25.16
CA GLY E 69 -44.58 43.85 24.00
C GLY E 69 -45.68 44.49 23.19
N GLY E 70 -46.64 45.12 23.87
CA GLY E 70 -47.76 45.72 23.16
C GLY E 70 -48.74 44.68 22.66
N LEU E 71 -49.01 44.68 21.36
CA LEU E 71 -49.91 43.69 20.79
C LEU E 71 -49.29 42.30 20.80
N ARG E 72 -47.97 42.21 20.61
CA ARG E 72 -47.19 40.99 20.79
C ARG E 72 -47.41 39.95 19.70
N ASP E 73 -48.59 39.92 19.08
CA ASP E 73 -48.83 38.97 18.00
C ASP E 73 -49.75 39.56 16.93
N GLY E 74 -50.44 40.66 17.27
CA GLY E 74 -51.17 41.39 16.25
C GLY E 74 -50.29 41.96 15.17
N TYR E 75 -49.00 42.15 15.47
CA TYR E 75 -48.04 42.57 14.46
C TYR E 75 -47.78 41.48 13.43
N TYR E 76 -48.07 40.21 13.76
CA TYR E 76 -47.81 39.10 12.87
C TYR E 76 -48.88 38.92 11.81
N ILE E 77 -49.99 39.66 11.88
CA ILE E 77 -51.05 39.53 10.89
C ILE E 77 -50.58 40.10 9.56
N GLN E 78 -50.90 39.40 8.47
CA GLN E 78 -50.51 39.77 7.12
C GLN E 78 -49.00 39.81 6.93
N ALA E 79 -48.26 39.12 7.79
CA ALA E 79 -46.81 39.08 7.69
C ALA E 79 -46.39 38.12 6.57
N GLN E 80 -45.52 38.60 5.69
CA GLN E 80 -45.06 37.80 4.56
C GLN E 80 -43.72 37.12 4.81
N CYS E 81 -42.94 37.59 5.79
CA CYS E 81 -41.68 36.96 6.13
C CYS E 81 -41.29 37.38 7.54
N ALA E 82 -40.45 36.57 8.17
CA ALA E 82 -40.10 36.78 9.56
C ALA E 82 -38.62 36.51 9.79
N ILE E 83 -38.05 37.20 10.77
CA ILE E 83 -36.66 37.03 11.18
C ILE E 83 -36.62 36.93 12.70
N ILE E 84 -36.19 35.78 13.20
CA ILE E 84 -36.01 35.55 14.63
C ILE E 84 -34.54 35.75 14.95
N MET E 85 -34.26 36.67 15.88
CA MET E 85 -32.90 37.03 16.24
C MET E 85 -32.65 36.66 17.70
N PHE E 86 -31.57 35.94 17.95
CA PHE E 86 -31.16 35.59 19.31
C PHE E 86 -29.71 36.03 19.50
N ASP E 87 -29.25 35.94 20.75
CA ASP E 87 -27.90 36.33 21.11
C ASP E 87 -27.06 35.08 21.33
N VAL E 88 -25.90 35.03 20.67
CA VAL E 88 -25.01 33.88 20.83
C VAL E 88 -24.24 33.92 22.15
N THR E 89 -24.17 35.07 22.80
CA THR E 89 -23.50 35.20 24.08
C THR E 89 -24.41 34.88 25.27
N SER E 90 -25.72 34.75 25.04
CA SER E 90 -26.68 34.45 26.08
C SER E 90 -27.48 33.21 25.68
N ARG E 91 -27.32 32.14 26.44
CA ARG E 91 -28.06 30.91 26.14
C ARG E 91 -29.56 31.09 26.30
N VAL E 92 -29.99 31.95 27.23
CA VAL E 92 -31.42 32.17 27.45
C VAL E 92 -32.07 32.72 26.19
N THR E 93 -31.35 33.57 25.45
CA THR E 93 -31.90 34.13 24.22
C THR E 93 -32.10 33.05 23.16
N TYR E 94 -31.24 32.03 23.15
CA TYR E 94 -31.36 30.96 22.17
C TYR E 94 -32.43 29.96 22.56
N LYS E 95 -32.64 29.72 23.85
CA LYS E 95 -33.65 28.76 24.28
C LYS E 95 -35.06 29.28 24.05
N ASN E 96 -35.23 30.59 23.87
CA ASN E 96 -36.53 31.17 23.59
C ASN E 96 -36.85 31.24 22.10
N VAL E 97 -35.96 30.72 21.25
CA VAL E 97 -36.22 30.72 19.81
C VAL E 97 -37.45 29.89 19.45
N PRO E 98 -37.65 28.68 19.98
CA PRO E 98 -38.89 27.95 19.69
C PRO E 98 -40.14 28.70 20.14
N ASN E 99 -40.03 29.58 21.12
CA ASN E 99 -41.19 30.37 21.55
C ASN E 99 -41.58 31.38 20.48
N TRP E 100 -40.60 32.15 19.98
CA TRP E 100 -40.88 33.11 18.93
C TRP E 100 -41.30 32.41 17.64
N HIS E 101 -40.67 31.27 17.32
CA HIS E 101 -41.05 30.52 16.13
C HIS E 101 -42.47 30.00 16.23
N ARG E 102 -42.90 29.60 17.43
CA ARG E 102 -44.24 29.07 17.60
C ARG E 102 -45.29 30.17 17.46
N ASP E 103 -45.00 31.36 17.98
CA ASP E 103 -45.95 32.47 17.86
C ASP E 103 -46.11 32.92 16.42
N LEU E 104 -45.09 32.73 15.59
CA LEU E 104 -45.19 33.10 14.18
C LEU E 104 -45.95 32.04 13.38
N VAL E 105 -45.66 30.76 13.63
CA VAL E 105 -46.37 29.68 12.95
C VAL E 105 -47.82 29.58 13.42
N ARG E 106 -48.15 30.20 14.56
CA ARG E 106 -49.54 30.23 14.99
C ARG E 106 -50.35 31.24 14.18
N VAL E 107 -49.77 32.41 13.88
CA VAL E 107 -50.48 33.42 13.12
C VAL E 107 -50.51 33.06 11.63
N CYS E 108 -49.35 33.05 11.00
CA CYS E 108 -49.22 32.59 9.62
C CYS E 108 -49.04 31.07 9.64
N GLU E 109 -48.70 30.48 8.49
CA GLU E 109 -48.48 29.03 8.43
C GLU E 109 -47.09 28.69 7.93
N ASN E 110 -46.72 29.10 6.71
CA ASN E 110 -45.48 28.66 6.09
C ASN E 110 -44.65 29.84 5.58
N ILE E 111 -44.78 31.00 6.20
CA ILE E 111 -44.00 32.17 5.78
C ILE E 111 -42.53 31.89 6.03
N PRO E 112 -41.63 32.39 5.18
CA PRO E 112 -40.20 32.13 5.39
C PRO E 112 -39.67 32.87 6.62
N ILE E 113 -38.98 32.13 7.48
CA ILE E 113 -38.42 32.65 8.73
C ILE E 113 -36.92 32.39 8.72
N VAL E 114 -36.16 33.44 9.04
CA VAL E 114 -34.69 33.38 9.06
C VAL E 114 -34.22 33.50 10.50
N LEU E 115 -33.41 32.54 10.94
CA LEU E 115 -32.80 32.59 12.26
C LEU E 115 -31.46 33.31 12.19
N CYS E 116 -31.21 34.19 13.16
CA CYS E 116 -30.02 35.04 13.16
C CYS E 116 -29.43 35.08 14.56
N GLY E 117 -28.22 34.53 14.70
CA GLY E 117 -27.46 34.67 15.93
C GLY E 117 -26.58 35.90 15.88
N ASN E 118 -26.94 36.92 16.64
CA ASN E 118 -26.27 38.21 16.61
C ASN E 118 -25.05 38.21 17.53
N LYS E 119 -24.19 39.22 17.33
CA LYS E 119 -23.00 39.43 18.17
C LYS E 119 -22.02 38.27 18.05
N VAL E 120 -21.78 37.83 16.81
CA VAL E 120 -20.76 36.81 16.57
C VAL E 120 -19.37 37.39 16.80
N ASP E 121 -19.20 38.70 16.67
CA ASP E 121 -17.91 39.34 16.88
C ASP E 121 -17.42 39.22 18.32
N ILE E 122 -18.29 38.82 19.26
CA ILE E 122 -17.87 38.65 20.65
C ILE E 122 -16.91 37.47 20.74
N LYS E 123 -15.80 37.68 21.46
CA LYS E 123 -14.78 36.63 21.57
C LYS E 123 -15.31 35.41 22.30
N ASP E 124 -15.99 35.64 23.43
CA ASP E 124 -16.57 34.55 24.22
C ASP E 124 -17.98 34.27 23.74
N ARG E 125 -18.16 33.15 23.04
CA ARG E 125 -19.43 32.77 22.46
C ARG E 125 -20.00 31.57 23.21
N LYS E 126 -21.22 31.71 23.71
CA LYS E 126 -21.87 30.67 24.50
C LYS E 126 -22.78 29.78 23.69
N VAL E 127 -22.98 30.06 22.40
CA VAL E 127 -23.85 29.29 21.53
C VAL E 127 -23.05 28.85 20.32
N LYS E 128 -22.74 27.56 20.23
CA LYS E 128 -21.98 27.06 19.11
C LYS E 128 -22.84 27.00 17.85
N ALA E 129 -22.18 27.14 16.70
CA ALA E 129 -22.90 27.14 15.43
C ALA E 129 -23.39 25.76 15.03
N LYS E 130 -22.79 24.70 15.58
CA LYS E 130 -23.21 23.34 15.25
C LYS E 130 -24.48 22.93 15.96
N SER E 131 -24.83 23.61 17.07
CA SER E 131 -26.00 23.21 17.85
C SER E 131 -27.31 23.57 17.17
N ILE E 132 -27.28 24.44 16.17
CA ILE E 132 -28.50 24.88 15.49
C ILE E 132 -28.96 23.80 14.53
N VAL E 133 -30.14 23.24 14.79
CA VAL E 133 -30.76 22.25 13.90
C VAL E 133 -32.04 22.77 13.28
N PHE E 134 -32.36 24.04 13.47
CA PHE E 134 -33.60 24.62 12.96
C PHE E 134 -33.58 24.86 11.46
N HIS E 135 -32.42 24.77 10.81
CA HIS E 135 -32.31 25.02 9.38
C HIS E 135 -32.65 23.80 8.54
N ARG E 136 -33.25 22.77 9.13
CA ARG E 136 -33.61 21.56 8.41
C ARG E 136 -34.96 21.68 7.70
N LYS E 137 -35.64 22.81 7.82
CA LYS E 137 -36.93 23.04 7.19
C LYS E 137 -36.76 23.86 5.92
N LYS E 138 -37.69 23.68 4.98
CA LYS E 138 -37.59 24.37 3.70
C LYS E 138 -37.78 25.88 3.87
N ASN E 139 -38.63 26.29 4.80
CA ASN E 139 -38.89 27.70 5.06
C ASN E 139 -38.10 28.24 6.24
N LEU E 140 -37.15 27.46 6.77
CA LEU E 140 -36.31 27.89 7.87
C LEU E 140 -34.84 27.81 7.46
N GLN E 141 -34.12 28.90 7.65
CA GLN E 141 -32.69 28.96 7.33
C GLN E 141 -31.99 29.83 8.36
N TYR E 142 -30.79 29.42 8.74
CA TYR E 142 -30.02 30.09 9.78
C TYR E 142 -28.80 30.78 9.17
N TYR E 143 -28.45 31.94 9.74
CA TYR E 143 -27.27 32.69 9.30
C TYR E 143 -26.65 33.36 10.52
N ASP E 144 -25.34 33.21 10.67
CA ASP E 144 -24.60 33.92 11.72
C ASP E 144 -24.34 35.34 11.24
N ILE E 145 -24.92 36.32 11.93
CA ILE E 145 -24.78 37.72 11.54
C ILE E 145 -24.22 38.52 12.71
N SER E 146 -23.56 39.63 12.37
CA SER E 146 -23.00 40.53 13.37
C SER E 146 -23.29 41.95 12.93
N ALA E 147 -24.12 42.66 13.69
CA ALA E 147 -24.49 44.02 13.32
C ALA E 147 -23.34 45.01 13.51
N LYS E 148 -22.35 44.67 14.33
CA LYS E 148 -21.24 45.59 14.57
C LYS E 148 -20.18 45.48 13.47
N SER E 149 -19.86 44.27 13.04
CA SER E 149 -18.85 44.05 12.03
C SER E 149 -19.42 43.79 10.64
N ASN E 150 -20.75 43.90 10.49
CA ASN E 150 -21.43 43.67 9.21
C ASN E 150 -21.17 42.28 8.66
N TYR E 151 -20.94 41.31 9.55
CA TYR E 151 -20.73 39.93 9.13
C TYR E 151 -22.06 39.34 8.68
N ASN E 152 -22.08 38.83 7.43
CA ASN E 152 -23.31 38.36 6.80
C ASN E 152 -24.39 39.45 6.85
N PHE E 153 -24.03 40.62 6.30
CA PHE E 153 -24.87 41.79 6.40
C PHE E 153 -26.20 41.59 5.67
N GLU E 154 -26.13 41.38 4.36
CA GLU E 154 -27.32 41.29 3.52
C GLU E 154 -27.77 39.84 3.29
N LYS E 155 -27.28 38.90 4.10
CA LYS E 155 -27.66 37.50 3.90
C LYS E 155 -29.11 37.22 4.27
N PRO E 156 -29.63 37.65 5.42
CA PRO E 156 -31.04 37.34 5.73
C PRO E 156 -32.03 37.94 4.75
N PHE E 157 -31.84 39.20 4.35
CA PHE E 157 -32.76 39.82 3.40
C PHE E 157 -32.65 39.18 2.02
N LEU E 158 -31.47 38.67 1.65
CA LEU E 158 -31.32 38.04 0.35
C LEU E 158 -32.04 36.70 0.30
N TRP E 159 -31.93 35.89 1.36
CA TRP E 159 -32.63 34.62 1.39
C TRP E 159 -34.14 34.82 1.41
N LEU E 160 -34.61 35.82 2.15
CA LEU E 160 -36.05 36.11 2.16
C LEU E 160 -36.53 36.59 0.81
N ALA E 161 -35.71 37.37 0.10
CA ALA E 161 -36.10 37.84 -1.22
C ALA E 161 -36.17 36.69 -2.22
N ARG E 162 -35.26 35.72 -2.10
CA ARG E 162 -35.28 34.58 -3.01
C ARG E 162 -36.47 33.67 -2.75
N LYS E 163 -36.93 33.59 -1.50
CA LYS E 163 -38.07 32.73 -1.19
C LYS E 163 -39.39 33.42 -1.51
N LEU E 164 -39.48 34.74 -1.27
CA LEU E 164 -40.73 35.45 -1.54
C LEU E 164 -40.95 35.70 -3.02
N ILE E 165 -39.90 35.65 -3.83
CA ILE E 165 -40.01 35.86 -5.27
C ILE E 165 -39.97 34.54 -6.03
N GLY E 166 -38.95 33.73 -5.78
CA GLY E 166 -38.75 32.48 -6.50
C GLY E 166 -37.58 32.47 -7.46
N ASP E 167 -36.71 33.50 -7.43
CA ASP E 167 -35.54 33.59 -8.29
C ASP E 167 -34.30 33.49 -7.42
N PRO E 168 -33.76 32.28 -7.19
CA PRO E 168 -32.60 32.15 -6.30
C PRO E 168 -31.32 32.76 -6.86
N ASN E 169 -31.27 33.10 -8.14
CA ASN E 169 -30.08 33.71 -8.73
C ASN E 169 -30.03 35.22 -8.50
N LEU E 170 -31.09 35.82 -7.99
CA LEU E 170 -31.15 37.25 -7.75
C LEU E 170 -30.34 37.62 -6.52
N GLU E 171 -29.52 38.67 -6.64
CA GLU E 171 -28.73 39.16 -5.53
C GLU E 171 -28.66 40.69 -5.57
N PHE E 172 -28.45 41.29 -4.39
CA PHE E 172 -28.56 42.71 -4.04
C PHE E 172 -27.53 43.60 -4.74
N VAL E 173 -26.76 43.17 -5.74
CA VAL E 173 -25.53 43.85 -6.14
C VAL E 173 -25.73 45.31 -6.53
N ALA E 174 -26.99 45.77 -6.60
CA ALA E 174 -27.38 47.15 -6.93
C ALA E 174 -26.31 48.03 -7.59
N THR F 3 4.01 7.89 43.24
CA THR F 3 4.68 7.13 42.19
C THR F 3 5.48 5.98 42.77
N TYR F 4 5.54 4.87 42.03
CA TYR F 4 6.28 3.70 42.48
C TYR F 4 7.25 3.24 41.39
N PRO F 5 8.43 2.76 41.77
CA PRO F 5 9.38 2.30 40.75
C PRO F 5 9.04 0.90 40.26
N MET F 6 9.22 0.69 38.96
CA MET F 6 9.01 -0.62 38.36
C MET F 6 9.95 -0.76 37.17
N GLN F 7 10.42 -1.98 36.93
CA GLN F 7 11.36 -2.22 35.85
C GLN F 7 10.72 -1.87 34.51
N CYS F 8 11.52 -1.25 33.63
CA CYS F 8 11.00 -0.80 32.34
C CYS F 8 10.57 -1.96 31.46
N SER F 9 11.21 -3.12 31.59
CA SER F 9 10.83 -4.27 30.77
C SER F 9 9.49 -4.86 31.21
N ALA F 10 9.10 -4.66 32.46
CA ALA F 10 7.85 -5.16 32.98
C ALA F 10 6.69 -4.18 32.79
N LEU F 11 6.93 -3.06 32.11
CA LEU F 11 5.89 -2.08 31.88
C LEU F 11 4.89 -2.59 30.84
N ARG F 12 3.61 -2.44 31.12
CA ARG F 12 2.57 -2.91 30.22
C ARG F 12 2.42 -1.97 29.03
N LYS F 13 1.77 -2.48 27.98
CA LYS F 13 1.47 -1.67 26.81
C LYS F 13 0.20 -0.85 26.96
N ASN F 14 -0.45 -0.89 28.12
CA ASN F 14 -1.72 -0.20 28.33
C ASN F 14 -1.67 0.66 29.57
N GLY F 15 -0.86 0.27 30.55
CA GLY F 15 -0.79 0.95 31.82
C GLY F 15 -0.21 2.36 31.72
N PHE F 16 -0.02 2.96 32.89
CA PHE F 16 0.47 4.32 33.00
C PHE F 16 1.93 4.33 33.45
N VAL F 17 2.63 5.41 33.11
CA VAL F 17 4.03 5.57 33.46
C VAL F 17 4.35 7.06 33.51
N VAL F 18 5.39 7.42 34.26
CA VAL F 18 5.82 8.80 34.39
C VAL F 18 6.91 9.09 33.37
N ILE F 19 6.63 10.02 32.46
CA ILE F 19 7.58 10.45 31.43
C ILE F 19 7.68 11.96 31.50
N LYS F 20 8.91 12.47 31.63
CA LYS F 20 9.18 13.91 31.70
C LYS F 20 8.35 14.57 32.79
N SER F 21 8.34 13.92 33.96
CA SER F 21 7.61 14.39 35.15
C SER F 21 6.11 14.48 34.93
N ARG F 22 5.58 13.78 33.92
CA ARG F 22 4.16 13.81 33.65
C ARG F 22 3.59 12.40 33.59
N PRO F 23 2.44 12.17 34.20
CA PRO F 23 1.78 10.86 34.05
C PRO F 23 1.22 10.71 32.64
N CYS F 24 1.46 9.54 32.05
CA CYS F 24 1.05 9.31 30.67
C CYS F 24 0.63 7.85 30.50
N LYS F 25 -0.45 7.65 29.76
CA LYS F 25 -0.93 6.31 29.43
C LYS F 25 -0.19 5.81 28.20
N ILE F 26 0.50 4.68 28.35
CA ILE F 26 1.32 4.14 27.25
C ILE F 26 0.42 3.66 26.13
N VAL F 27 0.67 4.15 24.92
CA VAL F 27 -0.12 3.76 23.76
C VAL F 27 0.60 2.75 22.87
N ASP F 28 1.91 2.61 23.00
CA ASP F 28 2.67 1.65 22.23
C ASP F 28 4.01 1.42 22.91
N MET F 29 4.50 0.19 22.87
CA MET F 29 5.74 -0.19 23.54
C MET F 29 6.66 -0.83 22.53
N SER F 30 7.84 -0.23 22.34
CA SER F 30 8.84 -0.72 21.41
C SER F 30 10.15 -1.00 22.15
N THR F 31 10.87 -2.01 21.69
CA THR F 31 12.13 -2.39 22.32
C THR F 31 13.24 -2.49 21.27
N VAL F 42 14.33 -0.25 25.78
CA VAL F 42 12.89 -0.12 25.58
C VAL F 42 12.52 1.33 25.28
N HIS F 43 11.72 1.52 24.23
CA HIS F 43 11.24 2.83 23.81
C HIS F 43 9.73 2.87 23.97
N LEU F 44 9.25 3.69 24.91
CA LEU F 44 7.83 3.78 25.22
C LEU F 44 7.28 5.11 24.72
N VAL F 45 6.09 5.07 24.13
CA VAL F 45 5.36 6.26 23.71
C VAL F 45 4.01 6.28 24.43
N ALA F 46 3.55 7.48 24.79
CA ALA F 46 2.37 7.57 25.64
C ALA F 46 1.70 8.91 25.42
N ILE F 47 0.41 8.95 25.81
CA ILE F 47 -0.39 10.18 25.75
C ILE F 47 -0.51 10.73 27.15
N ASP F 48 -0.26 12.03 27.30
CA ASP F 48 -0.44 12.69 28.58
C ASP F 48 -1.89 12.59 29.03
N ILE F 49 -2.10 12.05 30.23
CA ILE F 49 -3.45 11.77 30.71
C ILE F 49 -4.27 13.02 30.96
N PHE F 50 -3.64 14.18 31.04
CA PHE F 50 -4.35 15.44 31.25
C PHE F 50 -4.25 16.38 30.06
N THR F 51 -3.04 16.75 29.64
CA THR F 51 -2.88 17.70 28.54
C THR F 51 -3.08 17.07 27.18
N GLY F 52 -3.00 15.74 27.07
CA GLY F 52 -3.16 15.07 25.81
C GLY F 52 -1.95 15.09 24.89
N LYS F 53 -0.85 15.71 25.31
CA LYS F 53 0.35 15.75 24.48
C LYS F 53 1.02 14.38 24.47
N LYS F 54 1.77 14.12 23.40
CA LYS F 54 2.49 12.87 23.25
C LYS F 54 3.87 12.99 23.89
N LEU F 55 4.18 12.09 24.81
CA LEU F 55 5.49 12.05 25.46
C LEU F 55 6.05 10.64 25.34
N GLU F 56 7.34 10.55 25.03
CA GLU F 56 7.98 9.25 24.86
C GLU F 56 9.39 9.29 25.44
N ASP F 57 9.86 8.11 25.82
CA ASP F 57 11.16 7.96 26.45
C ASP F 57 11.81 6.66 26.00
N LEU F 58 13.10 6.71 25.70
CA LEU F 58 13.89 5.54 25.35
C LEU F 58 14.91 5.31 26.45
N SER F 59 14.76 4.20 27.17
CA SER F 59 15.63 3.89 28.29
C SER F 59 15.96 2.40 28.23
N PRO F 60 17.19 2.03 28.59
CA PRO F 60 17.58 0.60 28.52
C PRO F 60 16.77 -0.24 29.49
N SER F 61 16.89 -1.56 29.31
CA SER F 61 16.19 -2.51 30.16
C SER F 61 16.73 -2.43 31.59
N THR F 62 16.11 -3.22 32.47
CA THR F 62 16.43 -3.36 33.90
C THR F 62 16.52 -2.03 34.63
N HIS F 63 16.15 -0.94 33.96
CA HIS F 63 16.13 0.38 34.58
C HIS F 63 14.74 0.64 35.16
N ASN F 64 14.70 1.30 36.31
CA ASN F 64 13.44 1.53 37.01
C ASN F 64 12.81 2.84 36.54
N MET F 65 11.53 2.79 36.22
CA MET F 65 10.75 3.95 35.83
C MET F 65 9.63 4.16 36.84
N GLU F 66 9.19 5.41 36.97
CA GLU F 66 8.12 5.75 37.89
C GLU F 66 6.77 5.49 37.25
N VAL F 67 5.89 4.82 38.00
CA VAL F 67 4.52 4.53 37.58
C VAL F 67 3.59 5.27 38.53
N PRO F 68 2.69 6.11 38.03
CA PRO F 68 1.78 6.85 38.92
C PRO F 68 0.58 6.01 39.32
N VAL F 69 -0.11 6.48 40.35
CA VAL F 69 -1.32 5.85 40.86
C VAL F 69 -2.50 6.64 40.32
N VAL F 70 -3.15 6.13 39.28
CA VAL F 70 -4.28 6.80 38.66
C VAL F 70 -5.57 6.34 39.35
N LYS F 71 -6.33 7.31 39.86
CA LYS F 71 -7.57 7.04 40.57
C LYS F 71 -8.74 7.71 39.86
N ARG F 72 -9.84 6.96 39.69
CA ARG F 72 -11.06 7.47 39.08
C ARG F 72 -12.15 7.50 40.15
N ASN F 73 -12.59 8.70 40.51
CA ASN F 73 -13.56 8.87 41.59
C ASN F 73 -14.80 9.58 41.08
N GLU F 74 -15.93 9.34 41.74
CA GLU F 74 -17.21 9.91 41.35
C GLU F 74 -17.66 10.94 42.37
N TYR F 75 -18.02 12.13 41.89
CA TYR F 75 -18.51 13.20 42.75
C TYR F 75 -19.72 13.84 42.08
N GLN F 76 -20.79 14.07 42.85
CA GLN F 76 -21.95 14.76 42.30
C GLN F 76 -21.67 16.25 42.22
N LEU F 77 -21.86 16.81 41.02
CA LEU F 77 -21.60 18.23 40.81
C LEU F 77 -22.69 19.07 41.44
N LEU F 78 -22.33 19.87 42.45
CA LEU F 78 -23.28 20.71 43.14
C LEU F 78 -23.18 22.19 42.80
N ASP F 79 -22.03 22.66 42.32
CA ASP F 79 -21.92 24.07 41.98
C ASP F 79 -20.79 24.28 40.97
N ILE F 80 -20.91 25.38 40.22
CA ILE F 80 -19.86 25.85 39.33
C ILE F 80 -19.64 27.32 39.68
N ASP F 81 -18.59 27.60 40.44
CA ASP F 81 -18.34 28.93 40.97
C ASP F 81 -17.11 29.51 40.26
N ASP F 82 -17.34 30.46 39.35
CA ASP F 82 -16.27 31.20 38.68
C ASP F 82 -15.27 30.27 38.01
N GLY F 83 -15.78 29.21 37.38
CA GLY F 83 -14.94 28.25 36.70
C GLY F 83 -14.35 27.17 37.57
N PHE F 84 -14.76 27.09 38.83
CA PHE F 84 -14.29 26.05 39.75
C PHE F 84 -15.44 25.12 40.08
N LEU F 85 -15.22 23.82 39.91
CA LEU F 85 -16.24 22.82 40.18
C LEU F 85 -16.30 22.52 41.66
N SER F 86 -17.43 22.84 42.28
CA SER F 86 -17.70 22.52 43.69
C SER F 86 -18.49 21.22 43.70
N LEU F 87 -17.83 20.13 44.05
CA LEU F 87 -18.40 18.79 44.02
C LEU F 87 -18.75 18.33 45.44
N MET F 88 -19.53 17.26 45.52
CA MET F 88 -19.94 16.68 46.80
C MET F 88 -19.56 15.21 46.82
N ASN F 89 -18.78 14.82 47.83
CA ASN F 89 -18.43 13.42 48.03
C ASN F 89 -19.54 12.70 48.79
N MET F 90 -19.57 11.37 48.66
CA MET F 90 -20.53 10.56 49.38
C MET F 90 -20.34 10.63 50.89
N ASP F 91 -19.17 11.05 51.34
CA ASP F 91 -18.89 11.18 52.77
C ASP F 91 -19.27 12.54 53.33
N GLY F 92 -19.61 13.50 52.47
CA GLY F 92 -20.02 14.82 52.92
C GLY F 92 -18.98 15.91 52.77
N ASP F 93 -17.89 15.66 52.05
CA ASP F 93 -16.85 16.65 51.84
C ASP F 93 -17.01 17.33 50.49
N THR F 94 -16.67 18.62 50.45
CA THR F 94 -16.82 19.45 49.26
C THR F 94 -15.45 19.88 48.77
N LYS F 95 -15.17 19.64 47.49
CA LYS F 95 -13.91 20.01 46.85
C LYS F 95 -14.20 21.04 45.78
N ASP F 96 -13.78 22.28 46.01
CA ASP F 96 -13.92 23.36 45.05
C ASP F 96 -12.61 23.73 44.37
N ASP F 97 -11.54 22.97 44.64
CA ASP F 97 -10.23 23.29 44.08
C ASP F 97 -10.08 22.84 42.62
N VAL F 98 -10.90 21.90 42.16
CA VAL F 98 -10.80 21.40 40.80
C VAL F 98 -11.42 22.41 39.84
N LYS F 99 -10.64 22.82 38.84
CA LYS F 99 -11.13 23.76 37.85
C LYS F 99 -12.06 23.05 36.87
N ALA F 100 -12.84 23.84 36.14
CA ALA F 100 -13.75 23.30 35.15
C ALA F 100 -12.98 22.93 33.89
N PRO F 101 -13.23 21.75 33.31
CA PRO F 101 -12.50 21.36 32.09
C PRO F 101 -12.93 22.19 30.89
N GLU F 102 -12.12 22.10 29.85
CA GLU F 102 -12.35 22.83 28.61
C GLU F 102 -12.95 21.91 27.54
N GLY F 103 -13.17 22.46 26.36
CA GLY F 103 -13.71 21.68 25.26
C GLY F 103 -15.19 21.35 25.44
N GLU F 104 -15.62 20.33 24.70
CA GLU F 104 -17.01 19.89 24.79
C GLU F 104 -17.37 19.34 26.15
N LEU F 105 -16.37 18.89 26.92
CA LEU F 105 -16.65 18.40 28.27
C LEU F 105 -17.16 19.52 29.16
N GLY F 106 -16.43 20.63 29.22
CA GLY F 106 -16.90 21.77 30.00
C GLY F 106 -18.15 22.40 29.46
N ASP F 107 -18.34 22.37 28.14
CA ASP F 107 -19.58 22.89 27.56
C ASP F 107 -20.77 22.05 27.97
N SER F 108 -20.63 20.72 27.97
CA SER F 108 -21.71 19.85 28.42
C SER F 108 -21.94 19.98 29.92
N LEU F 109 -20.90 20.31 30.69
CA LEU F 109 -21.06 20.50 32.12
C LEU F 109 -21.89 21.75 32.40
N GLN F 110 -21.53 22.87 31.77
CA GLN F 110 -22.30 24.10 31.98
C GLN F 110 -23.70 23.99 31.41
N THR F 111 -23.89 23.16 30.38
CA THR F 111 -25.23 22.98 29.81
C THR F 111 -26.12 22.21 30.77
N ALA F 112 -25.66 21.03 31.22
CA ALA F 112 -26.47 20.22 32.11
C ALA F 112 -26.65 20.88 33.48
N PHE F 113 -25.63 21.61 33.95
CA PHE F 113 -25.76 22.31 35.22
C PHE F 113 -26.76 23.45 35.14
N ASP F 114 -26.85 24.12 33.99
CA ASP F 114 -27.83 25.17 33.82
C ASP F 114 -29.24 24.61 33.67
N GLU F 115 -29.36 23.40 33.11
CA GLU F 115 -30.69 22.79 32.97
C GLU F 115 -31.22 22.30 34.31
N GLY F 116 -30.34 21.93 35.23
CA GLY F 116 -30.73 21.47 36.55
C GLY F 116 -30.76 19.98 36.74
N LYS F 117 -30.26 19.20 35.79
CA LYS F 117 -30.26 17.75 35.92
C LYS F 117 -29.23 17.30 36.94
N ASP F 118 -29.41 16.06 37.44
CA ASP F 118 -28.45 15.45 38.35
C ASP F 118 -27.22 15.02 37.57
N LEU F 119 -26.06 15.53 37.96
CA LEU F 119 -24.82 15.33 37.22
C LEU F 119 -23.78 14.69 38.14
N MET F 120 -23.24 13.56 37.71
CA MET F 120 -22.11 12.91 38.37
C MET F 120 -20.87 13.09 37.50
N VAL F 121 -19.74 13.36 38.13
CA VAL F 121 -18.49 13.62 37.44
C VAL F 121 -17.46 12.59 37.89
N THR F 122 -16.88 11.89 36.92
CA THR F 122 -15.78 10.96 37.16
C THR F 122 -14.48 11.71 36.89
N ILE F 123 -13.72 11.94 37.96
CA ILE F 123 -12.49 12.71 37.93
C ILE F 123 -11.31 11.77 38.10
N ILE F 124 -10.23 12.04 37.36
CA ILE F 124 -9.03 11.22 37.37
C ILE F 124 -7.92 12.01 38.05
N SER F 125 -7.36 11.43 39.11
CA SER F 125 -6.24 12.01 39.85
C SER F 125 -5.04 11.08 39.72
N ALA F 126 -3.96 11.59 39.13
CA ALA F 126 -2.77 10.77 38.91
C ALA F 126 -1.71 11.02 39.98
N MET F 127 -1.06 12.19 39.93
CA MET F 127 0.00 12.53 40.88
C MET F 127 -0.30 13.81 41.64
N GLY F 128 -0.42 14.94 40.96
CA GLY F 128 -0.67 16.21 41.61
C GLY F 128 -1.68 17.05 40.87
N GLU F 129 -2.25 16.49 39.80
CA GLU F 129 -3.24 17.17 38.99
C GLU F 129 -4.55 16.40 39.05
N GLU F 130 -5.67 17.12 39.13
CA GLU F 130 -7.00 16.54 39.14
C GLU F 130 -7.88 17.32 38.17
N ALA F 131 -8.58 16.60 37.31
CA ALA F 131 -9.41 17.22 36.29
C ALA F 131 -10.61 16.34 35.98
N ALA F 132 -11.76 16.97 35.75
CA ALA F 132 -12.96 16.23 35.39
C ALA F 132 -12.76 15.52 34.06
N ILE F 133 -13.26 14.28 33.97
CA ILE F 133 -13.04 13.46 32.79
C ILE F 133 -14.37 13.00 32.20
N SER F 134 -15.16 12.26 32.98
CA SER F 134 -16.38 11.66 32.48
C SER F 134 -17.60 12.25 33.17
N PHE F 135 -18.76 12.09 32.53
CA PHE F 135 -20.02 12.60 33.05
C PHE F 135 -21.07 11.50 33.03
N LYS F 136 -22.01 11.59 33.98
CA LYS F 136 -23.09 10.61 34.11
C LYS F 136 -24.36 11.33 34.52
N GLU F 137 -25.47 10.97 33.87
CA GLU F 137 -26.76 11.57 34.16
C GLU F 137 -27.83 10.49 34.19
N ALA F 138 -28.82 10.69 35.04
CA ALA F 138 -29.93 9.74 35.16
C ALA F 138 -31.22 10.34 34.61
#